data_8ULU
#
_entry.id   8ULU
#
_cell.length_a   1.00
_cell.length_b   1.00
_cell.length_c   1.00
_cell.angle_alpha   90.00
_cell.angle_beta   90.00
_cell.angle_gamma   90.00
#
_symmetry.space_group_name_H-M   'P 1'
#
loop_
_entity.id
_entity.type
_entity.pdbx_description
1 polymer 'Envelope glycoprotein gp120'
2 polymer 'Envelope glycoprotein gp41'
3 polymer 'PGDM1400 Fab Light Chain'
4 polymer '04_A06 Fab Heavy Chain'
5 polymer 'PGDM1400 Fab Heavy Chain'
6 polymer '04_A06 Fab Light Chain'
7 branched 2-acetamido-2-deoxy-beta-D-glucopyranose-(1-4)-2-acetamido-2-deoxy-beta-D-glucopyranose
8 branched beta-D-mannopyranose-(1-4)-2-acetamido-2-deoxy-beta-D-glucopyranose-(1-4)-2-acetamido-2-deoxy-beta-D-glucopyranose
9 branched alpha-D-mannopyranose-(1-3)-[alpha-D-mannopyranose-(1-6)]beta-D-mannopyranose-(1-4)-2-acetamido-2-deoxy-beta-D-glucopyranose-(1-4)-2-acetamido-2-deoxy-beta-D-glucopyranose
10 branched alpha-D-mannopyranose-(1-3)-[alpha-D-mannopyranose-(1-6)]alpha-D-mannopyranose-(1-6)-[alpha-D-mannopyranose-(1-3)]beta-D-mannopyranose-(1-4)-2-acetamido-2-deoxy-beta-D-glucopyranose-(1-4)-2-acetamido-2-deoxy-beta-D-glucopyranose
11 branched alpha-D-mannopyranose-(1-2)-alpha-D-mannopyranose-(1-3)-[alpha-D-mannopyranose-(1-6)]beta-D-mannopyranose-(1-4)-2-acetamido-2-deoxy-beta-D-glucopyranose-(1-4)-2-acetamido-2-deoxy-beta-D-glucopyranose
12 branched alpha-D-mannopyranose-(1-3)-beta-D-mannopyranose-(1-4)-2-acetamido-2-deoxy-beta-D-glucopyranose-(1-4)-2-acetamido-2-deoxy-beta-D-glucopyranose
13 non-polymer 2-acetamido-2-deoxy-beta-D-glucopyranose
#
loop_
_entity_poly.entity_id
_entity_poly.type
_entity_poly.pdbx_seq_one_letter_code
_entity_poly.pdbx_strand_id
1 'polypeptide(L)'
;NLWVTVYYGVPVWKDAETTLFCASDAKAYETEKHNVWATHACVPTDPNPQEIHLENVTEEFNMWKNNMVEQMHTDIISLW
DQSLKPCVKLTPLCVTLQCTNVTNNITDDMRGELKNCSFNMTTELRDKKQKVYSLFYRLDVVQINENQGNRSNNSNKEYR
LINCNTSAITQACPKVSFEPIPIHYCAPAGFAILKCKDKKFNGTGPCPSVSTVQCTHGIKPVVSTQLLLNGSLAEEEVMI
RSENITNNAKNILVQFNTPVQINCTRPNNNTRKSIRIGPGQAFYATGDIIGDIRQAHCNVSKATWNETLGKVVKQLRKHF
GNNTIIRFANSSGGDLEVTTHSFNCGGEFFYCNTSGLFNSTWISNTSVQGSNSTGSNDSITLPCRIKQIINMWQRIGQAM
YAPPIQGVIRCVSNITGLILTRDGGSTNSTTETFRPGGGDMRDNWRSELYKYKVVKIEPLGVAPTRCKRRVVGRRRRRR
;
A,C,E
2 'polypeptide(L)'
;AVGIGAVFLGFLGAAGSTMGAASMTLTVQARNLLSGIVQQQSNLLRAPEAQQHLLKLTVWGIKQLQARVLAVERYLRDQQ
LLGIWGCSGKLICCTNVPWNSSWSNRNLSEIWDNMTWLQWDKEISNYTQIIYGLLEESQNQQEKNEQDLLALD
;
B,D,F
3 'polypeptide(L)'
;DFVLTQSPHSLSVTPGESASISCKSSHSLIHGDRNNYLAWYVQKPGRSPQLLIYLASSRASGVPDRFSGSGSDKDFTLKI
SRVETEDVGTYYCMQGRESPWTFGQGTKVDIKRTVAAPSVFIFPPSDEQLKSGTASVVCLLNNFYPREAKVQWKVDNALQ
SGNSQESVTEQDSKDSTYSLSSTLTLSKADYEKHKVYACEVTHQGLSSPVTKSFNRGEC
;
G
4 'polypeptide(L)'
;SVRLDQSGTAVKKPGASVRVSCRAPDSFTVYRPRLSAYFIGEFNIHWLRQAPGQGLEWLGFVNIFRGAVKYSSRFQGRIT
ITRDTSSETSYLDLGALKADDTATYYCAWDKNVDDNPWRLDSWGQGTLVIVSSASTKGPSVFPLAPSSKSTSGGTAALGC
LVKDYFPEPVTVSWNSGALTSGVHTFPAVLQSSGLYSLSSVVTVPSSSLGTQTYICNVNHKPSNTKVDKRVEPKSCDKTH
HHHHH
;
H,I,J
5 'polypeptide(L)'
;QAQLVQSGPEVRKPGTSVKVSCKAPGNTLKTYDLHWVRSVPGQGLQWMGWISHEGDKKVIVERFKAKVTIDWDRSTNTAY
LQLSGLTSGDTAVYYCAKGSKHRLRDYAL(TYS)DDDGALNWAVDVDYLSNLEFWGQGTAVTVSSASTKGPSVFPLAPSS
KSTSGGTAALGCLVKDYFPEPVTVSWNSGALTSGVHTFPAVLQSSGLYSLSSVVTVPSSSLGTQTYICNVNHKPSNTKVD
KRVEPKSCDKTHHHHHH
;
K
6 'polypeptide(L)'
;YIQVTQSPSSLSASIGDTITVACEVSQDVGWAVNWYHQRPGRPPYNLIYTAHNLAPGVASRFRGSRVGTYFTLTINNLLP
EDVGTYYCQVFDSFAPGGTRVDLRGTVAAPSVFIFPPSDEQLKSGTASVVCLLNNFYPREAKVQWKVDNALQSGNSQESV
TEQDSKDSTYSLSSTLTLSKADYEKHKVYACEVTHQGLSSPVTKSFNRGEC
;
L,M,N
#
loop_
_chem_comp.id
_chem_comp.type
_chem_comp.name
_chem_comp.formula
BMA D-saccharide, beta linking beta-D-mannopyranose 'C6 H12 O6'
MAN D-saccharide, alpha linking alpha-D-mannopyranose 'C6 H12 O6'
NAG D-saccharide, beta linking 2-acetamido-2-deoxy-beta-D-glucopyranose 'C8 H15 N O6'
#
# COMPACT_ATOMS: atom_id res chain seq x y z
N ASN A 1 52.28 27.00 28.56
CA ASN A 1 50.86 27.33 28.62
C ASN A 1 50.17 26.97 27.31
N LEU A 2 49.01 26.32 27.40
CA LEU A 2 48.26 25.93 26.23
C LEU A 2 46.79 25.80 26.59
N TRP A 3 45.92 26.10 25.63
CA TRP A 3 44.49 26.02 25.84
C TRP A 3 43.83 25.38 24.63
N VAL A 4 42.72 24.68 24.87
CA VAL A 4 42.04 24.01 23.77
C VAL A 4 41.23 25.02 22.98
N THR A 5 40.94 24.68 21.73
CA THR A 5 40.02 25.47 20.93
C THR A 5 39.31 24.56 19.96
N VAL A 6 38.03 24.84 19.73
CA VAL A 6 37.27 24.06 18.77
C VAL A 6 37.51 24.63 17.37
N TYR A 7 37.26 23.80 16.37
CA TYR A 7 37.51 24.19 14.98
C TYR A 7 36.35 23.69 14.13
N TYR A 8 35.40 24.56 13.88
CA TYR A 8 34.32 24.20 12.98
C TYR A 8 34.84 24.08 11.55
N GLY A 9 34.13 23.30 10.74
CA GLY A 9 34.54 23.14 9.36
C GLY A 9 35.82 22.35 9.19
N VAL A 10 36.21 21.59 10.20
CA VAL A 10 37.44 20.80 10.09
C VAL A 10 37.25 19.70 9.06
N PRO A 11 38.26 19.38 8.24
CA PRO A 11 38.12 18.28 7.26
C PRO A 11 38.46 16.90 7.83
N VAL A 12 37.52 16.33 8.57
CA VAL A 12 37.71 15.04 9.20
C VAL A 12 36.52 14.16 8.85
N TRP A 13 36.81 12.94 8.39
CA TRP A 13 35.76 12.00 8.00
C TRP A 13 35.96 10.68 8.72
N LYS A 14 34.87 9.92 8.79
CA LYS A 14 34.89 8.57 9.36
C LYS A 14 34.12 7.63 8.45
N ASP A 15 34.43 6.34 8.56
CA ASP A 15 33.69 5.34 7.81
C ASP A 15 32.30 5.19 8.40
N ALA A 16 31.27 5.21 7.55
CA ALA A 16 29.90 5.08 8.02
C ALA A 16 29.04 4.61 6.86
N GLU A 17 27.84 4.14 7.22
CA GLU A 17 26.86 3.70 6.24
C GLU A 17 25.59 4.52 6.41
N THR A 18 25.02 4.96 5.29
CA THR A 18 23.84 5.81 5.32
C THR A 18 23.12 5.67 4.00
N THR A 19 21.79 5.79 4.05
CA THR A 19 20.98 5.73 2.85
C THR A 19 21.41 6.80 1.86
N LEU A 20 21.54 6.41 0.60
CA LEU A 20 21.87 7.33 -0.47
C LEU A 20 20.72 7.35 -1.47
N PHE A 21 20.55 8.47 -2.16
CA PHE A 21 19.43 8.62 -3.08
C PHE A 21 19.91 8.66 -4.53
N CYS A 22 19.00 8.30 -5.43
CA CYS A 22 19.32 8.25 -6.84
C CYS A 22 19.25 9.64 -7.46
N ALA A 23 19.85 9.77 -8.63
CA ALA A 23 19.81 11.01 -9.39
C ALA A 23 20.14 10.70 -10.83
N SER A 24 19.18 10.90 -11.72
CA SER A 24 19.36 10.69 -13.14
C SER A 24 18.83 11.88 -13.90
N ASP A 25 19.45 12.17 -15.04
CA ASP A 25 19.10 13.32 -15.86
C ASP A 25 18.17 12.88 -16.99
N ALA A 26 17.07 13.61 -17.16
CA ALA A 26 16.10 13.28 -18.20
C ALA A 26 16.46 13.96 -19.51
N LYS A 33 9.46 8.42 -21.09
CA LYS A 33 8.81 7.13 -20.94
C LYS A 33 9.12 6.50 -19.59
N HIS A 34 8.08 5.97 -18.95
CA HIS A 34 8.26 5.28 -17.68
C HIS A 34 9.14 4.05 -17.87
N ASN A 35 10.01 3.79 -16.90
CA ASN A 35 10.87 2.62 -16.93
C ASN A 35 10.92 1.99 -15.54
N VAL A 36 11.41 0.76 -15.48
CA VAL A 36 11.30 -0.04 -14.27
C VAL A 36 12.05 0.60 -13.11
N TRP A 37 13.12 1.33 -13.40
CA TRP A 37 13.78 2.13 -12.38
C TRP A 37 13.10 3.49 -12.35
N ALA A 38 12.57 3.86 -11.19
CA ALA A 38 11.75 5.06 -11.14
C ALA A 38 12.60 6.31 -11.32
N THR A 39 13.11 6.51 -12.53
CA THR A 39 13.90 7.70 -12.82
C THR A 39 13.07 8.96 -12.80
N HIS A 40 11.75 8.85 -13.01
CA HIS A 40 10.89 10.01 -12.87
C HIS A 40 10.80 10.48 -11.42
N ALA A 41 11.24 9.66 -10.47
CA ALA A 41 11.29 10.06 -9.08
C ALA A 41 12.66 10.49 -8.61
N CYS A 42 13.72 10.16 -9.36
CA CYS A 42 15.06 10.60 -8.99
C CYS A 42 15.16 12.11 -9.12
N VAL A 43 15.84 12.73 -8.16
CA VAL A 43 16.12 14.16 -8.26
C VAL A 43 17.07 14.39 -9.42
N PRO A 44 16.82 15.39 -10.27
CA PRO A 44 17.73 15.63 -11.40
C PRO A 44 19.13 15.94 -10.93
N THR A 45 20.11 15.48 -11.70
CA THR A 45 21.51 15.71 -11.40
C THR A 45 22.02 16.92 -12.17
N ASP A 46 22.97 17.62 -11.55
CA ASP A 46 23.57 18.77 -12.21
C ASP A 46 24.37 18.32 -13.43
N PRO A 47 24.39 19.11 -14.51
CA PRO A 47 25.16 18.70 -15.69
C PRO A 47 26.64 18.52 -15.42
N ASN A 48 27.21 19.31 -14.51
CA ASN A 48 28.64 19.27 -14.23
C ASN A 48 28.87 18.93 -12.76
N PRO A 49 29.08 17.67 -12.42
CA PRO A 49 29.38 17.31 -11.03
C PRO A 49 30.65 17.99 -10.56
N GLN A 50 30.63 18.43 -9.30
CA GLN A 50 31.76 19.15 -8.73
C GLN A 50 32.77 18.18 -8.11
N GLU A 51 33.32 17.33 -8.96
CA GLU A 51 34.35 16.42 -8.52
C GLU A 51 35.57 17.20 -8.05
N ILE A 52 36.11 16.81 -6.90
CA ILE A 52 37.22 17.51 -6.27
C ILE A 52 38.36 16.53 -6.07
N HIS A 53 39.50 16.81 -6.71
CA HIS A 53 40.68 16.00 -6.49
C HIS A 53 41.28 16.31 -5.13
N LEU A 54 41.95 15.32 -4.55
CA LEU A 54 42.61 15.46 -3.26
C LEU A 54 44.09 15.15 -3.43
N GLU A 55 44.84 15.35 -2.36
CA GLU A 55 46.26 15.05 -2.39
C GLU A 55 46.74 14.71 -0.99
N ASN A 56 47.88 14.02 -0.91
CA ASN A 56 48.53 13.66 0.34
C ASN A 56 47.62 12.85 1.26
N VAL A 57 46.58 12.22 0.72
CA VAL A 57 45.59 11.52 1.52
C VAL A 57 45.51 10.08 1.07
N THR A 58 45.56 9.16 2.03
CA THR A 58 45.49 7.74 1.77
C THR A 58 44.30 7.17 2.54
N GLU A 59 43.48 6.37 1.87
CA GLU A 59 42.31 5.78 2.49
C GLU A 59 42.26 4.29 2.18
N GLU A 60 41.93 3.51 3.20
CA GLU A 60 41.74 2.07 3.04
C GLU A 60 40.39 1.78 2.40
N PHE A 61 40.38 0.94 1.38
CA PHE A 61 39.16 0.55 0.68
C PHE A 61 38.99 -0.95 0.81
N ASN A 62 37.75 -1.38 1.01
CA ASN A 62 37.42 -2.80 1.11
C ASN A 62 36.16 -3.01 0.28
N MET A 63 36.35 -3.41 -0.97
CA MET A 63 35.22 -3.62 -1.87
C MET A 63 34.30 -4.71 -1.35
N TRP A 64 34.84 -5.70 -0.65
CA TRP A 64 34.06 -6.87 -0.27
C TRP A 64 33.27 -6.67 1.02
N LYS A 65 33.60 -5.66 1.80
CA LYS A 65 32.80 -5.28 2.96
C LYS A 65 32.07 -3.97 2.74
N ASN A 66 32.02 -3.49 1.50
CA ASN A 66 31.31 -2.26 1.19
C ASN A 66 29.82 -2.43 1.48
N ASN A 67 29.24 -1.41 2.09
CA ASN A 67 27.80 -1.41 2.37
C ASN A 67 26.99 -0.90 1.19
N MET A 68 27.60 -0.12 0.31
CA MET A 68 26.87 0.45 -0.83
C MET A 68 26.30 -0.65 -1.71
N VAL A 69 27.06 -1.72 -1.94
CA VAL A 69 26.60 -2.76 -2.84
C VAL A 69 25.36 -3.45 -2.29
N GLU A 70 25.38 -3.82 -1.01
CA GLU A 70 24.22 -4.47 -0.42
C GLU A 70 23.02 -3.52 -0.41
N GLN A 71 23.25 -2.25 -0.07
CA GLN A 71 22.16 -1.30 -0.06
C GLN A 71 21.53 -1.16 -1.44
N MET A 72 22.36 -1.08 -2.48
CA MET A 72 21.80 -0.88 -3.82
C MET A 72 21.17 -2.15 -4.36
N HIS A 73 21.65 -3.33 -3.95
CA HIS A 73 20.97 -4.56 -4.30
C HIS A 73 19.57 -4.60 -3.70
N THR A 74 19.46 -4.26 -2.41
CA THR A 74 18.14 -4.17 -1.79
C THR A 74 17.28 -3.14 -2.49
N ASP A 75 17.88 -2.02 -2.88
CA ASP A 75 17.15 -0.96 -3.55
C ASP A 75 16.60 -1.45 -4.89
N ILE A 76 17.41 -2.19 -5.65
CA ILE A 76 16.96 -2.73 -6.92
C ILE A 76 15.83 -3.72 -6.71
N ILE A 77 15.94 -4.56 -5.68
CA ILE A 77 14.89 -5.52 -5.40
C ILE A 77 13.58 -4.80 -5.11
N SER A 78 13.65 -3.75 -4.29
CA SER A 78 12.44 -2.98 -3.97
C SER A 78 11.86 -2.33 -5.21
N LEU A 79 12.72 -1.76 -6.06
CA LEU A 79 12.22 -1.15 -7.30
C LEU A 79 11.51 -2.16 -8.15
N TRP A 80 12.09 -3.35 -8.29
CA TRP A 80 11.51 -4.40 -9.11
C TRP A 80 10.14 -4.81 -8.57
N ASP A 81 10.06 -5.05 -7.27
CA ASP A 81 8.81 -5.50 -6.66
C ASP A 81 7.74 -4.43 -6.80
N GLN A 82 8.09 -3.17 -6.51
CA GLN A 82 7.10 -2.11 -6.58
C GLN A 82 6.69 -1.82 -8.01
N SER A 83 7.59 -2.04 -8.98
CA SER A 83 7.23 -1.81 -10.36
C SER A 83 6.23 -2.85 -10.85
N LEU A 84 6.47 -4.11 -10.53
CA LEU A 84 5.55 -5.12 -11.01
C LEU A 84 4.32 -5.28 -10.12
N LYS A 85 4.29 -4.61 -8.97
CA LYS A 85 3.11 -4.72 -8.09
C LYS A 85 1.82 -4.26 -8.77
N PRO A 86 1.73 -3.07 -9.37
CA PRO A 86 0.45 -2.63 -9.95
C PRO A 86 0.33 -3.03 -11.43
N CYS A 87 0.48 -4.32 -11.70
CA CYS A 87 0.32 -4.85 -13.04
C CYS A 87 -0.71 -5.97 -13.02
N VAL A 88 -1.10 -6.41 -14.21
CA VAL A 88 -2.18 -7.38 -14.36
C VAL A 88 -1.77 -8.71 -13.78
N LYS A 89 -2.65 -9.31 -12.98
CA LYS A 89 -2.40 -10.63 -12.44
C LYS A 89 -2.56 -11.69 -13.53
N LEU A 90 -2.05 -12.88 -13.25
CA LEU A 90 -2.14 -13.97 -14.21
C LEU A 90 -2.52 -15.29 -13.55
N THR A 91 -3.26 -15.22 -12.45
CA THR A 91 -3.76 -16.45 -11.84
C THR A 91 -4.62 -17.29 -12.77
N PRO A 92 -5.57 -16.73 -13.53
CA PRO A 92 -6.42 -17.59 -14.36
C PRO A 92 -5.66 -18.40 -15.40
N LEU A 93 -4.45 -17.99 -15.78
CA LEU A 93 -3.71 -18.73 -16.79
C LEU A 93 -3.33 -20.13 -16.33
N CYS A 94 -3.36 -20.41 -15.03
CA CYS A 94 -3.04 -21.74 -14.55
C CYS A 94 -4.18 -22.71 -14.85
N VAL A 95 -4.34 -23.07 -16.12
CA VAL A 95 -5.39 -23.98 -16.54
C VAL A 95 -4.78 -25.03 -17.47
N THR A 96 -5.56 -26.07 -17.75
CA THR A 96 -5.10 -27.11 -18.64
C THR A 96 -4.82 -26.53 -20.02
N LEU A 97 -3.70 -26.94 -20.61
CA LEU A 97 -3.28 -26.47 -21.93
C LEU A 97 -3.22 -27.65 -22.87
N GLN A 98 -3.86 -27.54 -24.04
CA GLN A 98 -3.73 -28.53 -25.08
C GLN A 98 -2.61 -28.06 -26.01
N CYS A 99 -1.48 -28.74 -26.00
CA CYS A 99 -0.30 -28.24 -26.70
C CYS A 99 0.11 -29.19 -27.82
N THR A 100 0.36 -28.61 -28.98
CA THR A 100 0.85 -29.33 -30.15
C THR A 100 2.21 -28.78 -30.55
N ASN A 101 2.98 -29.60 -31.25
CA ASN A 101 4.23 -29.12 -31.83
C ASN A 101 3.94 -28.22 -33.01
N VAL A 102 4.73 -27.16 -33.15
CA VAL A 102 4.54 -26.24 -34.26
C VAL A 102 5.29 -26.71 -35.49
N ASN A 104 5.93 -25.04 -38.09
CA ASN A 104 5.87 -25.22 -39.54
C ASN A 104 7.24 -25.01 -40.17
N ASN A 105 7.50 -23.79 -40.63
CA ASN A 105 8.76 -23.46 -41.29
C ASN A 105 9.82 -23.24 -40.21
N ILE A 106 10.31 -24.35 -39.66
CA ILE A 106 11.23 -24.33 -38.53
C ILE A 106 12.49 -25.08 -38.93
N THR A 107 13.64 -24.56 -38.50
CA THR A 107 14.91 -25.23 -38.76
C THR A 107 15.15 -26.33 -37.73
N ASP A 108 16.32 -26.94 -37.80
CA ASP A 108 16.65 -28.06 -36.93
C ASP A 108 16.92 -27.64 -35.49
N ASP A 109 17.05 -26.34 -35.22
CA ASP A 109 17.31 -25.87 -33.87
C ASP A 109 16.04 -25.53 -33.11
N MET A 110 14.87 -25.74 -33.70
CA MET A 110 13.60 -25.45 -33.05
C MET A 110 12.71 -26.69 -32.97
N ARG A 111 13.31 -27.87 -32.90
CA ARG A 111 12.53 -29.10 -32.82
C ARG A 111 11.90 -29.15 -31.44
N GLY A 112 10.62 -28.79 -31.37
CA GLY A 112 9.88 -28.83 -30.12
C GLY A 112 10.15 -27.69 -29.17
N GLU A 113 10.96 -26.71 -29.58
CA GLU A 113 11.22 -25.58 -28.69
C GLU A 113 9.97 -24.73 -28.49
N LEU A 114 9.20 -24.52 -29.56
CA LEU A 114 8.00 -23.70 -29.49
C LEU A 114 6.78 -24.60 -29.46
N LYS A 115 5.86 -24.33 -28.54
CA LYS A 115 4.66 -25.13 -28.36
C LYS A 115 3.44 -24.28 -28.65
N ASN A 116 2.56 -24.79 -29.51
CA ASN A 116 1.29 -24.14 -29.82
C ASN A 116 0.27 -24.64 -28.81
N CYS A 117 -0.03 -23.83 -27.81
CA CYS A 117 -0.88 -24.24 -26.70
C CYS A 117 -2.19 -23.45 -26.73
N SER A 118 -3.31 -24.16 -26.63
CA SER A 118 -4.62 -23.54 -26.58
C SER A 118 -5.29 -23.90 -25.26
N PHE A 119 -6.06 -22.95 -24.72
CA PHE A 119 -6.78 -23.15 -23.48
C PHE A 119 -8.16 -22.51 -23.60
N ASN A 120 -8.83 -22.38 -22.46
CA ASN A 120 -10.23 -21.97 -22.40
C ASN A 120 -10.39 -20.79 -21.46
N MET A 121 -9.58 -19.76 -21.66
CA MET A 121 -9.67 -18.55 -20.86
C MET A 121 -11.03 -17.89 -21.04
N THR A 122 -11.55 -17.33 -19.94
CA THR A 122 -12.86 -16.70 -19.97
C THR A 122 -12.84 -15.45 -20.84
N THR A 123 -14.00 -15.15 -21.43
CA THR A 123 -14.14 -13.98 -22.28
C THR A 123 -14.35 -12.74 -21.41
N GLU A 124 -14.78 -11.64 -22.02
CA GLU A 124 -14.95 -10.39 -21.27
C GLU A 124 -15.83 -10.58 -20.06
N LEU A 125 -17.02 -11.14 -20.26
CA LEU A 125 -17.92 -11.41 -19.15
C LEU A 125 -17.58 -12.76 -18.52
N ARG A 126 -17.66 -12.82 -17.20
CA ARG A 126 -17.17 -13.98 -16.44
C ARG A 126 -18.21 -15.09 -16.36
N ASP A 127 -18.72 -15.52 -17.50
CA ASP A 127 -19.67 -16.61 -17.54
C ASP A 127 -19.47 -17.61 -18.66
N LYS A 128 -18.84 -17.21 -19.77
CA LYS A 128 -18.66 -18.10 -20.90
C LYS A 128 -17.17 -18.27 -21.18
N LYS A 129 -16.79 -19.47 -21.60
CA LYS A 129 -15.41 -19.80 -21.93
C LYS A 129 -15.19 -19.65 -23.42
N GLN A 130 -13.99 -19.24 -23.80
CA GLN A 130 -13.63 -19.06 -25.19
C GLN A 130 -12.31 -19.75 -25.46
N LYS A 131 -12.27 -20.56 -26.52
CA LYS A 131 -11.04 -21.25 -26.89
C LYS A 131 -10.05 -20.26 -27.47
N VAL A 132 -8.86 -20.19 -26.87
CA VAL A 132 -7.86 -19.20 -27.27
C VAL A 132 -6.50 -19.88 -27.35
N TYR A 133 -5.77 -19.63 -28.43
CA TYR A 133 -4.47 -20.22 -28.67
C TYR A 133 -3.35 -19.20 -28.45
N SER A 134 -2.15 -19.71 -28.23
CA SER A 134 -0.98 -18.89 -28.02
C SER A 134 0.25 -19.77 -28.21
N LEU A 135 1.42 -19.15 -28.16
CA LEU A 135 2.69 -19.85 -28.30
C LEU A 135 3.49 -19.71 -27.01
N PHE A 136 4.12 -20.80 -26.59
CA PHE A 136 4.93 -20.79 -25.38
C PHE A 136 6.26 -21.47 -25.65
N TYR A 137 7.28 -21.05 -24.92
CA TYR A 137 8.59 -21.67 -25.04
C TYR A 137 8.68 -22.92 -24.18
N ARG A 138 9.36 -23.94 -24.70
CA ARG A 138 9.32 -25.26 -24.07
C ARG A 138 9.80 -25.20 -22.63
N LEU A 139 10.69 -24.26 -22.30
CA LEU A 139 11.11 -24.09 -20.92
C LEU A 139 10.01 -23.53 -20.04
N ASP A 140 8.89 -23.11 -20.63
CA ASP A 140 7.79 -22.51 -19.89
C ASP A 140 6.57 -23.41 -19.79
N VAL A 141 6.66 -24.67 -20.20
CA VAL A 141 5.54 -25.59 -20.06
C VAL A 141 6.05 -26.91 -19.50
N VAL A 142 5.16 -27.64 -18.87
CA VAL A 142 5.47 -28.95 -18.31
C VAL A 142 4.34 -29.90 -18.66
N GLN A 143 4.70 -31.08 -19.15
CA GLN A 143 3.71 -32.09 -19.50
C GLN A 143 3.13 -32.73 -18.25
N ILE A 144 1.92 -33.26 -18.38
CA ILE A 144 1.31 -34.00 -17.28
C ILE A 144 1.08 -35.45 -17.69
N ASN A 156 -1.62 -34.92 -29.71
CA ASN A 156 -1.33 -33.80 -28.80
C ASN A 156 -1.42 -34.26 -27.36
N LYS A 157 -0.79 -33.52 -26.46
CA LYS A 157 -0.81 -33.82 -25.03
C LYS A 157 -1.21 -32.59 -24.23
N GLU A 158 -1.23 -32.77 -22.91
CA GLU A 158 -1.62 -31.75 -21.96
C GLU A 158 -0.38 -31.15 -21.34
N TYR A 159 -0.32 -29.82 -21.30
CA TYR A 159 0.77 -29.11 -20.68
C TYR A 159 0.19 -28.02 -19.78
N ARG A 160 0.95 -27.68 -18.75
CA ARG A 160 0.61 -26.61 -17.83
C ARG A 160 1.80 -25.66 -17.72
N LEU A 161 1.52 -24.43 -17.31
CA LEU A 161 2.60 -23.49 -17.10
C LEU A 161 3.53 -24.00 -16.00
N ILE A 162 4.84 -23.82 -16.20
CA ILE A 162 5.81 -24.42 -15.30
C ILE A 162 5.62 -23.91 -13.88
N ASN A 163 5.35 -22.62 -13.73
CA ASN A 163 5.14 -22.05 -12.40
C ASN A 163 3.65 -21.95 -12.09
N CYS A 164 3.02 -23.11 -12.02
CA CYS A 164 1.62 -23.20 -11.63
C CYS A 164 1.42 -24.06 -10.39
N ASN A 165 2.48 -24.57 -9.78
CA ASN A 165 2.38 -25.31 -8.55
C ASN A 165 3.33 -24.81 -7.47
N THR A 166 4.11 -23.78 -7.74
CA THR A 166 5.03 -23.23 -6.75
C THR A 166 4.76 -21.77 -6.42
N SER A 167 4.51 -20.92 -7.42
CA SER A 167 4.37 -19.51 -7.18
C SER A 167 3.40 -18.90 -8.19
N ALA A 168 2.74 -17.82 -7.77
CA ALA A 168 1.83 -17.11 -8.65
C ALA A 168 2.59 -16.32 -9.70
N ILE A 169 1.91 -16.00 -10.78
CA ILE A 169 2.50 -15.32 -11.93
C ILE A 169 1.83 -13.97 -12.09
N THR A 170 2.63 -12.93 -12.24
CA THR A 170 2.14 -11.61 -12.60
C THR A 170 2.82 -11.16 -13.88
N GLN A 171 2.06 -10.54 -14.77
CA GLN A 171 2.59 -10.10 -16.05
C GLN A 171 3.02 -8.64 -15.94
N ALA A 172 4.29 -8.38 -16.27
CA ALA A 172 4.77 -7.01 -16.28
C ALA A 172 4.00 -6.20 -17.31
N CYS A 173 3.66 -4.97 -16.95
CA CYS A 173 2.91 -4.12 -17.86
C CYS A 173 3.78 -3.82 -19.08
N PRO A 174 3.27 -4.05 -20.29
CA PRO A 174 4.12 -3.88 -21.48
C PRO A 174 4.62 -2.47 -21.69
N LYS A 175 3.95 -1.47 -21.12
CA LYS A 175 4.35 -0.09 -21.35
C LYS A 175 5.71 0.21 -20.74
N VAL A 176 5.94 -0.24 -19.52
CA VAL A 176 7.18 0.05 -18.81
C VAL A 176 8.30 -0.80 -19.38
N SER A 177 9.45 -0.19 -19.65
CA SER A 177 10.59 -0.87 -20.24
C SER A 177 11.58 -1.27 -19.17
N PHE A 178 12.25 -2.40 -19.41
CA PHE A 178 13.27 -2.91 -18.51
C PHE A 178 14.67 -2.46 -18.89
N GLU A 179 14.81 -1.63 -19.91
CA GLU A 179 16.14 -1.25 -20.37
C GLU A 179 16.87 -0.52 -19.26
N PRO A 180 18.11 -0.90 -18.95
CA PRO A 180 18.85 -0.20 -17.89
C PRO A 180 19.04 1.27 -18.23
N ILE A 181 18.96 2.11 -17.19
CA ILE A 181 19.16 3.54 -17.34
C ILE A 181 20.17 3.97 -16.29
N PRO A 182 21.20 4.73 -16.66
CA PRO A 182 22.22 5.12 -15.68
C PRO A 182 21.60 5.88 -14.52
N ILE A 183 22.05 5.55 -13.32
CA ILE A 183 21.62 6.23 -12.10
C ILE A 183 22.87 6.62 -11.33
N HIS A 184 22.89 7.85 -10.83
CA HIS A 184 23.98 8.35 -10.01
C HIS A 184 23.56 8.25 -8.55
N TYR A 185 24.45 7.76 -7.71
CA TYR A 185 24.19 7.68 -6.27
C TYR A 185 24.76 8.89 -5.57
N CYS A 186 23.93 9.56 -4.79
CA CYS A 186 24.36 10.75 -4.06
C CYS A 186 24.09 10.53 -2.58
N ALA A 187 25.14 10.66 -1.78
CA ALA A 187 25.00 10.62 -0.34
C ALA A 187 24.28 11.88 0.14
N PRO A 188 23.61 11.82 1.29
CA PRO A 188 22.90 13.00 1.78
C PRO A 188 23.84 14.10 2.22
N ALA A 189 23.29 15.25 2.61
CA ALA A 189 24.12 16.36 3.05
C ALA A 189 24.91 15.96 4.29
N GLY A 190 26.14 16.46 4.38
CA GLY A 190 27.02 16.08 5.46
C GLY A 190 27.77 14.78 5.23
N PHE A 191 27.63 14.18 4.06
CA PHE A 191 28.33 12.95 3.72
C PHE A 191 29.05 13.15 2.40
N ALA A 192 30.06 12.33 2.16
CA ALA A 192 30.83 12.42 0.93
C ALA A 192 31.06 11.03 0.38
N ILE A 193 31.31 10.97 -0.93
CA ILE A 193 31.62 9.72 -1.61
C ILE A 193 33.06 9.80 -2.07
N LEU A 194 33.89 8.90 -1.57
CA LEU A 194 35.29 8.86 -1.93
C LEU A 194 35.47 7.91 -3.11
N LYS A 195 36.10 8.41 -4.19
CA LYS A 195 36.32 7.65 -5.40
C LYS A 195 37.82 7.45 -5.59
N CYS A 196 38.22 6.21 -5.79
CA CYS A 196 39.63 5.87 -5.96
C CYS A 196 39.98 5.82 -7.45
N LYS A 197 40.87 6.71 -7.87
CA LYS A 197 41.25 6.79 -9.28
C LYS A 197 42.46 5.93 -9.60
N ASP A 198 43.02 5.23 -8.64
CA ASP A 198 44.22 4.43 -8.87
C ASP A 198 43.88 3.29 -9.82
N LYS A 199 44.41 3.33 -11.04
CA LYS A 199 44.10 2.31 -12.02
C LYS A 199 44.63 0.95 -11.61
N LYS A 200 45.79 0.91 -10.96
CA LYS A 200 46.36 -0.35 -10.50
C LYS A 200 45.76 -0.84 -9.20
N PHE A 201 44.86 -0.06 -8.60
CA PHE A 201 44.24 -0.45 -7.34
C PHE A 201 43.41 -1.71 -7.51
N ASN A 202 43.81 -2.78 -6.84
CA ASN A 202 43.05 -4.03 -6.87
C ASN A 202 41.88 -3.91 -5.90
N GLY A 203 41.25 -5.03 -5.58
CA GLY A 203 40.09 -5.02 -4.72
C GLY A 203 40.23 -4.30 -3.40
N THR A 204 41.07 -4.82 -2.52
CA THR A 204 41.19 -4.33 -1.15
C THR A 204 42.57 -3.72 -0.94
N GLY A 205 42.61 -2.61 -0.18
CA GLY A 205 43.87 -1.99 0.14
C GLY A 205 43.79 -0.48 0.18
N PRO A 206 44.88 0.17 0.58
CA PRO A 206 44.93 1.63 0.52
C PRO A 206 44.98 2.12 -0.91
N CYS A 207 44.34 3.27 -1.15
CA CYS A 207 44.35 3.90 -2.47
C CYS A 207 44.94 5.31 -2.36
N PRO A 208 46.19 5.52 -2.76
CA PRO A 208 46.81 6.84 -2.57
C PRO A 208 46.11 7.98 -3.30
N SER A 209 45.55 7.73 -4.48
CA SER A 209 44.93 8.79 -5.28
C SER A 209 43.43 8.70 -5.13
N VAL A 210 42.89 9.39 -4.12
CA VAL A 210 41.47 9.35 -3.80
C VAL A 210 40.91 10.77 -3.91
N SER A 211 39.77 10.90 -4.55
CA SER A 211 39.12 12.19 -4.74
C SER A 211 37.69 12.13 -4.22
N THR A 212 37.25 13.19 -3.55
CA THR A 212 35.90 13.23 -3.06
C THR A 212 34.93 13.60 -4.18
N VAL A 213 33.65 13.33 -3.93
CA VAL A 213 32.60 13.66 -4.88
C VAL A 213 31.28 13.62 -4.13
N GLN A 214 30.26 14.25 -4.70
CA GLN A 214 28.92 14.25 -4.14
C GLN A 214 28.01 13.21 -4.75
N CYS A 215 28.26 12.82 -6.00
CA CYS A 215 27.43 11.82 -6.67
C CYS A 215 28.31 10.87 -7.45
N THR A 216 27.89 9.61 -7.49
CA THR A 216 28.64 8.60 -8.23
C THR A 216 28.51 8.83 -9.73
N HIS A 217 29.40 8.18 -10.48
CA HIS A 217 29.32 8.23 -11.93
C HIS A 217 28.13 7.41 -12.40
N GLY A 218 27.90 7.44 -13.72
CA GLY A 218 26.79 6.72 -14.29
C GLY A 218 26.84 5.22 -14.03
N ILE A 219 25.93 4.73 -13.19
CA ILE A 219 25.85 3.32 -12.86
C ILE A 219 24.65 2.74 -13.60
N LYS A 220 24.91 1.74 -14.43
CA LYS A 220 23.83 1.08 -15.16
C LYS A 220 23.45 -0.19 -14.43
N PRO A 221 22.29 -0.26 -13.81
CA PRO A 221 21.91 -1.48 -13.10
C PRO A 221 21.59 -2.61 -14.06
N VAL A 222 22.63 -3.14 -14.72
CA VAL A 222 22.41 -4.21 -15.66
C VAL A 222 22.12 -5.51 -14.93
N VAL A 223 21.50 -6.44 -15.64
CA VAL A 223 21.10 -7.73 -15.09
C VAL A 223 21.80 -8.80 -15.91
N SER A 224 22.83 -9.42 -15.33
CA SER A 224 23.57 -10.45 -16.04
C SER A 224 24.23 -11.36 -15.03
N THR A 225 24.66 -12.53 -15.51
CA THR A 225 25.21 -13.55 -14.62
C THR A 225 26.65 -13.94 -14.95
N GLN A 226 26.98 -14.14 -16.22
CA GLN A 226 28.31 -14.60 -16.57
C GLN A 226 29.18 -13.55 -17.23
N LEU A 227 28.60 -12.64 -18.00
CA LEU A 227 29.34 -11.56 -18.65
C LEU A 227 28.76 -10.24 -18.19
N LEU A 228 29.62 -9.38 -17.64
CA LEU A 228 29.18 -8.08 -17.12
C LEU A 228 28.94 -7.16 -18.30
N LEU A 229 27.71 -7.20 -18.82
CA LEU A 229 27.38 -6.38 -19.98
C LEU A 229 27.30 -4.90 -19.60
N ASN A 230 27.72 -4.05 -20.53
CA ASN A 230 27.55 -2.60 -20.40
C ASN A 230 28.16 -2.06 -19.11
N GLY A 231 29.29 -2.61 -18.72
CA GLY A 231 29.96 -2.20 -17.50
C GLY A 231 30.86 -0.99 -17.71
N SER A 232 31.76 -0.80 -16.76
CA SER A 232 32.72 0.29 -16.80
C SER A 232 34.13 -0.26 -16.94
N LEU A 233 34.86 0.22 -17.94
CA LEU A 233 36.15 -0.35 -18.29
C LEU A 233 37.26 0.20 -17.39
N ALA A 234 38.25 -0.66 -17.13
CA ALA A 234 39.44 -0.21 -16.43
C ALA A 234 40.28 0.68 -17.34
N GLU A 235 40.99 1.63 -16.72
CA GLU A 235 41.75 2.62 -17.46
C GLU A 235 43.11 2.13 -17.93
N GLU A 236 43.51 0.92 -17.54
CA GLU A 236 44.80 0.36 -17.92
C GLU A 236 44.57 -1.10 -18.25
N GLU A 237 45.65 -1.89 -18.30
CA GLU A 237 45.59 -3.29 -18.64
C GLU A 237 44.52 -4.04 -17.84
N VAL A 238 44.06 -5.17 -18.38
CA VAL A 238 42.94 -5.89 -17.79
C VAL A 238 43.21 -6.17 -16.33
N MET A 239 42.16 -6.09 -15.50
CA MET A 239 42.33 -6.14 -14.06
C MET A 239 41.57 -7.31 -13.47
N ILE A 240 42.18 -7.97 -12.49
CA ILE A 240 41.58 -9.09 -11.79
C ILE A 240 41.46 -8.71 -10.32
N ARG A 241 40.30 -9.01 -9.73
CA ARG A 241 40.03 -8.64 -8.36
C ARG A 241 39.37 -9.81 -7.64
N SER A 242 39.75 -10.01 -6.38
CA SER A 242 39.13 -11.07 -5.60
C SER A 242 39.35 -10.81 -4.13
N GLU A 243 38.52 -11.44 -3.30
CA GLU A 243 38.71 -11.48 -1.87
C GLU A 243 39.30 -12.84 -1.52
N ASN A 244 40.52 -12.85 -0.98
CA ASN A 244 41.19 -14.09 -0.60
C ASN A 244 41.24 -15.04 -1.80
N ILE A 245 41.94 -14.61 -2.84
CA ILE A 245 41.95 -15.35 -4.10
C ILE A 245 42.37 -16.80 -3.90
N THR A 246 43.00 -17.11 -2.78
CA THR A 246 43.25 -18.51 -2.43
C THR A 246 41.93 -19.29 -2.34
N ASN A 247 40.87 -18.62 -1.90
CA ASN A 247 39.57 -19.27 -1.77
C ASN A 247 39.03 -19.70 -3.11
N ASN A 248 38.47 -20.91 -3.14
CA ASN A 248 37.77 -21.37 -4.34
C ASN A 248 36.43 -20.69 -4.49
N ALA A 249 35.66 -20.60 -3.39
CA ALA A 249 34.29 -20.14 -3.47
C ALA A 249 34.19 -18.70 -3.98
N LYS A 250 34.93 -17.79 -3.35
CA LYS A 250 34.90 -16.37 -3.71
C LYS A 250 35.05 -16.17 -5.21
N ASN A 251 34.07 -15.51 -5.83
CA ASN A 251 34.11 -15.29 -7.26
C ASN A 251 35.23 -14.33 -7.63
N ILE A 252 35.85 -14.59 -8.78
CA ILE A 252 36.99 -13.81 -9.25
C ILE A 252 36.49 -12.78 -10.24
N LEU A 253 36.39 -11.54 -9.80
CA LEU A 253 35.93 -10.45 -10.65
C LEU A 253 36.98 -10.11 -11.71
N VAL A 254 36.51 -9.83 -12.92
CA VAL A 254 37.39 -9.44 -14.02
C VAL A 254 36.88 -8.12 -14.59
N GLN A 255 37.81 -7.29 -15.07
CA GLN A 255 37.45 -6.02 -15.67
C GLN A 255 38.31 -5.80 -16.91
N PHE A 256 37.66 -5.79 -18.07
CA PHE A 256 38.36 -5.63 -19.34
C PHE A 256 38.80 -4.20 -19.56
N ASN A 257 39.94 -4.03 -20.20
CA ASN A 257 40.37 -2.70 -20.63
C ASN A 257 39.64 -2.26 -21.88
N THR A 258 39.40 -3.19 -22.82
CA THR A 258 38.84 -2.89 -24.12
C THR A 258 37.56 -3.69 -24.32
N PRO A 259 36.48 -3.07 -24.76
CA PRO A 259 35.20 -3.78 -24.84
C PRO A 259 35.23 -4.90 -25.87
N VAL A 260 34.42 -5.91 -25.65
CA VAL A 260 34.27 -7.04 -26.55
C VAL A 260 32.85 -7.00 -27.08
N GLN A 261 32.68 -6.53 -28.30
CA GLN A 261 31.34 -6.32 -28.84
C GLN A 261 30.57 -7.64 -28.89
N ILE A 262 29.27 -7.55 -28.70
CA ILE A 262 28.38 -8.70 -28.72
C ILE A 262 27.01 -8.23 -29.15
N ASN A 263 26.30 -9.05 -29.92
CA ASN A 263 25.07 -8.60 -30.56
C ASN A 263 23.81 -9.29 -30.03
N CYS A 264 23.77 -10.62 -30.03
CA CYS A 264 22.72 -11.36 -29.33
C CYS A 264 21.32 -10.93 -29.78
N THR A 265 21.03 -11.20 -31.05
CA THR A 265 19.72 -10.87 -31.59
C THR A 265 18.82 -12.09 -31.66
N ARG A 266 17.52 -11.84 -31.80
CA ARG A 266 16.55 -12.88 -32.07
C ARG A 266 15.98 -12.66 -33.46
N PRO A 267 16.09 -13.62 -34.38
CA PRO A 267 15.69 -13.38 -35.76
C PRO A 267 14.22 -13.62 -36.03
N ASN A 268 13.43 -14.09 -35.06
CA ASN A 268 12.02 -14.30 -35.31
C ASN A 268 11.28 -12.96 -35.40
N ASN A 269 10.01 -13.03 -35.74
CA ASN A 269 9.16 -11.85 -35.90
C ASN A 269 7.83 -12.06 -35.20
N ASN A 270 7.87 -12.49 -33.95
CA ASN A 270 6.65 -12.77 -33.21
C ASN A 270 5.78 -11.52 -33.10
N THR A 271 4.46 -11.72 -33.17
CA THR A 271 3.50 -10.64 -33.09
C THR A 271 2.65 -10.81 -31.85
N ARG A 272 2.51 -9.73 -31.09
CA ARG A 272 1.73 -9.77 -29.86
C ARG A 272 0.24 -9.89 -30.15
N LYS A 273 -0.48 -10.55 -29.26
CA LYS A 273 -1.92 -10.65 -29.36
C LYS A 273 -2.53 -10.46 -27.98
N SER A 274 -3.57 -9.64 -27.90
CA SER A 274 -4.21 -9.33 -26.63
C SER A 274 -5.34 -10.31 -26.37
N ILE A 275 -5.40 -10.84 -25.14
CA ILE A 275 -6.45 -11.76 -24.72
C ILE A 275 -7.12 -11.17 -23.50
N ARG A 276 -8.44 -11.03 -23.55
CA ARG A 276 -9.19 -10.44 -22.45
C ARG A 276 -9.50 -11.55 -21.44
N ILE A 277 -8.74 -11.56 -20.34
CA ILE A 277 -8.88 -12.58 -19.31
C ILE A 277 -9.75 -12.10 -18.16
N GLY A 278 -10.35 -10.93 -18.27
CA GLY A 278 -11.19 -10.39 -17.23
C GLY A 278 -11.70 -9.01 -17.57
N PRO A 279 -12.39 -8.39 -16.62
CA PRO A 279 -12.93 -7.05 -16.88
C PRO A 279 -11.85 -5.99 -16.87
N GLY A 280 -11.14 -5.87 -17.99
CA GLY A 280 -10.11 -4.85 -18.09
C GLY A 280 -8.71 -5.42 -18.06
N GLN A 281 -8.48 -6.43 -17.22
CA GLN A 281 -7.18 -7.05 -17.14
C GLN A 281 -6.93 -7.85 -18.41
N ALA A 282 -5.97 -7.43 -19.22
CA ALA A 282 -5.65 -8.08 -20.48
C ALA A 282 -4.29 -8.74 -20.40
N PHE A 283 -4.16 -9.90 -21.01
CA PHE A 283 -2.92 -10.67 -21.00
C PHE A 283 -2.40 -10.78 -22.42
N TYR A 284 -1.11 -10.53 -22.60
CA TYR A 284 -0.50 -10.50 -23.92
C TYR A 284 0.18 -11.83 -24.20
N ALA A 285 -0.10 -12.40 -25.38
CA ALA A 285 0.40 -13.72 -25.73
C ALA A 285 1.09 -13.66 -27.09
N THR A 286 2.09 -14.52 -27.25
CA THR A 286 2.83 -14.63 -28.51
C THR A 286 1.91 -15.20 -29.56
N GLY A 287 1.44 -14.34 -30.46
CA GLY A 287 0.55 -14.78 -31.52
C GLY A 287 1.29 -15.54 -32.61
N ASP A 288 0.75 -15.49 -33.83
CA ASP A 288 1.41 -16.13 -34.95
C ASP A 288 2.74 -15.45 -35.23
N ILE A 289 3.68 -16.23 -35.78
CA ILE A 289 5.00 -15.73 -36.12
C ILE A 289 5.06 -15.57 -37.63
N ILE A 290 5.25 -14.33 -38.09
CA ILE A 290 5.33 -14.06 -39.52
C ILE A 290 6.75 -14.34 -40.00
N GLY A 291 6.86 -15.12 -41.06
CA GLY A 291 8.15 -15.59 -41.51
C GLY A 291 8.52 -16.91 -40.88
N ASP A 292 9.73 -17.36 -41.17
CA ASP A 292 10.21 -18.62 -40.63
C ASP A 292 10.68 -18.42 -39.18
N ILE A 293 11.25 -19.47 -38.61
CA ILE A 293 11.69 -19.47 -37.22
C ILE A 293 13.15 -19.88 -37.18
N ARG A 294 13.97 -19.08 -36.48
CA ARG A 294 15.38 -19.37 -36.34
C ARG A 294 15.80 -19.15 -34.89
N GLN A 295 16.86 -19.85 -34.49
CA GLN A 295 17.31 -19.79 -33.10
C GLN A 295 17.95 -18.45 -32.80
N ALA A 296 17.66 -17.91 -31.63
CA ALA A 296 18.35 -16.71 -31.17
C ALA A 296 19.81 -17.03 -30.89
N HIS A 297 20.70 -16.12 -31.28
CA HIS A 297 22.12 -16.38 -31.24
C HIS A 297 22.87 -15.14 -30.81
N CYS A 298 24.08 -15.34 -30.30
CA CYS A 298 24.98 -14.27 -29.91
C CYS A 298 26.22 -14.34 -30.77
N ASN A 299 26.63 -13.20 -31.34
CA ASN A 299 27.80 -13.14 -32.20
C ASN A 299 28.91 -12.39 -31.48
N VAL A 300 30.08 -13.02 -31.39
CA VAL A 300 31.25 -12.40 -30.79
C VAL A 300 32.43 -12.54 -31.76
N SER A 301 33.06 -11.43 -32.09
CA SER A 301 34.20 -11.47 -33.00
C SER A 301 35.33 -12.28 -32.39
N LYS A 302 35.70 -13.36 -33.08
CA LYS A 302 36.60 -14.35 -32.50
C LYS A 302 37.96 -13.76 -32.16
N ALA A 303 38.49 -12.91 -33.05
CA ALA A 303 39.81 -12.36 -32.83
C ALA A 303 39.85 -11.50 -31.57
N THR A 304 38.84 -10.65 -31.37
CA THR A 304 38.82 -9.79 -30.20
C THR A 304 38.68 -10.60 -28.92
N TRP A 305 37.80 -11.61 -28.93
CA TRP A 305 37.65 -12.44 -27.74
C TRP A 305 38.94 -13.19 -27.43
N ASN A 306 39.60 -13.70 -28.47
CA ASN A 306 40.87 -14.40 -28.25
C ASN A 306 41.91 -13.47 -27.67
N GLU A 307 42.01 -12.25 -28.19
CA GLU A 307 42.97 -11.29 -27.65
C GLU A 307 42.65 -10.94 -26.21
N THR A 308 41.36 -10.76 -25.90
CA THR A 308 40.98 -10.46 -24.53
C THR A 308 41.30 -11.61 -23.59
N LEU A 309 41.06 -12.84 -24.03
CA LEU A 309 41.42 -14.00 -23.21
C LEU A 309 42.92 -14.07 -23.02
N GLY A 310 43.69 -13.77 -24.05
CA GLY A 310 45.14 -13.74 -23.89
C GLY A 310 45.58 -12.70 -22.87
N LYS A 311 44.98 -11.51 -22.94
CA LYS A 311 45.31 -10.48 -21.95
C LYS A 311 44.93 -10.91 -20.56
N VAL A 312 43.76 -11.53 -20.39
CA VAL A 312 43.31 -11.91 -19.06
C VAL A 312 44.16 -13.03 -18.50
N VAL A 313 44.60 -13.96 -19.35
CA VAL A 313 45.45 -15.03 -18.86
C VAL A 313 46.84 -14.50 -18.54
N LYS A 314 47.32 -13.52 -19.31
CA LYS A 314 48.61 -12.89 -19.00
C LYS A 314 48.55 -12.20 -17.65
N GLN A 315 47.46 -11.48 -17.38
CA GLN A 315 47.32 -10.82 -16.09
C GLN A 315 46.96 -11.78 -14.96
N LEU A 316 46.45 -12.97 -15.29
CA LEU A 316 46.10 -13.96 -14.29
C LEU A 316 47.28 -14.82 -13.88
N ARG A 317 48.25 -15.01 -14.78
CA ARG A 317 49.42 -15.79 -14.42
C ARG A 317 50.19 -15.19 -13.26
N LYS A 318 50.02 -13.89 -12.99
CA LYS A 318 50.74 -13.25 -11.91
C LYS A 318 50.38 -13.86 -10.56
N HIS A 319 49.09 -14.15 -10.35
CA HIS A 319 48.66 -14.65 -9.06
C HIS A 319 49.00 -16.11 -8.83
N PHE A 320 49.52 -16.82 -9.82
CA PHE A 320 49.75 -18.25 -9.64
C PHE A 320 51.17 -18.65 -10.02
N GLY A 321 51.78 -17.93 -10.96
CA GLY A 321 53.12 -18.27 -11.39
C GLY A 321 53.25 -18.29 -12.89
N ASN A 322 54.47 -18.08 -13.40
CA ASN A 322 54.65 -17.98 -14.84
C ASN A 322 54.51 -19.33 -15.53
N ASN A 323 54.85 -20.42 -14.84
CA ASN A 323 54.85 -21.74 -15.45
C ASN A 323 53.59 -22.53 -15.15
N THR A 324 52.53 -21.88 -14.68
CA THR A 324 51.27 -22.56 -14.43
C THR A 324 50.45 -22.67 -15.71
N ILE A 325 49.46 -23.54 -15.67
CA ILE A 325 48.56 -23.79 -16.80
C ILE A 325 47.17 -23.29 -16.44
N ILE A 326 46.54 -22.59 -17.36
CA ILE A 326 45.21 -22.02 -17.16
C ILE A 326 44.29 -22.59 -18.23
N ARG A 327 43.17 -23.15 -17.80
CA ARG A 327 42.22 -23.78 -18.72
C ARG A 327 40.84 -23.18 -18.49
N PHE A 328 40.25 -22.62 -19.55
CA PHE A 328 38.91 -22.05 -19.47
C PHE A 328 37.89 -23.13 -19.83
N ALA A 329 37.08 -23.52 -18.85
CA ALA A 329 36.04 -24.51 -19.09
C ALA A 329 34.67 -23.87 -18.89
N ASN A 330 33.66 -24.47 -19.52
CA ASN A 330 32.31 -23.92 -19.42
C ASN A 330 31.76 -24.12 -18.01
N SER A 331 30.52 -23.71 -17.81
CA SER A 331 29.93 -23.73 -16.48
C SER A 331 29.79 -25.16 -15.96
N SER A 332 29.96 -25.31 -14.66
CA SER A 332 29.91 -26.63 -14.05
C SER A 332 28.51 -27.24 -14.16
N GLY A 333 27.50 -26.45 -13.87
CA GLY A 333 26.13 -26.94 -13.91
C GLY A 333 25.27 -26.21 -12.91
N GLY A 334 23.97 -26.46 -13.00
CA GLY A 334 23.03 -25.84 -12.09
C GLY A 334 21.81 -25.35 -12.84
N ASP A 335 21.13 -24.37 -12.25
CA ASP A 335 19.93 -23.83 -12.86
C ASP A 335 20.27 -23.07 -14.14
N LEU A 336 19.26 -22.87 -14.97
CA LEU A 336 19.46 -22.30 -16.30
C LEU A 336 20.07 -20.91 -16.23
N GLU A 337 19.81 -20.16 -15.16
CA GLU A 337 20.28 -18.78 -15.08
C GLU A 337 21.75 -18.66 -14.73
N VAL A 338 22.44 -19.77 -14.44
CA VAL A 338 23.84 -19.76 -14.08
C VAL A 338 24.69 -20.50 -15.12
N THR A 339 24.25 -21.67 -15.55
CA THR A 339 25.03 -22.43 -16.52
C THR A 339 25.21 -21.65 -17.81
N THR A 340 24.15 -21.01 -18.30
CA THR A 340 24.25 -20.17 -19.47
C THR A 340 24.27 -18.71 -19.07
N HIS A 341 24.76 -17.88 -19.99
CA HIS A 341 24.81 -16.44 -19.78
C HIS A 341 23.40 -15.89 -19.92
N SER A 342 22.82 -15.40 -18.82
CA SER A 342 21.46 -14.93 -18.80
C SER A 342 21.44 -13.41 -18.68
N PHE A 343 20.67 -12.77 -19.55
CA PHE A 343 20.65 -11.31 -19.54
C PHE A 343 19.39 -10.81 -20.25
N ASN A 344 19.01 -9.58 -19.94
CA ASN A 344 17.85 -8.96 -20.53
C ASN A 344 18.29 -8.22 -21.79
N CYS A 345 17.40 -8.16 -22.77
CA CYS A 345 17.67 -7.41 -23.99
C CYS A 345 16.36 -6.94 -24.58
N GLY A 346 16.18 -5.62 -24.67
CA GLY A 346 15.00 -5.06 -25.31
C GLY A 346 13.69 -5.29 -24.61
N GLY A 347 13.66 -6.15 -23.59
CA GLY A 347 12.41 -6.60 -22.98
C GLY A 347 12.24 -8.10 -23.00
N GLU A 348 13.21 -8.85 -23.51
CA GLU A 348 13.15 -10.30 -23.58
C GLU A 348 14.37 -10.87 -22.87
N PHE A 349 14.15 -11.88 -22.04
CA PHE A 349 15.24 -12.50 -21.32
C PHE A 349 15.89 -13.59 -22.16
N PHE A 350 17.22 -13.61 -22.16
CA PHE A 350 18.01 -14.54 -22.94
C PHE A 350 18.80 -15.44 -22.00
N TYR A 351 18.91 -16.71 -22.37
CA TYR A 351 19.78 -17.67 -21.70
C TYR A 351 20.63 -18.30 -22.78
N CYS A 352 21.90 -17.91 -22.87
CA CYS A 352 22.73 -18.24 -24.03
C CYS A 352 23.84 -19.20 -23.62
N ASN A 353 23.91 -20.34 -24.31
CA ASN A 353 25.00 -21.28 -24.19
C ASN A 353 26.33 -20.57 -24.35
N THR A 354 27.17 -20.65 -23.32
CA THR A 354 28.45 -19.96 -23.31
C THR A 354 29.63 -20.90 -23.50
N SER A 355 29.37 -22.16 -23.86
CA SER A 355 30.46 -23.11 -24.00
C SER A 355 31.41 -22.71 -25.11
N GLY A 356 30.93 -21.99 -26.11
CA GLY A 356 31.78 -21.61 -27.23
C GLY A 356 32.95 -20.72 -26.82
N LEU A 357 32.76 -19.93 -25.77
CA LEU A 357 33.82 -19.02 -25.34
C LEU A 357 34.83 -19.73 -24.46
N PHE A 358 34.38 -20.26 -23.32
CA PHE A 358 35.29 -20.82 -22.32
C PHE A 358 35.63 -22.26 -22.68
N ASN A 359 36.39 -22.40 -23.78
CA ASN A 359 36.87 -23.70 -24.22
C ASN A 359 38.39 -23.74 -24.37
N SER A 360 39.08 -22.61 -24.22
CA SER A 360 40.50 -22.57 -24.50
C SER A 360 41.29 -23.22 -23.36
N THR A 361 42.55 -23.55 -23.67
CA THR A 361 43.44 -24.31 -22.81
C THR A 361 44.81 -23.65 -22.75
N TRP A 362 44.83 -22.35 -22.44
CA TRP A 362 46.05 -21.55 -22.52
C TRP A 362 47.22 -22.22 -21.82
N ILE A 363 48.38 -22.19 -22.47
CA ILE A 363 49.60 -22.80 -21.99
C ILE A 363 50.74 -21.80 -22.08
N SER A 364 51.81 -22.07 -21.35
CA SER A 364 52.97 -21.19 -21.32
C SER A 364 53.58 -20.99 -22.70
N ASN A 377 36.14 -10.47 -39.46
CA ASN A 377 36.15 -11.70 -40.24
C ASN A 377 35.21 -12.73 -39.63
N ASP A 378 35.77 -13.84 -39.17
CA ASP A 378 34.96 -14.90 -38.58
C ASP A 378 34.50 -14.51 -37.18
N SER A 379 33.30 -14.97 -36.83
CA SER A 379 32.68 -14.64 -35.56
C SER A 379 32.10 -15.89 -34.93
N ILE A 380 32.37 -16.10 -33.64
CA ILE A 380 31.82 -17.24 -32.92
C ILE A 380 30.36 -16.96 -32.58
N THR A 381 29.55 -18.00 -32.65
CA THR A 381 28.11 -17.91 -32.44
C THR A 381 27.71 -18.77 -31.25
N LEU A 382 26.94 -18.19 -30.34
CA LEU A 382 26.45 -18.87 -29.15
C LEU A 382 24.95 -19.10 -29.28
N PRO A 383 24.48 -20.34 -29.22
CA PRO A 383 23.04 -20.57 -29.23
C PRO A 383 22.38 -19.97 -28.00
N CYS A 384 21.11 -19.59 -28.15
CA CYS A 384 20.38 -18.98 -27.06
C CYS A 384 18.98 -19.58 -27.00
N ARG A 385 18.38 -19.49 -25.82
CA ARG A 385 17.00 -19.88 -25.59
C ARG A 385 16.31 -18.77 -24.81
N ILE A 386 14.99 -18.73 -24.90
CA ILE A 386 14.21 -17.62 -24.38
C ILE A 386 13.17 -18.16 -23.42
N LYS A 387 13.16 -17.64 -22.20
CA LYS A 387 12.17 -17.98 -21.19
C LYS A 387 11.23 -16.80 -21.00
N GLN A 388 10.00 -17.11 -20.60
CA GLN A 388 9.01 -16.07 -20.35
C GLN A 388 8.59 -15.94 -18.90
N ILE A 389 8.79 -16.98 -18.09
CA ILE A 389 8.64 -16.87 -16.64
C ILE A 389 10.00 -16.60 -16.04
N ILE A 390 10.13 -15.45 -15.38
CA ILE A 390 11.38 -15.01 -14.80
C ILE A 390 11.19 -14.89 -13.30
N ASN A 391 12.08 -15.49 -12.53
CA ASN A 391 12.04 -15.42 -11.08
C ASN A 391 13.41 -15.08 -10.52
N MET A 392 14.06 -14.09 -11.12
CA MET A 392 15.36 -13.65 -10.63
C MET A 392 15.21 -13.08 -9.23
N TRP A 393 16.27 -13.23 -8.42
CA TRP A 393 16.19 -13.00 -6.99
C TRP A 393 15.02 -13.78 -6.39
N GLN A 394 15.20 -15.10 -6.43
CA GLN A 394 14.13 -16.06 -6.17
C GLN A 394 13.28 -15.64 -4.99
N ARG A 395 12.00 -15.38 -5.26
CA ARG A 395 11.06 -14.93 -4.26
C ARG A 395 9.91 -15.93 -4.22
N ILE A 396 9.72 -16.56 -3.05
CA ILE A 396 8.71 -17.60 -2.94
C ILE A 396 7.34 -16.96 -2.92
N GLY A 397 6.66 -16.96 -4.06
CA GLY A 397 5.31 -16.44 -4.13
C GLY A 397 5.01 -15.59 -5.32
N GLN A 398 6.04 -15.11 -6.03
CA GLN A 398 5.84 -14.25 -7.18
C GLN A 398 6.77 -14.66 -8.30
N ALA A 399 6.29 -14.54 -9.54
CA ALA A 399 7.12 -14.76 -10.71
C ALA A 399 6.59 -13.93 -11.86
N MET A 400 7.50 -13.24 -12.54
CA MET A 400 7.10 -12.40 -13.66
C MET A 400 6.91 -13.20 -14.93
N TYR A 401 5.87 -12.87 -15.67
CA TYR A 401 5.69 -13.33 -17.04
C TYR A 401 6.18 -12.22 -17.96
N ALA A 402 7.26 -12.47 -18.67
CA ALA A 402 7.80 -11.45 -19.57
C ALA A 402 6.86 -11.28 -20.76
N PRO A 403 6.38 -10.07 -21.03
CA PRO A 403 5.48 -9.89 -22.16
C PRO A 403 6.20 -10.13 -23.47
N PRO A 404 5.50 -10.58 -24.49
CA PRO A 404 6.13 -10.73 -25.81
C PRO A 404 6.50 -9.37 -26.39
N ILE A 405 7.50 -9.38 -27.26
CA ILE A 405 7.96 -8.17 -27.94
C ILE A 405 7.80 -8.37 -29.43
N GLN A 406 7.09 -7.45 -30.07
CA GLN A 406 6.81 -7.57 -31.50
C GLN A 406 8.01 -7.13 -32.33
N GLY A 407 8.23 -7.82 -33.44
CA GLY A 407 9.31 -7.50 -34.35
C GLY A 407 10.62 -8.13 -33.90
N VAL A 408 11.60 -8.06 -34.80
CA VAL A 408 12.94 -8.56 -34.48
C VAL A 408 13.56 -7.65 -33.43
N ILE A 409 14.50 -8.21 -32.67
CA ILE A 409 15.18 -7.47 -31.60
C ILE A 409 16.68 -7.63 -31.77
N ARG A 410 17.39 -6.51 -31.73
CA ARG A 410 18.84 -6.49 -31.80
C ARG A 410 19.35 -5.57 -30.70
N CYS A 411 20.43 -5.99 -30.03
CA CYS A 411 20.94 -5.20 -28.89
C CYS A 411 22.46 -5.34 -28.83
N VAL A 412 23.16 -4.38 -29.40
CA VAL A 412 24.61 -4.35 -29.28
C VAL A 412 24.98 -4.08 -27.84
N SER A 413 25.91 -4.87 -27.30
CA SER A 413 26.35 -4.72 -25.93
C SER A 413 27.87 -4.76 -25.89
N ASN A 414 28.44 -4.04 -24.92
CA ASN A 414 29.88 -3.82 -24.91
C ASN A 414 30.65 -4.94 -24.23
N ILE A 415 30.12 -5.51 -23.16
CA ILE A 415 30.79 -6.54 -22.35
C ILE A 415 32.04 -5.95 -21.70
N THR A 416 32.13 -6.04 -20.38
CA THR A 416 33.23 -5.38 -19.70
C THR A 416 33.94 -6.29 -18.71
N GLY A 417 33.25 -7.29 -18.20
CA GLY A 417 33.87 -8.15 -17.20
C GLY A 417 33.23 -9.51 -17.15
N LEU A 418 33.97 -10.45 -16.57
CA LEU A 418 33.52 -11.82 -16.39
C LEU A 418 33.48 -12.17 -14.92
N ILE A 419 32.66 -13.16 -14.59
CA ILE A 419 32.60 -13.68 -13.23
C ILE A 419 33.14 -15.11 -13.24
N LEU A 420 34.43 -15.26 -13.01
CA LEU A 420 35.07 -16.56 -13.04
C LEU A 420 35.26 -17.09 -11.62
N THR A 421 35.25 -18.41 -11.49
CA THR A 421 35.52 -19.06 -10.22
C THR A 421 36.54 -20.16 -10.43
N ARG A 422 37.58 -20.17 -9.59
CA ARG A 422 38.62 -21.17 -9.74
C ARG A 422 38.11 -22.49 -9.19
N ASP A 423 38.10 -23.52 -10.01
CA ASP A 423 37.81 -24.85 -9.52
C ASP A 423 38.94 -25.31 -8.60
N GLY A 424 38.61 -26.19 -7.66
CA GLY A 424 39.63 -26.76 -6.82
C GLY A 424 40.62 -27.57 -7.63
N GLY A 425 41.79 -27.80 -7.03
CA GLY A 425 42.81 -28.59 -7.67
C GLY A 425 43.65 -29.38 -6.68
N SER A 426 43.98 -30.62 -7.01
CA SER A 426 44.90 -31.40 -6.18
C SER A 426 46.27 -30.74 -6.23
N THR A 427 46.95 -30.73 -5.08
CA THR A 427 48.24 -30.07 -4.98
C THR A 427 49.29 -30.69 -5.90
N ASN A 428 49.09 -31.93 -6.33
CA ASN A 428 50.05 -32.57 -7.22
C ASN A 428 50.10 -31.86 -8.57
N SER A 429 48.95 -31.50 -9.12
CA SER A 429 48.89 -30.90 -10.44
C SER A 429 48.87 -29.38 -10.35
N THR A 430 49.20 -28.74 -11.46
CA THR A 430 49.33 -27.29 -11.55
C THR A 430 48.61 -26.77 -12.79
N THR A 431 47.39 -27.23 -13.01
CA THR A 431 46.55 -26.79 -14.12
C THR A 431 45.25 -26.26 -13.56
N GLU A 432 45.21 -24.97 -13.30
CA GLU A 432 44.02 -24.33 -12.74
C GLU A 432 42.97 -24.13 -13.83
N THR A 433 41.74 -24.52 -13.53
CA THR A 433 40.63 -24.39 -14.45
C THR A 433 39.67 -23.33 -13.95
N PHE A 434 39.34 -22.38 -14.81
CA PHE A 434 38.40 -21.31 -14.50
C PHE A 434 37.12 -21.50 -15.28
N ARG A 435 36.00 -21.32 -14.60
CA ARG A 435 34.69 -21.45 -15.19
C ARG A 435 33.87 -20.21 -14.91
N PRO A 436 32.97 -19.85 -15.80
CA PRO A 436 32.17 -18.63 -15.61
C PRO A 436 30.96 -18.86 -14.70
N GLY A 437 31.19 -18.79 -13.40
CA GLY A 437 30.13 -18.94 -12.43
C GLY A 437 29.33 -17.67 -12.26
N GLY A 438 29.02 -17.31 -11.02
CA GLY A 438 28.28 -16.09 -10.75
C GLY A 438 26.97 -16.32 -10.04
N GLY A 439 25.87 -15.89 -10.66
CA GLY A 439 24.57 -16.08 -10.06
C GLY A 439 24.14 -14.93 -9.18
N ASP A 440 24.79 -14.80 -8.03
CA ASP A 440 24.49 -13.69 -7.13
C ASP A 440 24.71 -12.36 -7.84
N MET A 441 23.75 -11.46 -7.69
CA MET A 441 23.89 -10.15 -8.31
C MET A 441 24.77 -9.20 -7.51
N ARG A 442 25.03 -9.52 -6.24
CA ARG A 442 25.93 -8.68 -5.46
C ARG A 442 27.33 -8.65 -6.09
N ASP A 443 27.83 -9.82 -6.47
CA ASP A 443 29.13 -9.88 -7.14
C ASP A 443 29.07 -9.14 -8.47
N ASN A 444 27.95 -9.23 -9.18
CA ASN A 444 27.79 -8.52 -10.44
C ASN A 444 27.90 -7.02 -10.23
N TRP A 445 27.30 -6.52 -9.16
CA TRP A 445 27.23 -5.08 -8.94
C TRP A 445 28.45 -4.54 -8.21
N ARG A 446 29.25 -5.40 -7.59
CA ARG A 446 30.44 -4.92 -6.93
C ARG A 446 31.47 -4.40 -7.92
N SER A 447 31.37 -4.81 -9.19
CA SER A 447 32.30 -4.28 -10.18
C SER A 447 32.02 -2.81 -10.48
N GLU A 448 30.75 -2.43 -10.51
CA GLU A 448 30.43 -1.05 -10.84
C GLU A 448 30.71 -0.09 -9.69
N LEU A 449 30.63 -0.58 -8.44
CA LEU A 449 30.92 0.23 -7.27
C LEU A 449 32.25 -0.18 -6.63
N TYR A 450 33.18 -0.68 -7.43
CA TYR A 450 34.42 -1.19 -6.87
C TYR A 450 35.28 -0.09 -6.29
N LYS A 451 35.18 1.13 -6.83
CA LYS A 451 36.06 2.22 -6.45
C LYS A 451 35.34 3.33 -5.70
N TYR A 452 34.34 2.97 -4.89
CA TYR A 452 33.55 3.97 -4.19
C TYR A 452 33.44 3.62 -2.72
N LYS A 453 33.41 4.66 -1.88
CA LYS A 453 33.22 4.48 -0.45
C LYS A 453 32.39 5.65 0.07
N VAL A 454 31.73 5.44 1.19
CA VAL A 454 30.89 6.46 1.82
C VAL A 454 31.57 6.90 3.11
N VAL A 455 31.70 8.20 3.29
CA VAL A 455 32.32 8.75 4.49
C VAL A 455 31.39 9.79 5.10
N LYS A 456 31.33 9.79 6.43
CA LYS A 456 30.57 10.78 7.18
C LYS A 456 31.53 11.88 7.63
N ILE A 457 31.20 13.11 7.30
CA ILE A 457 32.04 14.24 7.70
C ILE A 457 31.82 14.51 9.17
N GLU A 458 32.92 14.78 9.89
CA GLU A 458 32.87 15.18 11.29
C GLU A 458 33.46 16.58 11.38
N PRO A 459 32.64 17.62 11.25
CA PRO A 459 33.16 18.99 11.18
C PRO A 459 33.53 19.60 12.53
N LEU A 460 33.68 18.79 13.57
CA LEU A 460 34.05 19.29 14.90
C LEU A 460 35.41 18.73 15.28
N GLY A 461 36.27 19.59 15.82
CA GLY A 461 37.57 19.15 16.27
C GLY A 461 38.13 20.09 17.31
N VAL A 462 39.05 19.58 18.10
CA VAL A 462 39.67 20.32 19.19
C VAL A 462 41.18 20.27 19.03
N ALA A 463 41.83 21.40 19.22
CA ALA A 463 43.28 21.49 19.05
C ALA A 463 43.88 22.41 20.09
N PRO A 464 45.13 22.18 20.46
CA PRO A 464 45.82 23.13 21.35
C PRO A 464 46.21 24.41 20.61
N THR A 465 46.22 25.51 21.36
CA THR A 465 46.56 26.81 20.81
C THR A 465 46.91 27.73 21.97
N ARG A 466 47.68 28.78 21.65
CA ARG A 466 48.12 29.74 22.65
C ARG A 466 47.02 30.70 23.09
N CYS A 467 45.87 30.71 22.43
CA CYS A 467 44.83 31.67 22.79
C CYS A 467 44.21 31.31 24.14
N LYS A 468 43.52 32.29 24.71
CA LYS A 468 42.78 32.08 25.96
C LYS A 468 41.61 33.05 25.96
N ARG A 469 40.40 32.52 25.78
CA ARG A 469 39.21 33.36 25.66
C ARG A 469 39.03 34.24 26.89
N ARG A 470 38.65 35.49 26.65
CA ARG A 470 38.47 36.46 27.72
C ARG A 470 37.39 36.03 28.70
N LEU B 9 39.92 26.72 -3.93
CA LEU B 9 39.80 25.28 -3.77
C LEU B 9 38.34 24.85 -3.72
N GLY B 10 38.11 23.65 -3.20
CA GLY B 10 36.75 23.13 -3.12
C GLY B 10 36.47 22.38 -1.84
N PHE B 11 35.37 21.62 -1.83
CA PHE B 11 35.00 20.86 -0.64
C PHE B 11 36.08 19.86 -0.27
N LEU B 12 36.39 19.80 1.02
CA LEU B 12 37.42 18.90 1.54
C LEU B 12 38.74 19.11 0.82
N GLY B 13 38.98 20.32 0.34
CA GLY B 13 40.17 20.56 -0.48
C GLY B 13 41.46 20.29 0.25
N ALA B 14 41.55 20.78 1.48
CA ALA B 14 42.76 20.61 2.29
C ALA B 14 42.68 19.40 3.19
N ALA B 15 41.94 18.36 2.80
CA ALA B 15 41.74 17.22 3.69
C ALA B 15 43.06 16.56 4.04
N GLY B 16 43.93 16.37 3.05
CA GLY B 16 45.23 15.80 3.31
C GLY B 16 46.29 16.80 3.69
N SER B 17 46.03 18.09 3.51
CA SER B 17 47.03 19.11 3.78
C SER B 17 47.31 19.18 5.28
N THR B 18 48.24 20.06 5.62
CA THR B 18 48.69 20.16 7.00
C THR B 18 47.71 21.03 7.78
N MET B 19 48.01 21.27 9.06
CA MET B 19 47.08 22.01 9.91
C MET B 19 46.87 23.43 9.40
N GLY B 20 47.95 24.09 8.97
CA GLY B 20 47.85 25.50 8.67
C GLY B 20 46.93 25.80 7.51
N ALA B 21 47.07 25.06 6.42
CA ALA B 21 46.23 25.30 5.24
C ALA B 21 44.77 25.03 5.55
N ALA B 22 44.47 23.94 6.26
CA ALA B 22 43.09 23.64 6.61
C ALA B 22 42.51 24.71 7.51
N SER B 23 43.28 25.16 8.50
CA SER B 23 42.78 26.15 9.45
C SER B 23 42.59 27.53 8.84
N MET B 24 42.83 27.70 7.54
CA MET B 24 42.63 28.97 6.87
C MET B 24 41.43 28.98 5.94
N THR B 25 40.93 27.81 5.54
CA THR B 25 39.82 27.69 4.60
C THR B 25 38.76 26.75 5.17
N LEU B 26 38.33 26.99 6.39
CA LEU B 26 37.25 26.17 6.96
C LEU B 26 35.95 26.38 6.20
N THR B 27 35.60 27.64 5.92
CA THR B 27 34.26 27.96 5.46
C THR B 27 33.92 27.33 4.12
N VAL B 28 34.90 26.82 3.38
CA VAL B 28 34.59 26.18 2.11
C VAL B 28 33.80 24.91 2.34
N GLN B 29 34.04 24.22 3.46
CA GLN B 29 33.26 23.01 3.77
C GLN B 29 32.21 23.23 4.83
N ALA B 30 32.29 24.33 5.59
CA ALA B 30 31.20 24.67 6.49
C ALA B 30 29.95 25.02 5.72
N ARG B 31 30.09 25.73 4.61
CA ARG B 31 28.92 26.14 3.82
C ARG B 31 28.28 24.97 3.08
N ASN B 32 28.99 23.86 2.93
CA ASN B 32 28.48 22.70 2.21
C ASN B 32 28.11 21.58 3.18
N LEU B 33 27.56 21.94 4.33
CA LEU B 33 27.07 20.98 5.29
C LEU B 33 25.57 20.79 5.22
N LEU B 34 24.88 21.55 4.39
CA LEU B 34 23.44 21.42 4.22
C LEU B 34 23.03 21.16 2.78
N SER B 35 23.97 21.10 1.85
CA SER B 35 23.66 20.86 0.45
C SER B 35 24.88 20.37 -0.31
N LEU B 55 5.50 14.78 -4.49
CA LEU B 55 6.31 13.62 -4.13
C LEU B 55 5.44 12.53 -3.48
N LYS B 56 5.54 11.32 -4.00
CA LYS B 56 4.75 10.19 -3.54
C LYS B 56 5.55 9.35 -2.56
N LEU B 57 4.90 8.35 -1.99
CA LEU B 57 5.53 7.46 -1.00
C LEU B 57 6.07 6.19 -1.67
N THR B 58 6.96 6.39 -2.64
CA THR B 58 7.64 5.28 -3.27
C THR B 58 8.94 5.00 -2.53
N VAL B 59 9.77 4.10 -3.08
CA VAL B 59 11.04 3.78 -2.44
C VAL B 59 11.96 5.00 -2.45
N TRP B 60 12.07 5.66 -3.61
CA TRP B 60 12.94 6.83 -3.71
C TRP B 60 12.46 7.94 -2.77
N GLY B 61 11.15 8.13 -2.68
CA GLY B 61 10.64 9.20 -1.84
C GLY B 61 11.01 9.02 -0.39
N ILE B 62 10.77 7.83 0.15
CA ILE B 62 11.08 7.60 1.56
C ILE B 62 12.58 7.62 1.79
N LYS B 63 13.35 7.09 0.84
CA LYS B 63 14.80 7.10 0.99
C LYS B 63 15.32 8.53 1.05
N GLN B 64 14.87 9.38 0.14
CA GLN B 64 15.33 10.77 0.12
C GLN B 64 14.86 11.52 1.36
N LEU B 65 13.62 11.28 1.80
CA LEU B 65 13.15 11.97 3.00
C LEU B 65 13.97 11.59 4.22
N GLN B 66 14.27 10.30 4.38
CA GLN B 66 15.10 9.87 5.49
C GLN B 66 16.49 10.50 5.39
N ALA B 67 17.05 10.56 4.18
CA ALA B 67 18.36 11.17 4.02
C ALA B 67 18.34 12.64 4.45
N ARG B 68 17.34 13.39 3.99
CA ARG B 68 17.27 14.80 4.32
C ARG B 68 17.09 15.03 5.82
N VAL B 69 16.19 14.27 6.43
CA VAL B 69 15.96 14.43 7.87
C VAL B 69 17.21 14.08 8.65
N LEU B 70 17.91 13.02 8.24
CA LEU B 70 19.14 12.63 8.93
C LEU B 70 20.21 13.70 8.80
N ALA B 71 20.33 14.30 7.61
CA ALA B 71 21.31 15.37 7.43
C ALA B 71 21.00 16.55 8.34
N VAL B 72 19.74 16.95 8.40
CA VAL B 72 19.36 18.06 9.28
C VAL B 72 19.65 17.72 10.73
N GLU B 73 19.33 16.50 11.13
CA GLU B 73 19.55 16.09 12.52
C GLU B 73 21.03 16.11 12.87
N ARG B 74 21.89 15.63 11.96
CA ARG B 74 23.32 15.64 12.24
C ARG B 74 23.85 17.05 12.36
N TYR B 75 23.48 17.93 11.42
CA TYR B 75 23.90 19.32 11.54
C TYR B 75 23.39 19.94 12.82
N LEU B 76 22.19 19.55 13.26
CA LEU B 76 21.64 20.16 14.46
C LEU B 76 22.35 19.68 15.72
N ARG B 77 22.73 18.41 15.75
CA ARG B 77 23.56 17.93 16.87
C ARG B 77 24.89 18.66 16.91
N ASP B 78 25.48 18.88 15.74
CA ASP B 78 26.72 19.64 15.68
C ASP B 78 26.49 21.05 16.23
N GLN B 79 25.39 21.68 15.83
CA GLN B 79 25.08 23.02 16.33
C GLN B 79 24.86 23.00 17.84
N GLN B 80 24.23 21.96 18.35
CA GLN B 80 24.05 21.81 19.80
C GLN B 80 25.40 21.82 20.51
N LEU B 81 26.32 20.98 20.04
CA LEU B 81 27.63 20.90 20.67
C LEU B 81 28.37 22.21 20.58
N LEU B 82 28.20 22.94 19.47
CA LEU B 82 28.86 24.23 19.35
C LEU B 82 28.24 25.26 20.28
N GLY B 83 26.91 25.27 20.38
CA GLY B 83 26.24 26.25 21.21
C GLY B 83 26.49 26.05 22.68
N ILE B 84 26.56 24.79 23.13
CA ILE B 84 26.82 24.54 24.54
C ILE B 84 28.20 25.03 24.94
N TRP B 85 29.11 25.20 23.97
CA TRP B 85 30.45 25.71 24.24
C TRP B 85 30.54 27.22 24.08
N GLY B 86 29.42 27.89 23.84
CA GLY B 86 29.43 29.34 23.73
C GLY B 86 30.21 29.86 22.54
N CYS B 87 30.14 29.16 21.41
CA CYS B 87 30.82 29.58 20.19
C CYS B 87 29.89 29.55 19.00
N SER B 88 28.59 29.76 19.23
CA SER B 88 27.61 29.70 18.16
C SER B 88 27.92 30.75 17.10
N GLY B 89 27.90 30.32 15.84
CA GLY B 89 28.15 31.21 14.73
C GLY B 89 29.60 31.52 14.47
N LYS B 90 30.52 30.94 15.23
CA LYS B 90 31.94 31.19 15.06
C LYS B 90 32.61 29.92 14.55
N LEU B 91 33.30 30.03 13.42
CA LEU B 91 34.05 28.88 12.91
C LEU B 91 35.20 28.52 13.85
N ILE B 92 35.86 29.54 14.41
CA ILE B 92 36.98 29.35 15.31
C ILE B 92 36.68 30.12 16.59
N CYS B 93 36.66 29.42 17.72
CA CYS B 93 36.48 30.06 19.01
C CYS B 93 37.51 29.53 19.98
N CYS B 94 37.82 30.33 20.99
CA CYS B 94 38.77 29.95 22.02
C CYS B 94 38.04 29.65 23.32
N THR B 95 38.68 28.84 24.16
CA THR B 95 38.13 28.41 25.44
C THR B 95 39.04 28.92 26.56
N ASN B 96 38.75 28.47 27.78
CA ASN B 96 39.53 28.85 28.94
C ASN B 96 39.81 27.63 29.81
N VAL B 97 40.19 26.51 29.20
CA VAL B 97 40.56 25.33 29.97
C VAL B 97 41.98 24.92 29.58
N PRO B 98 42.77 24.40 30.52
CA PRO B 98 44.13 23.98 30.18
C PRO B 98 44.12 22.75 29.30
N TRP B 99 45.15 22.63 28.47
CA TRP B 99 45.37 21.44 27.66
C TRP B 99 46.14 20.44 28.49
N ASN B 100 45.42 19.50 29.11
CA ASN B 100 46.06 18.51 29.95
C ASN B 100 46.99 17.63 29.12
N SER B 101 48.24 17.53 29.56
CA SER B 101 49.23 16.79 28.79
C SER B 101 48.91 15.31 28.71
N SER B 102 48.04 14.81 29.58
CA SER B 102 47.67 13.40 29.53
C SER B 102 46.99 13.06 28.21
N TRP B 103 46.38 14.03 27.55
CA TRP B 103 45.79 13.78 26.24
C TRP B 103 46.86 13.72 25.15
N SER B 104 47.62 14.79 24.99
CA SER B 104 48.71 14.81 24.02
C SER B 104 49.72 15.85 24.49
N ASN B 105 50.91 15.39 24.86
CA ASN B 105 51.97 16.25 25.38
C ASN B 105 52.99 16.59 24.31
N ARG B 106 52.55 16.74 23.07
CA ARG B 106 53.46 16.92 21.95
C ARG B 106 53.69 18.40 21.65
N ASN B 107 54.84 18.68 21.05
CA ASN B 107 55.24 20.06 20.77
C ASN B 107 54.25 20.71 19.82
N LEU B 108 53.90 21.97 20.12
CA LEU B 108 52.88 22.66 19.34
C LEU B 108 53.29 22.79 17.88
N SER B 109 54.55 23.15 17.62
CA SER B 109 54.99 23.40 16.26
C SER B 109 54.89 22.15 15.41
N GLU B 110 55.30 21.00 15.96
CA GLU B 110 55.22 19.77 15.18
C GLU B 110 53.78 19.36 14.94
N ILE B 111 52.88 19.62 15.89
CA ILE B 111 51.46 19.32 15.67
C ILE B 111 50.92 20.15 14.53
N TRP B 112 51.23 21.44 14.51
CA TRP B 112 50.64 22.32 13.50
C TRP B 112 51.40 22.36 12.19
N ASP B 113 52.57 21.73 12.10
CA ASP B 113 53.30 21.66 10.85
C ASP B 113 53.47 20.26 10.29
N ASN B 114 53.10 19.22 11.02
CA ASN B 114 53.31 17.85 10.55
C ASN B 114 52.00 17.11 10.29
N MET B 115 51.15 16.98 11.29
CA MET B 115 50.06 16.02 11.23
C MET B 115 48.80 16.65 10.67
N THR B 116 48.21 15.98 9.68
CA THR B 116 46.94 16.40 9.12
C THR B 116 45.82 16.13 10.12
N TRP B 117 44.66 16.75 9.88
CA TRP B 117 43.54 16.62 10.80
C TRP B 117 43.14 15.17 11.01
N LEU B 118 43.24 14.34 9.98
CA LEU B 118 42.81 12.95 10.11
C LEU B 118 43.66 12.23 11.16
N GLN B 119 44.98 12.31 11.03
CA GLN B 119 45.85 11.65 12.00
C GLN B 119 45.66 12.23 13.39
N TRP B 120 45.44 13.54 13.48
CA TRP B 120 45.17 14.14 14.78
C TRP B 120 43.93 13.54 15.41
N ASP B 121 42.87 13.36 14.62
CA ASP B 121 41.66 12.73 15.14
C ASP B 121 41.95 11.31 15.58
N LYS B 122 42.72 10.57 14.79
CA LYS B 122 43.07 9.20 15.15
C LYS B 122 43.91 9.11 16.41
N GLU B 123 44.45 10.23 16.88
CA GLU B 123 45.24 10.25 18.11
C GLU B 123 44.52 10.97 19.25
N ILE B 124 43.26 11.36 19.06
CA ILE B 124 42.51 12.06 20.10
C ILE B 124 41.18 11.34 20.30
N SER B 125 40.82 10.47 19.35
CA SER B 125 39.48 9.90 19.32
C SER B 125 39.12 9.20 20.62
N ASN B 126 40.11 8.66 21.33
CA ASN B 126 39.82 8.04 22.61
C ASN B 126 39.45 9.05 23.69
N TYR B 127 39.85 10.31 23.52
CA TYR B 127 39.82 11.29 24.59
C TYR B 127 38.81 12.41 24.37
N THR B 128 37.90 12.27 23.41
CA THR B 128 37.02 13.37 23.08
C THR B 128 36.01 13.65 24.20
N GLN B 129 35.27 12.61 24.61
CA GLN B 129 34.11 12.85 25.47
C GLN B 129 34.49 13.69 26.68
N ILE B 130 35.55 13.29 27.39
CA ILE B 130 35.93 13.99 28.61
C ILE B 130 36.17 15.46 28.31
N ILE B 131 36.99 15.77 27.30
CA ILE B 131 37.28 17.18 27.06
C ILE B 131 36.01 17.93 26.70
N TYR B 132 35.13 17.29 25.91
CA TYR B 132 33.86 17.91 25.60
C TYR B 132 33.16 18.34 26.87
N GLY B 133 33.02 17.41 27.81
CA GLY B 133 32.35 17.74 29.06
C GLY B 133 33.04 18.91 29.74
N LEU B 134 34.37 18.84 29.83
CA LEU B 134 35.11 19.92 30.47
C LEU B 134 34.69 21.25 29.86
N LEU B 135 34.72 21.32 28.52
CA LEU B 135 34.33 22.52 27.83
C LEU B 135 33.02 23.04 28.36
N GLU B 136 31.96 22.23 28.24
CA GLU B 136 30.64 22.71 28.60
C GLU B 136 30.63 23.19 30.04
N GLU B 137 31.23 22.41 30.94
CA GLU B 137 31.22 22.81 32.34
C GLU B 137 31.84 24.18 32.50
N SER B 138 33.07 24.34 31.97
CA SER B 138 33.73 25.64 32.07
C SER B 138 32.82 26.72 31.53
N GLN B 139 32.29 26.49 30.33
CA GLN B 139 31.45 27.52 29.71
C GLN B 139 30.33 27.91 30.67
N ASN B 140 29.60 26.90 31.17
CA ASN B 140 28.50 27.20 32.08
C ASN B 140 29.00 28.01 33.27
N GLN B 141 30.07 27.52 33.91
CA GLN B 141 30.61 28.24 35.05
C GLN B 141 30.93 29.67 34.66
N GLN B 142 31.63 29.84 33.54
CA GLN B 142 31.98 31.17 33.09
C GLN B 142 30.74 32.04 32.98
N GLU B 143 29.71 31.51 32.31
CA GLU B 143 28.48 32.27 32.16
C GLU B 143 27.94 32.68 33.51
N LYS B 144 27.84 31.73 34.44
CA LYS B 144 27.34 32.05 35.76
C LYS B 144 28.15 33.18 36.36
N ASN B 145 29.47 33.05 36.33
CA ASN B 145 30.32 34.08 36.91
C ASN B 145 30.06 35.41 36.23
N GLU B 146 29.96 35.40 34.90
CA GLU B 146 29.71 36.64 34.17
C GLU B 146 28.43 37.27 34.67
N GLN B 147 27.38 36.46 34.84
CA GLN B 147 26.12 37.01 35.33
C GLN B 147 26.31 37.64 36.70
N ASP B 148 27.01 36.94 37.59
CA ASP B 148 27.23 37.48 38.92
C ASP B 148 28.04 38.76 38.86
N LEU B 149 28.89 38.91 37.84
CA LEU B 149 29.62 40.16 37.69
C LEU B 149 28.70 41.27 37.21
N LEU B 150 27.77 40.94 36.32
CA LEU B 150 26.97 41.98 35.68
C LEU B 150 25.83 42.48 36.56
N ALA B 151 25.49 41.73 37.61
CA ALA B 151 24.42 42.17 38.50
C ALA B 151 24.79 43.40 39.30
N LEU B 152 26.09 43.67 39.48
CA LEU B 152 26.52 44.81 40.27
C LEU B 152 26.26 46.11 39.51
N ASN C 1 15.25 47.85 42.23
CA ASN C 1 15.26 47.67 40.78
C ASN C 1 15.31 46.18 40.43
N LEU C 2 14.78 45.84 39.25
CA LEU C 2 14.68 44.45 38.85
C LEU C 2 14.54 44.38 37.33
N TRP C 3 15.26 43.44 36.72
CA TRP C 3 15.18 43.21 35.28
C TRP C 3 15.04 41.72 35.03
N VAL C 4 14.25 41.36 34.04
CA VAL C 4 14.00 39.95 33.75
C VAL C 4 15.19 39.38 33.00
N THR C 5 15.36 38.07 33.14
CA THR C 5 16.37 37.34 32.39
C THR C 5 15.80 35.98 32.03
N VAL C 6 16.25 35.43 30.92
CA VAL C 6 15.73 34.17 30.42
C VAL C 6 16.75 33.08 30.66
N TYR C 7 16.26 31.86 30.80
CA TYR C 7 17.09 30.68 31.00
C TYR C 7 16.68 29.63 29.98
N TYR C 8 17.66 29.10 29.26
CA TYR C 8 17.45 27.99 28.36
C TYR C 8 17.88 26.71 29.05
N GLY C 9 16.99 25.72 29.06
CA GLY C 9 17.26 24.48 29.76
C GLY C 9 16.68 24.40 31.15
N VAL C 10 15.78 25.29 31.52
CA VAL C 10 15.17 25.23 32.85
C VAL C 10 14.37 23.94 32.98
N PRO C 11 14.43 23.24 34.12
CA PRO C 11 13.65 22.00 34.26
C PRO C 11 12.17 22.22 34.47
N VAL C 12 11.44 22.41 33.38
CA VAL C 12 9.99 22.61 33.43
C VAL C 12 9.34 21.66 32.45
N TRP C 13 8.32 20.94 32.91
CA TRP C 13 7.60 19.99 32.07
C TRP C 13 6.11 20.30 32.12
N LYS C 14 5.40 19.82 31.11
CA LYS C 14 3.96 19.95 31.04
C LYS C 14 3.36 18.63 30.57
N ASP C 15 2.05 18.47 30.79
CA ASP C 15 1.35 17.31 30.28
C ASP C 15 0.95 17.53 28.84
N ALA C 16 1.25 16.55 27.98
CA ALA C 16 1.00 16.73 26.56
C ALA C 16 0.86 15.37 25.90
N GLU C 17 0.47 15.39 24.63
CA GLU C 17 0.33 14.19 23.81
C GLU C 17 1.43 14.17 22.76
N THR C 18 1.94 12.98 22.47
CA THR C 18 3.04 12.85 21.53
C THR C 18 3.24 11.38 21.18
N THR C 19 3.46 11.11 19.90
CA THR C 19 3.73 9.75 19.46
C THR C 19 5.03 9.23 20.07
N LEU C 20 5.05 7.94 20.38
CA LEU C 20 6.23 7.28 20.92
C LEU C 20 6.65 6.17 19.98
N PHE C 21 7.89 5.69 20.16
CA PHE C 21 8.39 4.62 19.31
C PHE C 21 8.84 3.42 20.14
N CYS C 22 8.84 2.27 19.49
CA CYS C 22 9.17 1.02 20.15
C CYS C 22 10.68 0.80 20.16
N ALA C 23 11.12 -0.04 21.09
CA ALA C 23 12.53 -0.38 21.22
C ALA C 23 12.64 -1.75 21.86
N SER C 24 13.38 -2.64 21.22
CA SER C 24 13.62 -3.97 21.76
C SER C 24 15.09 -4.32 21.61
N ASP C 25 15.56 -5.24 22.45
CA ASP C 25 16.94 -5.67 22.40
C ASP C 25 17.15 -6.71 21.30
N ALA C 26 18.41 -7.10 21.11
CA ALA C 26 18.76 -8.07 20.09
C ALA C 26 18.24 -9.45 20.44
N LYS C 33 13.99 -14.91 12.58
CA LYS C 33 12.64 -15.04 13.08
C LYS C 33 11.77 -13.88 12.62
N HIS C 34 10.49 -13.92 13.00
CA HIS C 34 9.55 -12.87 12.64
C HIS C 34 8.36 -12.98 13.59
N ASN C 35 7.68 -11.86 13.79
CA ASN C 35 6.53 -11.87 14.67
C ASN C 35 5.62 -10.68 14.36
N VAL C 36 4.33 -10.85 14.67
CA VAL C 36 3.34 -9.84 14.35
C VAL C 36 3.67 -8.51 15.01
N TRP C 37 4.40 -8.53 16.13
CA TRP C 37 4.97 -7.29 16.63
C TRP C 37 6.31 -7.08 15.93
N ALA C 38 6.37 -6.09 15.05
CA ALA C 38 7.56 -5.93 14.22
C ALA C 38 8.71 -5.39 15.06
N THR C 39 9.26 -6.22 15.93
CA THR C 39 10.32 -5.79 16.81
C THR C 39 11.63 -5.55 16.07
N HIS C 40 11.81 -6.16 14.90
CA HIS C 40 13.02 -5.92 14.12
C HIS C 40 13.11 -4.46 13.66
N ALA C 41 11.97 -3.80 13.51
CA ALA C 41 11.97 -2.39 13.13
C ALA C 41 12.19 -1.47 14.32
N CYS C 42 12.04 -1.98 15.54
CA CYS C 42 12.30 -1.16 16.72
C CYS C 42 13.78 -0.82 16.81
N VAL C 43 14.07 0.43 17.15
CA VAL C 43 15.45 0.82 17.36
C VAL C 43 16.01 0.06 18.56
N PRO C 44 17.20 -0.52 18.49
CA PRO C 44 17.73 -1.27 19.63
C PRO C 44 17.88 -0.38 20.85
N THR C 45 17.57 -0.95 22.01
CA THR C 45 17.65 -0.23 23.27
C THR C 45 19.02 -0.45 23.91
N ASP C 46 19.47 0.57 24.63
CA ASP C 46 20.71 0.44 25.38
C ASP C 46 20.54 -0.63 26.46
N PRO C 47 21.54 -1.50 26.67
CA PRO C 47 21.39 -2.54 27.69
C PRO C 47 21.18 -1.98 29.09
N ASN C 48 21.70 -0.80 29.38
CA ASN C 48 21.56 -0.18 30.69
C ASN C 48 20.58 0.99 30.61
N PRO C 49 19.40 0.89 31.21
CA PRO C 49 18.48 2.03 31.21
C PRO C 49 18.99 3.14 32.12
N GLN C 50 18.64 4.38 31.77
CA GLN C 50 18.99 5.56 32.56
C GLN C 50 17.73 6.02 33.29
N GLU C 51 17.55 5.52 34.51
CA GLU C 51 16.42 5.91 35.35
C GLU C 51 16.92 6.91 36.39
N ILE C 52 16.38 8.13 36.36
CA ILE C 52 16.91 9.21 37.19
C ILE C 52 15.88 9.54 38.26
N HIS C 53 16.29 9.38 39.52
CA HIS C 53 15.42 9.71 40.63
C HIS C 53 15.23 11.22 40.74
N LEU C 54 14.12 11.62 41.34
CA LEU C 54 13.81 13.02 41.57
C LEU C 54 13.49 13.21 43.05
N GLU C 55 13.97 14.32 43.62
CA GLU C 55 13.77 14.63 45.02
C GLU C 55 12.86 15.85 45.16
N ASN C 56 12.02 15.83 46.19
CA ASN C 56 11.07 16.92 46.45
C ASN C 56 10.19 17.18 45.24
N VAL C 57 9.75 16.12 44.57
CA VAL C 57 8.96 16.24 43.35
C VAL C 57 7.63 15.55 43.55
N THR C 58 6.55 16.27 43.28
CA THR C 58 5.20 15.74 43.37
C THR C 58 4.50 15.99 42.05
N GLU C 59 3.95 14.93 41.45
CA GLU C 59 3.25 15.04 40.19
C GLU C 59 1.96 14.24 40.25
N GLU C 60 0.89 14.80 39.70
CA GLU C 60 -0.38 14.11 39.60
C GLU C 60 -0.35 13.09 38.47
N PHE C 61 -1.01 11.96 38.69
CA PHE C 61 -1.11 10.91 37.69
C PHE C 61 -2.57 10.51 37.54
N ASN C 62 -2.92 10.06 36.34
CA ASN C 62 -4.28 9.62 36.04
C ASN C 62 -4.19 8.49 35.02
N MET C 63 -4.20 7.25 35.50
CA MET C 63 -4.13 6.11 34.59
C MET C 63 -5.35 6.03 33.68
N TRP C 64 -6.48 6.59 34.09
CA TRP C 64 -7.69 6.41 33.30
C TRP C 64 -7.82 7.45 32.20
N LYS C 65 -7.39 8.67 32.43
CA LYS C 65 -7.34 9.68 31.38
C LYS C 65 -6.02 9.66 30.62
N ASN C 66 -5.12 8.75 30.96
CA ASN C 66 -3.86 8.64 30.23
C ASN C 66 -4.13 8.30 28.77
N ASN C 67 -3.39 8.95 27.89
CA ASN C 67 -3.50 8.67 26.46
C ASN C 67 -2.46 7.67 25.95
N MET C 68 -1.49 7.28 26.77
CA MET C 68 -0.53 6.28 26.34
C MET C 68 -1.21 4.96 26.03
N VAL C 69 -2.23 4.60 26.83
CA VAL C 69 -2.94 3.35 26.57
C VAL C 69 -3.68 3.42 25.24
N GLU C 70 -4.31 4.56 24.93
CA GLU C 70 -5.00 4.68 23.67
C GLU C 70 -4.03 4.62 22.49
N GLN C 71 -2.90 5.32 22.62
CA GLN C 71 -1.91 5.31 21.56
C GLN C 71 -1.35 3.91 21.34
N MET C 72 -1.08 3.18 22.42
CA MET C 72 -0.50 1.85 22.25
C MET C 72 -1.53 0.84 21.77
N HIS C 73 -2.80 1.02 22.14
CA HIS C 73 -3.87 0.19 21.58
C HIS C 73 -3.96 0.40 20.07
N THR C 74 -3.97 1.66 19.64
CA THR C 74 -3.97 1.95 18.21
C THR C 74 -2.75 1.34 17.53
N ASP C 75 -1.58 1.43 18.18
CA ASP C 75 -0.40 0.77 17.67
C ASP C 75 -0.66 -0.71 17.43
N ILE C 76 -0.98 -1.43 18.51
CA ILE C 76 -1.13 -2.88 18.43
C ILE C 76 -2.08 -3.25 17.31
N ILE C 77 -3.18 -2.50 17.17
CA ILE C 77 -4.09 -2.77 16.06
C ILE C 77 -3.37 -2.58 14.74
N SER C 78 -2.55 -1.53 14.63
CA SER C 78 -1.86 -1.27 13.37
C SER C 78 -0.90 -2.39 13.02
N LEU C 79 -0.10 -2.85 13.98
CA LEU C 79 0.83 -3.95 13.68
C LEU C 79 0.09 -5.23 13.35
N TRP C 80 -0.99 -5.52 14.07
CA TRP C 80 -1.77 -6.72 13.76
C TRP C 80 -2.30 -6.64 12.34
N ASP C 81 -2.84 -5.49 11.95
CA ASP C 81 -3.32 -5.32 10.59
C ASP C 81 -2.19 -5.41 9.59
N GLN C 82 -0.99 -4.95 9.97
CA GLN C 82 0.12 -4.89 9.03
C GLN C 82 0.66 -6.27 8.71
N SER C 83 0.74 -7.14 9.72
CA SER C 83 1.45 -8.40 9.51
C SER C 83 0.67 -9.35 8.61
N LEU C 84 -0.64 -9.49 8.83
CA LEU C 84 -1.37 -10.51 8.09
C LEU C 84 -1.74 -10.06 6.69
N LYS C 85 -1.53 -8.78 6.35
CA LYS C 85 -1.83 -8.32 5.00
C LYS C 85 -1.01 -9.06 3.95
N PRO C 86 0.33 -9.23 4.09
CA PRO C 86 1.08 -10.09 3.16
C PRO C 86 1.03 -11.57 3.53
N CYS C 87 -0.17 -12.05 3.84
CA CYS C 87 -0.40 -13.46 4.12
C CYS C 87 -1.44 -14.00 3.14
N VAL C 88 -1.49 -15.33 3.05
CA VAL C 88 -2.37 -15.97 2.09
C VAL C 88 -3.83 -15.65 2.43
N LYS C 89 -4.59 -15.25 1.42
CA LYS C 89 -6.00 -14.99 1.59
C LYS C 89 -6.77 -16.30 1.54
N LEU C 90 -7.56 -16.57 2.58
CA LEU C 90 -8.33 -17.80 2.67
C LEU C 90 -9.72 -17.67 2.07
N THR C 91 -9.92 -16.74 1.14
CA THR C 91 -11.21 -16.65 0.47
C THR C 91 -11.58 -17.89 -0.35
N PRO C 92 -10.63 -18.70 -0.95
CA PRO C 92 -11.06 -19.90 -1.67
C PRO C 92 -11.22 -21.12 -0.77
N LEU C 93 -11.88 -20.92 0.37
CA LEU C 93 -12.19 -22.01 1.28
C LEU C 93 -13.64 -22.04 1.71
N CYS C 94 -14.37 -20.93 1.60
CA CYS C 94 -15.76 -20.87 2.06
C CYS C 94 -16.64 -21.65 1.10
N VAL C 95 -16.57 -22.98 1.23
CA VAL C 95 -17.35 -23.88 0.40
C VAL C 95 -18.12 -24.83 1.31
N THR C 96 -19.16 -25.43 0.76
CA THR C 96 -19.98 -26.36 1.54
C THR C 96 -19.14 -27.57 1.92
N LEU C 97 -18.95 -27.78 3.21
CA LEU C 97 -18.16 -28.88 3.73
C LEU C 97 -19.08 -30.02 4.14
N GLN C 98 -18.76 -31.22 3.66
CA GLN C 98 -19.45 -32.43 4.12
C GLN C 98 -18.67 -32.99 5.30
N CYS C 99 -19.31 -33.04 6.46
CA CYS C 99 -18.61 -33.27 7.71
C CYS C 99 -19.24 -34.42 8.48
N THR C 100 -18.38 -35.20 9.14
CA THR C 100 -18.80 -36.33 9.94
C THR C 100 -18.09 -36.27 11.29
N ASN C 101 -18.72 -36.89 12.29
CA ASN C 101 -18.12 -36.96 13.61
C ASN C 101 -16.82 -37.74 13.54
N VAL C 102 -15.82 -37.28 14.30
CA VAL C 102 -14.50 -37.88 14.26
C VAL C 102 -14.51 -39.31 14.81
N ASN C 104 -12.71 -41.65 15.84
CA ASN C 104 -11.47 -41.99 16.51
C ASN C 104 -11.71 -42.26 17.99
N ASN C 105 -10.61 -42.43 18.73
CA ASN C 105 -10.68 -42.72 20.16
C ASN C 105 -10.70 -41.40 20.92
N ILE C 106 -11.88 -41.02 21.41
CA ILE C 106 -12.08 -39.75 22.10
C ILE C 106 -12.73 -40.04 23.44
N THR C 107 -12.58 -39.10 24.36
CA THR C 107 -13.22 -39.21 25.66
C THR C 107 -14.69 -38.81 25.55
N ASP C 108 -15.36 -38.76 26.69
CA ASP C 108 -16.76 -38.36 26.70
C ASP C 108 -16.92 -36.89 26.38
N ASP C 109 -15.94 -36.06 26.73
CA ASP C 109 -16.07 -34.62 26.53
C ASP C 109 -15.89 -34.20 25.07
N MET C 110 -15.42 -35.09 24.20
CA MET C 110 -15.26 -34.79 22.79
C MET C 110 -16.41 -35.31 21.95
N ARG C 111 -17.56 -35.58 22.55
CA ARG C 111 -18.72 -36.00 21.78
C ARG C 111 -19.18 -34.79 20.98
N GLY C 112 -18.81 -34.75 19.70
CA GLY C 112 -19.18 -33.66 18.83
C GLY C 112 -18.31 -32.43 18.89
N GLU C 113 -17.13 -32.52 19.52
CA GLU C 113 -16.25 -31.36 19.60
C GLU C 113 -15.26 -31.28 18.44
N LEU C 114 -15.20 -32.28 17.58
CA LEU C 114 -14.34 -32.24 16.40
C LEU C 114 -15.14 -32.69 15.19
N LYS C 115 -14.81 -32.11 14.04
CA LYS C 115 -15.49 -32.44 12.79
C LYS C 115 -14.45 -32.75 11.73
N ASN C 116 -14.75 -33.75 10.89
CA ASN C 116 -13.85 -34.09 9.80
C ASN C 116 -13.94 -33.06 8.68
N CYS C 117 -15.14 -32.87 8.13
CA CYS C 117 -15.42 -31.77 7.20
C CYS C 117 -14.53 -31.86 5.96
N SER C 118 -14.76 -32.92 5.19
CA SER C 118 -14.13 -33.04 3.88
C SER C 118 -14.89 -32.21 2.84
N PHE C 119 -14.15 -31.65 1.89
CA PHE C 119 -14.73 -30.70 0.96
C PHE C 119 -13.85 -30.59 -0.28
N ASN C 120 -14.37 -29.92 -1.30
CA ASN C 120 -13.71 -29.87 -2.60
C ASN C 120 -12.81 -28.65 -2.73
N MET C 121 -11.84 -28.76 -3.63
CA MET C 121 -10.92 -27.68 -3.97
C MET C 121 -10.45 -27.85 -5.40
N THR C 122 -9.70 -26.85 -5.87
CA THR C 122 -9.04 -26.89 -7.15
C THR C 122 -7.55 -27.16 -6.95
N THR C 123 -7.00 -28.05 -7.75
CA THR C 123 -5.59 -28.42 -7.65
C THR C 123 -4.76 -27.33 -8.31
N GLU C 124 -3.48 -27.64 -8.57
CA GLU C 124 -2.61 -26.67 -9.24
C GLU C 124 -3.20 -26.20 -10.56
N LEU C 125 -3.93 -27.07 -11.25
CA LEU C 125 -4.67 -26.69 -12.44
C LEU C 125 -6.07 -26.25 -12.03
N ARG C 126 -6.50 -25.10 -12.52
CA ARG C 126 -7.82 -24.59 -12.16
C ARG C 126 -8.94 -25.42 -12.75
N ASP C 127 -8.65 -26.34 -13.67
CA ASP C 127 -9.69 -27.17 -14.25
C ASP C 127 -9.96 -28.43 -13.41
N LYS C 128 -8.91 -29.13 -13.02
CA LYS C 128 -9.09 -30.39 -12.32
C LYS C 128 -9.53 -30.14 -10.87
N LYS C 129 -10.18 -31.15 -10.30
CA LYS C 129 -10.76 -31.09 -8.96
C LYS C 129 -9.90 -31.88 -7.99
N GLN C 130 -10.15 -31.67 -6.70
CA GLN C 130 -9.44 -32.42 -5.67
C GLN C 130 -10.28 -32.44 -4.41
N LYS C 131 -10.59 -33.63 -3.91
CA LYS C 131 -11.40 -33.79 -2.71
C LYS C 131 -10.48 -33.77 -1.50
N VAL C 132 -10.35 -32.62 -0.86
CA VAL C 132 -9.42 -32.41 0.24
C VAL C 132 -10.19 -32.51 1.56
N TYR C 133 -9.69 -33.32 2.48
CA TYR C 133 -10.24 -33.45 3.81
C TYR C 133 -9.39 -32.72 4.82
N SER C 134 -10.02 -32.28 5.91
CA SER C 134 -9.36 -31.43 6.90
C SER C 134 -9.88 -31.84 8.28
N LEU C 135 -9.68 -30.97 9.26
CA LEU C 135 -10.28 -31.12 10.58
C LEU C 135 -10.67 -29.75 11.09
N PHE C 136 -11.72 -29.71 11.91
CA PHE C 136 -12.20 -28.45 12.44
C PHE C 136 -12.88 -28.68 13.79
N TYR C 137 -12.97 -27.62 14.57
CA TYR C 137 -13.59 -27.67 15.88
C TYR C 137 -15.06 -27.26 15.80
N ARG C 138 -15.86 -27.82 16.70
CA ARG C 138 -17.30 -27.61 16.64
C ARG C 138 -17.64 -26.13 16.74
N LEU C 139 -16.94 -25.40 17.60
CA LEU C 139 -17.20 -23.98 17.79
C LEU C 139 -16.88 -23.17 16.54
N ASP C 140 -16.40 -23.84 15.49
CA ASP C 140 -15.84 -23.13 14.36
C ASP C 140 -16.58 -23.36 13.05
N VAL C 141 -17.65 -24.14 13.04
CA VAL C 141 -18.44 -24.37 11.84
C VAL C 141 -19.91 -24.33 12.20
N VAL C 142 -20.75 -24.10 11.19
CA VAL C 142 -22.19 -23.91 11.38
C VAL C 142 -22.93 -24.78 10.39
N GLN C 143 -23.96 -25.48 10.87
CA GLN C 143 -24.77 -26.33 10.01
C GLN C 143 -25.66 -25.50 9.10
N ILE C 144 -25.90 -26.01 7.90
CA ILE C 144 -26.78 -25.36 6.94
C ILE C 144 -27.69 -26.39 6.28
N ASN C 156 -24.73 -36.60 4.66
CA ASN C 156 -25.01 -36.30 6.05
C ASN C 156 -25.54 -34.87 6.18
N LYS C 157 -24.90 -34.08 7.04
CA LYS C 157 -25.28 -32.70 7.28
C LYS C 157 -24.15 -31.78 6.83
N GLU C 158 -24.48 -30.83 5.97
CA GLU C 158 -23.48 -29.89 5.47
C GLU C 158 -23.17 -28.83 6.52
N TYR C 159 -21.95 -28.30 6.43
CA TYR C 159 -21.50 -27.23 7.31
C TYR C 159 -20.77 -26.20 6.49
N ARG C 160 -20.69 -24.98 7.02
CA ARG C 160 -19.86 -23.94 6.45
C ARG C 160 -19.05 -23.29 7.56
N LEU C 161 -17.93 -22.69 7.17
CA LEU C 161 -17.09 -22.03 8.14
C LEU C 161 -17.84 -20.84 8.75
N ILE C 162 -17.57 -20.57 10.02
CA ILE C 162 -18.44 -19.71 10.83
C ILE C 162 -18.54 -18.32 10.23
N ASN C 163 -17.42 -17.71 9.91
CA ASN C 163 -17.42 -16.30 9.54
C ASN C 163 -17.56 -16.06 8.04
N CYS C 164 -17.75 -17.12 7.25
CA CYS C 164 -17.78 -16.95 5.81
C CYS C 164 -18.99 -16.15 5.33
N ASN C 165 -20.07 -16.12 6.09
CA ASN C 165 -21.24 -15.38 5.68
C ASN C 165 -21.21 -13.92 6.11
N THR C 166 -20.20 -13.51 6.88
CA THR C 166 -20.08 -12.12 7.28
C THR C 166 -18.68 -11.56 7.13
N SER C 167 -17.64 -12.38 7.09
CA SER C 167 -16.27 -11.90 7.07
C SER C 167 -15.53 -12.44 5.85
N ALA C 168 -14.23 -12.20 5.80
CA ALA C 168 -13.37 -12.48 4.66
C ALA C 168 -12.10 -13.19 5.11
N ILE C 169 -12.29 -14.30 5.82
CA ILE C 169 -11.23 -14.99 6.57
C ILE C 169 -9.92 -15.03 5.82
N THR C 170 -8.85 -14.60 6.48
CA THR C 170 -7.50 -14.66 5.94
C THR C 170 -6.60 -15.41 6.91
N GLN C 171 -5.72 -16.26 6.38
CA GLN C 171 -4.89 -17.10 7.22
C GLN C 171 -3.63 -16.35 7.64
N ALA C 172 -3.32 -16.41 8.93
CA ALA C 172 -2.06 -15.88 9.40
C ALA C 172 -0.91 -16.69 8.83
N CYS C 173 0.17 -16.01 8.50
CA CYS C 173 1.32 -16.71 7.94
C CYS C 173 1.85 -17.72 8.96
N PRO C 174 2.42 -18.83 8.50
CA PRO C 174 2.79 -19.88 9.45
C PRO C 174 3.99 -19.51 10.30
N LYS C 175 5.01 -18.90 9.71
CA LYS C 175 6.27 -18.68 10.42
C LYS C 175 6.24 -17.47 11.33
N VAL C 176 5.26 -16.58 11.19
CA VAL C 176 5.20 -15.40 12.04
C VAL C 176 4.69 -15.79 13.42
N SER C 177 5.45 -15.44 14.45
CA SER C 177 5.13 -15.84 15.81
C SER C 177 4.10 -14.89 16.42
N PHE C 178 3.21 -15.45 17.22
CA PHE C 178 2.25 -14.67 17.99
C PHE C 178 2.73 -14.39 19.40
N GLU C 179 3.86 -14.94 19.81
CA GLU C 179 4.29 -14.82 21.19
C GLU C 179 4.63 -13.36 21.46
N PRO C 180 4.20 -12.79 22.56
CA PRO C 180 4.44 -11.36 22.82
C PRO C 180 5.85 -11.12 23.30
N ILE C 181 6.69 -10.59 22.42
CA ILE C 181 8.05 -10.21 22.79
C ILE C 181 8.01 -8.91 23.59
N PRO C 182 8.70 -8.83 24.72
CA PRO C 182 8.69 -7.57 25.49
C PRO C 182 9.19 -6.41 24.65
N ILE C 183 8.49 -5.29 24.73
CA ILE C 183 8.86 -4.09 24.00
C ILE C 183 9.00 -2.95 24.99
N HIS C 184 9.68 -1.90 24.55
CA HIS C 184 9.86 -0.69 25.34
C HIS C 184 9.27 0.48 24.56
N TYR C 185 8.56 1.36 25.25
CA TYR C 185 8.05 2.58 24.65
C TYR C 185 8.92 3.75 25.06
N CYS C 186 9.40 4.49 24.07
CA CYS C 186 10.28 5.63 24.31
C CYS C 186 9.69 6.87 23.68
N ALA C 187 9.70 7.97 24.43
CA ALA C 187 9.31 9.26 23.91
C ALA C 187 10.44 9.87 23.09
N PRO C 188 10.12 10.72 22.13
CA PRO C 188 11.18 11.32 21.31
C PRO C 188 12.00 12.33 22.09
N ALA C 189 12.96 12.96 21.42
CA ALA C 189 13.76 13.97 22.08
C ALA C 189 12.89 15.15 22.49
N GLY C 190 13.29 15.81 23.57
CA GLY C 190 12.50 16.90 24.08
C GLY C 190 11.29 16.46 24.89
N PHE C 191 11.19 15.18 25.20
CA PHE C 191 10.10 14.66 26.02
C PHE C 191 10.66 13.70 27.05
N ALA C 192 9.90 13.47 28.11
CA ALA C 192 10.33 12.60 29.18
C ALA C 192 9.17 11.72 29.61
N ILE C 193 9.50 10.58 30.24
CA ILE C 193 8.51 9.69 30.79
C ILE C 193 8.67 9.72 32.30
N LEU C 194 7.61 10.07 33.01
CA LEU C 194 7.63 10.13 34.46
C LEU C 194 7.00 8.86 35.01
N LYS C 195 7.78 8.11 35.77
CA LYS C 195 7.37 6.83 36.34
C LYS C 195 7.18 7.00 37.84
N CYS C 196 6.04 6.52 38.35
CA CYS C 196 5.73 6.64 39.77
C CYS C 196 6.42 5.50 40.50
N LYS C 197 7.55 5.80 41.13
CA LYS C 197 8.31 4.79 41.85
C LYS C 197 7.57 4.27 43.08
N ASP C 198 6.56 4.99 43.55
CA ASP C 198 5.88 4.60 44.78
C ASP C 198 5.20 3.25 44.62
N LYS C 199 5.26 2.44 45.68
CA LYS C 199 4.70 1.10 45.66
C LYS C 199 3.29 1.03 46.21
N LYS C 200 2.79 2.10 46.81
CA LYS C 200 1.42 2.14 47.34
C LYS C 200 0.51 3.00 46.47
N PHE C 201 0.90 3.26 45.24
CA PHE C 201 0.17 4.19 44.38
C PHE C 201 -1.11 3.54 43.89
N ASN C 202 -2.25 4.06 44.32
CA ASN C 202 -3.54 3.61 43.83
C ASN C 202 -3.82 4.25 42.48
N GLY C 203 -5.07 4.21 42.03
CA GLY C 203 -5.43 4.63 40.69
C GLY C 203 -4.89 5.96 40.22
N THR C 204 -5.37 7.06 40.79
CA THR C 204 -4.97 8.39 40.36
C THR C 204 -4.39 9.15 41.55
N GLY C 205 -4.11 10.42 41.32
CA GLY C 205 -3.69 11.30 42.40
C GLY C 205 -2.21 11.59 42.35
N PRO C 206 -1.71 12.34 43.34
CA PRO C 206 -0.29 12.64 43.39
C PRO C 206 0.53 11.40 43.69
N CYS C 207 1.74 11.37 43.12
CA CYS C 207 2.72 10.33 43.44
C CYS C 207 3.97 11.00 43.99
N PRO C 208 4.21 10.94 45.29
CA PRO C 208 5.33 11.71 45.87
C PRO C 208 6.70 11.27 45.40
N SER C 209 6.84 10.07 44.84
CA SER C 209 8.13 9.55 44.41
C SER C 209 8.11 9.35 42.90
N VAL C 210 8.49 10.39 42.16
CA VAL C 210 8.47 10.38 40.70
C VAL C 210 9.91 10.30 40.21
N SER C 211 10.15 9.43 39.23
CA SER C 211 11.47 9.31 38.63
C SER C 211 11.35 9.43 37.12
N THR C 212 12.27 10.17 36.51
CA THR C 212 12.21 10.33 35.07
C THR C 212 12.96 9.21 34.36
N VAL C 213 12.59 9.02 33.10
CA VAL C 213 13.22 8.00 32.26
C VAL C 213 12.99 8.38 30.81
N GLN C 214 13.79 7.80 29.93
CA GLN C 214 13.65 8.02 28.50
C GLN C 214 12.91 6.89 27.80
N CYS C 215 12.96 5.67 28.35
CA CYS C 215 12.29 4.52 27.79
C CYS C 215 11.58 3.76 28.89
N THR C 216 10.37 3.30 28.60
CA THR C 216 9.62 2.53 29.57
C THR C 216 10.30 1.21 29.85
N HIS C 217 9.95 0.59 30.98
CA HIS C 217 10.44 -0.75 31.25
C HIS C 217 9.80 -1.73 30.27
N GLY C 218 10.41 -2.90 30.16
CA GLY C 218 9.92 -3.92 29.25
C GLY C 218 8.46 -4.26 29.46
N ILE C 219 7.62 -3.89 28.49
CA ILE C 219 6.19 -4.17 28.55
C ILE C 219 5.87 -5.25 27.51
N LYS C 220 5.14 -6.27 27.95
CA LYS C 220 4.77 -7.37 27.08
C LYS C 220 3.36 -7.14 26.56
N PRO C 221 3.15 -7.04 25.27
CA PRO C 221 1.80 -6.85 24.73
C PRO C 221 1.01 -8.15 24.69
N VAL C 222 0.79 -8.74 25.84
CA VAL C 222 0.04 -9.98 25.94
C VAL C 222 -1.43 -9.69 25.74
N VAL C 223 -2.17 -10.68 25.26
CA VAL C 223 -3.59 -10.55 25.02
C VAL C 223 -4.31 -11.53 25.94
N SER C 224 -5.13 -11.00 26.84
CA SER C 224 -5.93 -11.84 27.72
C SER C 224 -7.18 -11.08 28.11
N THR C 225 -8.20 -11.83 28.52
CA THR C 225 -9.50 -11.25 28.78
C THR C 225 -9.88 -11.25 30.25
N GLN C 226 -9.83 -12.39 30.92
CA GLN C 226 -10.22 -12.46 32.32
C GLN C 226 -9.05 -12.38 33.27
N LEU C 227 -7.96 -13.09 33.00
CA LEU C 227 -6.79 -13.09 33.86
C LEU C 227 -5.60 -12.57 33.08
N LEU C 228 -4.96 -11.53 33.60
CA LEU C 228 -3.76 -11.01 32.97
C LEU C 228 -2.64 -12.02 33.07
N LEU C 229 -1.82 -12.12 32.03
CA LEU C 229 -0.77 -13.12 31.97
C LEU C 229 0.58 -12.45 31.78
N ASN C 230 1.59 -12.95 32.49
CA ASN C 230 2.98 -12.53 32.34
C ASN C 230 3.14 -11.02 32.55
N GLY C 231 2.33 -10.43 33.40
CA GLY C 231 2.41 -9.01 33.65
C GLY C 231 3.48 -8.67 34.66
N SER C 232 3.38 -7.46 35.22
CA SER C 232 4.31 -6.99 36.23
C SER C 232 3.57 -6.84 37.55
N LEU C 233 4.12 -7.45 38.60
CA LEU C 233 3.45 -7.47 39.89
C LEU C 233 3.68 -6.16 40.63
N ALA C 234 2.97 -6.01 41.75
CA ALA C 234 3.19 -4.89 42.65
C ALA C 234 4.39 -5.20 43.52
N GLU C 235 4.67 -4.34 44.51
CA GLU C 235 5.83 -4.50 45.35
C GLU C 235 5.46 -4.84 46.79
N GLU C 236 4.62 -4.01 47.43
CA GLU C 236 4.31 -4.22 48.84
C GLU C 236 3.31 -5.37 49.00
N GLU C 237 2.13 -5.24 48.39
CA GLU C 237 1.12 -6.27 48.46
C GLU C 237 0.17 -6.08 47.28
N VAL C 238 -0.80 -6.99 47.15
CA VAL C 238 -1.76 -6.92 46.06
C VAL C 238 -2.51 -5.59 46.12
N MET C 239 -2.63 -4.93 44.99
CA MET C 239 -3.25 -3.63 44.90
C MET C 239 -4.50 -3.69 44.04
N ILE C 240 -5.51 -2.92 44.45
CA ILE C 240 -6.78 -2.84 43.73
C ILE C 240 -6.90 -1.41 43.18
N ARG C 241 -7.32 -1.30 41.93
CA ARG C 241 -7.39 -0.02 41.26
C ARG C 241 -8.67 0.05 40.45
N SER C 242 -9.18 1.26 40.26
CA SER C 242 -10.38 1.48 39.49
C SER C 242 -10.48 2.96 39.20
N GLU C 243 -11.62 3.38 38.65
CA GLU C 243 -11.96 4.79 38.54
C GLU C 243 -13.34 4.96 39.16
N ASN C 244 -13.39 5.54 40.35
CA ASN C 244 -14.63 5.64 41.12
C ASN C 244 -15.26 4.26 41.29
N ILE C 245 -14.58 3.45 42.10
CA ILE C 245 -14.94 2.07 42.40
C ILE C 245 -16.43 1.92 42.68
N THR C 246 -17.07 2.99 43.13
CA THR C 246 -18.52 2.96 43.32
C THR C 246 -19.26 2.73 42.01
N ASN C 247 -18.60 2.94 40.88
CA ASN C 247 -19.22 2.67 39.59
C ASN C 247 -19.22 1.17 39.29
N ASN C 248 -20.41 0.63 39.00
CA ASN C 248 -20.48 -0.77 38.62
C ASN C 248 -19.89 -0.99 37.24
N ALA C 249 -20.06 -0.03 36.33
CA ALA C 249 -19.59 -0.20 34.96
C ALA C 249 -18.08 -0.24 34.89
N LYS C 250 -17.40 0.60 35.68
CA LYS C 250 -15.94 0.65 35.61
C LYS C 250 -15.35 -0.66 36.09
N ASN C 251 -14.49 -1.26 35.26
CA ASN C 251 -13.87 -2.52 35.60
C ASN C 251 -12.91 -2.35 36.77
N ILE C 252 -12.73 -3.41 37.53
CA ILE C 252 -11.82 -3.43 38.67
C ILE C 252 -10.53 -4.06 38.22
N LEU C 253 -9.42 -3.36 38.39
CA LEU C 253 -8.10 -3.87 38.06
C LEU C 253 -7.43 -4.40 39.32
N VAL C 254 -6.87 -5.59 39.23
CA VAL C 254 -6.18 -6.22 40.35
C VAL C 254 -4.73 -6.47 39.94
N GLN C 255 -3.81 -6.23 40.85
CA GLN C 255 -2.40 -6.48 40.62
C GLN C 255 -1.85 -7.28 41.79
N PHE C 256 -1.47 -8.52 41.54
CA PHE C 256 -0.98 -9.38 42.60
C PHE C 256 0.42 -8.97 43.03
N ASN C 257 0.80 -9.39 44.23
CA ASN C 257 2.16 -9.21 44.70
C ASN C 257 3.04 -10.43 44.47
N THR C 258 2.44 -11.61 44.36
CA THR C 258 3.17 -12.82 44.04
C THR C 258 2.44 -13.55 42.93
N PRO C 259 3.18 -14.15 41.99
CA PRO C 259 2.52 -14.79 40.85
C PRO C 259 1.92 -16.13 41.24
N VAL C 260 0.87 -16.51 40.50
CA VAL C 260 0.25 -17.81 40.64
C VAL C 260 0.49 -18.56 39.34
N GLN C 261 1.22 -19.66 39.42
CA GLN C 261 1.54 -20.42 38.22
C GLN C 261 0.28 -21.02 37.63
N ILE C 262 0.20 -20.99 36.29
CA ILE C 262 -0.88 -21.63 35.55
C ILE C 262 -0.26 -22.40 34.40
N ASN C 263 -0.52 -23.70 34.35
CA ASN C 263 0.05 -24.58 33.33
C ASN C 263 -1.06 -24.98 32.37
N CYS C 264 -1.08 -24.36 31.19
CA CYS C 264 -2.09 -24.66 30.20
C CYS C 264 -1.50 -25.54 29.11
N THR C 265 -2.28 -26.51 28.64
CA THR C 265 -1.78 -27.46 27.67
C THR C 265 -2.91 -28.04 26.85
N ARG C 266 -2.72 -28.06 25.54
CA ARG C 266 -3.49 -28.93 24.66
C ARG C 266 -2.74 -30.25 24.53
N PRO C 267 -3.31 -31.37 24.98
CA PRO C 267 -2.58 -32.64 24.95
C PRO C 267 -2.76 -33.46 23.68
N ASN C 268 -3.30 -32.88 22.63
CA ASN C 268 -3.60 -33.63 21.40
C ASN C 268 -2.42 -33.51 20.44
N ASN C 269 -1.81 -34.64 20.10
CA ASN C 269 -0.74 -34.64 19.11
C ASN C 269 -1.29 -34.24 17.76
N ASN C 270 -0.87 -33.09 17.25
CA ASN C 270 -1.42 -32.52 16.03
C ASN C 270 -0.39 -32.57 14.91
N THR C 271 -0.87 -32.88 13.70
CA THR C 271 -0.04 -32.85 12.51
C THR C 271 -0.69 -31.93 11.48
N ARG C 272 0.06 -30.95 11.02
CA ARG C 272 -0.43 -30.06 9.98
C ARG C 272 -0.25 -30.68 8.61
N LYS C 273 -1.09 -30.27 7.67
CA LYS C 273 -1.01 -30.78 6.31
C LYS C 273 -1.20 -29.62 5.34
N SER C 274 -0.27 -29.49 4.41
CA SER C 274 -0.35 -28.43 3.41
C SER C 274 -1.33 -28.81 2.32
N ILE C 275 -2.17 -27.87 1.92
CA ILE C 275 -3.15 -28.05 0.87
C ILE C 275 -2.90 -27.00 -0.20
N ARG C 276 -2.82 -27.43 -1.45
CA ARG C 276 -2.57 -26.54 -2.59
C ARG C 276 -3.84 -25.74 -2.84
N ILE C 277 -4.02 -24.69 -2.05
CA ILE C 277 -5.26 -23.91 -2.13
C ILE C 277 -5.30 -23.15 -3.45
N GLY C 278 -4.17 -22.58 -3.86
CA GLY C 278 -4.09 -21.87 -5.11
C GLY C 278 -2.65 -21.84 -5.59
N PRO C 279 -2.44 -21.31 -6.79
CA PRO C 279 -1.07 -21.26 -7.33
C PRO C 279 -0.15 -20.48 -6.41
N GLY C 280 0.83 -21.16 -5.83
CA GLY C 280 1.73 -20.53 -4.90
C GLY C 280 1.18 -20.47 -3.49
N GLN C 281 -0.11 -20.15 -3.35
CA GLN C 281 -0.74 -20.11 -2.04
C GLN C 281 -0.83 -21.52 -1.48
N ALA C 282 -0.62 -21.64 -0.17
CA ALA C 282 -0.72 -22.92 0.53
C ALA C 282 -1.52 -22.71 1.80
N PHE C 283 -2.48 -23.60 2.06
CA PHE C 283 -3.33 -23.49 3.25
C PHE C 283 -3.05 -24.69 4.15
N TYR C 284 -2.71 -24.43 5.39
CA TYR C 284 -2.33 -25.48 6.32
C TYR C 284 -3.55 -25.91 7.13
N ALA C 285 -4.00 -27.14 6.91
CA ALA C 285 -5.15 -27.68 7.61
C ALA C 285 -4.71 -28.68 8.67
N THR C 286 -5.64 -29.02 9.55
CA THR C 286 -5.39 -29.99 10.60
C THR C 286 -5.61 -31.39 10.04
N GLY C 287 -4.55 -32.16 9.91
CA GLY C 287 -4.62 -33.49 9.33
C GLY C 287 -5.14 -34.51 10.33
N ASP C 288 -5.12 -35.77 9.89
CA ASP C 288 -5.56 -36.87 10.75
C ASP C 288 -4.76 -36.85 12.05
N ILE C 289 -5.45 -36.81 13.15
CA ILE C 289 -4.82 -36.64 14.45
C ILE C 289 -4.35 -37.99 14.96
N ILE C 290 -3.18 -38.01 15.58
CA ILE C 290 -2.60 -39.24 16.08
C ILE C 290 -2.73 -39.24 17.61
N GLY C 291 -2.59 -40.43 18.18
CA GLY C 291 -2.77 -40.58 19.61
C GLY C 291 -4.24 -40.47 19.97
N ASP C 292 -4.50 -40.50 21.28
CA ASP C 292 -5.86 -40.38 21.78
C ASP C 292 -6.25 -38.91 21.81
N ILE C 293 -7.42 -38.61 22.37
CA ILE C 293 -7.94 -37.25 22.39
C ILE C 293 -8.22 -36.86 23.83
N ARG C 294 -7.76 -35.68 24.22
CA ARG C 294 -8.02 -35.15 25.55
C ARG C 294 -8.31 -33.66 25.46
N GLN C 295 -9.15 -33.18 26.36
CA GLN C 295 -9.52 -31.77 26.36
C GLN C 295 -8.33 -30.91 26.79
N ALA C 296 -8.16 -29.77 26.12
CA ALA C 296 -7.12 -28.84 26.51
C ALA C 296 -7.48 -28.20 27.85
N HIS C 297 -6.56 -28.24 28.80
CA HIS C 297 -6.87 -27.83 30.16
C HIS C 297 -5.77 -26.97 30.74
N CYS C 298 -6.14 -26.20 31.76
CA CYS C 298 -5.21 -25.35 32.50
C CYS C 298 -5.19 -25.79 33.95
N ASN C 299 -4.02 -25.89 34.53
CA ASN C 299 -3.85 -26.33 35.91
C ASN C 299 -3.42 -25.14 36.77
N VAL C 300 -4.08 -24.98 37.90
CA VAL C 300 -3.74 -23.93 38.86
C VAL C 300 -3.59 -24.53 40.24
N SER C 301 -2.53 -24.14 40.95
CA SER C 301 -2.31 -24.62 42.32
C SER C 301 -3.44 -24.13 43.23
N LYS C 302 -4.26 -25.05 43.72
CA LYS C 302 -5.46 -24.65 44.46
C LYS C 302 -5.10 -23.89 45.73
N ALA C 303 -4.08 -24.34 46.47
CA ALA C 303 -3.69 -23.65 47.69
C ALA C 303 -3.20 -22.24 47.39
N THR C 304 -2.37 -22.09 46.37
CA THR C 304 -1.89 -20.76 46.01
C THR C 304 -3.03 -19.87 45.56
N TRP C 305 -3.98 -20.42 44.79
CA TRP C 305 -5.11 -19.62 44.38
C TRP C 305 -5.95 -19.18 45.57
N ASN C 306 -6.19 -20.08 46.52
CA ASN C 306 -6.96 -19.70 47.69
C ASN C 306 -6.24 -18.61 48.47
N GLU C 307 -4.92 -18.73 48.62
CA GLU C 307 -4.17 -17.71 49.35
C GLU C 307 -4.25 -16.37 48.65
N THR C 308 -4.10 -16.34 47.33
CA THR C 308 -4.12 -15.06 46.63
C THR C 308 -5.52 -14.47 46.61
N LEU C 309 -6.56 -15.31 46.56
CA LEU C 309 -7.91 -14.79 46.64
C LEU C 309 -8.18 -14.21 48.03
N GLY C 310 -7.65 -14.86 49.07
CA GLY C 310 -7.79 -14.28 50.40
C GLY C 310 -7.09 -12.94 50.52
N LYS C 311 -5.89 -12.84 49.95
CA LYS C 311 -5.21 -11.55 49.94
C LYS C 311 -6.03 -10.50 49.20
N VAL C 312 -6.61 -10.89 48.07
CA VAL C 312 -7.40 -9.96 47.28
C VAL C 312 -8.61 -9.48 48.07
N VAL C 313 -9.31 -10.39 48.72
CA VAL C 313 -10.51 -9.99 49.45
C VAL C 313 -10.15 -9.13 50.66
N LYS C 314 -9.02 -9.44 51.32
CA LYS C 314 -8.59 -8.61 52.43
C LYS C 314 -8.28 -7.20 51.96
N GLN C 315 -7.62 -7.06 50.81
CA GLN C 315 -7.34 -5.73 50.29
C GLN C 315 -8.61 -5.05 49.78
N LEU C 316 -9.60 -5.84 49.36
CA LEU C 316 -10.80 -5.28 48.76
C LEU C 316 -11.79 -4.80 49.80
N ARG C 317 -11.81 -5.42 50.98
CA ARG C 317 -12.76 -5.00 52.01
C ARG C 317 -12.51 -3.57 52.47
N LYS C 318 -11.35 -3.00 52.16
CA LYS C 318 -11.08 -1.61 52.52
C LYS C 318 -12.15 -0.67 51.97
N HIS C 319 -12.61 -0.93 50.76
CA HIS C 319 -13.56 -0.04 50.10
C HIS C 319 -15.01 -0.42 50.35
N PHE C 320 -15.28 -1.44 51.17
CA PHE C 320 -16.66 -1.81 51.45
C PHE C 320 -16.90 -2.17 52.91
N GLY C 321 -16.02 -1.76 53.81
CA GLY C 321 -16.21 -2.04 55.22
C GLY C 321 -15.81 -3.45 55.58
N ASN C 322 -15.15 -3.63 56.73
CA ASN C 322 -14.67 -4.95 57.11
C ASN C 322 -15.77 -5.77 57.76
N ASN C 323 -16.93 -5.82 57.11
CA ASN C 323 -18.00 -6.75 57.44
C ASN C 323 -18.69 -7.32 56.22
N THR C 324 -18.43 -6.77 55.03
CA THR C 324 -19.23 -7.09 53.85
C THR C 324 -18.89 -8.47 53.30
N ILE C 325 -19.91 -9.17 52.83
CA ILE C 325 -19.74 -10.48 52.22
C ILE C 325 -19.27 -10.30 50.78
N ILE C 326 -18.23 -11.03 50.41
CA ILE C 326 -17.64 -10.95 49.08
C ILE C 326 -17.78 -12.31 48.40
N ARG C 327 -18.31 -12.31 47.18
CA ARG C 327 -18.52 -13.55 46.43
C ARG C 327 -17.92 -13.42 45.04
N PHE C 328 -17.06 -14.37 44.67
CA PHE C 328 -16.57 -14.49 43.31
C PHE C 328 -17.34 -15.61 42.61
N ALA C 329 -17.93 -15.31 41.46
CA ALA C 329 -18.76 -16.31 40.80
C ALA C 329 -18.90 -16.01 39.32
N ASN C 330 -18.31 -16.86 38.48
CA ASN C 330 -18.72 -17.03 37.09
C ASN C 330 -18.52 -15.79 36.23
N SER C 331 -18.85 -15.91 34.95
CA SER C 331 -19.07 -14.77 34.08
C SER C 331 -20.57 -14.44 34.08
N SER C 332 -21.00 -13.58 33.16
CA SER C 332 -22.40 -13.25 33.03
C SER C 332 -23.01 -13.62 31.69
N GLY C 333 -22.19 -13.92 30.68
CA GLY C 333 -22.69 -14.25 29.36
C GLY C 333 -22.12 -13.32 28.30
N GLY C 334 -22.38 -13.69 27.05
CA GLY C 334 -21.92 -12.94 25.91
C GLY C 334 -21.10 -13.81 24.96
N ASP C 335 -20.19 -13.17 24.25
CA ASP C 335 -19.35 -13.89 23.30
C ASP C 335 -18.34 -14.77 24.04
N LEU C 336 -17.72 -15.67 23.29
CA LEU C 336 -16.76 -16.59 23.89
C LEU C 336 -15.56 -15.86 24.49
N GLU C 337 -15.19 -14.72 23.91
CA GLU C 337 -13.99 -14.03 24.35
C GLU C 337 -14.14 -13.37 25.71
N VAL C 338 -15.35 -13.32 26.28
CA VAL C 338 -15.58 -12.71 27.58
C VAL C 338 -16.05 -13.73 28.60
N THR C 339 -16.94 -14.64 28.22
CA THR C 339 -17.42 -15.64 29.16
C THR C 339 -16.27 -16.48 29.69
N THR C 340 -15.40 -16.93 28.80
CA THR C 340 -14.28 -17.77 29.20
C THR C 340 -13.09 -16.89 29.54
N HIS C 341 -11.92 -17.51 29.69
CA HIS C 341 -10.66 -16.81 29.95
C HIS C 341 -9.80 -17.00 28.71
N SER C 342 -9.87 -16.03 27.80
CA SER C 342 -9.23 -16.16 26.50
C SER C 342 -7.82 -15.60 26.55
N PHE C 343 -6.85 -16.40 26.11
CA PHE C 343 -5.48 -15.95 25.91
C PHE C 343 -4.95 -16.68 24.69
N ASN C 344 -3.65 -16.62 24.48
CA ASN C 344 -3.05 -17.37 23.40
C ASN C 344 -1.72 -18.00 23.83
N CYS C 345 -1.53 -19.23 23.41
CA CYS C 345 -0.24 -19.88 23.37
C CYS C 345 0.24 -19.84 21.93
N GLY C 346 1.29 -20.60 21.62
CA GLY C 346 1.80 -20.55 20.27
C GLY C 346 0.72 -20.89 19.25
N GLY C 347 0.22 -19.86 18.58
CA GLY C 347 -0.78 -19.99 17.54
C GLY C 347 -1.95 -20.91 17.84
N GLU C 348 -2.33 -21.03 19.10
CA GLU C 348 -3.32 -22.03 19.49
C GLU C 348 -4.33 -21.43 20.47
N PHE C 349 -4.89 -20.28 20.09
CA PHE C 349 -5.78 -19.50 20.95
C PHE C 349 -6.72 -20.36 21.77
N PHE C 350 -6.76 -20.10 23.08
CA PHE C 350 -7.54 -20.88 24.02
C PHE C 350 -8.79 -20.12 24.45
N TYR C 351 -9.71 -20.85 25.07
CA TYR C 351 -10.89 -20.25 25.70
C TYR C 351 -11.23 -21.13 26.90
N CYS C 352 -10.90 -20.68 28.09
CA CYS C 352 -10.95 -21.53 29.27
C CYS C 352 -12.19 -21.21 30.10
N ASN C 353 -12.94 -22.26 30.45
CA ASN C 353 -14.28 -22.12 30.99
C ASN C 353 -14.31 -21.36 32.31
N THR C 354 -13.20 -21.29 33.03
CA THR C 354 -13.13 -20.58 34.31
C THR C 354 -14.18 -21.10 35.27
N SER C 355 -15.23 -20.30 35.50
CA SER C 355 -16.35 -20.70 36.33
C SER C 355 -15.90 -21.22 37.68
N GLY C 356 -15.46 -22.49 37.71
CA GLY C 356 -15.00 -23.09 38.95
C GLY C 356 -13.78 -22.44 39.54
N LEU C 357 -13.09 -21.60 38.76
CA LEU C 357 -11.96 -20.87 39.29
C LEU C 357 -12.43 -19.78 40.26
N PHE C 358 -13.58 -19.18 39.98
CA PHE C 358 -14.20 -18.17 40.85
C PHE C 358 -15.46 -18.79 41.44
N ASN C 359 -15.34 -19.34 42.65
CA ASN C 359 -16.50 -19.96 43.29
C ASN C 359 -16.60 -19.70 44.78
N SER C 360 -15.71 -18.91 45.36
CA SER C 360 -15.69 -18.76 46.81
C SER C 360 -16.70 -17.72 47.28
N THR C 361 -17.00 -17.77 48.56
CA THR C 361 -17.99 -16.90 49.20
C THR C 361 -17.43 -16.37 50.52
N TRP C 362 -16.21 -15.83 50.47
CA TRP C 362 -15.51 -15.39 51.66
C TRP C 362 -16.40 -14.58 52.61
N ILE C 363 -16.29 -14.87 53.90
CA ILE C 363 -17.05 -14.19 54.94
C ILE C 363 -16.09 -13.82 56.06
N SER C 364 -16.52 -12.88 56.90
CA SER C 364 -15.71 -12.41 58.01
C SER C 364 -15.34 -13.53 58.98
N ASN C 377 -0.53 -28.88 48.01
CA ASN C 377 -0.72 -29.93 47.04
C ASN C 377 -1.98 -29.69 46.21
N ASP C 378 -2.43 -30.72 45.51
CA ASP C 378 -3.65 -30.68 44.71
C ASP C 378 -3.56 -29.65 43.59
N SER C 379 -4.59 -29.58 42.76
CA SER C 379 -4.62 -28.62 41.66
C SER C 379 -6.04 -28.56 41.10
N ILE C 380 -6.47 -27.36 40.75
CA ILE C 380 -7.76 -27.17 40.09
C ILE C 380 -7.53 -27.19 38.58
N THR C 381 -8.33 -27.98 37.89
CA THR C 381 -8.23 -28.16 36.45
C THR C 381 -9.34 -27.38 35.76
N LEU C 382 -8.97 -26.60 34.75
CA LEU C 382 -9.86 -25.70 34.06
C LEU C 382 -10.03 -26.20 32.64
N PRO C 383 -11.19 -26.71 32.25
CA PRO C 383 -11.38 -27.12 30.85
C PRO C 383 -11.30 -25.91 29.93
N CYS C 384 -10.74 -26.13 28.75
CA CYS C 384 -10.62 -25.08 27.75
C CYS C 384 -10.99 -25.63 26.38
N ARG C 385 -11.43 -24.75 25.51
CA ARG C 385 -11.84 -25.06 24.15
C ARG C 385 -10.99 -24.25 23.19
N ILE C 386 -10.90 -24.71 21.95
CA ILE C 386 -10.01 -24.12 20.96
C ILE C 386 -10.83 -23.55 19.82
N LYS C 387 -10.42 -22.38 19.34
CA LYS C 387 -11.00 -21.76 18.16
C LYS C 387 -9.88 -21.38 17.21
N GLN C 388 -10.14 -21.50 15.91
CA GLN C 388 -9.14 -21.15 14.90
C GLN C 388 -9.44 -19.80 14.24
N ILE C 389 -10.62 -19.63 13.67
CA ILE C 389 -11.01 -18.31 13.16
C ILE C 389 -11.48 -17.44 14.31
N ILE C 390 -10.83 -16.29 14.47
CA ILE C 390 -11.08 -15.37 15.57
C ILE C 390 -11.17 -13.96 15.00
N ASN C 391 -11.77 -13.07 15.79
CA ASN C 391 -12.02 -11.70 15.36
C ASN C 391 -11.68 -10.72 16.46
N MET C 392 -10.50 -10.86 17.05
CA MET C 392 -10.09 -9.96 18.12
C MET C 392 -10.07 -8.52 17.62
N TRP C 393 -10.55 -7.61 18.46
CA TRP C 393 -10.84 -6.24 18.03
C TRP C 393 -11.73 -6.25 16.79
N GLN C 394 -12.97 -6.68 17.02
CA GLN C 394 -13.91 -7.01 15.96
C GLN C 394 -13.87 -5.97 14.85
N ARG C 395 -13.40 -6.38 13.68
CA ARG C 395 -13.28 -5.51 12.54
C ARG C 395 -14.26 -5.98 11.48
N ILE C 396 -15.09 -5.06 10.99
CA ILE C 396 -16.16 -5.46 10.09
C ILE C 396 -15.54 -5.92 8.77
N GLY C 397 -15.54 -7.22 8.53
CA GLY C 397 -15.10 -7.74 7.25
C GLY C 397 -14.04 -8.82 7.30
N GLN C 398 -13.08 -8.72 8.21
CA GLN C 398 -11.94 -9.63 8.20
C GLN C 398 -11.78 -10.33 9.53
N ALA C 399 -11.35 -11.58 9.46
CA ALA C 399 -11.05 -12.39 10.63
C ALA C 399 -9.84 -13.25 10.32
N MET C 400 -9.15 -13.68 11.36
CA MET C 400 -7.86 -14.34 11.23
C MET C 400 -8.01 -15.83 11.51
N TYR C 401 -7.47 -16.65 10.63
CA TYR C 401 -7.47 -18.10 10.81
C TYR C 401 -6.14 -18.51 11.42
N ALA C 402 -6.18 -19.03 12.64
CA ALA C 402 -4.95 -19.47 13.30
C ALA C 402 -4.48 -20.77 12.68
N PRO C 403 -3.26 -20.84 12.17
CA PRO C 403 -2.78 -22.09 11.59
C PRO C 403 -2.62 -23.14 12.68
N PRO C 404 -2.76 -24.42 12.34
CA PRO C 404 -2.54 -25.47 13.33
C PRO C 404 -1.08 -25.56 13.72
N ILE C 405 -0.84 -26.03 14.94
CA ILE C 405 0.50 -26.13 15.50
C ILE C 405 0.82 -27.61 15.71
N GLN C 406 1.96 -28.04 15.17
CA GLN C 406 2.32 -29.46 15.24
C GLN C 406 2.62 -29.88 16.67
N GLY C 407 2.12 -31.06 17.04
CA GLY C 407 2.45 -31.67 18.31
C GLY C 407 1.74 -31.00 19.49
N VAL C 408 2.01 -31.55 20.67
CA VAL C 408 1.47 -30.97 21.88
C VAL C 408 2.10 -29.61 22.14
N ILE C 409 1.46 -28.85 23.02
CA ILE C 409 1.94 -27.52 23.38
C ILE C 409 1.78 -27.32 24.88
N ARG C 410 2.81 -26.76 25.50
CA ARG C 410 2.79 -26.40 26.91
C ARG C 410 2.91 -24.89 27.04
N CYS C 411 2.23 -24.33 28.03
CA CYS C 411 2.01 -22.90 28.10
C CYS C 411 2.25 -22.37 29.51
N VAL C 412 3.37 -22.76 30.12
CA VAL C 412 3.67 -22.31 31.47
C VAL C 412 3.79 -20.80 31.50
N SER C 413 2.92 -20.14 32.26
CA SER C 413 2.88 -18.69 32.31
C SER C 413 2.59 -18.22 33.72
N ASN C 414 3.26 -17.15 34.13
CA ASN C 414 2.89 -16.49 35.37
C ASN C 414 1.50 -15.86 35.21
N ILE C 415 0.89 -15.54 36.34
CA ILE C 415 -0.35 -14.77 36.34
C ILE C 415 -0.07 -13.49 37.11
N THR C 416 -0.80 -12.45 36.78
CA THR C 416 -0.49 -11.18 37.42
C THR C 416 -1.68 -10.52 38.08
N GLY C 417 -2.85 -10.57 37.46
CA GLY C 417 -3.99 -9.88 38.03
C GLY C 417 -5.27 -10.31 37.37
N LEU C 418 -6.37 -9.76 37.87
CA LEU C 418 -7.69 -10.10 37.38
C LEU C 418 -8.42 -8.85 36.91
N ILE C 419 -9.38 -9.04 36.03
CA ILE C 419 -10.27 -7.98 35.61
C ILE C 419 -11.64 -8.26 36.23
N LEU C 420 -11.88 -7.73 37.41
CA LEU C 420 -13.14 -7.95 38.10
C LEU C 420 -14.13 -6.84 37.79
N THR C 421 -15.41 -7.16 37.97
CA THR C 421 -16.46 -6.17 37.79
C THR C 421 -17.52 -6.41 38.84
N ARG C 422 -17.88 -5.37 39.59
CA ARG C 422 -18.89 -5.49 40.60
C ARG C 422 -20.28 -5.49 39.98
N ASP C 423 -21.19 -6.21 40.62
CA ASP C 423 -22.58 -6.24 40.21
C ASP C 423 -23.39 -5.39 41.18
N GLY C 424 -24.26 -4.54 40.64
CA GLY C 424 -25.09 -3.69 41.47
C GLY C 424 -25.93 -4.50 42.44
N GLY C 425 -25.86 -4.16 43.72
CA GLY C 425 -26.57 -4.91 44.75
C GLY C 425 -27.58 -4.03 45.47
N SER C 426 -28.67 -4.66 45.90
CA SER C 426 -29.68 -3.94 46.68
C SER C 426 -29.06 -3.42 47.96
N THR C 427 -29.35 -2.16 48.29
CA THR C 427 -28.75 -1.54 49.47
C THR C 427 -29.21 -2.21 50.76
N ASN C 428 -30.31 -2.94 50.74
CA ASN C 428 -30.74 -3.66 51.93
C ASN C 428 -29.74 -4.75 52.32
N SER C 429 -29.18 -5.43 51.32
CA SER C 429 -28.24 -6.51 51.56
C SER C 429 -26.80 -6.02 51.52
N THR C 430 -25.90 -6.85 52.04
CA THR C 430 -24.47 -6.55 52.11
C THR C 430 -23.66 -7.66 51.48
N THR C 431 -24.11 -8.17 50.33
CA THR C 431 -23.43 -9.24 49.61
C THR C 431 -23.00 -8.69 48.25
N GLU C 432 -21.71 -8.42 48.10
CA GLU C 432 -21.17 -7.91 46.85
C GLU C 432 -20.57 -9.07 46.06
N THR C 433 -21.03 -9.22 44.82
CA THR C 433 -20.58 -10.28 43.93
C THR C 433 -19.70 -9.67 42.85
N PHE C 434 -18.44 -10.06 42.83
CA PHE C 434 -17.50 -9.64 41.81
C PHE C 434 -17.41 -10.74 40.76
N ARG C 435 -17.65 -10.37 39.50
CA ARG C 435 -17.55 -11.33 38.42
C ARG C 435 -16.36 -11.00 37.55
N PRO C 436 -15.52 -11.96 37.23
CA PRO C 436 -14.36 -11.66 36.39
C PRO C 436 -14.77 -11.38 34.96
N GLY C 437 -14.74 -10.12 34.57
CA GLY C 437 -15.11 -9.68 33.24
C GLY C 437 -13.90 -9.45 32.36
N GLY C 438 -13.94 -8.37 31.60
CA GLY C 438 -12.85 -8.06 30.69
C GLY C 438 -13.36 -7.45 29.40
N GLY C 439 -12.94 -8.01 28.27
CA GLY C 439 -13.39 -7.47 27.00
C GLY C 439 -12.43 -6.47 26.41
N ASP C 440 -12.68 -5.19 26.65
CA ASP C 440 -11.85 -4.13 26.09
C ASP C 440 -10.40 -4.31 26.49
N MET C 441 -9.52 -4.40 25.50
CA MET C 441 -8.11 -4.64 25.76
C MET C 441 -7.46 -3.48 26.49
N ARG C 442 -8.01 -2.27 26.35
CA ARG C 442 -7.44 -1.10 27.02
C ARG C 442 -7.39 -1.31 28.52
N ASP C 443 -8.42 -1.97 29.08
CA ASP C 443 -8.42 -2.23 30.51
C ASP C 443 -7.27 -3.14 30.89
N ASN C 444 -6.99 -4.15 30.07
CA ASN C 444 -5.84 -5.01 30.33
C ASN C 444 -4.55 -4.23 30.27
N TRP C 445 -4.40 -3.37 29.28
CA TRP C 445 -3.12 -2.70 29.11
C TRP C 445 -2.90 -1.58 30.11
N ARG C 446 -3.97 -1.02 30.67
CA ARG C 446 -3.84 0.04 31.66
C ARG C 446 -3.18 -0.46 32.94
N SER C 447 -3.27 -1.76 33.22
CA SER C 447 -2.64 -2.31 34.41
C SER C 447 -1.12 -2.30 34.33
N GLU C 448 -0.57 -2.09 33.14
CA GLU C 448 0.86 -2.15 32.94
C GLU C 448 1.49 -0.82 32.54
N LEU C 449 0.69 0.15 32.09
CA LEU C 449 1.14 1.51 31.91
C LEU C 449 0.60 2.43 32.99
N TYR C 450 0.11 1.86 34.09
CA TYR C 450 -0.50 2.67 35.14
C TYR C 450 0.50 3.63 35.76
N LYS C 451 1.76 3.24 35.85
CA LYS C 451 2.77 4.04 36.54
C LYS C 451 3.64 4.83 35.57
N TYR C 452 3.07 5.31 34.47
CA TYR C 452 3.85 6.09 33.52
C TYR C 452 3.05 7.29 33.05
N LYS C 453 3.77 8.36 32.71
CA LYS C 453 3.14 9.56 32.16
C LYS C 453 4.10 10.18 31.15
N VAL C 454 3.53 10.89 30.18
CA VAL C 454 4.30 11.54 29.13
C VAL C 454 4.32 13.04 29.40
N VAL C 455 5.52 13.61 29.48
CA VAL C 455 5.63 15.05 29.72
C VAL C 455 6.50 15.67 28.64
N LYS C 456 6.15 16.90 28.29
CA LYS C 456 6.85 17.71 27.31
C LYS C 456 7.76 18.67 28.03
N ILE C 457 9.06 18.64 27.71
CA ILE C 457 10.01 19.55 28.31
C ILE C 457 9.82 20.95 27.73
N GLU C 458 9.88 21.95 28.59
CA GLU C 458 9.79 23.35 28.20
C GLU C 458 11.02 24.06 28.74
N PRO C 459 12.15 23.98 28.04
CA PRO C 459 13.41 24.45 28.60
C PRO C 459 13.56 25.95 28.63
N LEU C 460 12.48 26.68 28.37
CA LEU C 460 12.50 28.14 28.42
C LEU C 460 11.87 28.63 29.70
N GLY C 461 12.60 29.47 30.42
CA GLY C 461 12.07 30.09 31.62
C GLY C 461 12.47 31.54 31.69
N VAL C 462 11.74 32.30 32.51
CA VAL C 462 11.99 33.72 32.70
C VAL C 462 11.89 34.04 34.17
N ALA C 463 12.79 34.87 34.66
CA ALA C 463 12.84 35.16 36.09
C ALA C 463 13.46 36.52 36.32
N PRO C 464 13.01 37.26 37.33
CA PRO C 464 13.64 38.54 37.64
C PRO C 464 15.02 38.33 38.26
N THR C 465 15.85 39.36 38.16
CA THR C 465 17.18 39.35 38.75
C THR C 465 17.70 40.78 38.75
N ARG C 466 18.85 40.96 39.39
CA ARG C 466 19.48 42.27 39.50
C ARG C 466 20.35 42.63 38.30
N CYS C 467 20.61 41.70 37.39
CA CYS C 467 21.43 42.00 36.24
C CYS C 467 20.69 42.96 35.30
N LYS C 468 21.48 43.73 34.55
CA LYS C 468 20.94 44.63 33.54
C LYS C 468 21.95 44.66 32.40
N ARG C 469 21.63 44.00 31.29
CA ARG C 469 22.59 43.85 30.20
C ARG C 469 23.01 45.21 29.68
N ARG C 470 24.31 45.34 29.38
CA ARG C 470 24.87 46.60 28.89
C ARG C 470 24.21 47.06 27.60
N LEU D 9 24.51 14.84 39.24
CA LEU D 9 23.19 14.45 38.79
C LEU D 9 23.14 14.27 37.27
N GLY D 10 21.94 14.25 36.73
CA GLY D 10 21.74 14.04 35.31
C GLY D 10 20.53 14.80 34.81
N PHE D 11 19.88 14.24 33.80
CA PHE D 11 18.74 14.92 33.16
C PHE D 11 17.62 15.12 34.17
N LEU D 12 17.09 16.33 34.20
CA LEU D 12 15.95 16.69 35.06
C LEU D 12 16.21 16.36 36.53
N GLY D 13 17.47 16.26 36.92
CA GLY D 13 17.77 15.80 38.27
C GLY D 13 17.26 16.75 39.35
N ALA D 14 17.43 18.05 39.14
CA ALA D 14 17.13 19.04 40.16
C ALA D 14 15.83 19.79 39.88
N ALA D 15 14.87 19.13 39.24
CA ALA D 15 13.64 19.81 38.87
C ALA D 15 12.87 20.28 40.09
N GLY D 16 12.79 19.45 41.12
CA GLY D 16 12.10 19.87 42.32
C GLY D 16 12.92 20.71 43.27
N SER D 17 14.16 21.03 42.91
CA SER D 17 15.05 21.78 43.78
C SER D 17 14.71 23.27 43.73
N THR D 18 15.58 24.09 44.30
CA THR D 18 15.39 25.52 44.35
C THR D 18 15.88 26.17 43.05
N MET D 19 15.41 27.40 42.81
CA MET D 19 15.99 28.21 41.75
C MET D 19 17.50 28.30 41.88
N GLY D 20 17.99 28.52 43.10
CA GLY D 20 19.42 28.66 43.29
C GLY D 20 20.18 27.42 42.86
N ALA D 21 19.69 26.24 43.25
CA ALA D 21 20.35 25.00 42.87
C ALA D 21 20.18 24.70 41.39
N ALA D 22 18.96 24.88 40.87
CA ALA D 22 18.69 24.49 39.49
C ALA D 22 19.36 25.41 38.49
N SER D 23 19.51 26.69 38.82
CA SER D 23 20.06 27.69 37.93
C SER D 23 21.55 27.53 37.70
N MET D 24 22.19 26.49 38.22
CA MET D 24 23.59 26.23 37.95
C MET D 24 23.83 24.93 37.20
N THR D 25 22.78 24.14 36.94
CA THR D 25 22.94 22.90 36.20
C THR D 25 22.08 22.94 34.94
N LEU D 26 22.13 24.05 34.22
CA LEU D 26 21.37 24.14 32.98
C LEU D 26 21.92 23.19 31.93
N THR D 27 23.25 23.10 31.81
CA THR D 27 23.84 22.38 30.69
C THR D 27 23.54 20.89 30.75
N VAL D 28 23.55 20.30 31.95
CA VAL D 28 23.42 18.84 32.04
C VAL D 28 22.10 18.37 31.46
N GLN D 29 21.07 19.20 31.54
CA GLN D 29 19.77 18.84 30.99
C GLN D 29 19.43 19.56 29.70
N ALA D 30 20.13 20.65 29.38
CA ALA D 30 19.98 21.24 28.05
C ALA D 30 20.69 20.44 26.98
N ARG D 31 21.69 19.65 27.36
CA ARG D 31 22.43 18.85 26.38
C ARG D 31 21.56 17.77 25.78
N ASN D 32 20.60 17.24 26.54
CA ASN D 32 19.79 16.11 26.12
C ASN D 32 18.50 16.55 25.44
N LEU D 33 18.52 17.70 24.75
CA LEU D 33 17.33 18.18 24.06
C LEU D 33 17.17 17.59 22.66
N LEU D 34 18.20 16.96 22.11
CA LEU D 34 18.14 16.37 20.78
C LEU D 34 18.36 14.86 20.79
N SER D 35 18.46 14.24 21.96
CA SER D 35 18.72 12.82 22.03
C SER D 35 17.96 12.17 23.18
N LEU D 55 15.33 2.01 6.58
CA LEU D 55 14.06 1.44 7.01
C LEU D 55 12.97 1.65 5.96
N LYS D 56 11.94 0.81 6.00
CA LYS D 56 10.84 0.89 5.07
C LYS D 56 9.73 1.76 5.65
N LEU D 57 8.60 1.82 4.96
CA LEU D 57 7.47 2.66 5.38
C LEU D 57 6.47 1.87 6.23
N THR D 58 6.97 1.23 7.29
CA THR D 58 6.11 0.51 8.21
C THR D 58 5.58 1.45 9.29
N VAL D 59 4.72 0.93 10.16
CA VAL D 59 4.11 1.75 11.20
C VAL D 59 5.17 2.26 12.16
N TRP D 60 6.06 1.37 12.61
CA TRP D 60 7.12 1.80 13.51
C TRP D 60 8.03 2.82 12.85
N GLY D 61 8.35 2.59 11.57
CA GLY D 61 9.23 3.51 10.87
C GLY D 61 8.64 4.90 10.75
N ILE D 62 7.36 4.97 10.34
CA ILE D 62 6.75 6.27 10.15
C ILE D 62 6.58 6.98 11.50
N LYS D 63 6.26 6.21 12.54
CA LYS D 63 6.16 6.83 13.86
C LYS D 63 7.50 7.38 14.32
N GLN D 64 8.58 6.62 14.12
CA GLN D 64 9.88 7.10 14.52
C GLN D 64 10.29 8.34 13.74
N LEU D 65 10.04 8.35 12.43
CA LEU D 65 10.39 9.50 11.62
C LEU D 65 9.60 10.73 12.05
N GLN D 66 8.30 10.57 12.30
CA GLN D 66 7.49 11.69 12.74
C GLN D 66 7.98 12.21 14.08
N ALA D 67 8.31 11.31 15.00
CA ALA D 67 8.81 11.74 16.31
C ALA D 67 10.10 12.51 16.17
N ARG D 68 11.02 12.02 15.33
CA ARG D 68 12.29 12.69 15.15
C ARG D 68 12.10 14.10 14.59
N VAL D 69 11.30 14.21 13.54
CA VAL D 69 11.12 15.53 12.94
C VAL D 69 10.37 16.46 13.89
N LEU D 70 9.47 15.91 14.72
CA LEU D 70 8.75 16.76 15.67
C LEU D 70 9.69 17.28 16.75
N ALA D 71 10.58 16.42 17.24
CA ALA D 71 11.57 16.89 18.21
C ALA D 71 12.45 17.97 17.61
N VAL D 72 12.88 17.77 16.37
CA VAL D 72 13.72 18.78 15.72
C VAL D 72 12.96 20.09 15.59
N GLU D 73 11.69 20.02 15.18
CA GLU D 73 10.91 21.24 15.02
C GLU D 73 10.73 21.97 16.34
N ARG D 74 10.44 21.24 17.42
CA ARG D 74 10.28 21.88 18.71
C ARG D 74 11.57 22.56 19.15
N TYR D 75 12.70 21.86 19.01
CA TYR D 75 13.96 22.47 19.39
C TYR D 75 14.25 23.70 18.54
N LEU D 76 13.93 23.64 17.25
CA LEU D 76 14.20 24.79 16.40
C LEU D 76 13.35 25.98 16.80
N ARG D 77 12.09 25.73 17.18
CA ARG D 77 11.25 26.81 17.67
C ARG D 77 11.88 27.47 18.89
N ASP D 78 12.33 26.64 19.84
CA ASP D 78 12.92 27.21 21.05
C ASP D 78 14.21 27.97 20.74
N GLN D 79 15.04 27.42 19.85
CA GLN D 79 16.30 28.09 19.51
C GLN D 79 16.04 29.42 18.82
N GLN D 80 15.05 29.46 17.93
CA GLN D 80 14.71 30.72 17.29
C GLN D 80 14.21 31.73 18.30
N LEU D 81 13.40 31.28 19.26
CA LEU D 81 12.93 32.20 20.29
C LEU D 81 14.09 32.73 21.12
N LEU D 82 15.10 31.90 21.35
CA LEU D 82 16.31 32.42 21.99
C LEU D 82 17.02 33.43 21.10
N GLY D 83 17.10 33.14 19.81
CA GLY D 83 17.89 33.99 18.92
C GLY D 83 17.30 35.36 18.74
N ILE D 84 15.97 35.46 18.72
CA ILE D 84 15.36 36.75 18.42
C ILE D 84 15.67 37.75 19.52
N TRP D 85 15.70 37.30 20.78
CA TRP D 85 16.04 38.20 21.88
C TRP D 85 17.54 38.38 22.05
N GLY D 86 18.32 38.06 21.03
CA GLY D 86 19.76 38.28 21.11
C GLY D 86 20.46 37.45 22.16
N CYS D 87 19.96 36.24 22.42
CA CYS D 87 20.58 35.35 23.39
C CYS D 87 20.98 34.01 22.78
N SER D 88 21.04 33.94 21.46
CA SER D 88 21.41 32.69 20.82
C SER D 88 22.77 32.22 21.30
N GLY D 89 22.87 30.95 21.67
CA GLY D 89 24.12 30.42 22.16
C GLY D 89 24.46 30.80 23.58
N LYS D 90 23.52 31.35 24.33
CA LYS D 90 23.75 31.70 25.73
C LYS D 90 22.75 30.96 26.60
N LEU D 91 23.26 30.28 27.62
CA LEU D 91 22.37 29.56 28.53
C LEU D 91 21.59 30.52 29.40
N ILE D 92 22.26 31.50 30.00
CA ILE D 92 21.62 32.55 30.77
C ILE D 92 22.08 33.88 30.20
N CYS D 93 21.14 34.66 29.68
CA CYS D 93 21.44 35.97 29.14
C CYS D 93 20.70 37.03 29.93
N CYS D 94 21.27 38.21 30.00
CA CYS D 94 20.63 39.35 30.63
C CYS D 94 19.92 40.18 29.57
N THR D 95 18.83 40.81 29.98
CA THR D 95 17.99 41.58 29.07
C THR D 95 17.96 43.04 29.49
N ASN D 96 17.09 43.82 28.84
CA ASN D 96 16.99 45.25 29.11
C ASN D 96 15.54 45.70 29.29
N VAL D 97 14.64 44.79 29.63
CA VAL D 97 13.23 45.10 29.81
C VAL D 97 12.92 45.06 31.30
N PRO D 98 12.31 46.11 31.86
CA PRO D 98 12.02 46.11 33.29
C PRO D 98 10.99 45.06 33.66
N TRP D 99 11.12 44.55 34.87
CA TRP D 99 10.18 43.56 35.40
C TRP D 99 9.03 44.31 36.05
N ASN D 100 7.89 44.36 35.38
CA ASN D 100 6.72 44.99 35.95
C ASN D 100 6.22 44.18 37.14
N SER D 101 6.05 44.84 38.28
CA SER D 101 5.65 44.14 39.49
C SER D 101 4.26 43.53 39.40
N SER D 102 3.46 43.95 38.42
CA SER D 102 2.13 43.38 38.25
C SER D 102 2.19 41.87 38.01
N TRP D 103 3.27 41.40 37.38
CA TRP D 103 3.41 39.97 37.13
C TRP D 103 3.55 39.19 38.43
N SER D 104 4.47 39.62 39.29
CA SER D 104 4.66 38.99 40.60
C SER D 104 5.40 39.95 41.50
N ASN D 105 4.79 40.34 42.61
CA ASN D 105 5.37 41.30 43.53
C ASN D 105 6.18 40.63 44.64
N ARG D 106 6.41 39.33 44.55
CA ARG D 106 7.13 38.62 45.60
C ARG D 106 8.59 39.07 45.66
N ASN D 107 9.17 38.96 46.85
CA ASN D 107 10.56 39.32 47.05
C ASN D 107 11.48 38.37 46.31
N LEU D 108 12.63 38.89 45.85
CA LEU D 108 13.56 38.09 45.08
C LEU D 108 14.08 36.91 45.90
N SER D 109 14.51 37.17 47.13
CA SER D 109 15.08 36.11 47.95
C SER D 109 14.07 35.00 48.20
N GLU D 110 12.81 35.38 48.41
CA GLU D 110 11.77 34.38 48.65
C GLU D 110 11.66 33.43 47.46
N ILE D 111 11.53 33.98 46.25
CA ILE D 111 11.34 33.14 45.08
C ILE D 111 12.62 32.40 44.69
N TRP D 112 13.78 32.85 45.16
CA TRP D 112 15.02 32.19 44.78
C TRP D 112 15.54 31.21 45.83
N ASP D 113 14.98 31.20 47.04
CA ASP D 113 15.44 30.30 48.08
C ASP D 113 14.42 29.25 48.52
N ASN D 114 13.15 29.38 48.14
CA ASN D 114 12.14 28.45 48.62
C ASN D 114 11.45 27.67 47.51
N MET D 115 10.99 28.36 46.46
CA MET D 115 10.17 27.71 45.45
C MET D 115 10.98 26.70 44.64
N THR D 116 10.27 25.88 43.89
CA THR D 116 10.83 25.12 42.79
C THR D 116 10.43 25.74 41.46
N TRP D 117 11.11 25.34 40.40
CA TRP D 117 10.88 25.94 39.10
C TRP D 117 9.47 25.69 38.60
N LEU D 118 8.90 24.51 38.89
CA LEU D 118 7.55 24.21 38.45
C LEU D 118 6.55 25.18 39.04
N GLN D 119 6.67 25.46 40.34
CA GLN D 119 5.75 26.40 40.98
C GLN D 119 5.88 27.78 40.38
N TRP D 120 7.11 28.24 40.16
CA TRP D 120 7.32 29.56 39.59
C TRP D 120 6.73 29.65 38.19
N ASP D 121 6.91 28.61 37.39
CA ASP D 121 6.33 28.60 36.05
C ASP D 121 4.81 28.62 36.12
N LYS D 122 4.23 27.84 37.04
CA LYS D 122 2.78 27.83 37.18
C LYS D 122 2.27 29.20 37.59
N GLU D 123 3.02 29.92 38.42
CA GLU D 123 2.57 31.22 38.90
C GLU D 123 2.47 32.23 37.76
N ILE D 124 3.41 32.21 36.82
CA ILE D 124 3.49 33.23 35.78
C ILE D 124 3.04 32.68 34.43
N SER D 125 2.23 31.63 34.42
CA SER D 125 1.83 31.02 33.15
C SER D 125 1.04 31.99 32.29
N ASN D 126 0.08 32.70 32.88
CA ASN D 126 -0.77 33.58 32.10
C ASN D 126 -0.11 34.90 31.75
N TYR D 127 1.04 35.22 32.36
CA TYR D 127 1.75 36.46 32.09
C TYR D 127 2.94 36.23 31.17
N THR D 128 2.80 35.33 30.21
CA THR D 128 3.96 34.82 29.48
C THR D 128 4.08 35.39 28.07
N GLN D 129 2.98 35.55 27.33
CA GLN D 129 3.08 36.14 26.01
C GLN D 129 3.48 37.61 26.08
N ILE D 130 2.97 38.32 27.09
CA ILE D 130 3.23 39.75 27.21
C ILE D 130 4.72 39.99 27.40
N ILE D 131 5.36 39.21 28.27
CA ILE D 131 6.78 39.40 28.51
C ILE D 131 7.58 39.05 27.26
N TYR D 132 7.14 38.03 26.52
CA TYR D 132 7.84 37.71 25.27
C TYR D 132 7.78 38.87 24.30
N GLY D 133 6.60 39.48 24.15
CA GLY D 133 6.49 40.62 23.26
C GLY D 133 7.34 41.79 23.71
N LEU D 134 7.32 42.08 25.01
CA LEU D 134 8.15 43.17 25.52
C LEU D 134 9.62 42.89 25.26
N LEU D 135 10.06 41.65 25.48
CA LEU D 135 11.45 41.30 25.22
C LEU D 135 11.80 41.48 23.76
N GLU D 136 10.92 41.05 22.86
CA GLU D 136 11.21 41.16 21.43
C GLU D 136 11.33 42.62 21.02
N GLU D 137 10.39 43.47 21.45
CA GLU D 137 10.46 44.88 21.11
C GLU D 137 11.71 45.53 21.70
N SER D 138 12.04 45.18 22.95
CA SER D 138 13.24 45.76 23.56
C SER D 138 14.49 45.38 22.81
N GLN D 139 14.60 44.11 22.41
CA GLN D 139 15.79 43.69 21.68
C GLN D 139 15.86 44.36 20.32
N ASN D 140 14.73 44.49 19.64
CA ASN D 140 14.75 45.18 18.34
C ASN D 140 15.19 46.62 18.51
N GLN D 141 14.66 47.32 19.50
CA GLN D 141 15.03 48.72 19.72
C GLN D 141 16.51 48.83 20.07
N GLN D 142 17.01 47.93 20.91
CA GLN D 142 18.42 47.95 21.27
C GLN D 142 19.30 47.70 20.06
N GLU D 143 18.88 46.78 19.18
CA GLU D 143 19.68 46.50 17.99
C GLU D 143 19.70 47.70 17.05
N LYS D 144 18.55 48.35 16.87
CA LYS D 144 18.52 49.54 16.03
C LYS D 144 19.40 50.64 16.60
N ASN D 145 19.35 50.84 17.92
CA ASN D 145 20.22 51.83 18.56
C ASN D 145 21.68 51.48 18.37
N GLU D 146 22.02 50.20 18.50
CA GLU D 146 23.40 49.77 18.32
C GLU D 146 23.88 50.05 16.91
N GLN D 147 23.04 49.77 15.91
CA GLN D 147 23.40 50.07 14.53
C GLN D 147 23.60 51.56 14.33
N ASP D 148 22.70 52.38 14.89
CA ASP D 148 22.82 53.82 14.74
C ASP D 148 24.11 54.32 15.36
N LEU D 149 24.48 53.79 16.53
CA LEU D 149 25.73 54.19 17.16
C LEU D 149 26.93 53.74 16.34
N LEU D 150 26.89 52.51 15.83
CA LEU D 150 27.99 51.99 15.03
C LEU D 150 28.11 52.67 13.67
N ALA D 151 27.09 53.43 13.26
CA ALA D 151 27.21 54.20 12.03
C ALA D 151 28.34 55.21 12.11
N LEU D 152 28.45 55.90 13.24
CA LEU D 152 29.52 56.87 13.44
C LEU D 152 30.77 56.20 14.03
N ASN E 1 32.35 56.50 0.58
CA ASN E 1 32.53 55.41 1.52
C ASN E 1 31.20 54.78 1.90
N LEU E 2 31.11 53.45 1.77
CA LEU E 2 29.89 52.74 2.08
C LEU E 2 30.25 51.33 2.53
N TRP E 3 29.31 50.69 3.22
CA TRP E 3 29.50 49.32 3.67
C TRP E 3 28.19 48.56 3.52
N VAL E 4 28.28 47.24 3.59
CA VAL E 4 27.14 46.35 3.36
C VAL E 4 26.69 45.78 4.69
N THR E 5 25.38 45.66 4.86
CA THR E 5 24.78 45.08 6.06
C THR E 5 23.74 44.06 5.64
N VAL E 6 23.63 42.98 6.41
CA VAL E 6 22.65 41.94 6.15
C VAL E 6 21.46 42.15 7.07
N TYR E 7 20.28 41.91 6.54
CA TYR E 7 19.02 42.08 7.24
C TYR E 7 18.27 40.77 7.21
N TYR E 8 17.90 40.27 8.38
CA TYR E 8 17.09 39.07 8.49
C TYR E 8 15.62 39.44 8.62
N GLY E 9 14.76 38.60 8.06
CA GLY E 9 13.34 38.87 8.06
C GLY E 9 13.01 40.09 7.24
N VAL E 10 13.56 40.18 6.05
CA VAL E 10 13.31 41.29 5.14
C VAL E 10 12.10 40.95 4.27
N PRO E 11 11.15 41.87 4.10
CA PRO E 11 9.94 41.53 3.34
C PRO E 11 10.17 41.38 1.85
N VAL E 12 10.75 40.26 1.45
CA VAL E 12 10.94 39.94 0.03
C VAL E 12 10.36 38.57 -0.25
N TRP E 13 9.66 38.45 -1.37
CA TRP E 13 9.07 37.18 -1.77
C TRP E 13 9.32 36.95 -3.25
N LYS E 14 9.33 35.68 -3.64
CA LYS E 14 9.47 35.28 -5.03
C LYS E 14 8.51 34.14 -5.31
N ASP E 15 7.85 34.18 -6.46
CA ASP E 15 6.91 33.10 -6.79
C ASP E 15 7.66 31.79 -6.95
N ALA E 16 7.12 30.73 -6.35
CA ALA E 16 7.85 29.47 -6.33
C ALA E 16 6.88 28.31 -6.14
N GLU E 17 7.34 27.13 -6.54
CA GLU E 17 6.60 25.90 -6.31
C GLU E 17 6.65 25.52 -4.84
N THR E 18 5.58 24.90 -4.35
CA THR E 18 5.54 24.46 -2.96
C THR E 18 4.37 23.53 -2.69
N THR E 19 4.63 22.44 -1.98
CA THR E 19 3.55 21.55 -1.56
C THR E 19 2.71 22.22 -0.48
N LEU E 20 1.39 22.10 -0.61
CA LEU E 20 0.45 22.68 0.33
C LEU E 20 -0.34 21.57 1.01
N PHE E 21 -0.78 21.82 2.23
CA PHE E 21 -1.55 20.83 2.97
C PHE E 21 -2.96 21.33 3.24
N CYS E 22 -3.89 20.39 3.31
CA CYS E 22 -5.28 20.73 3.57
C CYS E 22 -5.48 21.13 5.03
N ALA E 23 -6.54 21.90 5.26
CA ALA E 23 -6.91 22.29 6.62
C ALA E 23 -8.38 22.63 6.60
N SER E 24 -9.16 21.93 7.41
CA SER E 24 -10.60 22.14 7.48
C SER E 24 -10.98 22.54 8.90
N ASP E 25 -12.29 22.62 9.15
CA ASP E 25 -12.83 22.93 10.47
C ASP E 25 -13.73 21.78 10.90
N ALA E 26 -13.41 21.19 12.04
CA ALA E 26 -14.18 20.05 12.55
C ALA E 26 -15.54 20.50 13.05
N LYS E 33 -17.59 11.25 10.31
CA LYS E 33 -18.00 10.61 9.07
C LYS E 33 -16.86 10.59 8.07
N HIS E 34 -16.61 9.42 7.49
CA HIS E 34 -15.55 9.28 6.50
C HIS E 34 -16.00 9.91 5.19
N ASN E 35 -15.29 10.95 4.76
CA ASN E 35 -15.61 11.66 3.53
C ASN E 35 -14.59 11.33 2.45
N VAL E 36 -15.04 11.31 1.20
CA VAL E 36 -14.15 10.97 0.10
C VAL E 36 -12.98 11.92 0.05
N TRP E 37 -13.17 13.16 0.53
CA TRP E 37 -12.04 14.04 0.83
C TRP E 37 -11.67 13.80 2.28
N ALA E 38 -10.46 13.29 2.51
CA ALA E 38 -10.08 12.86 3.84
C ALA E 38 -9.85 14.06 4.74
N THR E 39 -10.92 14.80 5.04
CA THR E 39 -10.78 15.98 5.88
C THR E 39 -10.44 15.62 7.32
N HIS E 40 -10.73 14.41 7.75
CA HIS E 40 -10.37 14.01 9.11
C HIS E 40 -8.86 13.99 9.31
N ALA E 41 -8.09 13.92 8.23
CA ALA E 41 -6.64 14.04 8.31
C ALA E 41 -6.16 15.46 8.11
N CYS E 42 -7.04 16.39 7.76
CA CYS E 42 -6.66 17.79 7.66
C CYS E 42 -6.35 18.36 9.05
N VAL E 43 -5.33 19.19 9.12
CA VAL E 43 -5.08 19.90 10.39
C VAL E 43 -6.24 20.86 10.66
N PRO E 44 -6.81 20.88 11.85
CA PRO E 44 -7.88 21.83 12.14
C PRO E 44 -7.38 23.26 12.02
N THR E 45 -8.24 24.13 11.49
CA THR E 45 -7.89 25.52 11.30
C THR E 45 -8.21 26.34 12.53
N ASP E 46 -7.52 27.47 12.65
CA ASP E 46 -7.81 28.39 13.75
C ASP E 46 -9.18 29.04 13.52
N PRO E 47 -9.91 29.34 14.60
CA PRO E 47 -11.21 29.98 14.43
C PRO E 47 -11.16 31.30 13.69
N ASN E 48 -10.10 32.08 13.90
CA ASN E 48 -9.93 33.39 13.27
C ASN E 48 -8.65 33.38 12.45
N PRO E 49 -8.74 33.09 11.15
CA PRO E 49 -7.54 33.15 10.31
C PRO E 49 -6.98 34.56 10.27
N GLN E 50 -5.65 34.64 10.33
CA GLN E 50 -5.01 35.95 10.23
C GLN E 50 -5.14 36.46 8.80
N GLU E 51 -5.39 37.76 8.67
CA GLU E 51 -5.59 38.39 7.37
C GLU E 51 -4.98 39.79 7.45
N ILE E 52 -3.93 40.02 6.66
CA ILE E 52 -3.16 41.25 6.74
C ILE E 52 -3.24 41.95 5.39
N HIS E 53 -3.68 43.21 5.41
CA HIS E 53 -3.68 44.02 4.20
C HIS E 53 -2.26 44.48 3.88
N LEU E 54 -2.04 44.79 2.61
CA LEU E 54 -0.74 45.23 2.12
C LEU E 54 -0.94 46.54 1.38
N GLU E 55 -0.45 47.62 1.93
CA GLU E 55 -0.60 48.93 1.31
C GLU E 55 0.55 49.20 0.35
N ASN E 56 0.23 49.90 -0.75
CA ASN E 56 1.22 50.29 -1.76
C ASN E 56 1.89 49.09 -2.40
N VAL E 57 1.20 47.96 -2.50
CA VAL E 57 1.79 46.73 -3.03
C VAL E 57 1.09 46.39 -4.34
N THR E 58 1.88 46.25 -5.40
CA THR E 58 1.38 45.83 -6.71
C THR E 58 2.15 44.60 -7.15
N GLU E 59 1.44 43.52 -7.41
CA GLU E 59 2.05 42.25 -7.79
C GLU E 59 1.32 41.67 -8.99
N GLU E 60 2.07 41.04 -9.88
CA GLU E 60 1.46 40.38 -11.03
C GLU E 60 0.79 39.09 -10.61
N PHE E 61 -0.24 38.71 -11.38
CA PHE E 61 -0.96 37.47 -11.16
C PHE E 61 -1.17 36.80 -12.50
N ASN E 62 -1.29 35.48 -12.47
CA ASN E 62 -1.57 34.72 -13.69
C ASN E 62 -2.35 33.48 -13.28
N MET E 63 -3.67 33.55 -13.44
CA MET E 63 -4.51 32.40 -13.11
C MET E 63 -4.17 31.20 -13.98
N TRP E 64 -3.69 31.44 -15.19
CA TRP E 64 -3.47 30.35 -16.14
C TRP E 64 -2.12 29.67 -15.96
N LYS E 65 -1.11 30.39 -15.50
CA LYS E 65 0.18 29.80 -15.18
C LYS E 65 0.27 29.39 -13.73
N ASN E 66 -0.83 29.51 -12.97
CA ASN E 66 -0.82 29.14 -11.57
C ASN E 66 -0.62 27.64 -11.43
N ASN E 67 0.30 27.25 -10.56
CA ASN E 67 0.53 25.85 -10.27
C ASN E 67 -0.37 25.31 -9.17
N MET E 68 -1.03 26.19 -8.42
CA MET E 68 -1.88 25.72 -7.33
C MET E 68 -3.01 24.86 -7.86
N VAL E 69 -3.59 25.25 -9.00
CA VAL E 69 -4.68 24.47 -9.57
C VAL E 69 -4.20 23.09 -9.98
N GLU E 70 -3.02 23.00 -10.60
CA GLU E 70 -2.51 21.71 -11.00
C GLU E 70 -2.23 20.82 -9.79
N GLN E 71 -1.59 21.40 -8.77
CA GLN E 71 -1.28 20.63 -7.58
C GLN E 71 -2.55 20.13 -6.91
N MET E 72 -3.57 20.97 -6.83
CA MET E 72 -4.79 20.56 -6.15
C MET E 72 -5.61 19.59 -6.99
N HIS E 73 -5.51 19.66 -8.31
CA HIS E 73 -6.10 18.63 -9.15
C HIS E 73 -5.45 17.28 -8.90
N THR E 74 -4.10 17.26 -8.87
CA THR E 74 -3.40 16.03 -8.53
C THR E 74 -3.83 15.51 -7.17
N ASP E 75 -3.98 16.42 -6.20
CA ASP E 75 -4.46 16.03 -4.89
C ASP E 75 -5.80 15.33 -5.01
N ILE E 76 -6.81 16.02 -5.57
CA ILE E 76 -8.16 15.48 -5.61
C ILE E 76 -8.17 14.11 -6.27
N ILE E 77 -7.38 13.94 -7.33
CA ILE E 77 -7.26 12.63 -7.94
C ILE E 77 -6.74 11.61 -6.93
N SER E 78 -5.71 11.99 -6.17
CA SER E 78 -5.12 11.05 -5.22
C SER E 78 -6.13 10.63 -4.15
N LEU E 79 -6.83 11.60 -3.57
CA LEU E 79 -7.84 11.25 -2.57
C LEU E 79 -8.94 10.40 -3.17
N TRP E 80 -9.37 10.71 -4.39
CA TRP E 80 -10.43 9.93 -5.00
C TRP E 80 -10.03 8.47 -5.17
N ASP E 81 -8.80 8.23 -5.65
CA ASP E 81 -8.36 6.85 -5.78
C ASP E 81 -8.18 6.18 -4.42
N GLN E 82 -7.62 6.91 -3.46
CA GLN E 82 -7.34 6.32 -2.16
C GLN E 82 -8.63 5.92 -1.46
N SER E 83 -9.68 6.71 -1.60
CA SER E 83 -10.95 6.33 -1.01
C SER E 83 -11.53 5.08 -1.65
N LEU E 84 -11.13 4.76 -2.87
CA LEU E 84 -11.61 3.56 -3.54
C LEU E 84 -10.80 2.33 -3.25
N LYS E 85 -9.52 2.48 -2.89
CA LYS E 85 -8.71 1.28 -2.63
C LYS E 85 -9.33 0.34 -1.61
N PRO E 86 -9.77 0.78 -0.41
CA PRO E 86 -10.35 -0.15 0.57
C PRO E 86 -11.85 -0.34 0.40
N CYS E 87 -12.28 -0.57 -0.84
CA CYS E 87 -13.69 -0.76 -1.14
C CYS E 87 -13.87 -2.11 -1.85
N VAL E 88 -15.13 -2.53 -1.93
CA VAL E 88 -15.43 -3.87 -2.42
C VAL E 88 -15.19 -3.95 -3.92
N LYS E 89 -14.45 -4.98 -4.34
CA LYS E 89 -14.26 -5.23 -5.77
C LYS E 89 -15.56 -5.73 -6.37
N LEU E 90 -15.80 -5.37 -7.63
CA LEU E 90 -17.08 -5.67 -8.26
C LEU E 90 -16.89 -6.42 -9.57
N THR E 91 -15.80 -7.17 -9.71
CA THR E 91 -15.62 -7.98 -10.91
C THR E 91 -16.72 -9.01 -11.12
N PRO E 92 -17.21 -9.75 -10.10
CA PRO E 92 -18.17 -10.82 -10.40
C PRO E 92 -19.50 -10.32 -10.97
N LEU E 93 -19.64 -9.01 -11.14
CA LEU E 93 -20.84 -8.49 -11.77
C LEU E 93 -20.86 -8.65 -13.28
N CYS E 94 -19.70 -8.80 -13.91
CA CYS E 94 -19.66 -8.89 -15.36
C CYS E 94 -20.19 -10.25 -15.82
N VAL E 95 -21.51 -10.43 -15.75
CA VAL E 95 -22.16 -11.68 -16.11
C VAL E 95 -23.30 -11.33 -17.07
N THR E 96 -23.73 -12.32 -17.85
CA THR E 96 -24.88 -12.14 -18.72
C THR E 96 -26.10 -11.76 -17.89
N LEU E 97 -26.82 -10.74 -18.35
CA LEU E 97 -27.98 -10.21 -17.64
C LEU E 97 -29.21 -10.47 -18.49
N GLN E 98 -30.15 -11.25 -17.96
CA GLN E 98 -31.44 -11.41 -18.63
C GLN E 98 -32.30 -10.21 -18.23
N CYS E 99 -32.48 -9.28 -19.15
CA CYS E 99 -33.14 -8.03 -18.87
C CYS E 99 -34.47 -7.94 -19.61
N THR E 100 -35.46 -7.40 -18.92
CA THR E 100 -36.75 -7.06 -19.47
C THR E 100 -37.04 -5.58 -19.25
N ASN E 101 -37.94 -5.04 -20.06
CA ASN E 101 -38.37 -3.67 -19.89
C ASN E 101 -39.27 -3.55 -18.66
N VAL E 102 -39.16 -2.44 -17.96
CA VAL E 102 -39.98 -2.21 -16.78
C VAL E 102 -40.97 -1.09 -17.04
N ASN E 104 -44.20 -0.42 -16.63
CA ASN E 104 -44.62 -0.61 -15.25
C ASN E 104 -44.82 0.73 -14.55
N ASN E 105 -46.04 1.27 -14.65
CA ASN E 105 -46.41 2.57 -14.10
C ASN E 105 -45.33 3.62 -14.34
N ILE E 106 -44.97 3.78 -15.61
CA ILE E 106 -43.88 4.65 -16.02
C ILE E 106 -44.42 5.68 -17.01
N THR E 107 -44.03 6.93 -16.83
CA THR E 107 -44.45 7.97 -17.75
C THR E 107 -43.79 7.78 -19.12
N ASP E 108 -44.26 8.56 -20.08
CA ASP E 108 -43.73 8.44 -21.44
C ASP E 108 -42.26 8.84 -21.52
N ASP E 109 -41.76 9.61 -20.56
CA ASP E 109 -40.37 10.05 -20.63
C ASP E 109 -39.42 8.90 -20.32
N MET E 110 -39.70 8.13 -19.27
CA MET E 110 -38.82 7.06 -18.83
C MET E 110 -39.13 5.72 -19.47
N ARG E 111 -39.69 5.74 -20.67
CA ARG E 111 -39.94 4.48 -21.38
C ARG E 111 -38.61 3.91 -21.88
N GLY E 112 -38.24 2.75 -21.36
CA GLY E 112 -37.05 2.08 -21.81
C GLY E 112 -35.76 2.56 -21.20
N GLU E 113 -35.81 3.49 -20.25
CA GLU E 113 -34.61 4.00 -19.60
C GLU E 113 -34.34 3.32 -18.27
N LEU E 114 -35.14 2.32 -17.90
CA LEU E 114 -34.88 1.49 -16.73
C LEU E 114 -35.06 0.04 -17.13
N LYS E 115 -34.12 -0.81 -16.75
CA LYS E 115 -34.10 -2.21 -17.14
C LYS E 115 -34.18 -3.09 -15.91
N ASN E 116 -35.11 -4.03 -15.91
CA ASN E 116 -35.23 -5.02 -14.84
C ASN E 116 -34.40 -6.23 -15.25
N CYS E 117 -33.21 -6.36 -14.67
CA CYS E 117 -32.26 -7.39 -15.07
C CYS E 117 -32.09 -8.40 -13.96
N SER E 118 -32.30 -9.67 -14.28
CA SER E 118 -32.02 -10.78 -13.38
C SER E 118 -30.81 -11.54 -13.90
N PHE E 119 -30.02 -12.08 -12.98
CA PHE E 119 -28.78 -12.73 -13.37
C PHE E 119 -28.31 -13.63 -12.24
N ASN E 120 -27.11 -14.18 -12.39
CA ASN E 120 -26.55 -15.14 -11.46
C ASN E 120 -25.38 -14.52 -10.72
N MET E 121 -25.26 -14.84 -9.44
CA MET E 121 -24.16 -14.34 -8.63
C MET E 121 -23.59 -15.46 -7.77
N THR E 122 -22.30 -15.34 -7.48
CA THR E 122 -21.67 -16.21 -6.50
C THR E 122 -22.08 -15.79 -5.10
N THR E 123 -22.56 -16.74 -4.31
CA THR E 123 -23.09 -16.43 -2.99
C THR E 123 -21.94 -16.33 -1.99
N GLU E 124 -22.28 -16.33 -0.69
CA GLU E 124 -21.25 -16.32 0.33
C GLU E 124 -20.37 -17.54 0.23
N LEU E 125 -20.97 -18.71 0.00
CA LEU E 125 -20.21 -19.93 -0.30
C LEU E 125 -19.81 -19.90 -1.76
N ARG E 126 -19.32 -21.01 -2.29
CA ARG E 126 -18.96 -21.00 -3.70
C ARG E 126 -19.58 -22.15 -4.47
N ASP E 127 -19.90 -23.25 -3.79
CA ASP E 127 -20.53 -24.36 -4.48
C ASP E 127 -21.93 -24.03 -4.97
N LYS E 128 -22.50 -22.92 -4.52
CA LYS E 128 -23.83 -22.51 -4.93
C LYS E 128 -23.79 -21.13 -5.58
N LYS E 129 -24.80 -20.86 -6.40
CA LYS E 129 -25.00 -19.55 -6.98
C LYS E 129 -26.47 -19.18 -6.83
N GLN E 130 -26.73 -17.87 -6.82
CA GLN E 130 -28.06 -17.36 -6.56
C GLN E 130 -28.57 -16.55 -7.75
N LYS E 131 -29.87 -16.60 -7.97
CA LYS E 131 -30.53 -15.75 -8.95
C LYS E 131 -30.93 -14.45 -8.28
N VAL E 132 -30.43 -13.34 -8.78
CA VAL E 132 -30.62 -12.03 -8.16
C VAL E 132 -31.12 -11.07 -9.22
N TYR E 133 -32.16 -10.30 -8.89
CA TYR E 133 -32.72 -9.29 -9.77
C TYR E 133 -32.35 -7.91 -9.29
N SER E 134 -32.28 -6.96 -10.22
CA SER E 134 -31.93 -5.59 -9.89
C SER E 134 -32.42 -4.67 -11.00
N LEU E 135 -32.30 -3.37 -10.74
CA LEU E 135 -32.68 -2.34 -11.69
C LEU E 135 -31.44 -1.61 -12.16
N PHE E 136 -31.29 -1.47 -13.47
CA PHE E 136 -30.14 -0.77 -14.03
C PHE E 136 -30.62 0.31 -15.00
N TYR E 137 -29.96 1.46 -14.95
CA TYR E 137 -30.27 2.50 -15.91
C TYR E 137 -29.72 2.13 -17.29
N ARG E 138 -30.44 2.56 -18.32
CA ARG E 138 -30.11 2.15 -19.68
C ARG E 138 -28.69 2.56 -20.06
N LEU E 139 -28.17 3.63 -19.48
CA LEU E 139 -26.83 4.08 -19.81
C LEU E 139 -25.74 3.19 -19.25
N ASP E 140 -26.09 2.22 -18.39
CA ASP E 140 -25.09 1.35 -17.79
C ASP E 140 -25.03 -0.04 -18.41
N VAL E 141 -25.96 -0.38 -19.30
CA VAL E 141 -26.01 -1.71 -19.87
C VAL E 141 -26.02 -1.60 -21.38
N VAL E 142 -25.50 -2.63 -22.04
CA VAL E 142 -25.44 -2.70 -23.49
C VAL E 142 -25.81 -4.11 -23.91
N GLN E 143 -26.62 -4.21 -24.97
CA GLN E 143 -26.98 -5.51 -25.50
C GLN E 143 -25.77 -6.20 -26.12
N ILE E 144 -25.76 -7.52 -26.06
CA ILE E 144 -24.67 -8.29 -26.63
C ILE E 144 -24.96 -8.63 -28.08
N ASN E 156 -37.15 -11.71 -23.26
CA ASN E 156 -36.11 -10.91 -22.62
C ASN E 156 -34.80 -10.98 -23.39
N LYS E 157 -33.93 -9.99 -23.20
CA LYS E 157 -32.70 -9.95 -23.96
C LYS E 157 -31.49 -9.97 -23.03
N GLU E 158 -30.37 -10.40 -23.57
CA GLU E 158 -29.14 -10.51 -22.80
C GLU E 158 -28.35 -9.21 -22.93
N TYR E 159 -28.12 -8.55 -21.80
CA TYR E 159 -27.30 -7.35 -21.72
C TYR E 159 -26.09 -7.61 -20.84
N ARG E 160 -25.17 -6.66 -20.85
CA ARG E 160 -24.02 -6.72 -19.97
C ARG E 160 -23.64 -5.30 -19.56
N LEU E 161 -22.90 -5.19 -18.47
CA LEU E 161 -22.53 -3.88 -17.97
C LEU E 161 -21.68 -3.14 -18.98
N ILE E 162 -21.79 -1.81 -18.97
CA ILE E 162 -21.15 -0.99 -20.00
C ILE E 162 -19.64 -1.12 -19.93
N ASN E 163 -19.08 -1.31 -18.75
CA ASN E 163 -17.64 -1.52 -18.61
C ASN E 163 -17.41 -2.97 -18.20
N CYS E 164 -17.34 -3.84 -19.21
CA CYS E 164 -17.00 -5.24 -18.97
C CYS E 164 -15.90 -5.66 -19.94
N ASN E 165 -15.88 -5.07 -21.13
CA ASN E 165 -14.80 -5.29 -22.07
C ASN E 165 -13.71 -4.25 -21.96
N THR E 166 -13.85 -3.28 -21.07
CA THR E 166 -12.82 -2.29 -20.83
C THR E 166 -12.88 -1.87 -19.36
N SER E 167 -11.73 -1.84 -18.72
CA SER E 167 -11.59 -1.40 -17.32
C SER E 167 -12.31 -2.32 -16.35
N ALA E 168 -11.98 -2.19 -15.06
CA ALA E 168 -12.64 -2.93 -13.99
C ALA E 168 -13.58 -2.00 -13.24
N ILE E 169 -14.44 -2.60 -12.42
CA ILE E 169 -15.45 -1.87 -11.68
C ILE E 169 -15.20 -2.08 -10.20
N THR E 170 -15.06 -0.99 -9.46
CA THR E 170 -14.94 -1.04 -8.00
C THR E 170 -16.08 -0.21 -7.41
N GLN E 171 -16.80 -0.80 -6.47
CA GLN E 171 -17.95 -0.12 -5.88
C GLN E 171 -17.49 0.81 -4.76
N ALA E 172 -17.93 2.06 -4.82
CA ALA E 172 -17.65 3.00 -3.74
C ALA E 172 -18.36 2.54 -2.48
N CYS E 173 -17.65 2.52 -1.38
CA CYS E 173 -18.24 2.06 -0.12
C CYS E 173 -19.37 3.00 0.28
N PRO E 174 -20.57 2.50 0.51
CA PRO E 174 -21.75 3.36 0.70
C PRO E 174 -21.81 4.04 2.05
N LYS E 175 -20.66 4.56 2.49
CA LYS E 175 -20.59 5.36 3.70
C LYS E 175 -19.69 6.56 3.55
N VAL E 176 -19.15 6.82 2.36
CA VAL E 176 -18.31 7.97 2.11
C VAL E 176 -19.19 9.08 1.56
N SER E 177 -19.23 10.21 2.25
CA SER E 177 -20.07 11.31 1.81
C SER E 177 -19.42 11.99 0.62
N PHE E 178 -20.06 11.93 -0.54
CA PHE E 178 -19.53 12.55 -1.74
C PHE E 178 -19.74 14.06 -1.75
N GLU E 179 -20.34 14.61 -0.71
CA GLU E 179 -20.55 16.05 -0.65
C GLU E 179 -19.19 16.76 -0.60
N PRO E 180 -19.06 17.90 -1.25
CA PRO E 180 -17.81 18.66 -1.16
C PRO E 180 -17.76 19.44 0.14
N ILE E 181 -16.94 18.97 1.08
CA ILE E 181 -16.71 19.69 2.33
C ILE E 181 -15.59 20.70 2.08
N PRO E 182 -15.80 21.97 2.39
CA PRO E 182 -14.77 22.98 2.07
C PRO E 182 -13.44 22.64 2.71
N ILE E 183 -12.37 22.82 1.95
CA ILE E 183 -11.01 22.59 2.43
C ILE E 183 -10.18 23.82 2.10
N HIS E 184 -9.38 24.26 3.08
CA HIS E 184 -8.48 25.39 2.89
C HIS E 184 -7.09 24.86 2.62
N TYR E 185 -6.49 25.27 1.51
CA TYR E 185 -5.13 24.89 1.20
C TYR E 185 -4.18 25.86 1.87
N CYS E 186 -3.19 25.33 2.59
CA CYS E 186 -2.27 26.17 3.34
C CYS E 186 -0.84 25.78 3.05
N ALA E 187 -0.01 26.78 2.75
CA ALA E 187 1.41 26.63 2.52
C ALA E 187 2.15 26.53 3.85
N PRO E 188 3.26 25.81 3.88
CA PRO E 188 3.99 25.66 5.15
C PRO E 188 4.67 26.95 5.56
N ALA E 189 5.41 26.89 6.67
CA ALA E 189 6.12 28.07 7.15
C ALA E 189 7.18 28.49 6.13
N GLY E 190 7.48 29.77 6.11
CA GLY E 190 8.39 30.32 5.14
C GLY E 190 7.77 30.60 3.79
N PHE E 191 6.50 30.28 3.61
CA PHE E 191 5.78 30.59 2.39
C PHE E 191 4.54 31.39 2.74
N ALA E 192 4.02 32.10 1.74
CA ALA E 192 2.87 32.95 1.95
C ALA E 192 1.90 32.80 0.79
N ILE E 193 0.66 33.19 1.04
CA ILE E 193 -0.38 33.21 0.03
C ILE E 193 -0.82 34.65 -0.16
N LEU E 194 -0.88 35.09 -1.41
CA LEU E 194 -1.31 36.43 -1.74
C LEU E 194 -2.68 36.36 -2.39
N LYS E 195 -3.61 37.16 -1.89
CA LYS E 195 -5.00 37.17 -2.34
C LYS E 195 -5.29 38.50 -3.02
N CYS E 196 -5.83 38.46 -4.23
CA CYS E 196 -6.10 39.66 -4.99
C CYS E 196 -7.46 40.21 -4.58
N LYS E 197 -7.45 41.29 -3.80
CA LYS E 197 -8.69 41.89 -3.33
C LYS E 197 -9.37 42.77 -4.38
N ASP E 198 -8.72 43.00 -5.51
CA ASP E 198 -9.27 43.85 -6.56
C ASP E 198 -10.53 43.21 -7.12
N LYS E 199 -11.69 43.80 -6.84
CA LYS E 199 -12.96 43.21 -7.25
C LYS E 199 -13.11 43.17 -8.76
N LYS E 200 -12.43 44.06 -9.48
CA LYS E 200 -12.52 44.13 -10.94
C LYS E 200 -11.34 43.43 -11.62
N PHE E 201 -10.82 42.37 -11.00
CA PHE E 201 -9.61 41.72 -11.48
C PHE E 201 -9.98 40.64 -12.50
N ASN E 202 -9.50 40.81 -13.73
CA ASN E 202 -9.65 39.78 -14.74
C ASN E 202 -8.58 38.72 -14.51
N GLY E 203 -8.36 37.85 -15.49
CA GLY E 203 -7.46 36.72 -15.33
C GLY E 203 -6.07 37.04 -14.86
N THR E 204 -5.28 37.73 -15.69
CA THR E 204 -3.88 37.98 -15.40
C THR E 204 -3.65 39.45 -15.09
N GLY E 205 -2.38 39.80 -14.92
CA GLY E 205 -2.00 41.19 -14.80
C GLY E 205 -1.74 41.63 -13.38
N PRO E 206 -1.38 42.89 -13.19
CA PRO E 206 -1.15 43.40 -11.84
C PRO E 206 -2.43 43.49 -11.05
N CYS E 207 -2.30 43.35 -9.73
CA CYS E 207 -3.43 43.46 -8.80
C CYS E 207 -3.06 44.47 -7.72
N PRO E 208 -3.45 45.73 -7.88
CA PRO E 208 -3.08 46.75 -6.88
C PRO E 208 -3.57 46.43 -5.48
N SER E 209 -4.74 45.82 -5.34
CA SER E 209 -5.30 45.50 -4.03
C SER E 209 -5.00 44.04 -3.72
N VAL E 210 -3.79 43.79 -3.21
CA VAL E 210 -3.33 42.45 -2.87
C VAL E 210 -3.02 42.40 -1.39
N SER E 211 -3.53 41.37 -0.72
CA SER E 211 -3.33 41.20 0.71
C SER E 211 -2.81 39.81 0.99
N THR E 212 -1.83 39.70 1.88
CA THR E 212 -1.35 38.38 2.25
C THR E 212 -2.35 37.71 3.18
N VAL E 213 -2.24 36.39 3.27
CA VAL E 213 -3.09 35.59 4.16
C VAL E 213 -2.27 34.40 4.63
N GLN E 214 -2.66 33.85 5.78
CA GLN E 214 -2.01 32.64 6.24
C GLN E 214 -2.24 31.51 5.25
N CYS E 215 -3.49 31.31 4.83
CA CYS E 215 -3.78 30.28 3.85
C CYS E 215 -5.21 30.48 3.35
N THR E 216 -5.56 29.69 2.34
CA THR E 216 -6.72 29.96 1.51
C THR E 216 -8.01 29.95 2.32
N HIS E 217 -9.05 30.53 1.72
CA HIS E 217 -10.38 30.55 2.32
C HIS E 217 -11.08 29.23 2.01
N GLY E 218 -12.36 29.14 2.36
CA GLY E 218 -13.11 27.93 2.12
C GLY E 218 -13.25 27.60 0.65
N ILE E 219 -12.60 26.54 0.21
CA ILE E 219 -12.66 26.09 -1.18
C ILE E 219 -13.44 24.79 -1.20
N LYS E 220 -14.52 24.76 -1.98
CA LYS E 220 -15.32 23.57 -2.12
C LYS E 220 -14.92 22.84 -3.39
N PRO E 221 -14.42 21.62 -3.30
CA PRO E 221 -14.04 20.87 -4.51
C PRO E 221 -15.27 20.32 -5.24
N VAL E 222 -16.17 21.22 -5.62
CA VAL E 222 -17.39 20.82 -6.30
C VAL E 222 -17.03 20.21 -7.64
N VAL E 223 -17.67 19.09 -7.96
CA VAL E 223 -17.38 18.34 -9.18
C VAL E 223 -18.51 18.62 -10.17
N SER E 224 -18.19 19.32 -11.25
CA SER E 224 -19.19 19.65 -12.26
C SER E 224 -18.47 19.94 -13.56
N THR E 225 -19.25 19.90 -14.65
CA THR E 225 -18.67 20.02 -15.98
C THR E 225 -19.16 21.24 -16.75
N GLN E 226 -20.47 21.43 -16.88
CA GLN E 226 -20.95 22.50 -17.72
C GLN E 226 -21.14 23.80 -16.96
N LEU E 227 -21.71 23.74 -15.77
CA LEU E 227 -21.89 24.91 -14.93
C LEU E 227 -21.06 24.76 -13.66
N LEU E 228 -20.88 25.87 -12.96
CA LEU E 228 -20.18 25.88 -11.69
C LEU E 228 -21.21 25.91 -10.57
N LEU E 229 -21.14 24.94 -9.68
CA LEU E 229 -22.12 24.83 -8.61
C LEU E 229 -21.52 25.31 -7.30
N ASN E 230 -22.35 25.97 -6.50
CA ASN E 230 -21.94 26.48 -5.20
C ASN E 230 -20.73 27.38 -5.38
N GLY E 231 -19.58 26.98 -4.86
CA GLY E 231 -18.39 27.76 -5.13
C GLY E 231 -18.46 29.15 -4.50
N SER E 232 -17.74 30.09 -5.11
CA SER E 232 -17.62 31.44 -4.60
C SER E 232 -18.09 32.44 -5.66
N LEU E 233 -18.80 33.47 -5.20
CA LEU E 233 -19.36 34.47 -6.10
C LEU E 233 -18.38 35.64 -6.27
N ALA E 234 -18.76 36.57 -7.14
CA ALA E 234 -17.99 37.79 -7.32
C ALA E 234 -18.41 38.79 -6.25
N GLU E 235 -17.93 40.02 -6.34
CA GLU E 235 -18.29 41.07 -5.39
C GLU E 235 -19.06 42.21 -6.08
N GLU E 236 -18.50 42.81 -7.12
CA GLU E 236 -19.16 43.95 -7.76
C GLU E 236 -20.20 43.49 -8.77
N GLU E 237 -19.75 42.78 -9.81
CA GLU E 237 -20.66 42.37 -10.87
C GLU E 237 -20.06 41.19 -11.60
N VAL E 238 -20.87 40.54 -12.44
CA VAL E 238 -20.45 39.36 -13.16
C VAL E 238 -19.20 39.67 -13.97
N MET E 239 -18.24 38.75 -13.94
CA MET E 239 -16.95 38.94 -14.59
C MET E 239 -16.69 37.79 -15.55
N ILE E 240 -16.00 38.12 -16.64
CA ILE E 240 -15.62 37.17 -17.68
C ILE E 240 -14.10 37.06 -17.67
N ARG E 241 -13.58 35.93 -17.22
CA ARG E 241 -12.15 35.72 -17.16
C ARG E 241 -11.76 34.60 -18.12
N SER E 242 -10.66 34.79 -18.84
CA SER E 242 -10.20 33.76 -19.75
C SER E 242 -8.74 34.03 -20.10
N GLU E 243 -8.16 33.09 -20.84
CA GLU E 243 -6.95 33.38 -21.59
C GLU E 243 -7.38 34.17 -22.81
N ASN E 244 -6.54 34.24 -23.84
CA ASN E 244 -6.85 35.06 -25.01
C ASN E 244 -8.28 34.83 -25.46
N ILE E 245 -9.13 35.84 -25.32
CA ILE E 245 -10.51 35.71 -25.75
C ILE E 245 -10.57 35.55 -27.25
N THR E 246 -9.50 35.92 -27.95
CA THR E 246 -9.39 35.63 -29.37
C THR E 246 -9.33 34.13 -29.63
N ASN E 247 -8.89 33.36 -28.64
CA ASN E 247 -8.67 31.92 -28.83
C ASN E 247 -9.99 31.19 -28.68
N ASN E 248 -10.47 30.62 -29.78
CA ASN E 248 -11.67 29.78 -29.72
C ASN E 248 -11.43 28.56 -28.84
N ALA E 249 -10.25 27.97 -28.94
CA ALA E 249 -9.92 26.77 -28.16
C ALA E 249 -10.00 27.05 -26.66
N LYS E 250 -9.42 28.16 -26.22
CA LYS E 250 -9.39 28.45 -24.79
C LYS E 250 -10.79 28.74 -24.27
N ASN E 251 -11.05 28.28 -23.06
CA ASN E 251 -12.38 28.36 -22.47
C ASN E 251 -12.63 29.76 -21.92
N ILE E 252 -13.86 29.98 -21.45
CA ILE E 252 -14.29 31.26 -20.90
C ILE E 252 -14.93 30.99 -19.56
N LEU E 253 -14.26 31.40 -18.49
CA LEU E 253 -14.80 31.31 -17.15
C LEU E 253 -15.72 32.49 -16.90
N VAL E 254 -16.86 32.23 -16.28
CA VAL E 254 -17.82 33.27 -15.89
C VAL E 254 -17.99 33.21 -14.39
N GLN E 255 -18.12 34.38 -13.76
CA GLN E 255 -18.40 34.45 -12.33
C GLN E 255 -19.54 35.41 -12.09
N PHE E 256 -20.62 34.93 -11.50
CA PHE E 256 -21.82 35.73 -11.31
C PHE E 256 -21.69 36.62 -10.08
N ASN E 257 -22.59 37.60 -10.00
CA ASN E 257 -22.70 38.45 -8.83
C ASN E 257 -23.82 38.02 -7.89
N THR E 258 -24.81 37.29 -8.41
CA THR E 258 -25.86 36.71 -7.60
C THR E 258 -26.02 35.25 -8.00
N PRO E 259 -26.29 34.35 -7.05
CA PRO E 259 -26.44 32.95 -7.39
C PRO E 259 -27.73 32.72 -8.17
N VAL E 260 -27.73 31.64 -8.94
CA VAL E 260 -28.96 31.16 -9.58
C VAL E 260 -29.37 29.90 -8.84
N GLN E 261 -30.48 29.96 -8.12
CA GLN E 261 -30.85 28.82 -7.29
C GLN E 261 -31.42 27.71 -8.16
N ILE E 262 -30.75 26.56 -8.18
CA ILE E 262 -31.15 25.42 -8.99
C ILE E 262 -31.54 24.29 -8.05
N ASN E 263 -32.72 23.73 -8.27
CA ASN E 263 -33.21 22.61 -7.47
C ASN E 263 -33.21 21.35 -8.34
N CYS E 264 -32.40 20.37 -7.97
CA CYS E 264 -32.28 19.14 -8.73
C CYS E 264 -32.75 17.97 -7.89
N THR E 265 -33.61 17.13 -8.46
CA THR E 265 -34.17 16.04 -7.66
C THR E 265 -34.45 14.84 -8.54
N ARG E 266 -34.52 13.69 -7.88
CA ARG E 266 -34.86 12.42 -8.52
C ARG E 266 -36.13 11.88 -7.86
N PRO E 267 -37.29 12.12 -8.44
CA PRO E 267 -38.55 11.81 -7.76
C PRO E 267 -38.93 10.33 -7.82
N ASN E 268 -37.99 9.47 -7.46
CA ASN E 268 -38.23 8.06 -7.28
C ASN E 268 -37.86 7.67 -5.86
N ASN E 269 -38.62 6.74 -5.28
CA ASN E 269 -38.29 6.30 -3.93
C ASN E 269 -36.97 5.53 -3.92
N ASN E 270 -36.79 4.62 -4.87
CA ASN E 270 -35.50 3.99 -5.16
C ASN E 270 -34.94 3.27 -3.92
N THR E 271 -35.64 2.21 -3.53
CA THR E 271 -35.18 1.40 -2.42
C THR E 271 -33.88 0.68 -2.77
N ARG E 272 -33.11 0.35 -1.75
CA ARG E 272 -31.80 -0.29 -1.91
C ARG E 272 -31.85 -1.70 -1.34
N LYS E 273 -31.28 -2.65 -2.08
CA LYS E 273 -31.24 -4.05 -1.66
C LYS E 273 -29.79 -4.48 -1.53
N SER E 274 -29.39 -4.92 -0.34
CA SER E 274 -28.02 -5.36 -0.11
C SER E 274 -27.95 -6.86 -0.31
N ILE E 275 -27.23 -7.29 -1.34
CA ILE E 275 -27.04 -8.70 -1.61
C ILE E 275 -25.58 -9.04 -1.36
N ARG E 276 -25.32 -10.34 -1.19
CA ARG E 276 -23.98 -10.83 -0.88
C ARG E 276 -23.39 -11.50 -2.11
N ILE E 277 -22.20 -11.07 -2.50
CA ILE E 277 -21.52 -11.64 -3.66
C ILE E 277 -20.22 -12.33 -3.30
N GLY E 278 -19.69 -12.11 -2.10
CA GLY E 278 -18.46 -12.75 -1.69
C GLY E 278 -18.35 -12.84 -0.20
N PRO E 279 -17.36 -13.60 0.28
CA PRO E 279 -17.13 -13.65 1.73
C PRO E 279 -16.89 -12.26 2.29
N GLY E 280 -17.80 -11.81 3.13
CA GLY E 280 -17.67 -10.46 3.70
C GLY E 280 -18.06 -9.34 2.76
N GLN E 281 -17.49 -9.33 1.56
CA GLN E 281 -17.84 -8.30 0.57
C GLN E 281 -19.31 -8.41 0.21
N ALA E 282 -19.99 -7.27 0.17
CA ALA E 282 -21.40 -7.19 -0.18
C ALA E 282 -21.59 -6.13 -1.24
N PHE E 283 -22.60 -6.32 -2.07
CA PHE E 283 -22.90 -5.41 -3.16
C PHE E 283 -24.32 -4.89 -3.04
N TYR E 284 -24.50 -3.60 -3.27
CA TYR E 284 -25.79 -2.95 -3.08
C TYR E 284 -26.42 -2.68 -4.44
N ALA E 285 -27.55 -3.31 -4.71
CA ALA E 285 -28.26 -3.19 -5.96
C ALA E 285 -29.53 -2.36 -5.76
N THR E 286 -30.11 -1.97 -6.90
CA THR E 286 -31.33 -1.18 -6.90
C THR E 286 -32.52 -2.10 -6.76
N GLY E 287 -33.25 -1.99 -5.65
CA GLY E 287 -34.46 -2.75 -5.45
C GLY E 287 -35.61 -2.18 -6.26
N ASP E 288 -36.75 -2.84 -6.15
CA ASP E 288 -37.93 -2.41 -6.89
C ASP E 288 -38.38 -1.03 -6.41
N ILE E 289 -38.57 -0.12 -7.35
CA ILE E 289 -38.97 1.24 -6.99
C ILE E 289 -40.41 1.23 -6.49
N ILE E 290 -40.63 1.86 -5.35
CA ILE E 290 -41.96 1.97 -4.76
C ILE E 290 -42.56 3.30 -5.19
N GLY E 291 -43.74 3.25 -5.80
CA GLY E 291 -44.40 4.44 -6.30
C GLY E 291 -44.13 4.67 -7.78
N ASP E 292 -44.70 5.75 -8.28
CA ASP E 292 -44.57 6.08 -9.69
C ASP E 292 -43.13 6.38 -10.05
N ILE E 293 -42.75 6.01 -11.27
CA ILE E 293 -41.40 6.21 -11.79
C ILE E 293 -41.44 7.45 -12.67
N ARG E 294 -41.02 8.58 -12.11
CA ARG E 294 -40.91 9.82 -12.86
C ARG E 294 -39.50 9.95 -13.42
N GLN E 295 -39.16 11.15 -13.91
CA GLN E 295 -37.86 11.41 -14.49
C GLN E 295 -37.14 12.47 -13.67
N ALA E 296 -35.89 12.20 -13.30
CA ALA E 296 -35.13 13.15 -12.50
C ALA E 296 -34.93 14.45 -13.26
N HIS E 297 -35.15 15.57 -12.59
CA HIS E 297 -35.17 16.85 -13.29
C HIS E 297 -34.63 17.95 -12.39
N CYS E 298 -34.32 19.08 -13.03
CA CYS E 298 -33.81 20.27 -12.35
C CYS E 298 -34.67 21.47 -12.72
N ASN E 299 -34.77 22.41 -11.79
CA ASN E 299 -35.55 23.62 -11.96
C ASN E 299 -34.67 24.83 -11.69
N VAL E 300 -34.82 25.84 -12.54
CA VAL E 300 -34.16 27.13 -12.37
C VAL E 300 -35.19 28.22 -12.64
N SER E 301 -35.13 29.30 -11.86
CA SER E 301 -36.09 30.38 -12.02
C SER E 301 -35.91 31.05 -13.38
N LYS E 302 -36.99 31.13 -14.15
CA LYS E 302 -36.90 31.66 -15.50
C LYS E 302 -36.49 33.13 -15.49
N ALA E 303 -37.12 33.93 -14.63
CA ALA E 303 -36.79 35.35 -14.57
C ALA E 303 -35.35 35.55 -14.11
N THR E 304 -34.94 34.82 -13.07
CA THR E 304 -33.57 34.96 -12.58
C THR E 304 -32.57 34.54 -13.64
N TRP E 305 -32.87 33.45 -14.37
CA TRP E 305 -31.96 33.01 -15.42
C TRP E 305 -31.87 34.04 -16.53
N ASN E 306 -33.01 34.62 -16.91
CA ASN E 306 -32.98 35.65 -17.95
C ASN E 306 -32.16 36.85 -17.49
N GLU E 307 -32.34 37.26 -16.23
CA GLU E 307 -31.56 38.39 -15.72
C GLU E 307 -30.08 38.08 -15.72
N THR E 308 -29.71 36.88 -15.29
CA THR E 308 -28.30 36.51 -15.26
C THR E 308 -27.71 36.47 -16.66
N LEU E 309 -28.45 35.91 -17.63
CA LEU E 309 -27.95 35.87 -18.99
C LEU E 309 -27.80 37.27 -19.57
N GLY E 310 -28.76 38.15 -19.28
CA GLY E 310 -28.63 39.53 -19.75
C GLY E 310 -27.41 40.22 -19.17
N LYS E 311 -27.17 40.03 -17.87
CA LYS E 311 -25.97 40.60 -17.26
C LYS E 311 -24.72 40.02 -17.91
N VAL E 312 -24.72 38.72 -18.17
CA VAL E 312 -23.55 38.08 -18.77
C VAL E 312 -23.28 38.67 -20.15
N VAL E 313 -24.32 38.81 -20.96
CA VAL E 313 -24.11 39.32 -22.31
C VAL E 313 -23.70 40.78 -22.27
N LYS E 314 -24.21 41.55 -21.31
CA LYS E 314 -23.79 42.95 -21.19
C LYS E 314 -22.32 43.05 -20.81
N GLN E 315 -21.86 42.22 -19.87
CA GLN E 315 -20.45 42.23 -19.50
C GLN E 315 -19.58 41.60 -20.57
N LEU E 316 -20.16 40.81 -21.46
CA LEU E 316 -19.41 40.10 -22.49
C LEU E 316 -19.25 40.94 -23.75
N ARG E 317 -20.20 41.83 -24.02
CA ARG E 317 -20.08 42.67 -25.20
C ARG E 317 -18.84 43.55 -25.17
N LYS E 318 -18.23 43.74 -24.00
CA LYS E 318 -17.08 44.62 -23.90
C LYS E 318 -15.93 44.14 -24.78
N HIS E 319 -15.69 42.84 -24.82
CA HIS E 319 -14.57 42.29 -25.58
C HIS E 319 -14.90 42.04 -27.04
N PHE E 320 -16.12 42.35 -27.48
CA PHE E 320 -16.53 42.09 -28.85
C PHE E 320 -17.18 43.27 -29.55
N GLY E 321 -17.71 44.22 -28.82
CA GLY E 321 -18.37 45.37 -29.42
C GLY E 321 -19.87 45.29 -29.27
N ASN E 322 -20.51 46.46 -29.15
CA ASN E 322 -21.95 46.51 -28.99
C ASN E 322 -22.65 46.01 -30.25
N ASN E 323 -22.06 46.27 -31.42
CA ASN E 323 -22.71 45.88 -32.68
C ASN E 323 -22.83 44.37 -32.82
N THR E 324 -21.91 43.62 -32.23
CA THR E 324 -21.92 42.17 -32.40
C THR E 324 -23.14 41.54 -31.76
N ILE E 325 -23.59 40.45 -32.34
CA ILE E 325 -24.71 39.67 -31.83
C ILE E 325 -24.16 38.46 -31.10
N ILE E 326 -24.84 38.05 -30.04
CA ILE E 326 -24.39 36.92 -29.22
C ILE E 326 -25.53 35.91 -29.13
N ARG E 327 -25.22 34.65 -29.41
CA ARG E 327 -26.22 33.60 -29.38
C ARG E 327 -25.72 32.43 -28.54
N PHE E 328 -26.54 31.96 -27.61
CA PHE E 328 -26.21 30.82 -26.77
C PHE E 328 -26.85 29.56 -27.33
N ALA E 329 -26.05 28.51 -27.50
CA ALA E 329 -26.54 27.26 -28.07
C ALA E 329 -26.08 26.08 -27.24
N ASN E 330 -26.87 25.00 -27.29
CA ASN E 330 -26.50 23.79 -26.57
C ASN E 330 -25.27 23.16 -27.19
N SER E 331 -24.60 22.32 -26.42
CA SER E 331 -23.29 21.82 -26.81
C SER E 331 -23.33 21.12 -28.16
N SER E 332 -22.18 21.12 -28.84
CA SER E 332 -22.11 20.59 -30.19
C SER E 332 -21.86 19.11 -30.24
N GLY E 333 -21.65 18.46 -29.10
CA GLY E 333 -21.46 17.02 -29.07
C GLY E 333 -20.31 16.56 -28.21
N GLY E 334 -20.25 15.28 -27.93
CA GLY E 334 -19.21 14.71 -27.13
C GLY E 334 -19.76 13.59 -26.26
N ASP E 335 -19.02 13.26 -25.21
CA ASP E 335 -19.48 12.25 -24.28
C ASP E 335 -20.61 12.79 -23.42
N LEU E 336 -21.31 11.87 -22.76
CA LEU E 336 -22.43 12.23 -21.90
C LEU E 336 -22.03 13.21 -20.81
N GLU E 337 -20.77 13.21 -20.41
CA GLU E 337 -20.32 14.01 -19.28
C GLU E 337 -19.88 15.42 -19.66
N VAL E 338 -19.96 15.80 -20.93
CA VAL E 338 -19.57 17.12 -21.39
C VAL E 338 -20.72 17.83 -22.10
N THR E 339 -21.39 17.12 -23.01
CA THR E 339 -22.48 17.75 -23.74
C THR E 339 -23.66 18.09 -22.83
N THR E 340 -23.75 17.46 -21.67
CA THR E 340 -24.80 17.74 -20.71
C THR E 340 -24.18 18.28 -19.43
N HIS E 341 -25.05 18.81 -18.57
CA HIS E 341 -24.62 19.30 -17.26
C HIS E 341 -24.49 18.12 -16.33
N SER E 342 -23.25 17.70 -16.07
CA SER E 342 -22.99 16.53 -15.25
C SER E 342 -22.50 16.98 -13.88
N PHE E 343 -23.10 16.45 -12.83
CA PHE E 343 -22.65 16.78 -11.48
C PHE E 343 -23.06 15.67 -10.54
N ASN E 344 -22.79 15.90 -9.26
CA ASN E 344 -23.06 14.93 -8.21
C ASN E 344 -23.93 15.60 -7.16
N CYS E 345 -24.97 14.91 -6.72
CA CYS E 345 -25.90 15.40 -5.72
C CYS E 345 -26.23 14.26 -4.78
N GLY E 346 -25.92 14.44 -3.50
CA GLY E 346 -26.34 13.49 -2.48
C GLY E 346 -25.89 12.07 -2.73
N GLY E 347 -24.66 11.88 -3.21
CA GLY E 347 -24.21 10.54 -3.51
C GLY E 347 -24.81 9.93 -4.76
N GLU E 348 -25.28 10.76 -5.69
CA GLU E 348 -25.81 10.28 -6.95
C GLU E 348 -25.25 11.15 -8.06
N PHE E 349 -25.24 10.63 -9.28
CA PHE E 349 -24.70 11.34 -10.43
C PHE E 349 -25.82 11.72 -11.39
N PHE E 350 -25.77 12.96 -11.88
CA PHE E 350 -26.80 13.48 -12.77
C PHE E 350 -26.15 13.99 -14.05
N TYR E 351 -26.86 13.79 -15.16
CA TYR E 351 -26.47 14.33 -16.46
C TYR E 351 -27.72 15.00 -17.04
N CYS E 352 -27.76 16.33 -17.00
CA CYS E 352 -28.96 17.07 -17.32
C CYS E 352 -28.87 17.66 -18.73
N ASN E 353 -29.98 17.57 -19.45
CA ASN E 353 -30.02 17.83 -20.89
C ASN E 353 -29.62 19.26 -21.21
N THR E 354 -30.04 20.22 -20.38
CA THR E 354 -29.62 21.62 -20.35
C THR E 354 -29.80 22.35 -21.67
N SER E 355 -30.45 21.74 -22.66
CA SER E 355 -30.69 22.44 -23.91
C SER E 355 -31.61 23.64 -23.70
N GLY E 356 -32.62 23.49 -22.85
CA GLY E 356 -33.50 24.60 -22.54
C GLY E 356 -32.81 25.75 -21.82
N LEU E 357 -31.59 25.53 -21.33
CA LEU E 357 -30.84 26.58 -20.64
C LEU E 357 -29.99 27.42 -21.59
N PHE E 358 -29.93 27.06 -22.88
CA PHE E 358 -29.18 27.85 -23.85
C PHE E 358 -30.00 27.91 -25.13
N ASN E 359 -30.85 28.93 -25.24
CA ASN E 359 -31.66 29.13 -26.43
C ASN E 359 -31.74 30.58 -26.85
N SER E 360 -31.15 31.51 -26.10
CA SER E 360 -31.34 32.92 -26.38
C SER E 360 -30.62 33.33 -27.66
N THR E 361 -31.02 34.50 -28.18
CA THR E 361 -30.45 35.09 -29.37
C THR E 361 -30.21 36.58 -29.14
N TRP E 362 -29.56 36.90 -28.02
CA TRP E 362 -29.39 38.29 -27.58
C TRP E 362 -28.93 39.20 -28.71
N ILE E 363 -29.64 40.31 -28.87
CA ILE E 363 -29.37 41.28 -29.92
C ILE E 363 -29.36 42.67 -29.29
N SER E 364 -28.56 43.56 -29.88
CA SER E 364 -28.45 44.94 -29.40
C SER E 364 -29.79 45.67 -29.44
N ASN E 377 -42.16 33.61 -12.09
CA ASN E 377 -42.72 32.47 -11.37
C ASN E 377 -42.44 31.17 -12.10
N ASP E 378 -42.46 31.23 -13.42
CA ASP E 378 -42.24 30.04 -14.23
C ASP E 378 -40.82 29.52 -14.08
N SER E 379 -40.66 28.22 -14.29
CA SER E 379 -39.37 27.56 -14.13
C SER E 379 -39.00 26.83 -15.41
N ILE E 380 -37.70 26.64 -15.61
CA ILE E 380 -37.17 25.99 -16.80
C ILE E 380 -36.80 24.57 -16.40
N THR E 381 -37.71 23.64 -16.61
CA THR E 381 -37.44 22.25 -16.29
C THR E 381 -36.39 21.68 -17.24
N LEU E 382 -35.44 20.92 -16.69
CA LEU E 382 -34.39 20.29 -17.48
C LEU E 382 -34.44 18.79 -17.27
N PRO E 383 -34.65 17.99 -18.32
CA PRO E 383 -34.57 16.54 -18.17
C PRO E 383 -33.17 16.13 -17.77
N CYS E 384 -33.07 15.11 -16.91
CA CYS E 384 -31.79 14.60 -16.47
C CYS E 384 -31.82 13.08 -16.48
N ARG E 385 -30.64 12.49 -16.66
CA ARG E 385 -30.47 11.05 -16.64
C ARG E 385 -29.49 10.67 -15.55
N ILE E 386 -29.61 9.43 -15.08
CA ILE E 386 -28.83 8.94 -13.95
C ILE E 386 -27.89 7.85 -14.46
N LYS E 387 -26.65 7.89 -13.99
CA LYS E 387 -25.66 6.88 -14.33
C LYS E 387 -25.06 6.32 -13.06
N GLN E 388 -24.63 5.07 -13.12
CA GLN E 388 -23.97 4.43 -11.99
C GLN E 388 -22.54 4.02 -12.29
N ILE E 389 -22.21 3.71 -13.53
CA ILE E 389 -20.84 3.35 -13.91
C ILE E 389 -20.14 4.67 -14.27
N ILE E 390 -19.49 5.26 -13.28
CA ILE E 390 -18.84 6.55 -13.43
C ILE E 390 -17.35 6.33 -13.64
N ASN E 391 -16.78 7.05 -14.58
CA ASN E 391 -15.37 6.95 -14.91
C ASN E 391 -14.74 8.33 -15.04
N MET E 392 -15.02 9.21 -14.09
CA MET E 392 -14.53 10.58 -14.15
C MET E 392 -13.02 10.58 -14.02
N TRP E 393 -12.37 11.50 -14.75
CA TRP E 393 -10.91 11.49 -14.90
C TRP E 393 -10.45 10.16 -15.47
N GLN E 394 -10.81 9.96 -16.73
CA GLN E 394 -10.71 8.66 -17.40
C GLN E 394 -9.42 7.95 -17.03
N ARG E 395 -9.54 6.82 -16.37
CA ARG E 395 -8.40 6.02 -15.95
C ARG E 395 -8.49 4.68 -16.65
N ILE E 396 -7.39 4.26 -17.26
CA ILE E 396 -7.39 3.01 -18.01
C ILE E 396 -7.40 1.86 -17.03
N GLY E 397 -8.57 1.29 -16.79
CA GLY E 397 -8.70 0.13 -15.93
C GLY E 397 -9.64 0.28 -14.75
N GLN E 398 -10.13 1.47 -14.43
CA GLN E 398 -10.95 1.68 -13.25
C GLN E 398 -12.29 2.30 -13.63
N ALA E 399 -13.29 2.01 -12.81
CA ALA E 399 -14.63 2.56 -13.03
C ALA E 399 -15.43 2.45 -11.74
N MET E 400 -15.79 3.58 -11.16
CA MET E 400 -16.63 3.57 -9.97
C MET E 400 -18.04 3.11 -10.30
N TYR E 401 -18.63 2.34 -9.38
CA TYR E 401 -20.04 1.99 -9.45
C TYR E 401 -20.75 2.69 -8.31
N ALA E 402 -21.51 3.72 -8.63
CA ALA E 402 -22.17 4.50 -7.59
C ALA E 402 -23.31 3.70 -6.98
N PRO E 403 -23.30 3.43 -5.68
CA PRO E 403 -24.37 2.63 -5.10
C PRO E 403 -25.67 3.40 -5.10
N PRO E 404 -26.81 2.70 -5.14
CA PRO E 404 -28.10 3.39 -5.09
C PRO E 404 -28.32 4.06 -3.75
N ILE E 405 -29.14 5.09 -3.75
CA ILE E 405 -29.44 5.88 -2.56
C ILE E 405 -30.90 5.71 -2.21
N GLN E 406 -31.18 5.35 -0.97
CA GLN E 406 -32.55 5.16 -0.52
C GLN E 406 -33.31 6.47 -0.52
N GLY E 407 -34.62 6.37 -0.71
CA GLY E 407 -35.50 7.53 -0.60
C GLY E 407 -35.36 8.52 -1.74
N VAL E 408 -36.36 9.39 -1.88
CA VAL E 408 -36.26 10.46 -2.87
C VAL E 408 -35.11 11.38 -2.47
N ILE E 409 -34.43 11.92 -3.47
CA ILE E 409 -33.23 12.72 -3.25
C ILE E 409 -33.44 14.08 -3.91
N ARG E 410 -33.12 15.14 -3.18
CA ARG E 410 -33.30 16.51 -3.66
C ARG E 410 -32.16 17.36 -3.12
N CYS E 411 -31.74 18.33 -3.93
CA CYS E 411 -30.68 19.24 -3.49
C CYS E 411 -30.85 20.59 -4.13
N VAL E 412 -30.63 21.64 -3.34
CA VAL E 412 -30.66 23.02 -3.78
C VAL E 412 -29.23 23.52 -3.85
N SER E 413 -28.84 24.06 -5.00
CA SER E 413 -27.47 24.51 -5.22
C SER E 413 -27.48 25.90 -5.83
N ASN E 414 -26.32 26.55 -5.75
CA ASN E 414 -26.11 27.85 -6.36
C ASN E 414 -25.34 27.67 -7.66
N ILE E 415 -25.96 28.02 -8.78
CA ILE E 415 -25.22 28.18 -10.02
C ILE E 415 -24.48 29.50 -9.93
N THR E 416 -23.17 29.44 -10.08
CA THR E 416 -22.30 30.60 -9.90
C THR E 416 -21.50 30.96 -11.13
N GLY E 417 -21.10 29.98 -11.93
CA GLY E 417 -20.30 30.27 -13.11
C GLY E 417 -20.58 29.29 -14.22
N LEU E 418 -20.20 29.70 -15.43
CA LEU E 418 -20.38 28.90 -16.63
C LEU E 418 -19.04 28.70 -17.33
N ILE E 419 -18.86 27.52 -17.91
CA ILE E 419 -17.69 27.22 -18.72
C ILE E 419 -18.13 27.35 -20.17
N LEU E 420 -17.94 28.53 -20.74
CA LEU E 420 -18.37 28.76 -22.10
C LEU E 420 -17.19 28.55 -23.06
N THR E 421 -17.53 28.32 -24.32
CA THR E 421 -16.50 28.21 -25.36
C THR E 421 -16.99 28.91 -26.62
N ARG E 422 -16.09 29.64 -27.26
CA ARG E 422 -16.43 30.36 -28.47
C ARG E 422 -16.53 29.40 -29.64
N ASP E 423 -16.98 29.92 -30.78
CA ASP E 423 -17.08 29.15 -32.01
C ASP E 423 -16.50 29.98 -33.14
N GLY E 424 -15.39 29.52 -33.72
CA GLY E 424 -14.72 30.24 -34.78
C GLY E 424 -15.62 30.55 -35.96
N GLY E 425 -15.66 31.82 -36.38
CA GLY E 425 -16.55 32.25 -37.43
C GLY E 425 -15.81 33.00 -38.52
N SER E 426 -16.51 33.20 -39.64
CA SER E 426 -15.95 33.92 -40.77
C SER E 426 -15.80 35.40 -40.43
N THR E 427 -14.87 36.06 -41.12
CA THR E 427 -14.65 37.48 -40.89
C THR E 427 -15.89 38.30 -41.24
N ASN E 428 -16.59 37.93 -42.30
CA ASN E 428 -17.80 38.66 -42.68
C ASN E 428 -18.88 38.50 -41.62
N SER E 429 -18.97 37.33 -41.01
CA SER E 429 -20.01 37.08 -40.01
C SER E 429 -19.80 37.97 -38.78
N THR E 430 -20.91 38.47 -38.24
CA THR E 430 -20.88 39.39 -37.11
C THR E 430 -21.57 38.84 -35.88
N THR E 431 -21.88 37.55 -35.84
CA THR E 431 -22.56 36.93 -34.71
C THR E 431 -21.65 35.88 -34.09
N GLU E 432 -21.48 35.94 -32.78
CA GLU E 432 -20.68 34.99 -32.03
C GLU E 432 -21.60 34.05 -31.27
N THR E 433 -21.31 32.75 -31.35
CA THR E 433 -22.09 31.73 -30.69
C THR E 433 -21.30 31.13 -29.54
N PHE E 434 -21.88 31.17 -28.35
CA PHE E 434 -21.30 30.61 -27.15
C PHE E 434 -22.04 29.36 -26.74
N ARG E 435 -21.30 28.37 -26.27
CA ARG E 435 -21.86 27.09 -25.85
C ARG E 435 -21.18 26.65 -24.56
N PRO E 436 -21.90 25.94 -23.70
CA PRO E 436 -21.26 25.39 -22.50
C PRO E 436 -20.25 24.33 -22.88
N GLY E 437 -19.19 24.25 -22.08
CA GLY E 437 -18.15 23.26 -22.29
C GLY E 437 -17.68 22.65 -20.98
N GLY E 438 -16.39 22.42 -20.84
CA GLY E 438 -15.87 21.87 -19.61
C GLY E 438 -15.01 20.64 -19.82
N GLY E 439 -15.33 19.56 -19.13
CA GLY E 439 -14.54 18.36 -19.22
C GLY E 439 -13.23 18.50 -18.47
N ASP E 440 -12.37 19.38 -18.95
CA ASP E 440 -11.11 19.65 -18.27
C ASP E 440 -11.42 20.30 -16.92
N MET E 441 -11.24 19.54 -15.85
CA MET E 441 -11.64 20.02 -14.54
C MET E 441 -10.71 21.08 -14.00
N ARG E 442 -9.54 21.26 -14.62
CA ARG E 442 -8.66 22.36 -14.24
C ARG E 442 -9.35 23.69 -14.47
N ASP E 443 -10.06 23.83 -15.59
CA ASP E 443 -10.80 25.06 -15.84
C ASP E 443 -11.88 25.27 -14.80
N ASN E 444 -12.55 24.20 -14.39
CA ASN E 444 -13.55 24.31 -13.33
C ASN E 444 -12.91 24.78 -12.04
N TRP E 445 -11.73 24.28 -11.73
CA TRP E 445 -11.13 24.53 -10.43
C TRP E 445 -10.37 25.84 -10.37
N ARG E 446 -10.05 26.42 -11.53
CA ARG E 446 -9.31 27.67 -11.53
C ARG E 446 -10.15 28.81 -11.00
N SER E 447 -11.47 28.72 -11.12
CA SER E 447 -12.33 29.79 -10.64
C SER E 447 -12.20 29.97 -9.14
N GLU E 448 -12.08 28.87 -8.40
CA GLU E 448 -12.01 28.98 -6.95
C GLU E 448 -10.62 29.39 -6.47
N LEU E 449 -9.59 29.26 -7.31
CA LEU E 449 -8.23 29.62 -6.94
C LEU E 449 -7.66 30.72 -7.81
N TYR E 450 -8.51 31.47 -8.51
CA TYR E 450 -8.03 32.50 -9.41
C TYR E 450 -7.44 33.69 -8.66
N LYS E 451 -7.79 33.88 -7.40
CA LYS E 451 -7.35 35.04 -6.65
C LYS E 451 -6.22 34.73 -5.68
N TYR E 452 -5.57 33.58 -5.82
CA TYR E 452 -4.54 33.16 -4.88
C TYR E 452 -3.23 32.91 -5.62
N LYS E 453 -2.13 33.27 -4.95
CA LYS E 453 -0.80 33.01 -5.49
C LYS E 453 0.09 32.51 -4.36
N VAL E 454 0.82 31.44 -4.60
CA VAL E 454 1.75 30.89 -3.63
C VAL E 454 3.11 31.52 -3.86
N VAL E 455 3.71 32.05 -2.80
CA VAL E 455 4.97 32.76 -2.91
C VAL E 455 5.90 32.28 -1.80
N LYS E 456 7.20 32.42 -2.03
CA LYS E 456 8.22 32.00 -1.08
C LYS E 456 8.84 33.24 -0.45
N ILE E 457 8.83 33.28 0.88
CA ILE E 457 9.40 34.41 1.60
C ILE E 457 10.91 34.27 1.61
N GLU E 458 11.60 35.33 1.21
CA GLU E 458 13.06 35.37 1.24
C GLU E 458 13.48 36.36 2.32
N PRO E 459 13.65 35.90 3.57
CA PRO E 459 13.88 36.82 4.68
C PRO E 459 15.31 37.34 4.77
N LEU E 460 16.13 37.15 3.73
CA LEU E 460 17.52 37.57 3.75
C LEU E 460 17.73 38.69 2.75
N GLY E 461 18.30 39.80 3.21
CA GLY E 461 18.60 40.90 2.32
C GLY E 461 19.94 41.52 2.68
N VAL E 462 20.49 42.26 1.73
CA VAL E 462 21.70 43.04 1.94
C VAL E 462 21.45 44.46 1.48
N ALA E 463 22.04 45.42 2.18
CA ALA E 463 21.79 46.82 1.86
C ALA E 463 22.98 47.65 2.26
N PRO E 464 23.24 48.77 1.58
CA PRO E 464 24.38 49.61 1.96
C PRO E 464 24.03 50.60 3.05
N THR E 465 24.81 50.60 4.12
CA THR E 465 24.73 51.59 5.18
C THR E 465 26.13 52.14 5.45
N ARG E 466 26.18 53.16 6.30
CA ARG E 466 27.42 53.83 6.65
C ARG E 466 28.14 53.20 7.83
N CYS E 467 27.54 52.20 8.48
CA CYS E 467 28.20 51.62 9.63
C CYS E 467 29.42 50.79 9.19
N LYS E 468 30.28 50.50 10.16
CA LYS E 468 31.43 49.64 9.94
C LYS E 468 31.63 48.80 11.19
N ARG E 469 31.49 47.48 11.05
CA ARG E 469 31.58 46.60 12.20
C ARG E 469 32.96 46.69 12.84
N ARG E 470 32.99 46.73 14.17
CA ARG E 470 34.24 46.81 14.91
C ARG E 470 35.16 45.63 14.59
N LEU F 9 1.64 46.47 13.43
CA LEU F 9 1.40 45.95 12.09
C LEU F 9 1.22 44.44 12.12
N GLY F 10 1.86 43.75 11.17
CA GLY F 10 1.75 42.32 11.10
C GLY F 10 2.72 41.74 10.10
N PHE F 11 2.52 40.45 9.82
CA PHE F 11 3.37 39.74 8.87
C PHE F 11 3.32 40.44 7.52
N LEU F 12 4.50 40.71 6.96
CA LEU F 12 4.65 41.38 5.66
C LEU F 12 3.96 42.72 5.62
N GLY F 13 3.72 43.34 6.79
CA GLY F 13 2.99 44.58 6.80
C GLY F 13 3.70 45.71 6.08
N ALA F 14 5.01 45.82 6.28
CA ALA F 14 5.80 46.89 5.70
C ALA F 14 6.28 46.57 4.30
N ALA F 15 5.65 45.60 3.64
CA ALA F 15 6.13 45.17 2.32
C ALA F 15 6.08 46.32 1.32
N GLY F 16 4.99 47.08 1.32
CA GLY F 16 4.91 48.25 0.47
C GLY F 16 5.54 49.49 1.04
N SER F 17 5.89 49.48 2.33
CA SER F 17 6.50 50.64 2.95
C SER F 17 7.93 50.81 2.47
N THR F 18 8.50 51.97 2.78
CA THR F 18 9.86 52.28 2.37
C THR F 18 10.85 51.57 3.30
N MET F 19 12.13 51.88 3.15
CA MET F 19 13.15 51.29 4.00
C MET F 19 12.92 51.65 5.46
N GLY F 20 12.52 52.88 5.73
CA GLY F 20 12.50 53.36 7.10
C GLY F 20 11.60 52.53 8.00
N ALA F 21 10.38 52.25 7.54
CA ALA F 21 9.47 51.45 8.35
C ALA F 21 9.89 49.99 8.38
N ALA F 22 10.25 49.43 7.22
CA ALA F 22 10.55 48.01 7.14
C ALA F 22 11.76 47.65 7.98
N SER F 23 12.78 48.47 7.95
CA SER F 23 13.98 48.23 8.74
C SER F 23 13.76 48.38 10.22
N MET F 24 12.53 48.55 10.71
CA MET F 24 12.27 48.55 12.14
C MET F 24 11.25 47.49 12.56
N THR F 25 10.66 46.75 11.63
CA THR F 25 9.70 45.71 11.94
C THR F 25 10.20 44.35 11.48
N LEU F 26 11.48 44.08 11.66
CA LEU F 26 12.03 42.80 11.23
C LEU F 26 11.47 41.65 12.07
N THR F 27 11.35 41.85 13.37
CA THR F 27 10.98 40.76 14.25
C THR F 27 9.55 40.28 13.99
N VAL F 28 8.64 41.19 13.67
CA VAL F 28 7.24 40.81 13.53
C VAL F 28 7.07 39.88 12.34
N GLN F 29 7.85 40.06 11.28
CA GLN F 29 7.79 39.19 10.12
C GLN F 29 8.87 38.12 10.12
N ALA F 30 9.72 38.09 11.14
CA ALA F 30 10.63 36.97 11.34
C ALA F 30 10.12 36.00 12.41
N ARG F 31 9.04 36.35 13.10
CA ARG F 31 8.52 35.47 14.14
C ARG F 31 7.80 34.27 13.55
N ASN F 32 7.26 34.40 12.35
CA ASN F 32 6.39 33.40 11.77
C ASN F 32 7.08 32.66 10.62
N LEU F 33 8.37 32.38 10.78
CA LEU F 33 9.09 31.55 9.83
C LEU F 33 8.99 30.07 10.13
N LEU F 34 8.40 29.68 11.27
CA LEU F 34 8.36 28.28 11.67
C LEU F 34 6.95 27.82 12.05
N SER F 35 5.94 28.65 11.86
CA SER F 35 4.60 28.28 12.30
C SER F 35 3.53 28.95 11.45
N LEU F 55 -1.49 10.32 12.04
CA LEU F 55 -0.16 10.56 11.49
C LEU F 55 0.24 9.45 10.53
N LYS F 56 -0.75 8.77 9.96
CA LYS F 56 -0.50 7.66 9.07
C LYS F 56 0.06 8.17 7.73
N LEU F 57 0.29 7.24 6.82
CA LEU F 57 0.86 7.56 5.51
C LEU F 57 -0.20 7.88 4.47
N THR F 58 -1.09 8.81 4.81
CA THR F 58 -2.13 9.27 3.91
C THR F 58 -1.58 10.42 3.06
N VAL F 59 -2.22 10.67 1.91
CA VAL F 59 -1.76 11.71 1.00
C VAL F 59 -1.66 13.05 1.72
N TRP F 60 -2.68 13.40 2.49
CA TRP F 60 -2.61 14.63 3.28
C TRP F 60 -1.46 14.57 4.28
N GLY F 61 -1.29 13.41 4.94
CA GLY F 61 -0.25 13.29 5.94
C GLY F 61 1.14 13.45 5.34
N ILE F 62 1.39 12.78 4.21
CA ILE F 62 2.72 12.85 3.61
C ILE F 62 2.97 14.25 3.07
N LYS F 63 1.94 14.89 2.51
CA LYS F 63 2.11 16.26 2.05
C LYS F 63 2.47 17.18 3.21
N GLN F 64 1.77 17.03 4.34
CA GLN F 64 2.06 17.87 5.51
C GLN F 64 3.47 17.62 6.02
N LEU F 65 3.88 16.36 6.09
CA LEU F 65 5.22 16.06 6.59
C LEU F 65 6.28 16.66 5.67
N GLN F 66 6.12 16.52 4.36
CA GLN F 66 7.10 17.10 3.45
C GLN F 66 7.13 18.61 3.57
N ALA F 67 5.96 19.23 3.76
CA ALA F 67 5.92 20.68 3.92
C ALA F 67 6.67 21.12 5.18
N ARG F 68 6.44 20.43 6.29
CA ARG F 68 7.13 20.79 7.53
C ARG F 68 8.63 20.63 7.39
N VAL F 69 9.08 19.52 6.80
CA VAL F 69 10.51 19.31 6.63
C VAL F 69 11.09 20.38 5.72
N LEU F 70 10.35 20.77 4.67
CA LEU F 70 10.84 21.81 3.79
C LEU F 70 11.00 23.14 4.51
N ALA F 71 10.03 23.49 5.35
CA ALA F 71 10.14 24.74 6.10
C ALA F 71 11.35 24.71 7.01
N VAL F 72 11.56 23.58 7.71
CA VAL F 72 12.72 23.48 8.60
C VAL F 72 14.00 23.61 7.81
N GLU F 73 14.09 22.95 6.67
CA GLU F 73 15.30 22.99 5.85
C GLU F 73 15.59 24.41 5.39
N ARG F 74 14.56 25.13 4.93
CA ARG F 74 14.78 26.51 4.50
C ARG F 74 15.26 27.38 5.64
N TYR F 75 14.63 27.24 6.82
CA TYR F 75 15.05 28.06 7.95
C TYR F 75 16.50 27.76 8.28
N LEU F 76 16.87 26.48 8.30
CA LEU F 76 18.24 26.13 8.65
C LEU F 76 19.23 26.67 7.63
N ARG F 77 18.88 26.62 6.35
CA ARG F 77 19.77 27.17 5.34
C ARG F 77 20.02 28.64 5.58
N ASP F 78 18.95 29.39 5.84
CA ASP F 78 19.12 30.82 6.11
C ASP F 78 19.95 31.05 7.37
N GLN F 79 19.71 30.27 8.41
CA GLN F 79 20.42 30.47 9.68
C GLN F 79 21.90 30.13 9.54
N GLN F 80 22.22 29.09 8.78
CA GLN F 80 23.62 28.75 8.54
C GLN F 80 24.30 29.84 7.73
N LEU F 81 23.61 30.39 6.74
CA LEU F 81 24.18 31.51 6.00
C LEU F 81 24.45 32.69 6.90
N LEU F 82 23.53 32.96 7.85
CA LEU F 82 23.78 34.01 8.82
C LEU F 82 24.98 33.69 9.69
N GLY F 83 25.08 32.45 10.15
CA GLY F 83 26.16 32.08 11.05
C GLY F 83 27.53 32.18 10.40
N ILE F 84 27.60 31.91 9.10
CA ILE F 84 28.88 32.00 8.41
C ILE F 84 29.40 33.43 8.45
N TRP F 85 28.52 34.40 8.21
CA TRP F 85 28.92 35.80 8.23
C TRP F 85 29.08 36.35 9.65
N GLY F 86 29.10 35.49 10.65
CA GLY F 86 29.33 35.95 12.01
C GLY F 86 28.30 36.92 12.52
N CYS F 87 27.03 36.74 12.11
CA CYS F 87 25.96 37.61 12.55
C CYS F 87 24.80 36.82 13.14
N SER F 88 25.07 35.61 13.61
CA SER F 88 24.02 34.77 14.18
C SER F 88 23.47 35.43 15.44
N GLY F 89 22.15 35.31 15.62
CA GLY F 89 21.49 35.91 16.75
C GLY F 89 21.22 37.39 16.63
N LYS F 90 21.54 38.01 15.49
CA LYS F 90 21.33 39.42 15.27
C LYS F 90 20.37 39.61 14.10
N LEU F 91 19.39 40.51 14.29
CA LEU F 91 18.49 40.84 13.19
C LEU F 91 19.23 41.59 12.09
N ILE F 92 19.99 42.60 12.45
CA ILE F 92 20.80 43.36 11.51
C ILE F 92 22.21 43.45 12.07
N CYS F 93 23.20 43.20 11.22
CA CYS F 93 24.59 43.25 11.60
C CYS F 93 25.37 44.04 10.57
N CYS F 94 26.46 44.64 11.01
CA CYS F 94 27.35 45.37 10.13
C CYS F 94 28.53 44.48 9.77
N THR F 95 29.13 44.76 8.61
CA THR F 95 30.20 43.92 8.10
C THR F 95 31.43 44.77 7.78
N ASN F 96 32.43 44.14 7.17
CA ASN F 96 33.73 44.77 6.98
C ASN F 96 34.12 44.97 5.51
N VAL F 97 33.30 44.56 4.56
CA VAL F 97 33.62 44.81 3.16
C VAL F 97 32.85 46.04 2.69
N PRO F 98 33.42 46.86 1.83
CA PRO F 98 32.73 48.07 1.39
C PRO F 98 31.77 47.77 0.24
N TRP F 99 30.94 48.75 -0.07
CA TRP F 99 29.96 48.62 -1.14
C TRP F 99 30.57 49.12 -2.43
N ASN F 100 31.02 48.20 -3.27
CA ASN F 100 31.52 48.58 -4.58
C ASN F 100 30.40 49.23 -5.39
N SER F 101 30.71 50.38 -6.00
CA SER F 101 29.70 51.08 -6.78
C SER F 101 29.27 50.29 -8.00
N SER F 102 30.03 49.26 -8.36
CA SER F 102 29.64 48.40 -9.48
C SER F 102 28.30 47.73 -9.20
N TRP F 103 28.03 47.36 -7.95
CA TRP F 103 26.76 46.76 -7.60
C TRP F 103 25.61 47.74 -7.81
N SER F 104 25.75 48.95 -7.28
CA SER F 104 24.74 49.98 -7.48
C SER F 104 25.38 51.33 -7.18
N ASN F 105 24.99 52.33 -7.97
CA ASN F 105 25.52 53.69 -7.82
C ASN F 105 24.55 54.62 -7.13
N ARG F 106 23.42 54.11 -6.64
CA ARG F 106 22.41 54.97 -6.05
C ARG F 106 22.81 55.39 -4.64
N ASN F 107 22.54 56.65 -4.31
CA ASN F 107 22.96 57.22 -3.04
C ASN F 107 22.09 56.70 -1.90
N LEU F 108 22.59 56.91 -0.68
CA LEU F 108 21.93 56.36 0.50
C LEU F 108 20.53 56.93 0.70
N SER F 109 20.39 58.25 0.54
CA SER F 109 19.15 58.90 0.96
C SER F 109 17.95 58.38 0.19
N GLU F 110 18.03 58.37 -1.14
CA GLU F 110 16.91 57.87 -1.93
C GLU F 110 16.76 56.37 -1.79
N ILE F 111 17.86 55.66 -1.50
CA ILE F 111 17.76 54.22 -1.28
C ILE F 111 16.89 53.93 -0.06
N TRP F 112 17.09 54.68 1.02
CA TRP F 112 16.39 54.40 2.26
C TRP F 112 15.09 55.18 2.43
N ASP F 113 14.80 56.13 1.54
CA ASP F 113 13.54 56.86 1.66
C ASP F 113 12.73 56.86 0.37
N ASN F 114 13.08 56.06 -0.62
CA ASN F 114 12.38 56.22 -1.88
C ASN F 114 11.83 54.92 -2.45
N MET F 115 12.51 53.80 -2.27
CA MET F 115 12.11 52.56 -2.92
C MET F 115 11.80 51.48 -1.89
N THR F 116 10.96 50.53 -2.30
CA THR F 116 10.55 49.42 -1.48
C THR F 116 11.63 48.34 -1.47
N TRP F 117 11.50 47.41 -0.52
CA TRP F 117 12.48 46.34 -0.40
C TRP F 117 12.47 45.45 -1.63
N LEU F 118 11.29 45.15 -2.16
CA LEU F 118 11.20 44.27 -3.32
C LEU F 118 11.94 44.86 -4.51
N GLN F 119 11.81 46.18 -4.73
CA GLN F 119 12.49 46.81 -5.85
C GLN F 119 14.00 46.69 -5.68
N TRP F 120 14.50 46.93 -4.47
CA TRP F 120 15.94 46.80 -4.23
C TRP F 120 16.41 45.38 -4.47
N ASP F 121 15.61 44.40 -4.04
CA ASP F 121 15.98 43.00 -4.27
C ASP F 121 16.03 42.69 -5.76
N LYS F 122 15.04 43.16 -6.53
CA LYS F 122 15.11 42.94 -7.97
C LYS F 122 16.28 43.67 -8.60
N GLU F 123 16.69 44.79 -8.02
CA GLU F 123 17.81 45.54 -8.59
C GLU F 123 19.14 44.85 -8.35
N ILE F 124 19.31 44.17 -7.21
CA ILE F 124 20.59 43.58 -6.88
C ILE F 124 20.57 42.06 -6.89
N SER F 125 19.50 41.45 -7.42
CA SER F 125 19.38 39.99 -7.38
C SER F 125 20.53 39.31 -8.10
N ASN F 126 20.89 39.78 -9.29
CA ASN F 126 21.90 39.09 -10.08
C ASN F 126 23.32 39.34 -9.59
N TYR F 127 23.50 40.10 -8.51
CA TYR F 127 24.83 40.33 -7.94
C TYR F 127 25.01 39.63 -6.61
N THR F 128 24.08 38.75 -6.24
CA THR F 128 23.99 38.27 -4.86
C THR F 128 25.08 37.28 -4.51
N GLN F 129 25.43 36.38 -5.43
CA GLN F 129 26.37 35.31 -5.10
C GLN F 129 27.75 35.87 -4.75
N ILE F 130 28.24 36.83 -5.54
CA ILE F 130 29.60 37.30 -5.31
C ILE F 130 29.69 38.09 -4.01
N ILE F 131 28.64 38.86 -3.68
CA ILE F 131 28.68 39.59 -2.42
C ILE F 131 28.58 38.63 -1.24
N TYR F 132 27.78 37.58 -1.37
CA TYR F 132 27.74 36.56 -0.32
C TYR F 132 29.12 35.95 -0.11
N GLY F 133 29.80 35.61 -1.20
CA GLY F 133 31.14 35.08 -1.08
C GLY F 133 32.09 36.07 -0.43
N LEU F 134 31.94 37.35 -0.76
CA LEU F 134 32.79 38.37 -0.15
C LEU F 134 32.59 38.42 1.35
N LEU F 135 31.34 38.40 1.80
CA LEU F 135 31.08 38.38 3.23
C LEU F 135 31.67 37.15 3.88
N GLU F 136 31.51 35.98 3.25
CA GLU F 136 32.03 34.75 3.85
C GLU F 136 33.54 34.82 4.03
N GLU F 137 34.25 35.21 2.97
CA GLU F 137 35.70 35.27 3.04
C GLU F 137 36.14 36.30 4.08
N SER F 138 35.49 37.48 4.09
CA SER F 138 35.89 38.52 5.02
C SER F 138 35.67 38.09 6.46
N GLN F 139 34.54 37.42 6.73
CA GLN F 139 34.29 36.96 8.09
C GLN F 139 35.32 35.94 8.52
N ASN F 140 35.67 34.99 7.64
CA ASN F 140 36.68 34.01 8.02
C ASN F 140 38.02 34.69 8.28
N GLN F 141 38.39 35.66 7.44
CA GLN F 141 39.66 36.35 7.63
C GLN F 141 39.66 37.13 8.93
N GLN F 142 38.56 37.81 9.24
CA GLN F 142 38.46 38.57 10.48
C GLN F 142 38.55 37.65 11.68
N GLU F 143 37.91 36.49 11.62
CA GLU F 143 38.00 35.54 12.73
C GLU F 143 39.43 35.05 12.91
N LYS F 144 40.12 34.74 11.81
CA LYS F 144 41.50 34.30 11.92
C LYS F 144 42.39 35.38 12.51
N ASN F 145 42.20 36.62 12.07
CA ASN F 145 43.00 37.73 12.60
C ASN F 145 42.72 37.94 14.08
N GLU F 146 41.44 37.84 14.48
CA GLU F 146 41.10 38.01 15.88
C GLU F 146 41.72 36.91 16.73
N GLN F 147 41.70 35.67 16.23
CA GLN F 147 42.35 34.59 16.95
C GLN F 147 43.85 34.83 17.10
N ASP F 148 44.50 35.27 16.01
CA ASP F 148 45.93 35.52 16.06
C ASP F 148 46.26 36.63 17.04
N LEU F 149 45.45 37.69 17.05
CA LEU F 149 45.66 38.77 18.02
C LEU F 149 45.44 38.28 19.44
N LEU F 150 44.39 37.49 19.66
CA LEU F 150 44.12 36.96 20.99
C LEU F 150 45.21 36.01 21.46
N ALA F 151 45.98 35.45 20.53
CA ALA F 151 47.08 34.56 20.92
C ALA F 151 48.10 35.25 21.81
N LEU F 152 48.17 36.57 21.77
CA LEU F 152 49.05 37.31 22.68
C LEU F 152 48.53 37.24 24.11
N VAL G 3 -32.96 -49.79 -11.78
CA VAL G 3 -33.88 -50.86 -12.17
C VAL G 3 -35.29 -50.28 -12.24
N LEU G 4 -36.13 -50.89 -13.08
CA LEU G 4 -37.45 -50.33 -13.37
C LEU G 4 -38.41 -51.47 -13.73
N THR G 5 -39.68 -51.27 -13.42
CA THR G 5 -40.71 -52.24 -13.75
C THR G 5 -41.98 -51.49 -14.10
N GLN G 6 -43.00 -52.23 -14.55
CA GLN G 6 -44.30 -51.63 -14.80
C GLN G 6 -45.36 -52.71 -14.79
N SER G 7 -46.60 -52.28 -14.56
CA SER G 7 -47.73 -53.18 -14.42
C SER G 7 -48.96 -52.57 -15.09
N PRO G 8 -49.89 -53.40 -15.55
CA PRO G 8 -49.86 -54.88 -15.60
C PRO G 8 -48.95 -55.39 -16.70
N HIS G 9 -48.53 -56.65 -16.63
CA HIS G 9 -47.59 -57.17 -17.62
C HIS G 9 -48.21 -57.20 -19.01
N SER G 10 -49.46 -57.64 -19.11
CA SER G 10 -50.18 -57.66 -20.38
C SER G 10 -51.57 -57.08 -20.20
N LEU G 11 -52.10 -56.51 -21.27
CA LEU G 11 -53.38 -55.81 -21.23
C LEU G 11 -54.30 -56.35 -22.31
N SER G 12 -55.60 -56.18 -22.07
CA SER G 12 -56.61 -56.52 -23.06
C SER G 12 -57.84 -55.68 -22.75
N VAL G 13 -58.08 -54.66 -23.59
CA VAL G 13 -59.13 -53.69 -23.35
C VAL G 13 -60.02 -53.61 -24.59
N THR G 14 -61.33 -53.52 -24.37
CA THR G 14 -62.26 -53.39 -25.47
C THR G 14 -62.05 -52.05 -26.18
N PRO G 15 -62.06 -52.03 -27.51
CA PRO G 15 -61.82 -50.77 -28.23
C PRO G 15 -62.85 -49.72 -27.88
N GLY G 16 -62.39 -48.47 -27.84
CA GLY G 16 -63.22 -47.35 -27.45
C GLY G 16 -63.15 -46.99 -25.98
N GLU G 17 -62.51 -47.81 -25.15
CA GLU G 17 -62.38 -47.57 -23.73
C GLU G 17 -61.07 -46.87 -23.43
N SER G 18 -60.74 -46.74 -22.16
CA SER G 18 -59.50 -46.13 -21.71
C SER G 18 -58.72 -47.15 -20.87
N ALA G 19 -57.43 -47.26 -21.14
CA ALA G 19 -56.52 -48.13 -20.43
C ALA G 19 -55.50 -47.30 -19.68
N SER G 20 -55.01 -47.84 -18.57
CA SER G 20 -54.02 -47.15 -17.76
C SER G 20 -52.93 -48.13 -17.39
N ILE G 21 -51.68 -47.77 -17.70
CA ILE G 21 -50.53 -48.61 -17.34
C ILE G 21 -49.59 -47.78 -16.47
N SER G 22 -49.02 -48.41 -15.45
CA SER G 22 -48.21 -47.71 -14.47
C SER G 22 -46.78 -48.22 -14.51
N CYS G 23 -45.83 -47.30 -14.67
CA CYS G 23 -44.41 -47.62 -14.63
C CYS G 23 -43.87 -47.29 -13.24
N LYS G 24 -43.51 -48.33 -12.49
CA LYS G 24 -42.96 -48.18 -11.14
C LYS G 24 -41.44 -48.20 -11.23
N SER G 25 -40.82 -47.12 -10.77
CA SER G 25 -39.37 -47.01 -10.78
C SER G 25 -38.81 -47.58 -9.48
N SER G 26 -37.52 -47.32 -9.23
CA SER G 26 -36.90 -47.70 -7.98
C SER G 26 -36.08 -46.57 -7.37
N HIS G 27 -36.17 -45.36 -7.92
CA HIS G 27 -35.41 -44.23 -7.41
C HIS G 27 -36.24 -42.97 -7.62
N SER G 28 -35.63 -41.81 -7.34
CA SER G 28 -36.39 -40.57 -7.22
C SER G 28 -37.10 -40.21 -8.52
N LEU G 29 -36.39 -40.33 -9.64
CA LEU G 29 -36.90 -39.98 -10.97
C LEU G 29 -37.27 -38.51 -11.09
N ILE G 30 -36.85 -37.67 -10.15
CA ILE G 30 -37.06 -36.23 -10.19
C ILE G 30 -35.71 -35.57 -9.98
N HIS G 31 -35.35 -34.63 -10.87
CA HIS G 31 -34.06 -33.99 -10.69
C HIS G 31 -34.14 -32.83 -9.70
N GLY G 32 -34.79 -31.73 -10.08
CA GLY G 32 -34.99 -30.69 -9.09
C GLY G 32 -36.26 -30.81 -8.29
N ASP G 33 -37.38 -30.45 -8.90
CA ASP G 33 -38.71 -30.69 -8.32
C ASP G 33 -39.79 -31.05 -9.33
N ARG G 34 -39.66 -30.66 -10.59
CA ARG G 34 -40.75 -30.73 -11.56
C ARG G 34 -40.45 -31.68 -12.71
N ASN G 35 -39.28 -31.56 -13.31
CA ASN G 35 -38.88 -32.45 -14.39
C ASN G 35 -38.89 -33.89 -13.90
N ASN G 36 -39.50 -34.78 -14.70
CA ASN G 36 -39.65 -36.18 -14.37
C ASN G 36 -39.09 -36.96 -15.55
N TYR G 37 -37.80 -37.27 -15.52
CA TYR G 37 -37.12 -37.77 -16.70
C TYR G 37 -37.55 -39.19 -17.00
N LEU G 38 -38.82 -39.34 -17.36
CA LEU G 38 -39.40 -40.63 -17.74
C LEU G 38 -40.30 -40.40 -18.93
N ALA G 39 -40.09 -41.18 -19.98
CA ALA G 39 -40.83 -41.06 -21.22
C ALA G 39 -41.41 -42.40 -21.61
N TRP G 40 -42.42 -42.35 -22.49
CA TRP G 40 -43.10 -43.53 -22.98
C TRP G 40 -42.76 -43.77 -24.44
N TYR G 41 -42.55 -45.03 -24.80
CA TYR G 41 -42.25 -45.42 -26.17
C TYR G 41 -43.14 -46.58 -26.57
N VAL G 42 -43.81 -46.47 -27.71
CA VAL G 42 -44.71 -47.51 -28.19
C VAL G 42 -44.13 -48.13 -29.45
N GLN G 43 -44.12 -49.45 -29.49
CA GLN G 43 -43.66 -50.20 -30.65
C GLN G 43 -44.86 -50.92 -31.26
N LYS G 44 -45.18 -50.55 -32.50
CA LYS G 44 -46.20 -51.23 -33.26
C LYS G 44 -45.64 -52.55 -33.80
N PRO G 45 -46.51 -53.51 -34.14
CA PRO G 45 -46.01 -54.79 -34.65
C PRO G 45 -45.22 -54.60 -35.94
N GLY G 46 -44.01 -55.16 -35.96
CA GLY G 46 -43.15 -55.05 -37.12
C GLY G 46 -42.83 -53.63 -37.50
N ARG G 47 -42.50 -52.79 -36.52
CA ARG G 47 -42.24 -51.38 -36.78
C ARG G 47 -41.27 -50.84 -35.75
N SER G 48 -40.63 -49.74 -36.11
CA SER G 48 -39.75 -49.06 -35.17
C SER G 48 -40.59 -48.42 -34.06
N PRO G 49 -40.09 -48.43 -32.82
CA PRO G 49 -40.86 -47.83 -31.73
C PRO G 49 -41.06 -46.33 -31.96
N GLN G 50 -42.21 -45.84 -31.50
CA GLN G 50 -42.57 -44.44 -31.62
C GLN G 50 -42.72 -43.84 -30.24
N LEU G 51 -42.32 -42.59 -30.09
CA LEU G 51 -42.47 -41.89 -28.83
C LEU G 51 -43.88 -41.35 -28.69
N LEU G 52 -44.35 -41.28 -27.44
CA LEU G 52 -45.64 -40.69 -27.14
C LEU G 52 -45.55 -39.47 -26.25
N ILE G 53 -44.73 -39.52 -25.21
CA ILE G 53 -44.65 -38.43 -24.25
C ILE G 53 -43.32 -38.46 -23.54
N TYR G 54 -42.64 -37.31 -23.45
CA TYR G 54 -41.38 -37.19 -22.73
C TYR G 54 -41.61 -36.41 -21.45
N LEU G 55 -40.72 -36.63 -20.49
CA LEU G 55 -40.80 -36.04 -19.15
C LEU G 55 -42.12 -36.35 -18.47
N ALA G 56 -42.83 -37.37 -18.94
CA ALA G 56 -44.10 -37.84 -18.39
C ALA G 56 -45.16 -36.75 -18.36
N SER G 57 -44.93 -35.61 -19.01
CA SER G 57 -45.84 -34.48 -18.93
C SER G 57 -46.38 -34.06 -20.29
N SER G 58 -45.52 -33.88 -21.28
CA SER G 58 -45.92 -33.28 -22.54
C SER G 58 -45.65 -34.23 -23.69
N ARG G 59 -46.63 -34.38 -24.58
CA ARG G 59 -46.45 -35.13 -25.80
C ARG G 59 -45.65 -34.30 -26.80
N ALA G 60 -45.07 -34.99 -27.78
CA ALA G 60 -44.27 -34.33 -28.80
C ALA G 60 -45.17 -33.84 -29.93
N SER G 61 -44.56 -33.40 -31.02
CA SER G 61 -45.30 -32.96 -32.19
C SER G 61 -45.51 -34.13 -33.13
N GLY G 62 -46.76 -34.35 -33.54
CA GLY G 62 -47.12 -35.46 -34.38
C GLY G 62 -47.86 -36.58 -33.69
N VAL G 63 -48.20 -36.43 -32.41
CA VAL G 63 -48.97 -37.42 -31.67
C VAL G 63 -50.26 -36.76 -31.22
N PRO G 64 -51.40 -37.40 -31.39
CA PRO G 64 -52.69 -36.77 -31.08
C PRO G 64 -52.93 -36.69 -29.58
N ASP G 65 -54.12 -36.21 -29.21
CA ASP G 65 -54.46 -35.97 -27.82
C ASP G 65 -54.72 -37.26 -27.05
N ARG G 66 -54.94 -38.38 -27.75
CA ARG G 66 -55.31 -39.62 -27.06
C ARG G 66 -54.28 -39.99 -26.01
N PHE G 67 -53.00 -39.94 -26.37
CA PHE G 67 -51.94 -40.28 -25.44
C PHE G 67 -51.83 -39.22 -24.36
N SER G 68 -51.74 -39.65 -23.11
CA SER G 68 -51.63 -38.73 -21.99
C SER G 68 -51.00 -39.46 -20.82
N GLY G 69 -49.84 -38.99 -20.38
CA GLY G 69 -49.15 -39.57 -19.24
C GLY G 69 -49.00 -38.55 -18.14
N SER G 70 -49.07 -39.01 -16.90
CA SER G 70 -48.96 -38.14 -15.75
C SER G 70 -48.51 -38.94 -14.56
N GLY G 71 -47.89 -38.26 -13.61
CA GLY G 71 -47.39 -38.91 -12.42
C GLY G 71 -46.32 -38.08 -11.75
N SER G 72 -45.77 -38.65 -10.69
CA SER G 72 -44.74 -37.96 -9.92
C SER G 72 -43.93 -38.99 -9.14
N ASP G 73 -42.77 -38.54 -8.66
CA ASP G 73 -41.89 -39.34 -7.81
C ASP G 73 -41.57 -40.68 -8.47
N LYS G 74 -42.25 -41.73 -8.03
CA LYS G 74 -42.04 -43.06 -8.59
C LYS G 74 -43.29 -43.65 -9.22
N ASP G 75 -44.45 -43.03 -9.03
CA ASP G 75 -45.71 -43.52 -9.58
C ASP G 75 -46.07 -42.70 -10.81
N PHE G 76 -46.03 -43.33 -11.98
CA PHE G 76 -46.39 -42.68 -13.23
C PHE G 76 -47.35 -43.60 -13.97
N THR G 77 -48.39 -43.01 -14.56
CA THR G 77 -49.39 -43.77 -15.30
C THR G 77 -49.64 -43.07 -16.62
N LEU G 78 -49.83 -43.85 -17.68
CA LEU G 78 -50.35 -43.32 -18.92
C LEU G 78 -51.77 -43.83 -19.09
N LYS G 79 -52.68 -42.89 -19.31
CA LYS G 79 -54.12 -43.13 -19.48
C LYS G 79 -54.44 -42.92 -20.94
N ILE G 80 -54.31 -43.98 -21.73
CA ILE G 80 -54.68 -43.93 -23.14
C ILE G 80 -56.20 -44.05 -23.24
N SER G 81 -56.83 -43.03 -23.80
CA SER G 81 -58.28 -42.98 -23.92
C SER G 81 -58.68 -42.98 -25.38
N ARG G 82 -59.84 -43.57 -25.67
CA ARG G 82 -60.39 -43.64 -27.02
C ARG G 82 -59.38 -44.33 -27.95
N VAL G 83 -59.18 -45.61 -27.67
CA VAL G 83 -58.22 -46.43 -28.40
C VAL G 83 -58.88 -46.96 -29.67
N GLU G 84 -58.07 -47.44 -30.60
CA GLU G 84 -58.58 -48.02 -31.84
C GLU G 84 -57.63 -49.12 -32.28
N THR G 85 -57.87 -49.65 -33.48
CA THR G 85 -57.06 -50.76 -33.99
C THR G 85 -55.63 -50.33 -34.31
N GLU G 86 -55.36 -49.03 -34.41
CA GLU G 86 -54.03 -48.55 -34.74
C GLU G 86 -53.15 -48.38 -33.51
N ASP G 87 -53.66 -48.64 -32.31
CA ASP G 87 -52.92 -48.44 -31.08
C ASP G 87 -52.52 -49.74 -30.40
N VAL G 88 -52.67 -50.88 -31.09
CA VAL G 88 -52.27 -52.16 -30.51
C VAL G 88 -50.78 -52.34 -30.69
N GLY G 89 -50.09 -52.71 -29.61
CA GLY G 89 -48.65 -52.89 -29.67
C GLY G 89 -48.07 -53.04 -28.28
N THR G 90 -46.76 -52.84 -28.19
CA THR G 90 -46.05 -52.98 -26.93
C THR G 90 -45.63 -51.59 -26.44
N TYR G 91 -45.60 -51.41 -25.12
CA TYR G 91 -45.25 -50.13 -24.54
C TYR G 91 -44.11 -50.29 -23.55
N TYR G 92 -43.20 -49.31 -23.54
CA TYR G 92 -42.04 -49.30 -22.66
C TYR G 92 -41.88 -47.92 -22.04
N CYS G 93 -41.20 -47.86 -20.92
CA CYS G 93 -40.92 -46.60 -20.25
C CYS G 93 -39.42 -46.45 -20.03
N MET G 94 -38.87 -45.34 -20.51
CA MET G 94 -37.49 -44.96 -20.31
C MET G 94 -37.35 -43.99 -19.15
N GLN G 95 -36.46 -44.31 -18.23
CA GLN G 95 -36.03 -43.39 -17.19
C GLN G 95 -34.65 -42.85 -17.56
N GLY G 96 -34.53 -41.54 -17.71
CA GLY G 96 -33.26 -40.90 -17.94
C GLY G 96 -32.63 -40.28 -16.71
N ARG G 97 -33.22 -40.49 -15.53
CA ARG G 97 -32.73 -39.85 -14.32
C ARG G 97 -31.33 -40.32 -13.96
N GLU G 98 -31.07 -41.61 -14.10
CA GLU G 98 -29.81 -42.20 -13.66
C GLU G 98 -29.18 -42.98 -14.78
N SER G 99 -27.90 -42.74 -15.03
CA SER G 99 -27.20 -43.54 -16.01
C SER G 99 -26.73 -44.85 -15.36
N PRO G 100 -26.76 -45.96 -16.09
CA PRO G 100 -27.23 -46.12 -17.46
C PRO G 100 -28.75 -46.09 -17.54
N TRP G 101 -29.29 -45.66 -18.67
CA TRP G 101 -30.73 -45.55 -18.84
C TRP G 101 -31.28 -46.84 -19.41
N THR G 102 -32.39 -47.31 -18.85
CA THR G 102 -32.90 -48.64 -19.18
C THR G 102 -34.35 -48.54 -19.64
N PHE G 103 -34.76 -49.57 -20.38
CA PHE G 103 -36.14 -49.72 -20.81
C PHE G 103 -36.94 -50.38 -19.69
N GLY G 104 -38.15 -50.82 -20.02
CA GLY G 104 -38.92 -51.70 -19.16
C GLY G 104 -38.97 -53.11 -19.71
N GLN G 105 -39.88 -53.90 -19.14
CA GLN G 105 -40.12 -55.26 -19.62
C GLN G 105 -41.27 -55.33 -20.61
N GLY G 106 -41.86 -54.19 -20.95
CA GLY G 106 -42.85 -54.15 -22.02
C GLY G 106 -44.23 -54.57 -21.60
N THR G 107 -45.24 -53.80 -22.01
CA THR G 107 -46.65 -54.11 -21.78
C THR G 107 -47.31 -54.31 -23.14
N LYS G 108 -47.78 -55.52 -23.41
CA LYS G 108 -48.44 -55.83 -24.67
C LYS G 108 -49.93 -55.57 -24.51
N VAL G 109 -50.45 -54.62 -25.29
CA VAL G 109 -51.87 -54.28 -25.23
C VAL G 109 -52.58 -54.96 -26.38
N ASP G 110 -53.79 -55.46 -26.11
CA ASP G 110 -54.59 -56.16 -27.09
C ASP G 110 -56.02 -55.65 -27.03
N ILE G 111 -56.72 -55.77 -28.14
CA ILE G 111 -58.11 -55.36 -28.23
C ILE G 111 -59.00 -56.50 -27.74
N LYS G 112 -59.88 -56.20 -26.79
CA LYS G 112 -60.74 -57.21 -26.20
C LYS G 112 -62.10 -57.24 -26.89
N VAL H 2 20.11 -26.50 12.50
CA VAL H 2 19.04 -26.99 11.63
C VAL H 2 19.09 -28.50 11.51
N ARG H 3 17.92 -29.12 11.41
CA ARG H 3 17.84 -30.57 11.27
C ARG H 3 18.18 -30.96 9.84
N LEU H 4 19.07 -31.94 9.68
CA LEU H 4 19.48 -32.43 8.37
C LEU H 4 19.18 -33.93 8.30
N ASP H 5 17.95 -34.26 7.91
CA ASP H 5 17.61 -35.65 7.67
C ASP H 5 18.38 -36.17 6.45
N GLN H 6 18.64 -37.46 6.44
CA GLN H 6 19.40 -38.07 5.35
C GLN H 6 18.76 -39.38 4.97
N SER H 7 19.06 -39.83 3.75
CA SER H 7 18.47 -41.06 3.24
C SER H 7 19.08 -42.27 3.92
N GLY H 8 18.39 -43.40 3.77
CA GLY H 8 18.85 -44.63 4.38
C GLY H 8 20.02 -45.25 3.64
N THR H 9 20.64 -46.24 4.31
CA THR H 9 21.85 -46.86 3.79
C THR H 9 21.57 -47.51 2.44
N ALA H 10 22.62 -47.58 1.62
CA ALA H 10 22.45 -48.05 0.25
C ALA H 10 23.56 -49.02 -0.11
N VAL H 11 23.22 -49.97 -0.98
CA VAL H 11 24.19 -50.91 -1.54
C VAL H 11 24.00 -50.95 -3.05
N LYS H 12 25.09 -50.74 -3.78
CA LYS H 12 25.06 -50.74 -5.23
C LYS H 12 26.16 -51.65 -5.76
N LYS H 13 26.13 -51.89 -7.05
CA LYS H 13 27.13 -52.69 -7.74
C LYS H 13 28.14 -51.80 -8.44
N PRO H 14 29.37 -52.29 -8.64
CA PRO H 14 30.38 -51.46 -9.31
C PRO H 14 29.94 -51.05 -10.70
N GLY H 15 30.27 -49.81 -11.06
CA GLY H 15 29.91 -49.27 -12.36
C GLY H 15 28.50 -48.70 -12.45
N ALA H 16 27.74 -48.76 -11.37
CA ALA H 16 26.37 -48.25 -11.36
C ALA H 16 26.38 -46.78 -10.92
N SER H 17 25.22 -46.25 -10.57
CA SER H 17 25.10 -44.91 -10.02
C SER H 17 24.38 -44.97 -8.69
N VAL H 18 24.70 -44.01 -7.81
CA VAL H 18 24.10 -43.94 -6.48
C VAL H 18 23.55 -42.54 -6.27
N ARG H 19 22.42 -42.46 -5.57
CA ARG H 19 21.73 -41.21 -5.30
C ARG H 19 21.52 -41.08 -3.80
N VAL H 20 21.99 -39.99 -3.22
CA VAL H 20 21.85 -39.73 -1.79
C VAL H 20 21.14 -38.41 -1.61
N SER H 21 20.10 -38.41 -0.78
CA SER H 21 19.26 -37.23 -0.57
C SER H 21 19.44 -36.72 0.85
N CYS H 22 19.63 -35.42 0.99
CA CYS H 22 19.75 -34.76 2.28
C CYS H 22 18.70 -33.67 2.38
N ARG H 23 17.86 -33.75 3.40
CA ARG H 23 16.72 -32.85 3.55
C ARG H 23 16.97 -31.90 4.71
N ALA H 24 16.67 -30.63 4.50
CA ALA H 24 16.85 -29.58 5.50
C ALA H 24 15.57 -28.78 5.60
N PRO H 25 14.54 -29.31 6.24
CA PRO H 25 13.23 -28.66 6.21
C PRO H 25 13.25 -27.29 6.85
N ASP H 26 12.48 -26.37 6.26
CA ASP H 26 12.28 -25.03 6.79
C ASP H 26 13.60 -24.30 7.01
N SER H 27 14.53 -24.47 6.07
CA SER H 27 15.80 -23.77 6.15
C SER H 27 16.28 -23.19 4.83
N PHE H 28 15.57 -23.40 3.73
CA PHE H 28 15.99 -22.84 2.45
C PHE H 28 15.58 -21.39 2.27
N THR H 29 14.69 -20.88 3.11
CA THR H 29 14.15 -19.55 2.95
C THR H 29 14.62 -18.66 4.10
N VAL H 30 14.91 -17.41 3.76
CA VAL H 30 15.23 -16.37 4.74
C VAL H 30 14.26 -15.22 4.56
N TYR H 31 14.28 -14.31 5.52
CA TYR H 31 13.43 -13.13 5.51
C TYR H 31 14.26 -11.92 5.11
N ARG H 32 13.79 -11.16 4.12
CA ARG H 32 14.45 -9.91 3.83
C ARG H 32 13.57 -8.81 4.41
N PRO H 33 13.84 -8.36 5.64
CA PRO H 33 12.91 -7.44 6.30
C PRO H 33 12.73 -6.13 5.56
N ARG H 34 13.70 -5.73 4.73
CA ARG H 34 13.54 -4.51 3.95
C ARG H 34 12.30 -4.60 3.06
N LEU H 35 12.29 -5.55 2.12
CA LEU H 35 11.09 -5.77 1.33
C LEU H 35 10.00 -6.44 2.16
N SER H 36 10.37 -7.06 3.28
CA SER H 36 9.45 -7.86 4.08
C SER H 36 8.88 -9.02 3.27
N ALA H 37 9.77 -9.73 2.59
CA ALA H 37 9.39 -10.88 1.78
C ALA H 37 10.37 -12.02 1.99
N TYR H 38 9.88 -13.23 1.75
CA TYR H 38 10.73 -14.41 1.86
C TYR H 38 11.57 -14.58 0.60
N PHE H 39 12.83 -14.99 0.77
CA PHE H 39 13.72 -15.24 -0.34
C PHE H 39 14.40 -16.58 -0.12
N ILE H 40 15.05 -17.09 -1.16
CA ILE H 40 15.86 -18.29 -1.02
C ILE H 40 17.24 -17.88 -0.54
N GLY H 41 17.69 -18.50 0.55
CA GLY H 41 18.96 -18.12 1.12
C GLY H 41 20.14 -18.54 0.28
N GLU H 42 21.28 -17.93 0.54
CA GLU H 42 22.52 -18.21 -0.19
C GLU H 42 23.38 -19.23 0.54
N PHE H 43 22.77 -20.14 1.29
CA PHE H 43 23.53 -21.15 2.00
C PHE H 43 24.16 -22.15 1.04
N ASN H 44 25.25 -22.77 1.49
CA ASN H 44 25.95 -23.77 0.71
C ASN H 44 25.75 -25.13 1.36
N ILE H 45 25.22 -26.09 0.60
CA ILE H 45 25.09 -27.45 1.07
C ILE H 45 26.35 -28.16 0.60
N HIS H 46 27.28 -28.35 1.53
CA HIS H 46 28.50 -29.11 1.29
C HIS H 46 28.24 -30.60 1.37
N TRP H 47 29.10 -31.37 0.73
CA TRP H 47 29.05 -32.83 0.81
C TRP H 47 30.41 -33.35 1.22
N LEU H 48 30.44 -34.22 2.22
CA LEU H 48 31.68 -34.78 2.73
C LEU H 48 31.58 -36.29 2.70
N ARG H 49 32.71 -36.95 2.51
CA ARG H 49 32.73 -38.40 2.54
C ARG H 49 33.85 -38.88 3.45
N GLN H 50 33.63 -40.04 4.06
CA GLN H 50 34.59 -40.62 4.98
C GLN H 50 34.67 -42.11 4.72
N ALA H 51 35.85 -42.57 4.34
CA ALA H 51 36.10 -43.99 4.23
C ALA H 51 36.34 -44.58 5.62
N PRO H 52 36.00 -45.85 5.83
CA PRO H 52 36.18 -46.43 7.17
C PRO H 52 37.64 -46.56 7.55
N GLY H 53 38.08 -45.75 8.51
CA GLY H 53 39.45 -45.82 8.97
C GLY H 53 40.22 -44.53 8.80
N GLN H 54 39.97 -43.80 7.73
CA GLN H 54 40.69 -42.59 7.41
C GLN H 54 39.79 -41.37 7.61
N GLY H 55 40.38 -40.18 7.42
CA GLY H 55 39.68 -38.94 7.65
C GLY H 55 38.73 -38.56 6.54
N LEU H 56 37.98 -37.50 6.79
CA LEU H 56 36.94 -37.07 5.86
C LEU H 56 37.56 -36.46 4.59
N GLU H 57 36.74 -36.40 3.55
CA GLU H 57 37.13 -35.81 2.29
C GLU H 57 35.98 -34.97 1.75
N TRP H 58 36.31 -33.97 0.93
CA TRP H 58 35.32 -33.03 0.42
C TRP H 58 34.99 -33.36 -1.03
N LEU H 59 33.72 -33.67 -1.30
CA LEU H 59 33.31 -33.92 -2.68
C LEU H 59 32.99 -32.63 -3.43
N GLY H 60 31.96 -31.92 -2.98
CA GLY H 60 31.54 -30.70 -3.64
C GLY H 60 30.64 -29.88 -2.74
N PHE H 61 30.10 -28.80 -3.30
CA PHE H 61 29.08 -28.03 -2.62
C PHE H 61 28.15 -27.39 -3.63
N VAL H 62 26.93 -27.09 -3.18
CA VAL H 62 25.91 -26.44 -4.00
C VAL H 62 25.43 -25.20 -3.27
N ASN H 63 25.68 -24.04 -3.85
CA ASN H 63 24.99 -22.82 -3.46
C ASN H 63 23.57 -22.90 -3.99
N ILE H 64 22.60 -22.92 -3.09
CA ILE H 64 21.20 -23.17 -3.44
C ILE H 64 20.46 -21.95 -3.96
N PHE H 65 21.07 -20.76 -3.92
CA PHE H 65 20.37 -19.57 -4.39
C PHE H 65 20.00 -19.69 -5.84
N ARG H 66 20.91 -20.22 -6.67
CA ARG H 66 20.59 -20.47 -8.06
C ARG H 66 21.12 -21.83 -8.51
N GLY H 67 21.35 -22.75 -7.59
CA GLY H 67 21.84 -24.06 -7.98
C GLY H 67 23.27 -24.08 -8.43
N ALA H 68 24.05 -23.06 -8.09
CA ALA H 68 25.46 -23.09 -8.46
C ALA H 68 26.14 -24.24 -7.75
N VAL H 69 27.12 -24.85 -8.41
CA VAL H 69 27.81 -26.01 -7.87
C VAL H 69 29.32 -25.86 -8.03
N LYS H 70 30.05 -26.68 -7.28
CA LYS H 70 31.48 -26.85 -7.50
C LYS H 70 31.98 -28.13 -6.86
N TYR H 71 32.67 -28.96 -7.64
CA TYR H 71 33.14 -30.29 -7.24
C TYR H 71 34.64 -30.27 -7.01
N SER H 72 35.12 -31.33 -6.35
CA SER H 72 36.55 -31.49 -6.17
C SER H 72 37.20 -31.89 -7.48
N SER H 73 38.50 -31.60 -7.60
CA SER H 73 39.19 -31.84 -8.86
C SER H 73 39.21 -33.31 -9.24
N ARG H 74 39.51 -34.18 -8.27
CA ARG H 74 39.74 -35.58 -8.61
C ARG H 74 38.46 -36.39 -8.66
N PHE H 75 37.31 -35.77 -8.44
CA PHE H 75 36.02 -36.43 -8.62
C PHE H 75 35.29 -35.94 -9.86
N GLN H 76 35.81 -34.92 -10.54
CA GLN H 76 35.08 -34.30 -11.63
C GLN H 76 34.83 -35.28 -12.76
N GLY H 77 33.67 -35.13 -13.40
CA GLY H 77 33.26 -36.01 -14.48
C GLY H 77 32.45 -37.21 -14.04
N ARG H 78 32.30 -37.44 -12.73
CA ARG H 78 31.51 -38.58 -12.29
C ARG H 78 30.61 -38.25 -11.10
N ILE H 79 30.51 -36.99 -10.69
CA ILE H 79 29.65 -36.59 -9.58
C ILE H 79 28.82 -35.40 -10.02
N THR H 80 27.51 -35.47 -9.77
CA THR H 80 26.60 -34.37 -10.10
C THR H 80 25.84 -33.99 -8.84
N ILE H 81 25.80 -32.71 -8.54
CA ILE H 81 25.19 -32.21 -7.32
C ILE H 81 24.06 -31.26 -7.70
N THR H 82 22.89 -31.44 -7.10
CA THR H 82 21.76 -30.57 -7.37
C THR H 82 20.98 -30.34 -6.09
N ARG H 83 20.01 -29.43 -6.16
CA ARG H 83 19.09 -29.24 -5.06
C ARG H 83 17.71 -28.95 -5.63
N ASP H 84 16.70 -29.23 -4.82
CA ASP H 84 15.31 -28.92 -5.16
C ASP H 84 14.81 -27.98 -4.08
N THR H 85 14.55 -26.74 -4.47
CA THR H 85 14.09 -25.73 -3.52
C THR H 85 12.65 -25.97 -3.09
N SER H 86 11.83 -26.51 -3.99
CA SER H 86 10.45 -26.81 -3.62
C SER H 86 10.39 -27.84 -2.50
N SER H 87 11.21 -28.88 -2.60
CA SER H 87 11.28 -29.90 -1.56
C SER H 87 12.30 -29.58 -0.48
N GLU H 88 13.05 -28.49 -0.64
CA GLU H 88 14.09 -28.08 0.32
C GLU H 88 15.07 -29.22 0.58
N THR H 89 15.51 -29.87 -0.49
CA THR H 89 16.42 -31.00 -0.36
C THR H 89 17.59 -30.82 -1.31
N SER H 90 18.63 -31.63 -1.09
CA SER H 90 19.80 -31.63 -1.96
C SER H 90 20.15 -33.07 -2.32
N TYR H 91 20.47 -33.28 -3.60
CA TYR H 91 20.70 -34.61 -4.14
C TYR H 91 22.14 -34.72 -4.64
N LEU H 92 22.80 -35.80 -4.26
CA LEU H 92 24.12 -36.16 -4.75
C LEU H 92 24.00 -37.39 -5.62
N ASP H 93 24.48 -37.31 -6.85
CA ASP H 93 24.43 -38.42 -7.79
C ASP H 93 25.86 -38.78 -8.16
N LEU H 94 26.35 -39.89 -7.63
CA LEU H 94 27.72 -40.32 -7.86
C LEU H 94 27.67 -41.48 -8.86
N GLY H 95 28.35 -41.31 -9.99
CA GLY H 95 28.31 -42.28 -11.07
C GLY H 95 29.62 -43.03 -11.20
N ALA H 96 29.52 -44.27 -11.67
CA ALA H 96 30.68 -45.13 -11.92
C ALA H 96 31.50 -45.31 -10.64
N LEU H 97 30.84 -45.81 -9.59
CA LEU H 97 31.54 -46.10 -8.35
C LEU H 97 32.50 -47.26 -8.53
N LYS H 98 33.67 -47.13 -7.94
CA LYS H 98 34.67 -48.19 -7.93
C LYS H 98 34.60 -48.93 -6.60
N ALA H 99 35.44 -49.96 -6.47
CA ALA H 99 35.45 -50.74 -5.24
C ALA H 99 35.84 -49.91 -4.04
N ASP H 100 36.69 -48.91 -4.24
CA ASP H 100 37.19 -48.10 -3.13
C ASP H 100 36.25 -46.96 -2.76
N ASP H 101 35.14 -46.79 -3.46
CA ASP H 101 34.24 -45.68 -3.21
C ASP H 101 33.25 -45.95 -2.09
N THR H 102 33.25 -47.16 -1.54
CA THR H 102 32.32 -47.49 -0.46
C THR H 102 32.69 -46.73 0.80
N ALA H 103 31.71 -46.04 1.39
CA ALA H 103 32.02 -45.13 2.50
C ALA H 103 30.76 -44.54 3.11
N THR H 104 30.91 -43.70 4.13
CA THR H 104 29.79 -42.98 4.71
C THR H 104 29.81 -41.53 4.24
N TYR H 105 28.67 -41.04 3.76
CA TYR H 105 28.55 -39.70 3.20
C TYR H 105 27.72 -38.83 4.13
N TYR H 106 28.20 -37.60 4.33
CA TYR H 106 27.59 -36.61 5.18
C TYR H 106 27.18 -35.42 4.32
N CYS H 107 26.01 -34.85 4.60
CA CYS H 107 25.63 -33.57 4.03
C CYS H 107 25.79 -32.51 5.11
N ALA H 108 26.43 -31.40 4.76
CA ALA H 108 26.75 -30.36 5.72
C ALA H 108 26.12 -29.05 5.27
N TRP H 109 25.73 -28.24 6.25
CA TRP H 109 25.08 -26.96 5.98
C TRP H 109 26.06 -25.83 6.29
N ASP H 110 26.16 -24.87 5.40
CA ASP H 110 27.08 -23.76 5.55
C ASP H 110 26.31 -22.46 5.37
N LYS H 111 26.38 -21.59 6.36
CA LYS H 111 25.68 -20.32 6.29
C LYS H 111 26.30 -19.38 5.27
N ASN H 112 27.49 -19.69 4.76
CA ASN H 112 28.17 -18.86 3.77
C ASN H 112 28.35 -17.44 4.26
N VAL H 113 28.65 -17.30 5.55
CA VAL H 113 28.96 -15.98 6.10
C VAL H 113 30.36 -15.57 5.65
N ASP H 114 30.51 -14.28 5.34
CA ASP H 114 31.80 -13.79 4.88
C ASP H 114 32.87 -13.90 5.97
N ASP H 115 32.50 -13.62 7.22
CA ASP H 115 33.48 -13.62 8.29
C ASP H 115 34.06 -15.02 8.52
N ASN H 116 33.22 -16.04 8.44
CA ASN H 116 33.67 -17.42 8.64
C ASN H 116 33.58 -18.20 7.35
N PRO H 117 34.67 -18.34 6.61
CA PRO H 117 34.62 -19.11 5.36
C PRO H 117 34.69 -20.60 5.63
N TRP H 118 33.94 -21.36 4.83
CA TRP H 118 33.96 -22.82 4.88
C TRP H 118 33.69 -23.33 6.28
N ARG H 119 32.51 -22.97 6.78
CA ARG H 119 32.06 -23.42 8.10
C ARG H 119 30.83 -24.29 7.93
N LEU H 120 30.84 -25.46 8.57
CA LEU H 120 29.70 -26.37 8.56
C LEU H 120 29.13 -26.44 9.96
N ASP H 121 27.85 -26.10 10.10
CA ASP H 121 27.22 -26.08 11.41
C ASP H 121 26.52 -27.40 11.72
N SER H 122 25.56 -27.77 10.89
CA SER H 122 24.72 -28.93 11.14
C SER H 122 25.06 -30.04 10.14
N TRP H 123 25.10 -31.27 10.62
CA TRP H 123 25.49 -32.41 9.82
C TRP H 123 24.39 -33.45 9.82
N GLY H 124 24.30 -34.18 8.72
CA GLY H 124 23.31 -35.23 8.61
C GLY H 124 23.73 -36.47 9.36
N GLN H 125 22.77 -37.37 9.53
CA GLN H 125 23.02 -38.61 10.25
C GLN H 125 24.05 -39.48 9.55
N GLY H 126 24.31 -39.21 8.27
CA GLY H 126 25.29 -39.98 7.53
C GLY H 126 24.69 -41.21 6.88
N THR H 127 24.89 -41.35 5.57
CA THR H 127 24.38 -42.48 4.82
C THR H 127 25.55 -43.35 4.40
N LEU H 128 25.51 -44.62 4.78
CA LEU H 128 26.57 -45.56 4.45
C LEU H 128 26.20 -46.25 3.15
N VAL H 129 27.08 -46.15 2.15
CA VAL H 129 26.89 -46.78 0.86
C VAL H 129 27.98 -47.82 0.66
N ILE H 130 27.57 -49.02 0.28
CA ILE H 130 28.43 -50.18 0.12
C ILE H 130 28.38 -50.60 -1.34
N VAL H 131 29.56 -50.76 -1.95
CA VAL H 131 29.66 -51.20 -3.34
C VAL H 131 30.49 -52.48 -3.39
N SER H 132 29.93 -53.50 -4.02
CA SER H 132 30.59 -54.79 -4.18
C SER H 132 29.80 -55.60 -5.21
N SER H 133 30.38 -56.72 -5.62
CA SER H 133 29.71 -57.62 -6.54
C SER H 133 29.36 -58.93 -5.84
N VAL I 2 4.26 11.25 -33.47
CA VAL I 2 3.56 9.97 -33.36
C VAL I 2 3.10 9.48 -34.72
N ARG I 3 3.36 8.21 -35.00
CA ARG I 3 2.95 7.62 -36.27
C ARG I 3 1.44 7.66 -36.40
N LEU I 4 0.95 8.17 -37.53
CA LEU I 4 -0.47 8.37 -37.74
C LEU I 4 -0.89 7.61 -38.99
N ASP I 5 -1.86 6.72 -38.84
CA ASP I 5 -2.40 5.94 -39.95
C ASP I 5 -3.81 6.41 -40.25
N GLN I 6 -4.06 6.75 -41.51
CA GLN I 6 -5.36 7.25 -41.93
C GLN I 6 -6.16 6.13 -42.60
N SER I 7 -7.32 6.50 -43.12
CA SER I 7 -8.16 5.55 -43.84
C SER I 7 -7.74 5.51 -45.30
N GLY I 8 -8.56 4.86 -46.13
CA GLY I 8 -8.28 4.74 -47.55
C GLY I 8 -9.06 5.73 -48.38
N THR I 9 -8.77 5.72 -49.68
CA THR I 9 -9.45 6.60 -50.61
C THR I 9 -10.92 6.21 -50.71
N ALA I 10 -11.80 7.21 -50.63
CA ALA I 10 -13.24 6.98 -50.66
C ALA I 10 -13.87 7.79 -51.79
N VAL I 11 -14.81 7.17 -52.49
CA VAL I 11 -15.57 7.81 -53.55
C VAL I 11 -17.05 7.69 -53.18
N LYS I 12 -17.74 8.83 -53.14
CA LYS I 12 -19.13 8.86 -52.73
C LYS I 12 -19.94 9.76 -53.65
N LYS I 13 -21.18 9.37 -53.91
CA LYS I 13 -22.08 10.16 -54.72
C LYS I 13 -22.60 11.36 -53.94
N PRO I 14 -22.98 12.43 -54.62
CA PRO I 14 -23.55 13.59 -53.92
C PRO I 14 -24.81 13.21 -53.17
N GLY I 15 -25.01 13.86 -52.03
CA GLY I 15 -26.17 13.62 -51.20
C GLY I 15 -26.02 12.51 -50.18
N ALA I 16 -24.93 11.76 -50.24
CA ALA I 16 -24.68 10.67 -49.31
C ALA I 16 -23.89 11.18 -48.11
N SER I 17 -23.34 10.27 -47.32
CA SER I 17 -22.46 10.62 -46.22
C SER I 17 -21.17 9.82 -46.32
N VAL I 18 -20.08 10.44 -45.84
CA VAL I 18 -18.76 9.84 -45.88
C VAL I 18 -18.20 9.81 -44.47
N ARG I 19 -17.28 8.87 -44.23
CA ARG I 19 -16.64 8.74 -42.93
C ARG I 19 -15.17 8.41 -43.13
N VAL I 20 -14.32 9.15 -42.43
CA VAL I 20 -12.87 8.99 -42.53
C VAL I 20 -12.33 8.65 -41.15
N SER I 21 -11.52 7.60 -41.09
CA SER I 21 -10.97 7.09 -39.85
C SER I 21 -9.49 7.44 -39.75
N CYS I 22 -9.08 7.94 -38.60
CA CYS I 22 -7.69 8.33 -38.36
C CYS I 22 -7.23 7.64 -37.09
N ARG I 23 -6.28 6.72 -37.21
CA ARG I 23 -5.83 5.91 -36.09
C ARG I 23 -4.46 6.39 -35.62
N ALA I 24 -4.31 6.55 -34.31
CA ALA I 24 -3.05 7.00 -33.70
C ALA I 24 -2.70 6.01 -32.60
N PRO I 25 -2.11 4.88 -32.96
CA PRO I 25 -1.92 3.81 -31.96
C PRO I 25 -0.94 4.20 -30.87
N ASP I 26 -1.20 3.67 -29.67
CA ASP I 26 -0.31 3.79 -28.52
C ASP I 26 0.00 5.23 -28.18
N SER I 27 -0.96 6.13 -28.37
CA SER I 27 -0.70 7.54 -28.12
C SER I 27 -1.83 8.27 -27.41
N PHE I 28 -2.96 7.62 -27.15
CA PHE I 28 -4.04 8.31 -26.46
C PHE I 28 -3.77 8.45 -24.97
N THR I 29 -3.16 7.43 -24.37
CA THR I 29 -2.96 7.38 -22.93
C THR I 29 -1.65 8.05 -22.56
N VAL I 30 -1.64 8.73 -21.41
CA VAL I 30 -0.45 9.39 -20.88
C VAL I 30 -0.26 8.96 -19.43
N TYR I 31 0.99 8.71 -19.07
CA TYR I 31 1.32 8.42 -17.68
C TYR I 31 1.12 9.66 -16.83
N ARG I 32 0.65 9.45 -15.61
CA ARG I 32 0.63 10.51 -14.60
C ARG I 32 1.53 10.05 -13.46
N PRO I 33 2.79 10.46 -13.43
CA PRO I 33 3.71 9.94 -12.41
C PRO I 33 3.28 10.24 -11.00
N ARG I 34 2.44 11.26 -10.80
CA ARG I 34 1.93 11.54 -9.46
C ARG I 34 1.16 10.35 -8.91
N LEU I 35 0.05 9.99 -9.55
CA LEU I 35 -0.72 8.84 -9.09
C LEU I 35 -0.10 7.52 -9.53
N SER I 36 0.80 7.55 -10.52
CA SER I 36 1.36 6.35 -11.12
C SER I 36 0.27 5.48 -11.75
N ALA I 37 -0.40 6.07 -12.74
CA ALA I 37 -1.40 5.36 -13.51
C ALA I 37 -1.56 6.06 -14.85
N TYR I 38 -2.17 5.34 -15.79
CA TYR I 38 -2.37 5.84 -17.15
C TYR I 38 -3.74 6.49 -17.25
N PHE I 39 -3.75 7.75 -17.67
CA PHE I 39 -4.99 8.49 -17.85
C PHE I 39 -5.13 8.86 -19.32
N ILE I 40 -6.38 8.93 -19.77
CA ILE I 40 -6.61 9.40 -21.14
C ILE I 40 -6.12 10.84 -21.23
N GLY I 41 -5.35 11.12 -22.28
CA GLY I 41 -4.66 12.39 -22.37
C GLY I 41 -5.60 13.56 -22.60
N GLU I 42 -5.00 14.74 -22.72
CA GLU I 42 -5.71 15.95 -23.05
C GLU I 42 -5.44 16.40 -24.49
N PHE I 43 -4.89 15.50 -25.30
CA PHE I 43 -4.46 15.86 -26.64
C PHE I 43 -5.66 16.15 -27.53
N ASN I 44 -5.40 16.85 -28.63
CA ASN I 44 -6.44 17.21 -29.58
C ASN I 44 -6.17 16.55 -30.92
N ILE I 45 -7.23 16.23 -31.63
CA ILE I 45 -7.13 15.73 -33.00
C ILE I 45 -7.87 16.73 -33.89
N HIS I 46 -7.14 17.36 -34.79
CA HIS I 46 -7.71 18.30 -35.75
C HIS I 46 -7.96 17.59 -37.07
N TRP I 47 -8.87 18.15 -37.85
CA TRP I 47 -9.18 17.64 -39.17
C TRP I 47 -9.09 18.78 -40.17
N LEU I 48 -8.21 18.65 -41.14
CA LEU I 48 -7.99 19.67 -42.15
C LEU I 48 -8.29 19.09 -43.52
N ARG I 49 -8.58 19.97 -44.47
CA ARG I 49 -8.78 19.53 -45.84
C ARG I 49 -7.98 20.42 -46.77
N GLN I 50 -7.63 19.85 -47.92
CA GLN I 50 -6.92 20.58 -48.98
C GLN I 50 -7.62 20.28 -50.28
N ALA I 51 -8.26 21.28 -50.84
CA ALA I 51 -8.85 21.16 -52.16
C ALA I 51 -7.74 21.11 -53.21
N PRO I 52 -8.03 20.55 -54.39
CA PRO I 52 -7.01 20.54 -55.46
C PRO I 52 -6.55 21.96 -55.78
N GLY I 53 -5.25 22.19 -55.56
CA GLY I 53 -4.69 23.49 -55.84
C GLY I 53 -5.23 24.60 -54.97
N GLN I 54 -5.37 24.36 -53.67
CA GLN I 54 -5.87 25.37 -52.75
C GLN I 54 -5.24 25.17 -51.38
N GLY I 55 -5.23 26.24 -50.58
CA GLY I 55 -4.68 26.16 -49.25
C GLY I 55 -5.54 25.30 -48.33
N LEU I 56 -4.93 24.89 -47.22
CA LEU I 56 -5.63 24.04 -46.27
C LEU I 56 -6.76 24.80 -45.58
N GLU I 57 -7.79 24.06 -45.22
CA GLU I 57 -8.95 24.60 -44.52
C GLU I 57 -9.19 23.78 -43.26
N TRP I 58 -9.41 24.46 -42.14
CA TRP I 58 -9.58 23.80 -40.86
C TRP I 58 -11.05 23.44 -40.65
N LEU I 59 -11.36 22.16 -40.53
CA LEU I 59 -12.74 21.76 -40.31
C LEU I 59 -13.14 21.86 -38.84
N GLY I 60 -12.51 21.04 -37.99
CA GLY I 60 -12.80 21.07 -36.57
C GLY I 60 -11.84 20.16 -35.84
N PHE I 61 -11.92 20.21 -34.51
CA PHE I 61 -11.01 19.44 -33.69
C PHE I 61 -11.76 18.87 -32.48
N VAL I 62 -11.22 17.76 -31.98
CA VAL I 62 -11.81 17.03 -30.86
C VAL I 62 -10.76 16.87 -29.77
N ASN I 63 -11.05 17.40 -28.60
CA ASN I 63 -10.32 17.02 -27.39
C ASN I 63 -10.81 15.66 -26.94
N ILE I 64 -9.91 14.67 -26.92
CA ILE I 64 -10.30 13.28 -26.68
C ILE I 64 -10.47 12.95 -25.21
N PHE I 65 -10.25 13.91 -24.31
CA PHE I 65 -10.44 13.64 -22.89
C PHE I 65 -11.88 13.26 -22.60
N ARG I 66 -12.80 14.18 -22.83
CA ARG I 66 -14.22 13.89 -22.74
C ARG I 66 -14.88 13.87 -24.12
N GLY I 67 -14.09 13.87 -25.18
CA GLY I 67 -14.65 13.88 -26.52
C GLY I 67 -15.23 15.20 -26.94
N ALA I 68 -14.83 16.30 -26.29
CA ALA I 68 -15.38 17.59 -26.66
C ALA I 68 -14.95 17.95 -28.08
N VAL I 69 -15.77 18.76 -28.75
CA VAL I 69 -15.54 19.09 -30.15
C VAL I 69 -15.68 20.58 -30.37
N LYS I 70 -15.16 21.02 -31.52
CA LYS I 70 -15.39 22.39 -31.97
C LYS I 70 -15.18 22.42 -33.48
N TYR I 71 -16.22 22.84 -34.21
CA TYR I 71 -16.22 22.84 -35.66
C TYR I 71 -16.18 24.26 -36.19
N SER I 72 -15.63 24.39 -37.40
CA SER I 72 -15.69 25.65 -38.10
C SER I 72 -17.13 25.98 -38.45
N SER I 73 -17.55 27.22 -38.18
CA SER I 73 -18.95 27.58 -38.33
C SER I 73 -19.45 27.40 -39.76
N ARG I 74 -18.54 27.48 -40.74
CA ARG I 74 -18.96 27.34 -42.13
C ARG I 74 -19.51 25.94 -42.41
N PHE I 75 -18.90 24.92 -41.82
CA PHE I 75 -19.35 23.55 -42.00
C PHE I 75 -20.35 23.12 -40.94
N GLN I 76 -20.77 24.03 -40.07
CA GLN I 76 -21.59 23.67 -38.93
C GLN I 76 -22.91 23.05 -39.37
N GLY I 77 -23.35 22.04 -38.63
CA GLY I 77 -24.61 21.39 -38.90
C GLY I 77 -24.54 20.20 -39.84
N ARG I 78 -23.37 19.91 -40.41
CA ARG I 78 -23.24 18.79 -41.32
C ARG I 78 -22.01 17.93 -41.06
N ILE I 79 -21.13 18.31 -40.15
CA ILE I 79 -19.91 17.56 -39.85
C ILE I 79 -19.94 17.15 -38.40
N THR I 80 -19.69 15.86 -38.14
CA THR I 80 -19.60 15.34 -36.78
C THR I 80 -18.22 14.72 -36.60
N ILE I 81 -17.61 14.97 -35.44
CA ILE I 81 -16.27 14.48 -35.16
C ILE I 81 -16.30 13.76 -33.83
N THR I 82 -15.79 12.53 -33.80
CA THR I 82 -15.82 11.74 -32.58
C THR I 82 -14.51 10.97 -32.43
N ARG I 83 -14.36 10.31 -31.29
CA ARG I 83 -13.19 9.48 -31.04
C ARG I 83 -13.60 8.21 -30.33
N ASP I 84 -12.82 7.16 -30.53
CA ASP I 84 -12.98 5.87 -29.86
C ASP I 84 -11.66 5.63 -29.14
N THR I 85 -11.69 5.70 -27.82
CA THR I 85 -10.48 5.54 -27.03
C THR I 85 -10.03 4.09 -26.95
N SER I 86 -10.96 3.14 -27.08
CA SER I 86 -10.59 1.73 -26.95
C SER I 86 -9.63 1.31 -28.06
N SER I 87 -9.91 1.71 -29.29
CA SER I 87 -9.05 1.40 -30.42
C SER I 87 -8.15 2.57 -30.80
N GLU I 88 -8.22 3.68 -30.05
CA GLU I 88 -7.33 4.82 -30.26
C GLU I 88 -7.50 5.41 -31.66
N THR I 89 -8.74 5.73 -32.02
CA THR I 89 -9.01 6.28 -33.35
C THR I 89 -9.94 7.49 -33.23
N SER I 90 -10.03 8.24 -34.33
CA SER I 90 -10.93 9.38 -34.43
C SER I 90 -11.67 9.31 -35.75
N TYR I 91 -12.97 9.55 -35.71
CA TYR I 91 -13.84 9.39 -36.87
C TYR I 91 -14.42 10.74 -37.26
N LEU I 92 -14.35 11.05 -38.55
CA LEU I 92 -15.03 12.20 -39.14
C LEU I 92 -16.21 11.70 -39.95
N ASP I 93 -17.37 12.30 -39.73
CA ASP I 93 -18.61 11.93 -40.41
C ASP I 93 -19.14 13.18 -41.10
N LEU I 94 -19.06 13.21 -42.43
CA LEU I 94 -19.53 14.34 -43.21
C LEU I 94 -20.81 13.94 -43.92
N GLY I 95 -21.84 14.78 -43.79
CA GLY I 95 -23.17 14.48 -44.33
C GLY I 95 -23.54 15.44 -45.45
N ALA I 96 -24.21 14.89 -46.47
CA ALA I 96 -24.71 15.67 -47.61
C ALA I 96 -23.57 16.44 -48.28
N LEU I 97 -22.63 15.68 -48.84
CA LEU I 97 -21.51 16.30 -49.54
C LEU I 97 -21.99 16.98 -50.81
N LYS I 98 -21.27 18.00 -51.22
CA LYS I 98 -21.51 18.68 -52.48
C LYS I 98 -20.33 18.44 -53.42
N ALA I 99 -20.50 18.88 -54.66
CA ALA I 99 -19.48 18.63 -55.68
C ALA I 99 -18.13 19.23 -55.29
N ASP I 100 -18.13 20.35 -54.58
CA ASP I 100 -16.89 21.00 -54.20
C ASP I 100 -16.26 20.40 -52.95
N ASP I 101 -16.90 19.40 -52.33
CA ASP I 101 -16.37 18.81 -51.12
C ASP I 101 -15.20 17.87 -51.40
N THR I 102 -14.99 17.46 -52.64
CA THR I 102 -13.89 16.56 -52.95
C THR I 102 -12.56 17.22 -52.63
N ALA I 103 -11.70 16.48 -51.93
CA ALA I 103 -10.42 17.02 -51.49
C ALA I 103 -9.57 15.94 -50.84
N THR I 104 -8.37 16.31 -50.41
CA THR I 104 -7.53 15.44 -49.59
C THR I 104 -7.72 15.85 -48.14
N TYR I 105 -8.20 14.92 -47.32
CA TYR I 105 -8.51 15.18 -45.94
C TYR I 105 -7.41 14.61 -45.05
N TYR I 106 -6.86 15.44 -44.18
CA TYR I 106 -5.79 15.08 -43.27
C TYR I 106 -6.32 15.10 -41.84
N CYS I 107 -5.83 14.15 -41.04
CA CYS I 107 -6.01 14.19 -39.60
C CYS I 107 -4.68 14.56 -38.97
N ALA I 108 -4.71 15.44 -37.96
CA ALA I 108 -3.50 15.97 -37.38
C ALA I 108 -3.58 15.90 -35.87
N TRP I 109 -2.41 15.76 -35.24
CA TRP I 109 -2.30 15.59 -33.81
C TRP I 109 -1.80 16.88 -33.18
N ASP I 110 -2.39 17.28 -32.07
CA ASP I 110 -2.02 18.49 -31.36
C ASP I 110 -1.73 18.12 -29.91
N LYS I 111 -0.54 18.46 -29.43
CA LYS I 111 -0.15 18.15 -28.07
C LYS I 111 -0.93 18.94 -27.04
N ASN I 112 -1.61 20.02 -27.45
CA ASN I 112 -2.42 20.85 -26.55
C ASN I 112 -1.60 21.33 -25.36
N VAL I 113 -0.37 21.72 -25.62
CA VAL I 113 0.45 22.31 -24.57
C VAL I 113 -0.03 23.74 -24.32
N ASP I 114 0.15 24.21 -23.09
CA ASP I 114 -0.36 25.52 -22.72
C ASP I 114 0.37 26.64 -23.44
N ASP I 115 1.70 26.51 -23.56
CA ASP I 115 2.49 27.60 -24.13
C ASP I 115 2.22 27.74 -25.63
N ASN I 116 2.41 26.68 -26.39
CA ASN I 116 2.24 26.73 -27.84
C ASN I 116 0.80 26.44 -28.20
N PRO I 117 0.07 27.38 -28.79
CA PRO I 117 -1.33 27.11 -29.16
C PRO I 117 -1.45 26.62 -30.58
N TRP I 118 -2.31 25.63 -30.77
CA TRP I 118 -2.64 25.10 -32.10
C TRP I 118 -1.37 24.65 -32.83
N ARG I 119 -0.60 23.79 -32.17
CA ARG I 119 0.57 23.17 -32.77
C ARG I 119 0.17 21.76 -33.22
N LEU I 120 0.17 21.53 -34.51
CA LEU I 120 -0.15 20.22 -35.07
C LEU I 120 1.15 19.57 -35.52
N ASP I 121 1.64 18.64 -34.70
CA ASP I 121 2.94 18.02 -34.96
C ASP I 121 2.84 16.90 -35.98
N SER I 122 2.12 15.83 -35.64
CA SER I 122 2.05 14.65 -36.48
C SER I 122 0.87 14.74 -37.42
N TRP I 123 1.10 14.38 -38.68
CA TRP I 123 0.08 14.47 -39.71
C TRP I 123 -0.10 13.11 -40.38
N GLY I 124 -1.36 12.77 -40.67
CA GLY I 124 -1.65 11.53 -41.34
C GLY I 124 -1.23 11.56 -42.79
N GLN I 125 -1.19 10.37 -43.39
CA GLN I 125 -0.80 10.25 -44.78
C GLN I 125 -1.77 10.95 -45.72
N GLY I 126 -2.99 11.20 -45.26
CA GLY I 126 -3.97 11.87 -46.11
C GLY I 126 -4.90 10.88 -46.78
N THR I 127 -6.14 11.32 -46.98
CA THR I 127 -7.15 10.51 -47.62
C THR I 127 -7.72 11.28 -48.80
N LEU I 128 -8.11 10.56 -49.85
CA LEU I 128 -8.70 11.17 -51.02
C LEU I 128 -10.21 10.94 -50.98
N VAL I 129 -10.97 12.00 -50.75
CA VAL I 129 -12.43 11.92 -50.74
C VAL I 129 -12.92 12.56 -52.02
N ILE I 130 -13.52 11.76 -52.90
CA ILE I 130 -13.93 12.20 -54.22
C ILE I 130 -15.43 12.03 -54.35
N VAL I 131 -16.10 13.07 -54.82
CA VAL I 131 -17.54 13.06 -55.06
C VAL I 131 -17.78 13.35 -56.54
N SER I 132 -18.63 12.55 -57.17
CA SER I 132 -18.91 12.73 -58.59
C SER I 132 -20.24 12.07 -58.90
N SER I 133 -20.79 12.42 -60.06
CA SER I 133 -22.05 11.85 -60.52
C SER I 133 -21.81 10.86 -61.66
N VAL J 2 -29.90 8.71 18.14
CA VAL J 2 -29.86 7.69 17.11
C VAL J 2 -31.20 7.00 16.99
N ARG J 3 -31.48 6.45 15.81
CA ARG J 3 -32.73 5.74 15.62
C ARG J 3 -32.78 4.51 16.51
N LEU J 4 -33.98 4.20 16.99
CA LEU J 4 -34.14 3.07 17.92
C LEU J 4 -35.52 2.46 17.68
N ASP J 5 -35.55 1.42 16.84
CA ASP J 5 -36.78 0.70 16.58
C ASP J 5 -36.96 -0.42 17.60
N GLN J 6 -38.18 -0.58 18.08
CA GLN J 6 -38.49 -1.57 19.09
C GLN J 6 -39.47 -2.59 18.52
N SER J 7 -39.65 -3.68 19.27
CA SER J 7 -40.54 -4.75 18.84
C SER J 7 -41.99 -4.37 19.14
N GLY J 8 -42.89 -5.34 19.05
CA GLY J 8 -44.30 -5.08 19.22
C GLY J 8 -44.81 -5.43 20.62
N THR J 9 -46.09 -5.14 20.82
CA THR J 9 -46.75 -5.43 22.09
C THR J 9 -46.76 -6.93 22.33
N ALA J 10 -46.59 -7.32 23.59
CA ALA J 10 -46.53 -8.73 23.96
C ALA J 10 -47.61 -9.04 24.98
N VAL J 11 -48.42 -10.07 24.68
CA VAL J 11 -49.45 -10.57 25.58
C VAL J 11 -49.01 -11.98 25.94
N LYS J 12 -48.48 -12.15 27.15
CA LYS J 12 -47.96 -13.45 27.58
C LYS J 12 -48.74 -13.94 28.79
N LYS J 13 -48.33 -15.11 29.30
CA LYS J 13 -48.96 -15.77 30.42
C LYS J 13 -47.93 -16.01 31.52
N PRO J 14 -48.37 -16.11 32.77
CA PRO J 14 -47.41 -16.29 33.87
C PRO J 14 -46.56 -17.53 33.68
N GLY J 15 -45.28 -17.41 34.02
CA GLY J 15 -44.35 -18.51 33.94
C GLY J 15 -43.74 -18.75 32.57
N ALA J 16 -44.15 -17.98 31.56
CA ALA J 16 -43.62 -18.15 30.22
C ALA J 16 -42.34 -17.31 30.09
N SER J 17 -41.88 -17.14 28.85
CA SER J 17 -40.73 -16.29 28.56
C SER J 17 -41.12 -15.30 27.48
N VAL J 18 -40.53 -14.11 27.55
CA VAL J 18 -40.81 -13.03 26.61
C VAL J 18 -39.50 -12.54 26.03
N ARG J 19 -39.47 -12.37 24.71
CA ARG J 19 -38.31 -11.87 24.00
C ARG J 19 -38.66 -10.53 23.35
N VAL J 20 -37.88 -9.51 23.66
CA VAL J 20 -38.12 -8.16 23.17
C VAL J 20 -36.94 -7.73 22.32
N SER J 21 -37.23 -7.26 21.12
CA SER J 21 -36.21 -6.89 20.14
C SER J 21 -36.12 -5.37 20.03
N CYS J 22 -34.89 -4.86 20.07
CA CYS J 22 -34.62 -3.45 19.88
C CYS J 22 -33.60 -3.32 18.76
N ARG J 23 -33.96 -2.59 17.71
CA ARG J 23 -33.10 -2.43 16.56
C ARG J 23 -32.57 -1.00 16.50
N ALA J 24 -31.28 -0.86 16.18
CA ALA J 24 -30.62 0.43 16.10
C ALA J 24 -29.92 0.50 14.75
N PRO J 25 -30.66 0.78 13.68
CA PRO J 25 -30.09 0.71 12.33
C PRO J 25 -28.88 1.64 12.18
N ASP J 26 -27.82 1.09 11.59
CA ASP J 26 -26.61 1.85 11.26
C ASP J 26 -26.08 2.61 12.47
N SER J 27 -25.96 1.91 13.59
CA SER J 27 -25.47 2.52 14.81
C SER J 27 -24.39 1.74 15.51
N PHE J 28 -24.27 0.43 15.27
CA PHE J 28 -23.31 -0.37 16.02
C PHE J 28 -21.88 -0.03 15.63
N THR J 29 -21.61 0.02 14.33
CA THR J 29 -20.23 0.19 13.88
C THR J 29 -19.77 1.63 14.06
N VAL J 30 -18.48 1.77 14.37
CA VAL J 30 -17.82 3.07 14.47
C VAL J 30 -16.61 3.02 13.55
N TYR J 31 -16.12 4.20 13.19
CA TYR J 31 -14.98 4.32 12.28
C TYR J 31 -13.79 4.80 13.09
N ARG J 32 -12.63 4.18 12.87
CA ARG J 32 -11.42 4.61 13.56
C ARG J 32 -10.55 5.40 12.59
N PRO J 33 -10.48 6.73 12.71
CA PRO J 33 -9.70 7.51 11.73
C PRO J 33 -8.24 7.09 11.65
N ARG J 34 -7.60 6.84 12.78
CA ARG J 34 -6.19 6.47 12.76
C ARG J 34 -5.94 5.13 12.10
N LEU J 35 -6.98 4.33 11.90
CA LEU J 35 -6.84 3.01 11.31
C LEU J 35 -7.52 2.89 9.96
N SER J 36 -8.38 3.84 9.60
CA SER J 36 -9.10 3.83 8.33
C SER J 36 -9.90 2.54 8.16
N ALA J 37 -10.62 2.17 9.21
CA ALA J 37 -11.41 0.94 9.16
C ALA J 37 -12.57 1.03 10.14
N TYR J 38 -13.54 0.15 9.93
CA TYR J 38 -14.74 0.08 10.74
C TYR J 38 -14.60 -0.99 11.81
N PHE J 39 -14.87 -0.62 13.05
CA PHE J 39 -14.82 -1.53 14.18
C PHE J 39 -16.18 -1.55 14.86
N ILE J 40 -16.35 -2.49 15.77
CA ILE J 40 -17.56 -2.54 16.57
C ILE J 40 -17.41 -1.55 17.72
N GLY J 41 -18.35 -0.62 17.81
CA GLY J 41 -18.24 0.44 18.79
C GLY J 41 -18.34 -0.07 20.21
N GLU J 42 -17.83 0.74 21.13
CA GLU J 42 -17.86 0.44 22.55
C GLU J 42 -19.18 0.90 23.18
N PHE J 43 -20.22 1.09 22.38
CA PHE J 43 -21.49 1.57 22.88
C PHE J 43 -22.12 0.57 23.84
N ASN J 44 -23.07 1.06 24.63
CA ASN J 44 -23.80 0.24 25.59
C ASN J 44 -25.29 0.36 25.34
N ILE J 45 -25.99 -0.77 25.44
CA ILE J 45 -27.44 -0.77 25.30
C ILE J 45 -28.03 -1.14 26.65
N HIS J 46 -28.80 -0.22 27.22
CA HIS J 46 -29.44 -0.40 28.52
C HIS J 46 -30.89 -0.82 28.31
N TRP J 47 -31.42 -1.53 29.29
CA TRP J 47 -32.83 -1.94 29.25
C TRP J 47 -33.51 -1.45 30.51
N LEU J 48 -34.58 -0.67 30.33
CA LEU J 48 -35.32 -0.10 31.43
C LEU J 48 -36.75 -0.59 31.37
N ARG J 49 -37.46 -0.49 32.49
CA ARG J 49 -38.86 -0.87 32.54
C ARG J 49 -39.64 0.20 33.29
N GLN J 50 -40.93 0.28 32.97
CA GLN J 50 -41.83 1.28 33.52
C GLN J 50 -43.15 0.61 33.83
N ALA J 51 -43.44 0.41 35.10
CA ALA J 51 -44.77 -0.03 35.49
C ALA J 51 -45.75 1.12 35.33
N PRO J 52 -47.04 0.84 35.12
CA PRO J 52 -47.99 1.93 34.91
C PRO J 52 -48.11 2.83 36.12
N GLY J 53 -47.61 4.07 35.99
CA GLY J 53 -47.68 5.04 37.05
C GLY J 53 -46.48 5.09 37.97
N GLN J 54 -45.65 4.05 37.98
CA GLN J 54 -44.51 4.01 38.88
C GLN J 54 -43.29 4.67 38.24
N GLY J 55 -42.17 4.64 38.95
CA GLY J 55 -40.94 5.21 38.45
C GLY J 55 -40.15 4.24 37.60
N LEU J 56 -39.14 4.78 36.91
CA LEU J 56 -38.34 3.97 36.02
C LEU J 56 -37.48 2.98 36.80
N GLU J 57 -37.25 1.81 36.20
CA GLU J 57 -36.44 0.76 36.79
C GLU J 57 -35.41 0.29 35.80
N TRP J 58 -34.20 0.02 36.29
CA TRP J 58 -33.08 -0.37 35.43
C TRP J 58 -32.88 -1.88 35.51
N LEU J 59 -32.88 -2.54 34.37
CA LEU J 59 -32.72 -3.99 34.31
C LEU J 59 -31.25 -4.38 34.19
N GLY J 60 -30.61 -3.95 33.11
CA GLY J 60 -29.23 -4.32 32.86
C GLY J 60 -28.79 -3.73 31.55
N PHE J 61 -27.48 -3.78 31.33
CA PHE J 61 -26.90 -3.21 30.12
C PHE J 61 -25.93 -4.19 29.50
N VAL J 62 -25.82 -4.11 28.18
CA VAL J 62 -24.94 -4.96 27.40
C VAL J 62 -23.96 -4.09 26.65
N ASN J 63 -22.68 -4.41 26.77
CA ASN J 63 -21.62 -3.78 25.99
C ASN J 63 -21.42 -4.59 24.73
N ILE J 64 -21.68 -3.96 23.58
CA ILE J 64 -21.78 -4.69 22.32
C ILE J 64 -20.43 -5.11 21.76
N PHE J 65 -19.33 -4.58 22.29
CA PHE J 65 -18.01 -4.89 21.72
C PHE J 65 -17.77 -6.39 21.71
N ARG J 66 -17.69 -7.00 22.89
CA ARG J 66 -17.64 -8.45 23.00
C ARG J 66 -18.90 -9.01 23.65
N GLY J 67 -19.96 -8.22 23.73
CA GLY J 67 -21.20 -8.70 24.30
C GLY J 67 -21.18 -8.90 25.79
N ALA J 68 -20.40 -8.10 26.52
CA ALA J 68 -20.29 -8.27 27.96
C ALA J 68 -21.51 -7.64 28.63
N VAL J 69 -22.28 -8.44 29.36
CA VAL J 69 -23.56 -8.00 29.88
C VAL J 69 -23.48 -7.86 31.39
N LYS J 70 -24.46 -7.18 31.96
CA LYS J 70 -24.59 -7.08 33.40
C LYS J 70 -26.02 -6.76 33.76
N TYR J 71 -26.60 -7.54 34.67
CA TYR J 71 -27.97 -7.32 35.12
C TYR J 71 -27.99 -6.85 36.56
N SER J 72 -29.13 -6.33 36.98
CA SER J 72 -29.28 -5.91 38.36
C SER J 72 -29.42 -7.13 39.27
N SER J 73 -29.22 -6.89 40.56
CA SER J 73 -29.28 -7.99 41.53
C SER J 73 -30.67 -8.57 41.65
N ARG J 74 -31.70 -7.71 41.65
CA ARG J 74 -33.05 -8.19 41.94
C ARG J 74 -33.53 -9.19 40.90
N PHE J 75 -33.31 -8.91 39.63
CA PHE J 75 -33.73 -9.79 38.56
C PHE J 75 -32.68 -10.81 38.17
N GLN J 76 -31.55 -10.85 38.90
CA GLN J 76 -30.47 -11.75 38.54
C GLN J 76 -30.94 -13.19 38.56
N GLY J 77 -30.62 -13.93 37.50
CA GLY J 77 -30.94 -15.33 37.41
C GLY J 77 -32.09 -15.68 36.48
N ARG J 78 -32.87 -14.70 36.03
CA ARG J 78 -33.99 -14.97 35.15
C ARG J 78 -34.06 -14.07 33.93
N ILE J 79 -33.17 -13.10 33.79
CA ILE J 79 -33.18 -12.17 32.66
C ILE J 79 -31.83 -12.25 31.97
N THR J 80 -31.84 -12.41 30.65
CA THR J 80 -30.63 -12.47 29.86
C THR J 80 -30.70 -11.41 28.77
N ILE J 81 -29.64 -10.62 28.64
CA ILE J 81 -29.53 -9.60 27.62
C ILE J 81 -28.45 -10.05 26.64
N THR J 82 -28.79 -10.06 25.36
CA THR J 82 -27.84 -10.41 24.32
C THR J 82 -27.97 -9.44 23.16
N ARG J 83 -27.05 -9.53 22.21
CA ARG J 83 -27.14 -8.72 21.02
C ARG J 83 -26.59 -9.51 19.84
N ASP J 84 -27.10 -9.19 18.65
CA ASP J 84 -26.62 -9.78 17.42
C ASP J 84 -26.05 -8.63 16.62
N THR J 85 -24.73 -8.64 16.41
CA THR J 85 -24.08 -7.54 15.73
C THR J 85 -24.31 -7.58 14.22
N SER J 86 -24.46 -8.77 13.64
CA SER J 86 -24.69 -8.84 12.20
C SER J 86 -26.03 -8.22 11.85
N SER J 87 -27.10 -8.64 12.50
CA SER J 87 -28.37 -7.96 12.34
C SER J 87 -28.39 -6.63 13.08
N GLU J 88 -27.44 -6.43 14.00
CA GLU J 88 -27.20 -5.12 14.60
C GLU J 88 -28.38 -4.70 15.47
N THR J 89 -28.87 -5.66 16.27
CA THR J 89 -29.99 -5.45 17.19
C THR J 89 -29.65 -6.06 18.55
N SER J 90 -30.54 -5.84 19.51
CA SER J 90 -30.39 -6.34 20.87
C SER J 90 -31.66 -7.07 21.30
N TYR J 91 -31.48 -8.14 22.06
CA TYR J 91 -32.56 -9.01 22.51
C TYR J 91 -32.59 -9.05 24.03
N LEU J 92 -33.77 -8.87 24.60
CA LEU J 92 -34.01 -9.10 26.02
C LEU J 92 -34.83 -10.36 26.16
N ASP J 93 -34.40 -11.27 27.04
CA ASP J 93 -35.10 -12.51 27.31
C ASP J 93 -35.44 -12.52 28.79
N LEU J 94 -36.72 -12.34 29.09
CA LEU J 94 -37.20 -12.33 30.47
C LEU J 94 -38.09 -13.55 30.69
N GLY J 95 -37.71 -14.39 31.66
CA GLY J 95 -38.45 -15.61 31.87
C GLY J 95 -39.09 -15.70 33.25
N ALA J 96 -40.04 -16.62 33.40
CA ALA J 96 -40.72 -16.87 34.67
C ALA J 96 -41.34 -15.59 35.23
N LEU J 97 -42.04 -14.87 34.36
CA LEU J 97 -42.72 -13.65 34.79
C LEU J 97 -43.91 -14.00 35.67
N LYS J 98 -44.02 -13.31 36.80
CA LYS J 98 -45.21 -13.39 37.62
C LYS J 98 -46.18 -12.30 37.17
N ALA J 99 -47.23 -12.06 37.94
CA ALA J 99 -48.18 -11.01 37.60
C ALA J 99 -47.60 -9.62 37.79
N ASP J 100 -46.46 -9.48 38.44
CA ASP J 100 -45.89 -8.19 38.77
C ASP J 100 -44.95 -7.65 37.69
N ASP J 101 -44.59 -8.44 36.69
CA ASP J 101 -43.65 -8.01 35.67
C ASP J 101 -44.30 -7.28 34.51
N THR J 102 -45.62 -7.14 34.51
CA THR J 102 -46.27 -6.40 33.44
C THR J 102 -45.89 -4.94 33.49
N ALA J 103 -45.42 -4.41 32.37
CA ALA J 103 -44.90 -3.04 32.32
C ALA J 103 -44.72 -2.67 30.85
N THR J 104 -44.03 -1.55 30.61
CA THR J 104 -43.53 -1.22 29.29
C THR J 104 -42.01 -1.15 29.36
N TYR J 105 -41.35 -1.82 28.42
CA TYR J 105 -39.91 -2.02 28.44
C TYR J 105 -39.26 -1.19 27.35
N TYR J 106 -38.23 -0.44 27.72
CA TYR J 106 -37.55 0.50 26.84
C TYR J 106 -36.11 0.06 26.64
N CYS J 107 -35.62 0.18 25.42
CA CYS J 107 -34.20 0.02 25.13
C CYS J 107 -33.59 1.40 24.96
N ALA J 108 -32.39 1.59 25.50
CA ALA J 108 -31.75 2.88 25.53
C ALA J 108 -30.30 2.77 25.06
N TRP J 109 -29.80 3.84 24.48
CA TRP J 109 -28.46 3.89 23.93
C TRP J 109 -27.55 4.69 24.85
N ASP J 110 -26.29 4.28 24.94
CA ASP J 110 -25.34 4.94 25.83
C ASP J 110 -24.02 4.97 25.10
N LYS J 111 -23.44 6.17 24.96
CA LYS J 111 -22.21 6.32 24.21
C LYS J 111 -21.01 5.72 24.91
N ASN J 112 -21.11 5.45 26.22
CA ASN J 112 -20.01 4.88 27.00
C ASN J 112 -18.75 5.73 26.87
N VAL J 113 -18.91 7.03 27.04
CA VAL J 113 -17.79 7.96 27.14
C VAL J 113 -17.52 8.22 28.60
N ASP J 114 -16.25 8.26 28.98
CA ASP J 114 -15.88 8.29 30.39
C ASP J 114 -16.41 9.55 31.08
N ASP J 115 -16.34 10.69 30.41
CA ASP J 115 -16.77 11.95 31.01
C ASP J 115 -18.27 12.02 31.23
N ASN J 116 -19.05 11.12 30.64
CA ASN J 116 -20.51 11.13 30.76
C ASN J 116 -20.95 9.75 31.27
N PRO J 117 -20.84 9.51 32.57
CA PRO J 117 -21.20 8.19 33.10
C PRO J 117 -22.69 7.93 32.99
N TRP J 118 -23.03 6.77 32.41
CA TRP J 118 -24.40 6.28 32.35
C TRP J 118 -25.34 7.29 31.70
N ARG J 119 -24.87 7.94 30.64
CA ARG J 119 -25.70 8.83 29.85
C ARG J 119 -26.55 8.04 28.88
N LEU J 120 -27.84 8.34 28.82
CA LEU J 120 -28.77 7.65 27.94
C LEU J 120 -29.20 8.62 26.84
N ASP J 121 -28.75 8.35 25.61
CA ASP J 121 -28.96 9.30 24.53
C ASP J 121 -30.35 9.12 23.92
N SER J 122 -30.62 7.96 23.33
CA SER J 122 -31.82 7.72 22.56
C SER J 122 -32.61 6.56 23.13
N TRP J 123 -33.93 6.61 22.96
CA TRP J 123 -34.83 5.63 23.54
C TRP J 123 -35.76 5.08 22.48
N GLY J 124 -36.22 3.85 22.71
CA GLY J 124 -37.16 3.22 21.81
C GLY J 124 -38.59 3.63 22.09
N GLN J 125 -39.51 3.08 21.29
CA GLN J 125 -40.92 3.39 21.43
C GLN J 125 -41.53 2.77 22.67
N GLY J 126 -40.87 1.80 23.28
CA GLY J 126 -41.44 1.12 24.44
C GLY J 126 -42.34 -0.02 24.01
N THR J 127 -42.14 -1.19 24.61
CA THR J 127 -42.92 -2.38 24.30
C THR J 127 -43.77 -2.73 25.51
N LEU J 128 -45.08 -2.84 25.31
CA LEU J 128 -45.99 -3.15 26.41
C LEU J 128 -46.03 -4.66 26.58
N VAL J 129 -45.45 -5.15 27.67
CA VAL J 129 -45.51 -6.55 28.02
C VAL J 129 -46.56 -6.71 29.11
N ILE J 130 -47.60 -7.48 28.81
CA ILE J 130 -48.72 -7.69 29.72
C ILE J 130 -48.90 -9.18 29.95
N VAL J 131 -48.97 -9.57 31.23
CA VAL J 131 -49.19 -10.94 31.64
C VAL J 131 -50.49 -11.01 32.41
N SER J 132 -51.24 -12.09 32.22
CA SER J 132 -52.53 -12.28 32.86
C SER J 132 -52.96 -13.73 32.64
N SER J 133 -54.15 -14.06 33.12
CA SER J 133 -54.68 -15.41 32.97
C SER J 133 -55.91 -15.39 32.07
N GLN K 3 -36.93 -38.85 -41.10
CA GLN K 3 -36.68 -40.27 -40.90
C GLN K 3 -35.19 -40.58 -40.90
N LEU K 4 -34.85 -41.85 -40.69
CA LEU K 4 -33.47 -42.31 -40.65
C LEU K 4 -33.33 -43.50 -41.57
N VAL K 5 -32.07 -43.83 -41.90
CA VAL K 5 -31.76 -45.00 -42.72
C VAL K 5 -30.78 -45.86 -41.96
N GLN K 6 -30.95 -47.18 -42.05
CA GLN K 6 -30.00 -48.10 -41.46
C GLN K 6 -29.51 -49.07 -42.51
N SER K 7 -28.38 -49.72 -42.22
CA SER K 7 -27.84 -50.71 -43.12
C SER K 7 -28.78 -51.92 -43.19
N GLY K 8 -28.71 -52.63 -44.32
CA GLY K 8 -29.61 -53.73 -44.57
C GLY K 8 -29.39 -54.89 -43.62
N PRO K 9 -30.30 -55.86 -43.67
CA PRO K 9 -30.18 -57.02 -42.76
C PRO K 9 -28.89 -57.79 -43.02
N GLU K 10 -28.34 -58.36 -41.96
CA GLU K 10 -27.05 -59.03 -42.02
C GLU K 10 -27.12 -60.40 -41.37
N VAL K 11 -26.34 -61.33 -41.91
CA VAL K 11 -26.16 -62.67 -41.38
C VAL K 11 -24.68 -62.87 -41.14
N ARG K 12 -24.33 -63.41 -39.97
CA ARG K 12 -22.92 -63.59 -39.64
C ARG K 12 -22.69 -64.91 -38.93
N LYS K 13 -21.61 -65.57 -39.31
CA LYS K 13 -21.13 -66.74 -38.58
C LYS K 13 -20.58 -66.28 -37.24
N PRO K 14 -20.96 -66.90 -36.13
CA PRO K 14 -20.43 -66.47 -34.83
C PRO K 14 -18.91 -66.56 -34.79
N GLY K 15 -18.30 -65.57 -34.14
CA GLY K 15 -16.86 -65.53 -33.98
C GLY K 15 -16.24 -64.28 -34.54
N THR K 16 -16.73 -63.81 -35.68
CA THR K 16 -16.19 -62.63 -36.33
C THR K 16 -16.97 -61.40 -35.87
N SER K 17 -16.75 -60.27 -36.54
CA SER K 17 -17.37 -58.99 -36.19
C SER K 17 -18.36 -58.58 -37.25
N VAL K 18 -19.26 -57.66 -36.87
CA VAL K 18 -20.24 -57.10 -37.77
C VAL K 18 -20.28 -55.59 -37.60
N LYS K 19 -20.73 -54.91 -38.64
CA LYS K 19 -20.78 -53.46 -38.71
C LYS K 19 -22.16 -53.02 -39.16
N VAL K 20 -22.69 -51.99 -38.51
CA VAL K 20 -23.99 -51.43 -38.85
C VAL K 20 -23.84 -49.93 -39.02
N SER K 21 -24.45 -49.39 -40.08
CA SER K 21 -24.37 -47.97 -40.39
C SER K 21 -25.76 -47.35 -40.35
N CYS K 22 -25.89 -46.26 -39.61
CA CYS K 22 -27.12 -45.48 -39.53
C CYS K 22 -26.85 -44.10 -40.10
N LYS K 23 -27.60 -43.71 -41.12
CA LYS K 23 -27.36 -42.47 -41.83
C LYS K 23 -28.59 -41.58 -41.77
N ALA K 24 -28.35 -40.34 -41.54
CA ALA K 24 -29.39 -39.33 -41.64
C ALA K 24 -29.47 -38.79 -43.06
N PRO K 25 -30.64 -38.32 -43.49
CA PRO K 25 -30.72 -37.71 -44.81
C PRO K 25 -29.94 -36.40 -44.85
N GLY K 26 -28.83 -36.39 -45.58
CA GLY K 26 -28.00 -35.19 -45.60
C GLY K 26 -27.40 -34.92 -44.24
N ASN K 27 -27.54 -33.68 -43.78
CA ASN K 27 -26.97 -33.24 -42.51
C ASN K 27 -28.00 -32.48 -41.69
N THR K 28 -29.25 -32.94 -41.72
CA THR K 28 -30.33 -32.27 -41.00
C THR K 28 -30.42 -32.64 -39.53
N LEU K 29 -29.74 -33.71 -39.10
CA LEU K 29 -29.76 -34.15 -37.70
C LEU K 29 -28.32 -34.20 -37.20
N LYS K 30 -27.82 -33.07 -36.73
CA LYS K 30 -26.49 -32.98 -36.18
C LYS K 30 -26.45 -32.50 -34.74
N THR K 31 -27.38 -31.62 -34.34
CA THR K 31 -27.43 -31.18 -32.96
C THR K 31 -28.00 -32.24 -32.04
N TYR K 32 -28.85 -33.12 -32.57
CA TYR K 32 -29.43 -34.18 -31.75
C TYR K 32 -28.39 -35.23 -31.43
N ASP K 33 -28.56 -35.89 -30.29
CA ASP K 33 -27.62 -36.90 -29.86
C ASP K 33 -28.02 -38.27 -30.41
N LEU K 34 -27.05 -39.20 -30.36
CA LEU K 34 -27.15 -40.51 -30.98
C LEU K 34 -27.28 -41.58 -29.92
N HIS K 35 -28.21 -42.51 -30.11
CA HIS K 35 -28.39 -43.64 -29.22
C HIS K 35 -28.52 -44.91 -30.04
N TRP K 36 -28.13 -46.03 -29.46
CA TRP K 36 -28.31 -47.33 -30.05
C TRP K 36 -29.12 -48.21 -29.10
N VAL K 37 -30.07 -48.96 -29.64
CA VAL K 37 -30.90 -49.82 -28.82
C VAL K 37 -30.99 -51.19 -29.48
N ARG K 38 -31.27 -52.19 -28.66
CA ARG K 38 -31.42 -53.57 -29.11
C ARG K 38 -32.81 -54.05 -28.75
N SER K 39 -33.34 -54.98 -29.53
CA SER K 39 -34.69 -55.50 -29.28
C SER K 39 -34.68 -57.01 -29.45
N VAL K 40 -34.40 -57.72 -28.36
CA VAL K 40 -34.53 -59.18 -28.37
C VAL K 40 -36.02 -59.49 -28.34
N PRO K 41 -36.54 -60.24 -29.32
CA PRO K 41 -37.98 -60.55 -29.31
C PRO K 41 -38.38 -61.29 -28.05
N GLY K 42 -39.54 -60.90 -27.51
CA GLY K 42 -40.04 -61.51 -26.30
C GLY K 42 -39.28 -61.18 -25.04
N GLN K 43 -38.31 -60.26 -25.11
CA GLN K 43 -37.50 -59.91 -23.95
C GLN K 43 -37.39 -58.40 -23.77
N GLY K 44 -38.29 -57.64 -24.37
CA GLY K 44 -38.21 -56.21 -24.24
C GLY K 44 -37.04 -55.65 -25.03
N LEU K 45 -36.71 -54.41 -24.70
CA LEU K 45 -35.66 -53.67 -25.40
C LEU K 45 -34.55 -53.30 -24.42
N GLN K 46 -33.32 -53.26 -24.92
CA GLN K 46 -32.15 -52.89 -24.15
C GLN K 46 -31.53 -51.64 -24.74
N TRP K 47 -30.81 -50.90 -23.90
CA TRP K 47 -30.14 -49.67 -24.33
C TRP K 47 -28.66 -49.96 -24.54
N MET K 48 -28.23 -49.92 -25.81
CA MET K 48 -26.82 -50.19 -26.11
C MET K 48 -25.91 -49.11 -25.53
N GLY K 49 -26.23 -47.85 -25.77
CA GLY K 49 -25.40 -46.76 -25.30
C GLY K 49 -25.66 -45.51 -26.10
N TRP K 50 -24.77 -44.54 -25.92
CA TRP K 50 -24.89 -43.27 -26.62
C TRP K 50 -23.55 -42.56 -26.58
N ILE K 51 -23.37 -41.62 -27.51
CA ILE K 51 -22.11 -40.90 -27.64
C ILE K 51 -22.33 -39.40 -27.72
N SER K 52 -23.54 -38.96 -27.38
CA SER K 52 -23.89 -37.54 -27.34
C SER K 52 -23.74 -36.90 -28.72
N HIS K 53 -23.78 -35.58 -28.75
CA HIS K 53 -23.70 -34.84 -30.00
C HIS K 53 -22.51 -33.88 -30.07
N GLU K 54 -22.11 -33.29 -28.95
CA GLU K 54 -20.94 -32.42 -28.96
C GLU K 54 -19.63 -33.21 -29.00
N GLY K 55 -19.69 -34.52 -28.76
CA GLY K 55 -18.49 -35.34 -28.76
C GLY K 55 -17.80 -35.48 -27.42
N ASP K 56 -18.47 -35.14 -26.33
CA ASP K 56 -17.86 -35.17 -25.00
C ASP K 56 -18.30 -36.37 -24.17
N LYS K 57 -19.13 -37.26 -24.71
CA LYS K 57 -19.59 -38.43 -23.98
C LYS K 57 -19.51 -39.65 -24.87
N LYS K 58 -19.23 -40.80 -24.26
CA LYS K 58 -19.09 -42.06 -24.97
C LYS K 58 -19.69 -43.22 -24.18
N VAL K 59 -20.75 -42.97 -23.41
CA VAL K 59 -21.23 -43.95 -22.46
C VAL K 59 -21.73 -45.19 -23.19
N ILE K 60 -21.22 -46.34 -22.79
CA ILE K 60 -21.70 -47.64 -23.26
C ILE K 60 -21.90 -48.52 -22.03
N VAL K 61 -23.05 -49.20 -21.96
CA VAL K 61 -23.36 -50.00 -20.79
C VAL K 61 -22.28 -51.08 -20.62
N GLU K 62 -21.85 -51.28 -19.37
CA GLU K 62 -20.75 -52.20 -19.10
C GLU K 62 -21.09 -53.62 -19.52
N ARG K 63 -22.37 -54.00 -19.50
CA ARG K 63 -22.76 -55.34 -19.91
C ARG K 63 -22.40 -55.60 -21.36
N PHE K 64 -22.36 -54.54 -22.18
CA PHE K 64 -21.96 -54.66 -23.58
C PHE K 64 -20.70 -53.86 -23.89
N LYS K 65 -19.98 -53.41 -22.86
CA LYS K 65 -18.84 -52.53 -23.09
C LYS K 65 -17.74 -53.23 -23.86
N ALA K 66 -17.48 -54.50 -23.54
CA ALA K 66 -16.33 -55.19 -24.13
C ALA K 66 -16.50 -55.42 -25.62
N LYS K 67 -17.70 -55.76 -26.07
CA LYS K 67 -17.90 -56.27 -27.42
C LYS K 67 -18.54 -55.26 -28.37
N VAL K 68 -18.97 -54.10 -27.89
CA VAL K 68 -19.74 -53.15 -28.69
C VAL K 68 -19.00 -51.82 -28.72
N THR K 69 -18.88 -51.24 -29.90
CA THR K 69 -18.30 -49.90 -30.05
C THR K 69 -19.22 -49.03 -30.88
N ILE K 70 -19.33 -47.76 -30.48
CA ILE K 70 -20.19 -46.79 -31.15
C ILE K 70 -19.33 -45.63 -31.63
N ASP K 71 -19.35 -45.36 -32.93
CA ASP K 71 -18.59 -44.28 -33.53
C ASP K 71 -19.53 -43.33 -34.26
N TRP K 72 -19.07 -42.09 -34.46
CA TRP K 72 -19.79 -41.12 -35.26
C TRP K 72 -18.81 -40.41 -36.19
N ASP K 73 -19.06 -40.50 -37.49
CA ASP K 73 -18.28 -39.79 -38.49
C ASP K 73 -18.98 -38.47 -38.78
N ARG K 74 -18.34 -37.37 -38.39
CA ARG K 74 -18.91 -36.04 -38.58
C ARG K 74 -19.02 -35.68 -40.05
N SER K 75 -17.97 -35.96 -40.82
CA SER K 75 -17.91 -35.49 -42.21
C SER K 75 -19.03 -36.09 -43.03
N THR K 76 -19.27 -37.40 -42.88
CA THR K 76 -20.39 -38.04 -43.56
C THR K 76 -21.67 -38.03 -42.74
N ASN K 77 -21.59 -37.64 -41.47
CA ASN K 77 -22.73 -37.68 -40.55
C ASN K 77 -23.31 -39.10 -40.57
N THR K 78 -22.50 -40.02 -40.06
CA THR K 78 -22.88 -41.43 -40.08
C THR K 78 -22.57 -42.07 -38.74
N ALA K 79 -23.51 -42.86 -38.24
CA ALA K 79 -23.35 -43.59 -37.00
C ALA K 79 -22.88 -45.00 -37.31
N TYR K 80 -21.84 -45.45 -36.60
CA TYR K 80 -21.23 -46.75 -36.83
C TYR K 80 -21.39 -47.57 -35.56
N LEU K 81 -21.86 -48.81 -35.70
CA LEU K 81 -22.00 -49.72 -34.57
C LEU K 81 -21.25 -51.00 -34.89
N GLN K 82 -20.24 -51.30 -34.09
CA GLN K 82 -19.38 -52.47 -34.33
C GLN K 82 -19.60 -53.49 -33.23
N LEU K 83 -19.86 -54.72 -33.63
CA LEU K 83 -20.06 -55.84 -32.71
C LEU K 83 -18.97 -56.88 -32.94
N SER K 84 -18.44 -57.43 -31.85
CA SER K 84 -17.30 -58.33 -31.94
C SER K 84 -17.63 -59.77 -31.57
N GLY K 85 -18.26 -59.99 -30.40
CA GLY K 85 -18.51 -61.36 -29.96
C GLY K 85 -19.42 -62.11 -30.90
N LEU K 86 -20.53 -61.49 -31.30
CA LEU K 86 -21.51 -62.06 -32.22
C LEU K 86 -21.93 -63.46 -31.77
N THR K 87 -22.43 -63.54 -30.56
CA THR K 87 -22.90 -64.80 -30.00
C THR K 87 -24.36 -65.02 -30.42
N SER K 88 -24.97 -66.09 -29.90
CA SER K 88 -26.37 -66.34 -30.19
C SER K 88 -27.28 -65.26 -29.61
N GLY K 89 -26.88 -64.66 -28.49
CA GLY K 89 -27.69 -63.63 -27.86
C GLY K 89 -27.75 -62.33 -28.64
N ASP K 90 -26.82 -62.12 -29.58
CA ASP K 90 -26.82 -60.94 -30.41
C ASP K 90 -27.73 -61.07 -31.62
N THR K 91 -28.36 -62.22 -31.81
CA THR K 91 -29.24 -62.44 -32.94
C THR K 91 -30.55 -61.69 -32.74
N ALA K 92 -30.60 -60.43 -33.13
CA ALA K 92 -31.77 -59.61 -32.84
C ALA K 92 -31.75 -58.38 -33.74
N VAL K 93 -32.60 -57.41 -33.44
CA VAL K 93 -32.75 -56.21 -34.25
C VAL K 93 -32.16 -55.03 -33.49
N TYR K 94 -31.28 -54.29 -34.16
CA TYR K 94 -30.60 -53.14 -33.59
C TYR K 94 -31.16 -51.88 -34.25
N TYR K 95 -31.55 -50.91 -33.43
CA TYR K 95 -32.15 -49.68 -33.91
C TYR K 95 -31.25 -48.50 -33.57
N CYS K 96 -31.08 -47.61 -34.54
CA CYS K 96 -30.39 -46.34 -34.35
C CYS K 96 -31.43 -45.27 -34.06
N ALA K 97 -31.20 -44.49 -33.01
CA ALA K 97 -32.15 -43.48 -32.58
C ALA K 97 -31.46 -42.13 -32.47
N LYS K 98 -32.16 -41.08 -32.86
CA LYS K 98 -31.70 -39.72 -32.68
C LYS K 98 -32.64 -39.01 -31.72
N GLY K 99 -32.07 -38.44 -30.67
CA GLY K 99 -32.89 -37.83 -29.64
C GLY K 99 -32.29 -36.58 -29.05
N SER K 100 -32.81 -36.17 -27.89
CA SER K 100 -32.28 -35.00 -27.19
C SER K 100 -32.12 -35.32 -25.72
N LYS K 101 -31.17 -34.63 -25.11
CA LYS K 101 -30.82 -34.78 -23.71
C LYS K 101 -31.03 -33.45 -22.99
N HIS K 102 -30.81 -33.45 -21.68
CA HIS K 102 -30.87 -32.24 -20.88
C HIS K 102 -29.55 -32.15 -20.11
N ARG K 103 -28.66 -31.26 -20.57
CA ARG K 103 -27.36 -31.08 -19.94
C ARG K 103 -27.52 -30.08 -18.79
N LEU K 104 -28.04 -30.59 -17.67
CA LEU K 104 -28.18 -29.77 -16.48
C LEU K 104 -26.81 -29.50 -15.88
N ARG K 105 -26.74 -28.44 -15.07
CA ARG K 105 -25.52 -28.10 -14.35
C ARG K 105 -25.71 -28.45 -12.89
N ASP K 106 -25.04 -29.51 -12.46
CA ASP K 106 -24.99 -29.88 -11.05
C ASP K 106 -23.80 -29.16 -10.41
N TYR K 107 -23.39 -29.61 -9.23
CA TYR K 107 -22.34 -28.96 -8.43
C TYR K 107 -21.25 -28.37 -9.30
N ALA K 108 -20.99 -27.08 -9.09
CA ALA K 108 -19.99 -26.36 -9.85
C ALA K 108 -19.21 -25.45 -8.91
N LEU K 109 -17.89 -25.46 -9.04
CA LEU K 109 -17.04 -24.65 -8.18
C LEU K 109 -16.69 -23.32 -8.80
N TYS K 110 -17.50 -22.30 -8.52
CA TYS K 110 -17.19 -20.97 -8.97
CB TYS K 110 -18.34 -20.01 -8.74
CG TYS K 110 -19.42 -20.26 -9.77
CD1 TYS K 110 -19.10 -20.88 -10.96
CD2 TYS K 110 -20.73 -19.89 -9.52
CE1 TYS K 110 -20.09 -21.12 -11.91
CE2 TYS K 110 -21.73 -20.13 -10.46
CZ TYS K 110 -21.40 -20.75 -11.66
OH TYS K 110 -22.35 -20.99 -12.60
S TYS K 110 -23.80 -21.35 -12.22
O1 TYS K 110 -24.58 -20.46 -11.40
O2 TYS K 110 -24.23 -20.40 -13.48
O3 TYS K 110 -24.46 -22.45 -12.90
C TYS K 110 -15.97 -20.52 -8.23
O TYS K 110 -15.69 -21.07 -7.15
N ASP K 111 -15.24 -19.56 -8.77
CA ASP K 111 -14.09 -19.01 -8.08
C ASP K 111 -14.43 -17.71 -7.36
N ASP K 112 -13.46 -17.15 -6.64
CA ASP K 112 -13.71 -15.92 -5.90
C ASP K 112 -14.08 -14.77 -6.83
N ASP K 113 -13.39 -14.66 -7.96
CA ASP K 113 -13.66 -13.58 -8.91
C ASP K 113 -14.93 -13.82 -9.73
N GLY K 114 -15.51 -15.01 -9.67
CA GLY K 114 -16.74 -15.30 -10.37
C GLY K 114 -16.61 -16.21 -11.57
N ALA K 115 -15.44 -16.78 -11.83
CA ALA K 115 -15.24 -17.65 -12.97
C ALA K 115 -15.82 -19.03 -12.66
N LEU K 116 -15.60 -19.98 -13.57
CA LEU K 116 -16.07 -21.35 -13.41
C LEU K 116 -14.86 -22.27 -13.43
N ASN K 117 -14.42 -22.70 -12.25
CA ASN K 117 -13.26 -23.60 -12.19
C ASN K 117 -13.56 -24.94 -12.87
N TRP K 118 -14.67 -25.56 -12.48
CA TRP K 118 -15.08 -26.82 -13.09
C TRP K 118 -16.53 -27.07 -12.74
N ALA K 119 -17.13 -28.03 -13.42
CA ALA K 119 -18.52 -28.37 -13.19
C ALA K 119 -18.78 -29.78 -13.71
N VAL K 120 -19.40 -30.62 -12.87
CA VAL K 120 -19.69 -31.97 -13.29
C VAL K 120 -20.74 -31.99 -14.39
N ASP K 121 -21.69 -31.05 -14.34
CA ASP K 121 -22.74 -30.81 -15.34
C ASP K 121 -23.23 -32.09 -15.99
N VAL K 122 -23.58 -33.09 -15.18
CA VAL K 122 -24.03 -34.37 -15.71
C VAL K 122 -25.32 -34.17 -16.50
N ASP K 123 -25.38 -34.83 -17.65
CA ASP K 123 -26.49 -34.67 -18.59
C ASP K 123 -27.50 -35.81 -18.46
N TYR K 124 -28.77 -35.47 -18.62
CA TYR K 124 -29.87 -36.40 -18.43
C TYR K 124 -30.55 -36.67 -19.77
N LEU K 125 -30.87 -37.93 -20.01
CA LEU K 125 -31.56 -38.29 -21.24
C LEU K 125 -33.00 -37.82 -21.21
N SER K 126 -33.41 -37.11 -22.26
CA SER K 126 -34.76 -36.58 -22.34
C SER K 126 -35.67 -37.45 -23.21
N ASN K 127 -35.30 -37.66 -24.47
CA ASN K 127 -36.19 -38.41 -25.35
C ASN K 127 -35.43 -38.84 -26.60
N LEU K 128 -36.06 -39.72 -27.37
CA LEU K 128 -35.52 -40.23 -28.63
C LEU K 128 -36.60 -40.06 -29.70
N GLU K 129 -36.64 -38.89 -30.34
CA GLU K 129 -37.71 -38.61 -31.28
C GLU K 129 -37.59 -39.45 -32.54
N PHE K 130 -36.40 -39.53 -33.11
CA PHE K 130 -36.19 -40.12 -34.42
C PHE K 130 -35.51 -41.47 -34.29
N TRP K 131 -36.07 -42.48 -34.95
CA TRP K 131 -35.57 -43.85 -34.88
C TRP K 131 -35.33 -44.38 -36.28
N GLY K 132 -34.33 -45.24 -36.41
CA GLY K 132 -34.05 -45.88 -37.67
C GLY K 132 -35.06 -46.98 -37.97
N GLN K 133 -35.01 -47.46 -39.21
CA GLN K 133 -35.93 -48.52 -39.63
C GLN K 133 -35.62 -49.86 -38.99
N GLY K 134 -34.46 -50.01 -38.35
CA GLY K 134 -34.12 -51.25 -37.69
C GLY K 134 -33.34 -52.19 -38.58
N THR K 135 -32.24 -52.72 -38.07
CA THR K 135 -31.40 -53.66 -38.82
C THR K 135 -31.41 -54.99 -38.08
N ALA K 136 -31.79 -56.05 -38.79
CA ALA K 136 -31.80 -57.39 -38.22
C ALA K 136 -30.44 -58.05 -38.42
N VAL K 137 -29.85 -58.53 -37.32
CA VAL K 137 -28.59 -59.25 -37.37
C VAL K 137 -28.86 -60.66 -36.90
N THR K 138 -28.57 -61.63 -37.77
CA THR K 138 -28.85 -63.04 -37.51
C THR K 138 -27.54 -63.80 -37.40
N VAL K 139 -27.34 -64.50 -36.30
CA VAL K 139 -26.15 -65.30 -36.06
C VAL K 139 -26.59 -66.76 -36.00
N SER K 140 -26.03 -67.58 -36.89
CA SER K 140 -26.39 -68.98 -36.99
C SER K 140 -25.12 -69.83 -37.06
N SER K 141 -25.15 -70.97 -36.37
CA SER K 141 -24.01 -71.87 -36.34
C SER K 141 -24.20 -73.02 -37.33
N ILE L 2 46.51 -26.32 -1.88
CA ILE L 2 46.71 -25.94 -0.49
C ILE L 2 46.83 -27.19 0.38
N GLN L 3 48.06 -27.53 0.73
CA GLN L 3 48.32 -28.70 1.55
C GLN L 3 48.09 -28.37 3.03
N VAL L 4 47.45 -29.29 3.74
CA VAL L 4 47.18 -29.15 5.16
C VAL L 4 47.63 -30.42 5.86
N THR L 5 48.43 -30.27 6.91
CA THR L 5 48.89 -31.42 7.69
C THR L 5 48.56 -31.22 9.16
N GLN L 6 48.44 -32.33 9.87
CA GLN L 6 48.06 -32.31 11.27
C GLN L 6 49.02 -33.17 12.08
N SER L 7 49.35 -32.71 13.28
CA SER L 7 50.24 -33.41 14.17
C SER L 7 49.70 -33.35 15.59
N PRO L 8 49.96 -34.39 16.40
CA PRO L 8 50.53 -35.67 16.03
C PRO L 8 49.48 -36.57 15.39
N SER L 9 49.85 -37.71 14.82
CA SER L 9 48.86 -38.59 14.22
C SER L 9 47.88 -39.11 15.27
N SER L 10 48.38 -39.41 16.46
CA SER L 10 47.53 -39.81 17.56
C SER L 10 48.20 -39.43 18.87
N LEU L 11 47.39 -39.33 19.92
CA LEU L 11 47.90 -39.01 21.24
C LEU L 11 46.91 -39.50 22.29
N SER L 12 47.41 -39.64 23.51
CA SER L 12 46.60 -40.12 24.62
C SER L 12 46.85 -39.26 25.85
N ALA L 13 45.81 -39.09 26.66
CA ALA L 13 45.90 -38.33 27.89
C ALA L 13 44.86 -38.84 28.86
N SER L 14 45.21 -38.79 30.15
CA SER L 14 44.31 -39.25 31.19
C SER L 14 43.25 -38.19 31.48
N ILE L 15 42.40 -38.46 32.47
CA ILE L 15 41.26 -37.60 32.74
C ILE L 15 41.74 -36.30 33.37
N GLY L 16 41.23 -35.18 32.88
CA GLY L 16 41.49 -33.89 33.48
C GLY L 16 42.77 -33.22 33.07
N ASP L 17 43.48 -33.75 32.08
CA ASP L 17 44.77 -33.19 31.68
C ASP L 17 44.56 -32.02 30.71
N THR L 18 45.65 -31.56 30.12
CA THR L 18 45.63 -30.51 29.11
C THR L 18 46.39 -31.01 27.90
N ILE L 19 45.82 -30.78 26.70
CA ILE L 19 46.40 -31.26 25.46
C ILE L 19 46.33 -30.17 24.39
N THR L 20 47.20 -30.31 23.39
CA THR L 20 47.23 -29.44 22.23
C THR L 20 47.35 -30.28 20.98
N VAL L 21 46.76 -29.79 19.89
CA VAL L 21 46.85 -30.42 18.58
C VAL L 21 47.30 -29.36 17.59
N ALA L 22 48.28 -29.70 16.74
CA ALA L 22 48.88 -28.75 15.83
C ALA L 22 48.38 -28.99 14.42
N CYS L 23 48.06 -27.89 13.72
CA CYS L 23 47.69 -27.92 12.32
C CYS L 23 48.61 -26.97 11.57
N GLU L 24 49.23 -27.47 10.51
CA GLU L 24 50.16 -26.70 9.70
C GLU L 24 49.62 -26.58 8.29
N VAL L 25 49.52 -25.34 7.81
CA VAL L 25 49.05 -25.05 6.47
C VAL L 25 50.21 -24.50 5.66
N SER L 26 50.42 -25.06 4.47
CA SER L 26 51.54 -24.67 3.63
C SER L 26 51.44 -23.24 3.13
N GLN L 27 50.26 -22.61 3.24
CA GLN L 27 50.04 -21.26 2.76
C GLN L 27 49.49 -20.42 3.89
N ASP L 28 49.51 -19.10 3.71
CA ASP L 28 48.98 -18.16 4.71
C ASP L 28 47.52 -17.95 4.38
N VAL L 29 46.66 -18.74 5.02
CA VAL L 29 45.22 -18.73 4.73
C VAL L 29 44.52 -17.78 5.69
N GLY L 30 45.28 -16.98 6.41
CA GLY L 30 44.65 -16.10 7.38
C GLY L 30 44.08 -16.89 8.54
N TRP L 31 43.01 -16.36 9.12
CA TRP L 31 42.39 -16.97 10.29
C TRP L 31 41.29 -17.97 9.93
N ALA L 32 41.07 -18.24 8.65
CA ALA L 32 39.98 -19.12 8.24
C ALA L 32 40.42 -20.57 8.42
N VAL L 33 40.29 -21.04 9.66
CA VAL L 33 40.57 -22.42 10.02
C VAL L 33 39.41 -22.90 10.88
N ASN L 34 38.95 -24.12 10.63
CA ASN L 34 37.89 -24.70 11.44
C ASN L 34 38.37 -26.03 11.98
N TRP L 35 37.96 -26.37 13.20
CA TRP L 35 38.27 -27.70 13.70
C TRP L 35 36.99 -28.44 14.04
N TYR L 36 37.00 -29.74 13.77
CA TYR L 36 35.83 -30.60 13.86
C TYR L 36 36.17 -31.81 14.70
N HIS L 37 35.24 -32.22 15.56
CA HIS L 37 35.43 -33.39 16.41
C HIS L 37 34.40 -34.43 16.05
N GLN L 38 34.86 -35.67 15.88
CA GLN L 38 34.00 -36.79 15.51
C GLN L 38 34.14 -37.86 16.59
N ARG L 39 33.06 -38.11 17.31
CA ARG L 39 33.01 -39.28 18.17
C ARG L 39 32.80 -40.52 17.32
N PRO L 40 33.38 -41.66 17.69
CA PRO L 40 33.24 -42.86 16.88
C PRO L 40 31.78 -43.24 16.71
N GLY L 41 31.42 -43.63 15.49
CA GLY L 41 30.03 -43.93 15.19
C GLY L 41 29.10 -42.77 15.41
N ARG L 42 29.49 -41.58 14.95
CA ARG L 42 28.72 -40.37 15.20
C ARG L 42 29.18 -39.29 14.23
N PRO L 43 28.26 -38.64 13.51
CA PRO L 43 28.65 -37.57 12.60
C PRO L 43 29.35 -36.44 13.35
N PRO L 44 30.42 -35.89 12.78
CA PRO L 44 31.18 -34.86 13.48
C PRO L 44 30.37 -33.59 13.65
N TYR L 45 30.76 -32.81 14.65
CA TYR L 45 30.14 -31.53 14.95
C TYR L 45 31.22 -30.48 15.15
N ASN L 46 30.97 -29.28 14.65
CA ASN L 46 31.91 -28.18 14.80
C ASN L 46 32.05 -27.78 16.25
N LEU L 47 33.25 -27.38 16.65
CA LEU L 47 33.42 -26.83 17.99
C LEU L 47 34.15 -25.48 17.95
N ILE L 48 35.04 -25.29 16.98
CA ILE L 48 35.74 -24.02 16.83
C ILE L 48 35.78 -23.63 15.36
N TYR L 49 35.45 -22.38 15.07
CA TYR L 49 35.45 -21.84 13.73
C TYR L 49 36.29 -20.58 13.71
N THR L 50 36.90 -20.30 12.56
CA THR L 50 37.84 -19.18 12.40
C THR L 50 38.99 -19.24 13.42
N ALA L 51 39.15 -20.40 14.06
CA ALA L 51 40.33 -20.74 14.85
C ALA L 51 40.42 -20.00 16.18
N HIS L 52 39.51 -19.09 16.47
CA HIS L 52 39.55 -18.42 17.77
C HIS L 52 38.18 -18.05 18.32
N ASN L 53 37.09 -18.46 17.69
CA ASN L 53 35.75 -18.18 18.18
C ASN L 53 34.99 -19.48 18.38
N LEU L 54 34.44 -19.65 19.58
CA LEU L 54 33.77 -20.90 19.94
C LEU L 54 32.49 -21.09 19.14
N ALA L 55 32.20 -22.33 18.79
CA ALA L 55 30.97 -22.67 18.12
C ALA L 55 29.79 -22.62 19.09
N PRO L 56 28.57 -22.57 18.58
CA PRO L 56 27.41 -22.71 19.47
C PRO L 56 27.42 -24.06 20.17
N GLY L 57 27.02 -24.05 21.44
CA GLY L 57 26.83 -25.28 22.18
C GLY L 57 28.06 -26.15 22.36
N VAL L 58 29.18 -25.55 22.75
CA VAL L 58 30.38 -26.31 23.09
C VAL L 58 30.99 -25.69 24.33
N ALA L 59 31.48 -26.53 25.24
CA ALA L 59 32.03 -26.07 26.50
C ALA L 59 33.27 -25.20 26.27
N SER L 60 33.50 -24.28 27.18
CA SER L 60 34.55 -23.27 27.04
C SER L 60 35.94 -23.81 27.33
N ARG L 61 36.09 -25.12 27.54
CA ARG L 61 37.41 -25.67 27.84
C ARG L 61 38.32 -25.71 26.62
N PHE L 62 37.81 -25.48 25.42
CA PHE L 62 38.61 -25.45 24.20
C PHE L 62 38.88 -24.01 23.84
N ARG L 63 40.15 -23.65 23.69
CA ARG L 63 40.49 -22.28 23.30
C ARG L 63 41.50 -22.31 22.17
N GLY L 64 41.13 -21.73 21.03
CA GLY L 64 41.98 -21.76 19.85
C GLY L 64 43.07 -20.69 19.90
N SER L 65 43.96 -20.78 18.92
CA SER L 65 45.10 -19.88 18.85
C SER L 65 45.81 -20.07 17.51
N ARG L 66 46.26 -18.95 16.94
CA ARG L 66 47.04 -18.94 15.72
C ARG L 66 48.38 -18.28 15.98
N VAL L 67 49.46 -18.96 15.62
CA VAL L 67 50.79 -18.39 15.63
C VAL L 67 51.34 -18.55 14.21
N GLY L 68 51.20 -17.50 13.41
CA GLY L 68 51.62 -17.55 12.02
C GLY L 68 50.85 -18.59 11.24
N THR L 69 51.56 -19.48 10.57
CA THR L 69 50.95 -20.58 9.84
C THR L 69 50.62 -21.76 10.74
N TYR L 70 51.01 -21.69 12.01
CA TYR L 70 50.76 -22.74 12.99
C TYR L 70 49.43 -22.49 13.67
N PHE L 71 48.62 -23.52 13.81
CA PHE L 71 47.33 -23.38 14.47
C PHE L 71 47.19 -24.44 15.55
N THR L 72 46.68 -24.06 16.72
CA THR L 72 46.47 -25.04 17.77
C THR L 72 45.43 -24.50 18.74
N LEU L 73 44.80 -25.41 19.47
CA LEU L 73 43.95 -25.00 20.58
C LEU L 73 44.28 -25.81 21.81
N THR L 74 43.99 -25.22 22.96
CA THR L 74 44.23 -25.84 24.25
C THR L 74 42.94 -26.52 24.69
N ILE L 75 43.06 -27.79 25.07
CA ILE L 75 41.97 -28.55 25.68
C ILE L 75 42.35 -28.76 27.13
N ASN L 76 41.58 -28.19 28.05
CA ASN L 76 41.83 -28.37 29.47
C ASN L 76 40.86 -29.40 30.04
N ASN L 77 41.12 -29.79 31.29
CA ASN L 77 40.29 -30.64 32.15
C ASN L 77 39.53 -31.71 31.37
N LEU L 78 40.26 -32.53 30.62
CA LEU L 78 39.65 -33.52 29.76
C LEU L 78 38.76 -34.48 30.54
N LEU L 79 37.57 -34.75 30.01
CA LEU L 79 36.63 -35.71 30.54
C LEU L 79 36.35 -36.75 29.47
N PRO L 80 35.86 -37.95 29.84
CA PRO L 80 35.94 -39.07 28.90
C PRO L 80 34.81 -39.16 27.88
N GLU L 81 34.05 -38.08 27.69
CA GLU L 81 33.17 -37.98 26.52
C GLU L 81 33.86 -37.27 25.36
N ASP L 82 35.07 -36.78 25.57
CA ASP L 82 35.82 -36.07 24.55
C ASP L 82 36.75 -36.98 23.76
N VAL L 83 36.76 -38.27 24.06
CA VAL L 83 37.60 -39.21 23.31
C VAL L 83 37.04 -39.35 21.90
N GLY L 84 37.90 -39.24 20.91
CA GLY L 84 37.42 -39.30 19.53
C GLY L 84 38.50 -38.96 18.54
N THR L 85 38.09 -38.32 17.44
CA THR L 85 39.00 -37.92 16.38
C THR L 85 38.82 -36.44 16.09
N TYR L 86 39.91 -35.70 16.13
CA TYR L 86 39.91 -34.28 15.84
C TYR L 86 40.54 -34.05 14.48
N TYR L 87 39.86 -33.26 13.64
CA TYR L 87 40.36 -32.90 12.32
C TYR L 87 40.40 -31.39 12.20
N CYS L 88 41.47 -30.87 11.61
CA CYS L 88 41.57 -29.45 11.31
C CYS L 88 41.35 -29.28 9.82
N GLN L 89 40.34 -28.50 9.45
CA GLN L 89 40.00 -28.26 8.07
C GLN L 89 40.27 -26.80 7.71
N VAL L 90 40.78 -26.61 6.50
CA VAL L 90 41.03 -25.28 5.97
C VAL L 90 40.42 -25.23 4.58
N PHE L 91 39.56 -24.24 4.35
CA PHE L 91 39.11 -23.86 3.02
C PHE L 91 38.44 -25.08 2.38
N ASP L 92 38.98 -25.62 1.28
CA ASP L 92 38.43 -26.85 0.72
C ASP L 92 39.16 -28.10 1.21
N SER L 93 40.44 -28.00 1.54
CA SER L 93 41.22 -29.16 1.90
C SER L 93 40.84 -29.65 3.29
N PHE L 94 41.19 -30.91 3.58
CA PHE L 94 40.98 -31.51 4.88
C PHE L 94 42.25 -32.23 5.30
N ALA L 95 42.48 -32.29 6.60
CA ALA L 95 43.69 -32.91 7.11
C ALA L 95 43.61 -34.42 6.96
N PRO L 96 44.54 -35.05 6.25
CA PRO L 96 44.53 -36.51 6.15
C PRO L 96 44.72 -37.15 7.51
N GLY L 97 43.99 -38.24 7.74
CA GLY L 97 44.11 -38.97 8.99
C GLY L 97 43.37 -38.36 10.15
N GLY L 98 43.88 -37.26 10.68
CA GLY L 98 43.36 -36.67 11.90
C GLY L 98 44.13 -37.14 13.12
N THR L 99 43.66 -36.70 14.29
CA THR L 99 44.27 -37.07 15.56
C THR L 99 43.28 -37.82 16.42
N ARG L 100 43.66 -39.02 16.85
CA ARG L 100 42.83 -39.84 17.72
C ARG L 100 43.23 -39.60 19.17
N VAL L 101 42.28 -39.19 20.00
CA VAL L 101 42.51 -38.93 21.41
C VAL L 101 41.72 -39.96 22.21
N ASP L 102 42.42 -40.66 23.09
CA ASP L 102 41.83 -41.68 23.95
C ASP L 102 42.51 -41.65 25.31
N LEU L 103 41.79 -42.11 26.32
CA LEU L 103 42.35 -42.17 27.66
C LEU L 103 43.39 -43.29 27.76
N ARG L 104 44.27 -43.16 28.74
CA ARG L 104 45.30 -44.17 28.99
C ARG L 104 45.09 -44.84 30.34
N ILE M 2 -10.73 36.18 -37.30
CA ILE M 2 -9.58 37.00 -37.65
C ILE M 2 -9.07 36.61 -39.03
N GLN M 3 -8.49 37.57 -39.74
CA GLN M 3 -8.03 37.38 -41.11
C GLN M 3 -6.52 37.41 -41.16
N VAL M 4 -5.94 36.56 -42.00
CA VAL M 4 -4.49 36.46 -42.18
C VAL M 4 -4.18 36.71 -43.64
N THR M 5 -3.24 37.62 -43.90
CA THR M 5 -2.81 37.92 -45.26
C THR M 5 -1.35 37.49 -45.40
N GLN M 6 -1.08 36.62 -46.37
CA GLN M 6 0.24 36.04 -46.54
C GLN M 6 0.80 36.42 -47.91
N SER M 7 2.07 36.78 -47.93
CA SER M 7 2.74 37.26 -49.12
C SER M 7 4.15 36.69 -49.20
N PRO M 8 4.70 36.53 -50.40
CA PRO M 8 4.07 36.70 -51.73
C PRO M 8 3.32 35.46 -52.15
N SER M 9 2.48 35.52 -53.19
CA SER M 9 1.78 34.32 -53.64
C SER M 9 2.76 33.27 -54.13
N SER M 10 3.83 33.69 -54.81
CA SER M 10 4.85 32.78 -55.30
C SER M 10 6.18 33.50 -55.36
N LEU M 11 7.25 32.71 -55.43
CA LEU M 11 8.59 33.26 -55.61
C LEU M 11 9.49 32.15 -56.15
N SER M 12 10.62 32.57 -56.73
CA SER M 12 11.59 31.66 -57.29
C SER M 12 12.98 32.04 -56.79
N ALA M 13 13.84 31.04 -56.65
CA ALA M 13 15.17 31.27 -56.10
C ALA M 13 16.14 30.22 -56.61
N SER M 14 17.43 30.54 -56.49
CA SER M 14 18.50 29.64 -56.91
C SER M 14 18.83 28.66 -55.79
N ILE M 15 19.98 27.99 -55.90
CA ILE M 15 20.45 27.06 -54.89
C ILE M 15 21.43 27.79 -53.99
N GLY M 16 21.19 27.77 -52.68
CA GLY M 16 22.08 28.36 -51.71
C GLY M 16 21.77 29.78 -51.31
N ASP M 17 20.90 30.47 -52.05
CA ASP M 17 20.54 31.83 -51.70
C ASP M 17 19.56 31.84 -50.54
N THR M 18 19.14 33.03 -50.13
CA THR M 18 18.22 33.21 -49.01
C THR M 18 16.94 33.86 -49.50
N ILE M 19 15.83 33.52 -48.84
CA ILE M 19 14.51 34.05 -49.19
C ILE M 19 13.74 34.34 -47.91
N THR M 20 12.68 35.14 -48.05
CA THR M 20 11.81 35.49 -46.94
C THR M 20 10.36 35.42 -47.38
N VAL M 21 9.51 34.90 -46.50
CA VAL M 21 8.07 34.81 -46.73
C VAL M 21 7.36 35.35 -45.51
N ALA M 22 6.41 36.25 -45.70
CA ALA M 22 5.83 36.97 -44.57
C ALA M 22 4.31 36.84 -44.56
N CYS M 23 3.73 37.11 -43.40
CA CYS M 23 2.29 37.26 -43.30
C CYS M 23 1.94 38.14 -42.11
N GLU M 24 0.87 38.90 -42.26
CA GLU M 24 0.34 39.78 -41.23
C GLU M 24 -1.03 39.27 -40.81
N VAL M 25 -1.23 39.19 -39.51
CA VAL M 25 -2.53 38.84 -38.94
C VAL M 25 -3.21 40.13 -38.51
N SER M 26 -4.55 40.12 -38.58
CA SER M 26 -5.32 41.34 -38.38
C SER M 26 -5.37 41.77 -36.92
N GLN M 27 -4.97 40.93 -35.98
CA GLN M 27 -5.06 41.24 -34.56
C GLN M 27 -3.68 41.08 -33.92
N ASP M 28 -3.66 41.13 -32.60
CA ASP M 28 -2.45 40.84 -31.83
C ASP M 28 -2.58 39.41 -31.31
N VAL M 29 -1.67 38.54 -31.74
CA VAL M 29 -1.73 37.13 -31.40
C VAL M 29 -0.48 36.67 -30.66
N GLY M 30 0.23 37.60 -30.03
CA GLY M 30 1.47 37.22 -29.37
C GLY M 30 2.44 36.65 -30.37
N TRP M 31 2.96 35.47 -30.06
CA TRP M 31 3.84 34.74 -30.98
C TRP M 31 3.23 33.39 -31.34
N ALA M 32 1.91 33.35 -31.51
CA ALA M 32 1.20 32.10 -31.78
C ALA M 32 1.02 31.87 -33.28
N VAL M 33 2.16 31.83 -33.99
CA VAL M 33 2.17 31.62 -35.43
C VAL M 33 2.90 30.31 -35.72
N ASN M 34 2.38 29.55 -36.66
CA ASN M 34 3.02 28.30 -37.05
C ASN M 34 3.25 28.27 -38.56
N TRP M 35 4.32 27.59 -38.94
CA TRP M 35 4.85 27.53 -40.29
C TRP M 35 4.78 26.10 -40.81
N TYR M 36 4.19 25.92 -41.98
CA TYR M 36 4.00 24.59 -42.54
C TYR M 36 4.50 24.54 -43.98
N HIS M 37 5.18 23.46 -44.32
CA HIS M 37 5.68 23.23 -45.67
C HIS M 37 5.10 21.93 -46.20
N GLN M 38 4.71 21.94 -47.46
CA GLN M 38 4.12 20.78 -48.10
C GLN M 38 4.79 20.55 -49.45
N ARG M 39 5.47 19.42 -49.59
CA ARG M 39 5.96 19.01 -50.89
C ARG M 39 4.79 18.56 -51.76
N PRO M 40 4.94 18.60 -53.08
CA PRO M 40 3.84 18.14 -53.94
C PRO M 40 3.49 16.69 -53.66
N GLY M 41 2.20 16.43 -53.44
CA GLY M 41 1.72 15.08 -53.25
C GLY M 41 2.08 14.46 -51.91
N ARG M 42 2.56 15.24 -50.96
CA ARG M 42 3.00 14.76 -49.66
C ARG M 42 2.27 15.48 -48.55
N PRO M 43 2.14 14.88 -47.38
CA PRO M 43 1.43 15.54 -46.28
C PRO M 43 2.29 16.61 -45.65
N PRO M 44 1.71 17.78 -45.35
CA PRO M 44 2.50 18.86 -44.76
C PRO M 44 3.07 18.48 -43.40
N TYR M 45 4.23 19.02 -43.10
CA TYR M 45 4.93 18.75 -41.84
C TYR M 45 5.34 20.07 -41.21
N ASN M 46 5.51 20.03 -39.89
CA ASN M 46 5.74 21.25 -39.13
C ASN M 46 7.21 21.64 -39.09
N LEU M 47 7.49 22.92 -39.25
CA LEU M 47 8.85 23.44 -39.18
C LEU M 47 9.03 24.43 -38.05
N ILE M 48 8.24 25.50 -38.01
CA ILE M 48 8.33 26.53 -36.99
C ILE M 48 7.04 26.51 -36.19
N TYR M 49 7.16 26.42 -34.87
CA TYR M 49 6.02 26.55 -33.99
C TYR M 49 6.30 27.68 -33.00
N THR M 50 5.25 28.45 -32.70
CA THR M 50 5.32 29.61 -31.82
C THR M 50 6.22 30.70 -32.38
N ALA M 51 6.51 30.64 -33.68
CA ALA M 51 7.06 31.74 -34.46
C ALA M 51 8.53 32.02 -34.16
N HIS M 52 9.11 31.33 -33.18
CA HIS M 52 10.54 31.47 -32.94
C HIS M 52 11.18 30.18 -32.45
N ASN M 53 10.47 29.06 -32.46
CA ASN M 53 11.01 27.78 -32.08
C ASN M 53 11.05 26.85 -33.28
N LEU M 54 11.96 25.89 -33.23
CA LEU M 54 12.22 24.98 -34.33
C LEU M 54 11.63 23.61 -34.01
N ALA M 55 10.83 23.09 -34.94
CA ALA M 55 10.30 21.75 -34.77
C ALA M 55 11.43 20.71 -34.88
N PRO M 56 11.32 19.61 -34.15
CA PRO M 56 12.37 18.60 -34.21
C PRO M 56 12.43 17.95 -35.59
N GLY M 57 13.62 17.51 -35.96
CA GLY M 57 13.79 16.74 -37.18
C GLY M 57 13.87 17.53 -38.45
N VAL M 58 14.18 18.83 -38.39
CA VAL M 58 14.34 19.64 -39.58
C VAL M 58 15.63 20.45 -39.46
N ALA M 59 16.06 21.01 -40.58
CA ALA M 59 17.31 21.74 -40.63
C ALA M 59 17.21 23.04 -39.85
N SER M 60 18.37 23.55 -39.43
CA SER M 60 18.46 24.78 -38.68
C SER M 60 18.57 26.01 -39.56
N ARG M 61 18.63 25.84 -40.89
CA ARG M 61 18.66 26.97 -41.79
C ARG M 61 17.35 27.73 -41.81
N PHE M 62 16.28 27.12 -41.29
CA PHE M 62 14.98 27.77 -41.24
C PHE M 62 14.90 28.68 -40.02
N ARG M 63 14.31 29.86 -40.20
CA ARG M 63 14.14 30.73 -39.05
C ARG M 63 12.83 31.49 -39.19
N GLY M 64 12.33 31.98 -38.08
CA GLY M 64 11.11 32.78 -38.08
C GLY M 64 11.19 33.82 -36.99
N SER M 65 10.54 34.96 -37.23
CA SER M 65 10.62 36.06 -36.28
C SER M 65 9.42 36.97 -36.46
N ARG M 66 9.23 37.84 -35.47
CA ARG M 66 8.18 38.84 -35.47
C ARG M 66 8.78 40.23 -35.49
N VAL M 67 8.06 41.15 -36.12
CA VAL M 67 8.32 42.58 -35.99
C VAL M 67 6.96 43.27 -35.88
N GLY M 68 6.60 43.67 -34.68
CA GLY M 68 5.24 44.13 -34.44
C GLY M 68 4.28 42.99 -34.70
N THR M 69 3.37 43.21 -35.65
CA THR M 69 2.42 42.18 -36.08
C THR M 69 2.81 41.54 -37.41
N TYR M 70 4.05 41.73 -37.84
CA TYR M 70 4.55 41.25 -39.11
C TYR M 70 5.40 40.01 -38.87
N PHE M 71 4.90 38.83 -39.21
CA PHE M 71 5.63 37.59 -38.97
C PHE M 71 6.31 37.16 -40.25
N THR M 72 7.57 36.75 -40.14
CA THR M 72 8.32 36.37 -41.33
C THR M 72 9.12 35.10 -41.07
N LEU M 73 9.40 34.39 -42.17
CA LEU M 73 10.21 33.19 -42.16
C LEU M 73 11.34 33.41 -43.15
N THR M 74 12.56 33.13 -42.69
CA THR M 74 13.78 33.30 -43.48
C THR M 74 14.39 31.94 -43.78
N ILE M 75 14.86 31.78 -45.00
CA ILE M 75 15.50 30.56 -45.47
C ILE M 75 16.90 30.91 -45.96
N ASN M 76 17.90 30.22 -45.44
CA ASN M 76 19.28 30.41 -45.84
C ASN M 76 19.80 29.10 -46.44
N ASN M 77 20.68 29.22 -47.44
CA ASN M 77 21.31 28.07 -48.07
C ASN M 77 20.26 27.09 -48.59
N LEU M 78 19.48 27.57 -49.55
CA LEU M 78 18.37 26.79 -50.07
C LEU M 78 18.90 25.52 -50.73
N LEU M 79 18.33 24.39 -50.33
CA LEU M 79 18.60 23.08 -50.88
C LEU M 79 17.36 22.63 -51.64
N PRO M 80 17.46 22.25 -52.92
CA PRO M 80 16.26 22.23 -53.76
C PRO M 80 15.29 21.09 -53.47
N GLU M 81 15.48 20.38 -52.35
CA GLU M 81 14.39 19.59 -51.80
C GLU M 81 13.30 20.47 -51.21
N ASP M 82 13.61 21.75 -50.96
CA ASP M 82 12.68 22.69 -50.35
C ASP M 82 11.61 23.17 -51.30
N VAL M 83 11.62 22.73 -52.56
CA VAL M 83 10.56 23.11 -53.49
C VAL M 83 9.23 22.62 -52.94
N GLY M 84 8.25 23.52 -52.90
CA GLY M 84 6.95 23.15 -52.35
C GLY M 84 6.11 24.36 -52.04
N THR M 85 5.25 24.20 -51.04
CA THR M 85 4.35 25.27 -50.61
C THR M 85 4.56 25.56 -49.13
N TYR M 86 4.26 26.79 -48.74
CA TYR M 86 4.42 27.26 -47.37
C TYR M 86 3.15 27.98 -46.94
N TYR M 87 2.74 27.73 -45.70
CA TYR M 87 1.57 28.38 -45.12
C TYR M 87 1.89 28.80 -43.69
N CYS M 88 1.27 29.90 -43.26
CA CYS M 88 1.27 30.28 -41.86
C CYS M 88 -0.13 30.11 -41.31
N GLN M 89 -0.21 29.48 -40.15
CA GLN M 89 -1.46 29.35 -39.43
C GLN M 89 -1.38 30.15 -38.14
N VAL M 90 -2.51 30.73 -37.76
CA VAL M 90 -2.70 31.27 -36.43
C VAL M 90 -4.05 30.79 -35.94
N PHE M 91 -4.05 30.18 -34.76
CA PHE M 91 -5.28 29.86 -34.03
C PHE M 91 -6.08 28.91 -34.92
N ASP M 92 -7.31 29.25 -35.30
CA ASP M 92 -8.05 28.39 -36.21
C ASP M 92 -7.91 28.78 -37.67
N SER M 93 -7.65 30.05 -37.97
CA SER M 93 -7.59 30.50 -39.34
C SER M 93 -6.31 30.05 -40.03
N PHE M 94 -6.40 29.85 -41.33
CA PHE M 94 -5.26 29.48 -42.16
C PHE M 94 -5.08 30.51 -43.27
N ALA M 95 -3.84 30.72 -43.66
CA ALA M 95 -3.54 31.67 -44.72
C ALA M 95 -4.06 31.14 -46.04
N PRO M 96 -4.90 31.87 -46.75
CA PRO M 96 -5.41 31.38 -48.03
C PRO M 96 -4.30 31.26 -49.06
N GLY M 97 -4.46 30.29 -49.96
CA GLY M 97 -3.54 30.14 -51.08
C GLY M 97 -2.21 29.52 -50.73
N GLY M 98 -1.44 30.18 -49.88
CA GLY M 98 -0.09 29.75 -49.58
C GLY M 98 0.91 30.31 -50.57
N THR M 99 2.19 30.16 -50.23
CA THR M 99 3.29 30.68 -51.03
C THR M 99 4.11 29.52 -51.55
N ARG M 100 4.23 29.41 -52.87
CA ARG M 100 4.95 28.30 -53.47
C ARG M 100 6.35 28.74 -53.85
N VAL M 101 7.33 27.94 -53.45
CA VAL M 101 8.74 28.20 -53.73
C VAL M 101 9.26 27.10 -54.63
N ASP M 102 10.07 27.49 -55.63
CA ASP M 102 10.61 26.55 -56.60
C ASP M 102 11.94 27.07 -57.09
N LEU M 103 12.72 26.16 -57.67
CA LEU M 103 14.02 26.51 -58.23
C LEU M 103 13.84 27.35 -59.50
N ARG M 104 14.94 27.93 -59.95
CA ARG M 104 14.91 28.77 -61.15
C ARG M 104 14.61 27.94 -62.40
N ILE N 2 -26.30 2.51 45.80
CA ILE N 2 -26.44 3.86 46.34
C ILE N 2 -27.90 4.29 46.32
N GLN N 3 -28.33 4.96 47.38
CA GLN N 3 -29.71 5.41 47.48
C GLN N 3 -29.89 6.77 46.83
N VAL N 4 -31.09 6.99 46.29
CA VAL N 4 -31.44 8.25 45.64
C VAL N 4 -32.75 8.75 46.23
N THR N 5 -32.78 10.00 46.64
CA THR N 5 -33.99 10.66 47.09
C THR N 5 -34.30 11.82 46.17
N GLN N 6 -35.56 12.01 45.84
CA GLN N 6 -35.96 13.07 44.93
C GLN N 6 -37.19 13.77 45.48
N SER N 7 -37.14 15.10 45.51
CA SER N 7 -38.21 15.91 46.08
C SER N 7 -38.57 17.05 45.13
N PRO N 8 -39.83 17.48 45.13
CA PRO N 8 -40.97 16.90 45.84
C PRO N 8 -41.61 15.82 45.00
N SER N 9 -42.61 15.10 45.52
CA SER N 9 -43.30 14.10 44.72
C SER N 9 -44.01 14.74 43.54
N SER N 10 -44.69 15.86 43.77
CA SER N 10 -45.41 16.54 42.71
C SER N 10 -45.62 17.98 43.10
N LEU N 11 -45.85 18.82 42.10
CA LEU N 11 -46.13 20.23 42.35
C LEU N 11 -46.90 20.78 41.16
N SER N 12 -47.57 21.91 41.39
CA SER N 12 -48.36 22.58 40.37
C SER N 12 -47.84 23.99 40.17
N ALA N 13 -47.70 24.39 38.91
CA ALA N 13 -47.25 25.74 38.58
C ALA N 13 -47.93 26.19 37.30
N SER N 14 -48.04 27.51 37.14
CA SER N 14 -48.67 28.08 35.97
C SER N 14 -47.62 28.43 34.93
N ILE N 15 -48.04 29.15 33.88
CA ILE N 15 -47.12 29.50 32.79
C ILE N 15 -46.13 30.54 33.29
N GLY N 16 -44.86 30.33 32.97
CA GLY N 16 -43.81 31.27 33.32
C GLY N 16 -43.23 31.11 34.71
N ASP N 17 -43.75 30.18 35.51
CA ASP N 17 -43.24 30.00 36.86
C ASP N 17 -41.83 29.44 36.84
N THR N 18 -41.06 29.76 37.88
CA THR N 18 -39.71 29.27 38.06
C THR N 18 -39.73 28.25 39.19
N ILE N 19 -39.50 26.98 38.88
CA ILE N 19 -39.61 25.90 39.85
C ILE N 19 -38.32 25.09 39.86
N THR N 20 -38.03 24.50 41.01
CA THR N 20 -36.83 23.68 41.17
C THR N 20 -37.21 22.31 41.67
N VAL N 21 -36.56 21.28 41.14
CA VAL N 21 -36.72 19.91 41.61
C VAL N 21 -35.37 19.41 42.11
N ALA N 22 -35.37 18.85 43.32
CA ALA N 22 -34.14 18.49 44.01
C ALA N 22 -33.96 16.97 44.00
N CYS N 23 -32.69 16.56 43.97
CA CYS N 23 -32.31 15.14 43.96
C CYS N 23 -31.09 15.02 44.86
N GLU N 24 -31.28 14.41 46.02
CA GLU N 24 -30.20 14.18 46.96
C GLU N 24 -29.70 12.75 46.84
N VAL N 25 -28.42 12.59 46.59
CA VAL N 25 -27.78 11.29 46.61
C VAL N 25 -27.18 11.08 47.99
N SER N 26 -27.19 9.82 48.43
CA SER N 26 -26.77 9.48 49.78
C SER N 26 -25.26 9.26 49.88
N GLN N 27 -24.52 9.52 48.80
CA GLN N 27 -23.11 9.21 48.77
C GLN N 27 -22.41 10.20 47.85
N ASP N 28 -21.15 10.49 48.15
CA ASP N 28 -20.39 11.48 47.40
C ASP N 28 -20.11 10.93 46.01
N VAL N 29 -20.98 11.29 45.06
CA VAL N 29 -20.94 10.69 43.73
C VAL N 29 -20.20 11.56 42.72
N GLY N 30 -20.01 12.84 42.99
CA GLY N 30 -19.35 13.72 42.05
C GLY N 30 -20.33 14.49 41.20
N TRP N 31 -20.06 14.59 39.91
CA TRP N 31 -20.90 15.33 38.98
C TRP N 31 -21.69 14.42 38.07
N ALA N 32 -21.64 13.10 38.28
CA ALA N 32 -22.26 12.14 37.37
C ALA N 32 -23.73 11.99 37.73
N VAL N 33 -24.60 12.64 36.97
CA VAL N 33 -26.04 12.48 37.14
C VAL N 33 -26.71 12.94 35.85
N ASN N 34 -27.93 12.47 35.62
CA ASN N 34 -28.66 12.77 34.40
C ASN N 34 -30.10 13.09 34.75
N TRP N 35 -30.73 13.89 33.91
CA TRP N 35 -32.12 14.30 34.11
C TRP N 35 -32.95 13.90 32.90
N TYR N 36 -34.12 13.33 33.16
CA TYR N 36 -34.96 12.79 32.10
C TYR N 36 -36.37 13.36 32.22
N HIS N 37 -36.90 13.81 31.09
CA HIS N 37 -38.26 14.35 31.01
C HIS N 37 -39.15 13.30 30.36
N GLN N 38 -40.26 12.96 31.02
CA GLN N 38 -41.21 11.99 30.50
C GLN N 38 -42.54 12.70 30.29
N ARG N 39 -42.92 12.90 29.04
CA ARG N 39 -44.25 13.36 28.72
C ARG N 39 -45.23 12.21 28.96
N PRO N 40 -46.51 12.51 29.17
CA PRO N 40 -47.49 11.44 29.40
C PRO N 40 -47.54 10.47 28.24
N GLY N 41 -47.21 9.21 28.54
CA GLY N 41 -47.27 8.15 27.55
C GLY N 41 -46.25 8.25 26.44
N ARG N 42 -45.08 8.78 26.72
CA ARG N 42 -44.03 8.96 25.74
C ARG N 42 -42.71 8.45 26.28
N PRO N 43 -41.77 8.10 25.40
CA PRO N 43 -40.44 7.69 25.86
C PRO N 43 -39.67 8.89 26.38
N PRO N 44 -39.19 8.82 27.61
CA PRO N 44 -38.43 9.95 28.17
C PRO N 44 -37.13 10.18 27.41
N TYR N 45 -36.69 11.44 27.40
CA TYR N 45 -35.46 11.83 26.74
C TYR N 45 -34.59 12.61 27.72
N ASN N 46 -33.30 12.67 27.40
CA ASN N 46 -32.33 13.31 28.28
C ASN N 46 -32.45 14.82 28.15
N LEU N 47 -32.25 15.52 29.27
CA LEU N 47 -32.19 16.98 29.28
C LEU N 47 -30.81 17.49 29.66
N ILE N 48 -30.31 17.08 30.82
CA ILE N 48 -28.99 17.47 31.29
C ILE N 48 -28.23 16.20 31.64
N TYR N 49 -27.00 16.10 31.13
CA TYR N 49 -26.09 15.03 31.52
C TYR N 49 -24.91 15.63 32.26
N THR N 50 -24.42 14.88 33.25
CA THR N 50 -23.33 15.30 34.13
C THR N 50 -23.70 16.56 34.93
N ALA N 51 -25.01 16.83 35.04
CA ALA N 51 -25.61 17.85 35.89
C ALA N 51 -25.39 19.28 35.41
N HIS N 52 -24.46 19.53 34.49
CA HIS N 52 -24.26 20.91 34.05
C HIS N 52 -24.06 21.03 32.54
N ASN N 53 -24.53 20.07 31.75
CA ASN N 53 -24.41 20.13 30.30
C ASN N 53 -25.76 19.79 29.68
N LEU N 54 -26.30 20.73 28.91
CA LEU N 54 -27.59 20.51 28.26
C LEU N 54 -27.47 19.45 27.16
N ALA N 55 -28.54 18.69 26.98
CA ALA N 55 -28.59 17.71 25.92
C ALA N 55 -28.64 18.40 24.56
N PRO N 56 -28.21 17.73 23.50
CA PRO N 56 -28.42 18.27 22.15
C PRO N 56 -29.90 18.36 21.85
N GLY N 57 -30.27 19.38 21.08
CA GLY N 57 -31.63 19.50 20.62
C GLY N 57 -32.64 19.94 21.65
N VAL N 58 -32.22 20.67 22.68
CA VAL N 58 -33.15 21.22 23.66
C VAL N 58 -32.68 22.62 24.04
N ALA N 59 -33.64 23.52 24.26
CA ALA N 59 -33.34 24.92 24.55
C ALA N 59 -32.62 25.03 25.89
N SER N 60 -32.24 26.27 26.22
CA SER N 60 -31.40 26.55 27.39
C SER N 60 -32.20 26.91 28.62
N ARG N 61 -33.53 26.82 28.57
CA ARG N 61 -34.33 27.15 29.74
C ARG N 61 -34.05 26.21 30.91
N PHE N 62 -33.92 24.92 30.63
CA PHE N 62 -33.59 23.96 31.67
C PHE N 62 -32.19 24.24 32.21
N ARG N 63 -32.01 24.18 33.53
CA ARG N 63 -30.68 24.41 34.05
C ARG N 63 -30.43 23.58 35.31
N GLY N 64 -29.48 22.66 35.25
CA GLY N 64 -29.13 21.84 36.39
C GLY N 64 -27.91 22.37 37.11
N SER N 65 -27.82 22.06 38.40
CA SER N 65 -26.69 22.51 39.21
C SER N 65 -26.49 21.55 40.37
N ARG N 66 -25.28 21.58 40.92
CA ARG N 66 -24.93 20.74 42.06
C ARG N 66 -24.25 21.59 43.12
N VAL N 67 -24.71 21.48 44.36
CA VAL N 67 -24.02 22.02 45.52
C VAL N 67 -23.78 20.86 46.48
N GLY N 68 -22.51 20.52 46.70
CA GLY N 68 -22.20 19.36 47.52
C GLY N 68 -22.80 18.10 46.95
N THR N 69 -23.45 17.33 47.81
CA THR N 69 -24.17 16.13 47.42
C THR N 69 -25.63 16.40 47.10
N TYR N 70 -26.00 17.66 46.91
CA TYR N 70 -27.37 18.09 46.66
C TYR N 70 -27.46 18.55 45.22
N PHE N 71 -28.36 17.96 44.43
CA PHE N 71 -28.50 18.33 43.04
C PHE N 71 -29.86 19.00 42.85
N THR N 72 -29.93 19.95 41.92
CA THR N 72 -31.20 20.60 41.64
C THR N 72 -31.31 20.90 40.16
N LEU N 73 -32.55 21.01 39.71
CA LEU N 73 -32.87 21.36 38.33
C LEU N 73 -33.85 22.52 38.37
N THR N 74 -33.48 23.62 37.71
CA THR N 74 -34.23 24.87 37.73
C THR N 74 -34.94 25.05 36.40
N ILE N 75 -36.14 25.62 36.50
CA ILE N 75 -37.12 25.72 35.43
C ILE N 75 -37.61 27.16 35.39
N ASN N 76 -37.52 27.79 34.23
CA ASN N 76 -37.98 29.16 34.06
C ASN N 76 -38.88 29.22 32.83
N ASN N 77 -39.68 30.29 32.78
CA ASN N 77 -40.62 30.59 31.69
C ASN N 77 -41.26 29.31 31.15
N LEU N 78 -41.92 28.60 32.06
CA LEU N 78 -42.50 27.29 31.76
C LEU N 78 -43.58 27.40 30.68
N LEU N 79 -43.30 26.85 29.51
CA LEU N 79 -44.24 26.70 28.42
C LEU N 79 -45.00 25.39 28.56
N PRO N 80 -46.16 25.24 27.93
CA PRO N 80 -47.00 24.06 28.22
C PRO N 80 -46.42 22.74 27.76
N GLU N 81 -45.26 22.72 27.10
CA GLU N 81 -44.61 21.45 26.78
C GLU N 81 -43.63 21.03 27.86
N ASP N 82 -44.09 21.11 29.12
CA ASP N 82 -43.27 20.71 30.26
C ASP N 82 -44.02 19.87 31.27
N VAL N 83 -45.34 19.70 31.13
CA VAL N 83 -46.08 18.83 32.04
C VAL N 83 -45.61 17.40 31.86
N GLY N 84 -45.33 16.74 32.97
CA GLY N 84 -44.85 15.37 32.90
C GLY N 84 -44.09 15.00 34.15
N THR N 85 -43.33 13.92 34.06
CA THR N 85 -42.59 13.38 35.18
C THR N 85 -41.09 13.53 34.92
N TYR N 86 -40.38 14.06 35.91
CA TYR N 86 -38.95 14.28 35.82
C TYR N 86 -38.25 13.25 36.69
N TYR N 87 -37.23 12.59 36.12
CA TYR N 87 -36.48 11.58 36.83
C TYR N 87 -35.01 11.99 36.89
N CYS N 88 -34.41 11.88 38.07
CA CYS N 88 -32.97 12.03 38.21
C CYS N 88 -32.36 10.64 38.27
N GLN N 89 -31.51 10.33 37.30
CA GLN N 89 -30.84 9.04 37.22
C GLN N 89 -29.35 9.25 37.49
N VAL N 90 -28.85 8.64 38.55
CA VAL N 90 -27.43 8.63 38.85
C VAL N 90 -26.96 7.19 38.79
N PHE N 91 -25.86 6.98 38.07
CA PHE N 91 -25.11 5.71 38.10
C PHE N 91 -26.04 4.61 37.61
N ASP N 92 -26.32 3.57 38.40
CA ASP N 92 -27.23 2.52 37.98
C ASP N 92 -28.62 2.64 38.58
N SER N 93 -28.87 3.64 39.42
CA SER N 93 -30.11 3.71 40.17
C SER N 93 -31.05 4.75 39.55
N PHE N 94 -32.30 4.72 40.03
CA PHE N 94 -33.32 5.66 39.61
C PHE N 94 -34.11 6.11 40.82
N ALA N 95 -34.59 7.34 40.78
CA ALA N 95 -35.38 7.87 41.87
C ALA N 95 -36.81 7.35 41.77
N PRO N 96 -37.31 6.64 42.78
CA PRO N 96 -38.69 6.14 42.71
C PRO N 96 -39.69 7.28 42.66
N GLY N 97 -40.78 7.05 41.93
CA GLY N 97 -41.88 7.99 41.83
C GLY N 97 -41.75 9.08 40.78
N GLY N 98 -40.57 9.68 40.66
CA GLY N 98 -40.40 10.80 39.77
C GLY N 98 -40.97 12.07 40.38
N THR N 99 -40.97 13.14 39.58
CA THR N 99 -41.54 14.42 39.99
C THR N 99 -42.57 14.84 38.96
N ARG N 100 -43.85 14.82 39.34
CA ARG N 100 -44.92 15.17 38.42
C ARG N 100 -45.18 16.66 38.49
N VAL N 101 -45.13 17.32 37.33
CA VAL N 101 -45.36 18.76 37.23
C VAL N 101 -46.46 18.98 36.21
N ASP N 102 -47.46 19.78 36.58
CA ASP N 102 -48.59 20.07 35.73
C ASP N 102 -49.09 21.47 36.00
N LEU N 103 -49.93 21.98 35.10
CA LEU N 103 -50.46 23.32 35.24
C LEU N 103 -51.44 23.40 36.40
N ARG N 104 -51.66 24.62 36.89
CA ARG N 104 -52.60 24.86 37.96
C ARG N 104 -53.81 25.66 37.46
C1 NAG O . 51.37 17.70 0.11
C2 NAG O . 50.90 19.13 0.31
C3 NAG O . 51.84 20.09 -0.41
C4 NAG O . 53.27 19.88 0.08
C5 NAG O . 53.66 18.42 -0.09
C6 NAG O . 55.01 18.10 0.52
C7 NAG O . 49.08 19.15 -1.37
C8 NAG O . 47.63 19.43 -1.60
N2 NAG O . 49.52 19.33 -0.12
O3 NAG O . 51.41 21.42 -0.17
O4 NAG O . 54.18 20.69 -0.66
O5 NAG O . 52.72 17.56 0.57
O6 NAG O . 54.88 17.38 1.73
O7 NAG O . 49.83 18.78 -2.28
C1 NAG O . 54.42 21.92 0.06
C2 NAG O . 55.92 22.15 0.19
C3 NAG O . 56.18 23.50 0.88
C4 NAG O . 55.45 24.62 0.16
C5 NAG O . 53.96 24.28 0.02
C6 NAG O . 53.21 25.29 -0.81
C7 NAG O . 57.86 20.79 0.85
C8 NAG O . 58.34 19.64 1.67
N2 NAG O . 56.55 21.07 0.93
O3 NAG O . 57.58 23.76 0.89
O4 NAG O . 55.59 25.83 0.88
O5 NAG O . 53.81 23.01 -0.64
O6 NAG O . 54.06 25.93 -1.75
O7 NAG O . 58.62 21.45 0.15
C1 NAG P . -1.34 -22.56 -33.59
C2 NAG P . -0.99 -22.05 -34.98
C3 NAG P . -2.13 -21.21 -35.53
C4 NAG P . -3.44 -21.99 -35.49
C5 NAG P . -3.67 -22.56 -34.09
C6 NAG P . -4.85 -23.50 -34.02
C7 NAG P . 1.42 -21.76 -35.30
C8 NAG P . 2.59 -20.82 -35.19
N2 NAG P . 0.24 -21.26 -34.93
O3 NAG P . -1.83 -20.84 -36.87
O4 NAG P . -4.50 -21.11 -35.82
O5 NAG P . -2.53 -23.32 -33.67
O6 NAG P . -4.83 -24.43 -35.09
O7 NAG P . 1.55 -22.91 -35.69
C1 NAG P . -5.24 -21.65 -36.94
C2 NAG P . -6.52 -20.84 -37.07
C3 NAG P . -7.36 -21.38 -38.23
C4 NAG P . -6.53 -21.43 -39.51
C5 NAG P . -5.21 -22.16 -39.26
C6 NAG P . -4.26 -22.09 -40.44
C7 NAG P . -7.78 -21.90 -35.23
C8 NAG P . -8.53 -21.66 -33.95
N2 NAG P . -7.29 -20.82 -35.84
O3 NAG P . -8.49 -20.54 -38.40
O4 NAG P . -7.24 -22.14 -40.51
O5 NAG P . -4.50 -21.58 -38.15
O6 NAG P . -4.71 -22.92 -41.50
O7 NAG P . -7.62 -23.04 -35.68
C1 BMA P . -8.03 -21.28 -41.37
C2 BMA P . -7.17 -20.11 -41.90
C3 BMA P . -8.01 -19.29 -42.88
C4 BMA P . -8.63 -20.18 -43.96
C5 BMA P . -9.43 -21.31 -43.31
C6 BMA P . -10.00 -22.28 -44.32
O2 BMA P . -6.06 -20.59 -42.63
O3 BMA P . -7.23 -18.26 -43.48
O4 BMA P . -9.48 -19.40 -44.79
O5 BMA P . -8.56 -22.05 -42.44
O6 BMA P . -10.38 -23.46 -43.63
C1 NAG Q . -12.23 -26.22 -23.82
C2 NAG Q . -11.42 -27.49 -23.64
C3 NAG Q . -11.71 -28.46 -24.79
C4 NAG Q . -13.20 -28.69 -24.94
C5 NAG Q . -13.95 -27.35 -25.01
C6 NAG Q . -15.44 -27.51 -25.00
C7 NAG Q . -9.37 -26.95 -22.42
C8 NAG Q . -7.91 -26.67 -22.52
N2 NAG Q . -10.01 -27.20 -23.57
O3 NAG Q . -11.05 -29.69 -24.53
O4 NAG Q . -13.44 -29.41 -26.14
O5 NAG Q . -13.61 -26.54 -23.90
O6 NAG Q . -16.05 -26.62 -24.08
O7 NAG Q . -9.96 -26.95 -21.34
C1 NAG Q . -13.83 -30.77 -25.85
C2 NAG Q . -13.65 -31.60 -27.11
C3 NAG Q . -14.01 -33.05 -26.85
C4 NAG Q . -13.26 -33.59 -25.64
C5 NAG Q . -13.43 -32.66 -24.44
C6 NAG Q . -12.58 -33.06 -23.25
C7 NAG Q . -14.01 -30.10 -29.02
C8 NAG Q . -14.96 -29.65 -30.09
N2 NAG Q . -14.44 -31.05 -28.20
O3 NAG Q . -13.70 -33.82 -27.99
O4 NAG Q . -13.79 -34.86 -25.29
O5 NAG Q . -13.04 -31.33 -24.79
O6 NAG Q . -13.26 -32.80 -22.03
O7 NAG Q . -12.89 -29.60 -28.90
C1 BMA Q . -12.84 -35.91 -25.57
C2 BMA Q . -13.40 -37.15 -24.86
C3 BMA Q . -12.61 -38.40 -25.25
C4 BMA Q . -12.37 -38.49 -26.75
C5 BMA Q . -11.79 -37.18 -27.28
C6 BMA Q . -11.61 -37.22 -28.78
O2 BMA Q . -14.73 -37.39 -25.30
O3 BMA Q . -13.32 -39.58 -24.83
O4 BMA Q . -11.48 -39.54 -27.03
O5 BMA Q . -12.69 -36.12 -26.95
O6 BMA Q . -11.34 -38.58 -29.13
C1 MAN Q . -12.85 -40.00 -23.53
C2 MAN Q . -12.94 -41.54 -23.50
C3 MAN Q . -14.39 -41.98 -23.43
C4 MAN Q . -15.14 -41.24 -22.33
C5 MAN Q . -15.01 -39.74 -22.55
C6 MAN Q . -15.67 -38.93 -21.46
O2 MAN Q . -12.33 -42.08 -22.33
O3 MAN Q . -14.49 -43.39 -23.21
O4 MAN Q . -16.52 -41.57 -22.36
O5 MAN Q . -13.62 -39.40 -22.52
O6 MAN Q . -15.23 -37.60 -21.58
C1 MAN Q . -11.45 -38.77 -30.55
C2 MAN Q . -12.94 -38.62 -30.96
C3 MAN Q . -13.76 -39.82 -30.46
C4 MAN Q . -13.07 -41.14 -30.83
C5 MAN Q . -11.64 -41.14 -30.30
C6 MAN Q . -10.88 -42.41 -30.63
O2 MAN Q . -13.09 -38.64 -32.38
O3 MAN Q . -15.10 -39.80 -30.96
O4 MAN Q . -13.79 -42.22 -30.28
O5 MAN Q . -10.93 -40.04 -30.89
O6 MAN Q . -9.72 -42.47 -29.80
C1 NAG R . 5.83 -28.69 -9.38
C2 NAG R . 6.44 -29.66 -8.38
C3 NAG R . 7.83 -30.09 -8.85
C4 NAG R . 7.77 -30.64 -10.27
C5 NAG R . 7.09 -29.63 -11.19
C6 NAG R . 6.86 -30.17 -12.59
C7 NAG R . 5.66 -29.37 -6.08
C8 NAG R . 5.87 -28.67 -4.78
N2 NAG R . 6.51 -29.07 -7.06
O3 NAG R . 8.33 -31.09 -7.97
O4 NAG R . 9.09 -30.88 -10.74
O5 NAG R . 5.78 -29.29 -10.67
O6 NAG R . 6.34 -31.49 -12.56
O7 NAG R . 4.74 -30.18 -6.25
C1 NAG R . 9.24 -32.27 -11.09
C2 NAG R . 10.60 -32.43 -11.77
C3 NAG R . 10.84 -33.90 -12.14
C4 NAG R . 10.68 -34.77 -10.91
C5 NAG R . 9.33 -34.53 -10.26
C6 NAG R . 9.15 -35.30 -8.97
C7 NAG R . 11.66 -30.69 -13.13
C8 NAG R . 11.60 -29.90 -14.40
N2 NAG R . 10.68 -31.59 -12.95
O3 NAG R . 12.15 -34.03 -12.68
O4 NAG R . 10.78 -36.15 -11.28
O5 NAG R . 9.18 -33.14 -9.94
O6 NAG R . 9.72 -36.59 -9.07
O7 NAG R . 12.55 -30.53 -12.31
C1 NAG S . 46.01 -5.22 -3.39
C2 NAG S . 46.41 -6.63 -2.98
C3 NAG S . 46.84 -6.66 -1.53
C4 NAG S . 47.93 -5.63 -1.26
C5 NAG S . 47.48 -4.24 -1.77
C6 NAG S . 48.58 -3.21 -1.69
C7 NAG S . 45.20 -8.29 -4.32
C8 NAG S . 44.02 -9.21 -4.39
N2 NAG S . 45.32 -7.57 -3.21
O3 NAG S . 47.32 -7.96 -1.22
O4 NAG S . 48.14 -5.53 0.14
O5 NAG S . 47.09 -4.33 -3.14
O6 NAG S . 48.93 -2.92 -0.34
O7 NAG S . 45.99 -8.19 -5.25
C1 NAG S . 49.46 -6.00 0.52
C2 NAG S . 49.32 -7.43 1.06
C3 NAG S . 50.68 -7.99 1.43
C4 NAG S . 51.66 -7.86 0.27
C5 NAG S . 51.71 -6.41 -0.21
C6 NAG S . 52.59 -6.22 -1.43
C7 NAG S . 47.18 -7.97 2.13
C8 NAG S . 46.39 -7.93 3.40
N2 NAG S . 48.42 -7.47 2.20
O3 NAG S . 50.55 -9.36 1.79
O4 NAG S . 52.96 -8.26 0.67
O5 NAG S . 50.39 -5.99 -0.58
O6 NAG S . 51.82 -5.82 -2.57
O7 NAG S . 46.73 -8.45 1.10
C1 NAG T . 23.71 -2.08 -23.42
C2 NAG T . 22.28 -2.64 -23.43
C3 NAG T . 21.68 -2.53 -24.83
C4 NAG T . 21.79 -1.11 -25.35
C5 NAG T . 23.24 -0.64 -25.27
C6 NAG T . 23.42 0.80 -25.67
C7 NAG T . 21.98 -4.37 -21.72
C8 NAG T . 22.01 -5.84 -21.43
N2 NAG T . 22.27 -4.02 -22.98
O3 NAG T . 20.32 -2.93 -24.77
O4 NAG T . 21.37 -1.04 -26.71
O5 NAG T . 23.70 -0.75 -23.91
O6 NAG T . 23.90 0.89 -27.01
O7 NAG T . 21.72 -3.54 -20.86
C1 NAG T . 20.05 -0.47 -26.77
C2 NAG T . 19.86 0.18 -28.13
C3 NAG T . 18.46 0.75 -28.26
C4 NAG T . 17.42 -0.32 -27.96
C5 NAG T . 17.71 -0.97 -26.62
C6 NAG T . 16.80 -2.14 -26.32
C7 NAG T . 21.00 2.32 -27.64
C8 NAG T . 22.09 3.25 -28.07
N2 NAG T . 20.87 1.20 -28.38
O3 NAG T . 18.28 1.25 -29.58
O4 NAG T . 16.12 0.27 -27.90
O5 NAG T . 19.05 -1.47 -26.58
O6 NAG T . 16.32 -2.73 -27.53
O7 NAG T . 20.28 2.55 -26.68
C1 BMA T . 15.38 -0.03 -29.10
C2 BMA T . 13.89 0.23 -28.81
C3 BMA T . 13.07 0.08 -30.09
C4 BMA T . 13.68 0.87 -31.24
C5 BMA T . 15.16 0.54 -31.41
C6 BMA T . 15.80 1.43 -32.43
O2 BMA T . 13.70 1.55 -28.33
O3 BMA T . 11.72 0.53 -29.90
O4 BMA T . 13.00 0.58 -32.44
O5 BMA T . 15.83 0.78 -30.17
O6 BMA T . 15.32 2.74 -32.19
C1 MAN T . 11.00 -0.35 -29.02
C2 MAN T . 9.61 -0.60 -29.65
C3 MAN T . 8.77 0.68 -29.63
C4 MAN T . 8.80 1.34 -28.24
C5 MAN T . 10.24 1.51 -27.75
C6 MAN T . 10.33 2.07 -26.34
O2 MAN T . 8.87 -1.54 -28.88
O3 MAN T . 7.45 0.45 -30.04
O4 MAN T . 8.16 2.60 -28.30
O5 MAN T . 10.89 0.24 -27.75
O6 MAN T . 11.71 2.33 -26.06
C1 MAN T . 16.01 3.68 -33.05
C2 MAN T . 15.89 5.07 -32.40
C3 MAN T . 14.45 5.57 -32.47
C4 MAN T . 13.93 5.50 -33.92
C5 MAN T . 14.06 4.06 -34.44
C6 MAN T . 13.63 3.93 -35.89
O2 MAN T . 16.66 6.05 -33.11
O3 MAN T . 14.32 6.89 -31.97
O4 MAN T . 12.57 5.88 -33.95
O5 MAN T . 15.44 3.66 -34.35
O6 MAN T . 13.70 2.54 -36.24
C1 NAG U . 41.45 -13.89 4.17
C2 NAG U . 42.30 -12.62 4.16
C3 NAG U . 42.90 -12.36 5.54
C4 NAG U . 41.81 -12.34 6.60
C5 NAG U . 41.00 -13.63 6.53
C6 NAG U . 39.82 -13.63 7.47
C7 NAG U . 44.35 -13.54 3.13
C8 NAG U . 45.31 -13.42 1.99
N2 NAG U . 43.34 -12.67 3.14
O3 NAG U . 43.60 -11.13 5.54
O4 NAG U . 42.41 -12.23 7.88
O5 NAG U . 40.46 -13.81 5.20
O6 NAG U . 38.60 -13.92 6.79
O7 NAG U . 44.47 -14.42 4.00
C1 NAG U . 42.26 -11.01 8.65
C2 NAG U . 41.43 -9.88 7.99
C3 NAG U . 41.21 -8.73 8.98
C4 NAG U . 40.62 -9.24 10.29
C5 NAG U . 41.51 -10.34 10.86
C6 NAG U . 40.96 -10.95 12.13
C7 NAG U . 41.41 -8.93 5.73
C8 NAG U . 42.23 -8.43 4.58
N2 NAG U . 42.09 -9.38 6.79
O3 NAG U . 40.33 -7.77 8.40
O4 NAG U . 40.55 -8.17 11.24
O5 NAG U . 41.63 -11.40 9.90
O6 NAG U . 40.91 -10.01 13.19
O7 NAG U . 40.19 -8.91 5.70
C1 NAG V . 27.64 -6.70 -34.03
C2 NAG V . 28.82 -7.13 -34.88
C3 NAG V . 29.56 -5.90 -35.41
C4 NAG V . 28.60 -4.93 -36.09
C5 NAG V . 27.38 -4.66 -35.21
C6 NAG V . 26.30 -3.86 -35.90
C7 NAG V . 30.17 -9.15 -34.55
C8 NAG V . 29.68 -9.59 -35.90
N2 NAG V . 29.73 -7.96 -34.11
O3 NAG V . 30.56 -6.31 -36.33
O4 NAG V . 29.27 -3.70 -36.33
O5 NAG V . 26.78 -5.90 -34.80
O6 NAG V . 25.60 -4.66 -36.84
O7 NAG V . 30.93 -9.84 -33.88
C1 NAG V . 29.19 -3.31 -37.72
C2 NAG V . 30.14 -2.12 -37.91
C3 NAG V . 30.12 -1.66 -39.37
C4 NAG V . 30.40 -2.83 -40.29
C5 NAG V . 29.45 -3.99 -39.99
C6 NAG V . 29.77 -5.23 -40.80
C7 NAG V . 28.64 -0.36 -37.02
C8 NAG V . 28.50 0.73 -36.00
N2 NAG V . 29.80 -1.02 -37.01
O3 NAG V . 31.10 -0.64 -39.55
O4 NAG V . 30.24 -2.44 -41.65
O5 NAG V . 29.56 -4.36 -38.61
O6 NAG V . 31.16 -5.51 -40.80
O7 NAG V . 27.72 -0.66 -37.78
C1 NAG W . 7.82 -8.36 -39.07
C2 NAG W . 8.30 -7.83 -40.41
C3 NAG W . 7.78 -6.41 -40.64
C4 NAG W . 6.27 -6.35 -40.46
C5 NAG W . 5.88 -6.99 -39.13
C6 NAG W . 4.38 -7.11 -38.95
C7 NAG W . 10.43 -8.28 -41.55
C8 NAG W . 11.92 -8.22 -41.45
N2 NAG W . 9.76 -7.84 -40.48
O3 NAG W . 8.13 -6.00 -41.96
O4 NAG W . 5.86 -4.99 -40.47
O5 NAG W . 6.41 -8.31 -39.03
O6 NAG W . 3.74 -7.53 -40.15
O7 NAG W . 9.86 -8.68 -42.56
C1 NAG W . 4.83 -4.76 -41.47
C2 NAG W . 5.39 -3.90 -42.60
C3 NAG W . 4.33 -3.69 -43.68
C4 NAG W . 3.79 -5.03 -44.16
C5 NAG W . 3.29 -5.84 -42.96
C6 NAG W . 2.83 -7.23 -43.34
C7 NAG W . 7.01 -2.04 -42.42
C8 NAG W . 7.86 -2.82 -43.38
N2 NAG W . 5.84 -2.61 -42.08
O3 NAG W . 4.91 -2.98 -44.78
O4 NAG W . 2.72 -4.83 -45.06
O5 NAG W . 4.36 -6.01 -42.01
O6 NAG W . 2.80 -8.08 -42.21
O7 NAG W . 7.36 -0.96 -41.96
C1 NAG X . 25.71 -13.67 -36.62
C2 NAG X . 24.85 -12.84 -37.56
C3 NAG X . 24.16 -13.75 -38.57
C4 NAG X . 25.17 -14.64 -39.27
C5 NAG X . 26.06 -15.36 -38.25
C6 NAG X . 27.19 -16.12 -38.90
C7 NAG X . 24.18 -10.88 -36.25
C8 NAG X . 23.06 -10.19 -35.54
N2 NAG X . 23.88 -12.05 -36.83
O3 NAG X . 23.47 -12.96 -39.52
O4 NAG X . 24.47 -15.62 -40.03
O5 NAG X . 26.65 -14.41 -37.37
O6 NAG X . 26.70 -17.18 -39.72
O7 NAG X . 25.32 -10.41 -36.30
C1 NAG X . 24.56 -15.34 -41.44
C2 NAG X . 23.70 -16.37 -42.18
C3 NAG X . 23.71 -16.08 -43.69
C4 NAG X . 23.33 -14.64 -43.96
C5 NAG X . 24.21 -13.69 -43.15
C6 NAG X . 23.82 -12.24 -43.30
C7 NAG X . 25.33 -18.23 -42.23
C8 NAG X . 25.56 -19.66 -41.86
N2 NAG X . 24.13 -17.73 -41.91
O3 NAG X . 22.80 -16.95 -44.33
O4 NAG X . 23.47 -14.33 -45.34
O5 NAG X . 24.12 -14.02 -41.75
O6 NAG X . 23.41 -11.95 -44.62
O7 NAG X . 26.19 -17.55 -42.80
C1 NAG Y . 29.81 -27.94 -20.87
C2 NAG Y . 28.33 -28.09 -21.14
C3 NAG Y . 27.92 -29.55 -21.05
C4 NAG Y . 28.80 -30.39 -21.97
C5 NAG Y . 30.27 -30.14 -21.69
C6 NAG Y . 31.20 -30.82 -22.66
C7 NAG Y . 27.05 -26.08 -20.55
C8 NAG Y . 26.25 -25.40 -19.48
N2 NAG Y . 27.54 -27.29 -20.23
O3 NAG Y . 26.55 -29.68 -21.42
O4 NAG Y . 28.54 -31.78 -21.76
O5 NAG Y . 30.55 -28.73 -21.78
O6 NAG Y . 32.31 -30.00 -22.98
O7 NAG Y . 27.24 -25.58 -21.64
C1 NAG Y . 27.60 -32.26 -22.75
C2 NAG Y . 27.80 -33.77 -22.95
C3 NAG Y . 26.76 -34.31 -23.92
C4 NAG Y . 25.35 -33.93 -23.48
C5 NAG Y . 25.26 -32.43 -23.27
C6 NAG Y . 23.92 -31.99 -22.71
C7 NAG Y . 30.20 -34.15 -22.60
C8 NAG Y . 31.51 -34.45 -23.26
N2 NAG Y . 29.14 -34.06 -23.42
O3 NAG Y . 26.88 -35.73 -24.00
O4 NAG Y . 24.41 -34.32 -24.48
O5 NAG Y . 26.26 -32.01 -22.33
O6 NAG Y . 24.10 -31.03 -21.68
O7 NAG Y . 30.10 -33.98 -21.39
C1 NAG Z . 26.14 -25.88 -25.75
C2 NAG Z . 25.12 -26.99 -25.92
C3 NAG Z . 25.81 -28.34 -25.93
C4 NAG Z . 26.92 -28.37 -26.98
C5 NAG Z . 27.87 -27.20 -26.76
C6 NAG Z . 28.92 -27.09 -27.84
C7 NAG Z . 24.31 -27.05 -23.59
C8 NAG Z . 23.09 -26.97 -22.72
N2 NAG Z . 24.08 -26.94 -24.90
O3 NAG Z . 24.85 -29.36 -26.23
O4 NAG Z . 27.66 -29.58 -26.87
O5 NAG Z . 27.13 -25.97 -26.76
O6 NAG Z . 29.74 -28.25 -27.88
O7 NAG Z . 25.43 -27.21 -23.13
C1 NAG Z . 27.37 -30.43 -28.00
C2 NAG Z . 28.03 -31.79 -27.75
C3 NAG Z . 27.70 -32.76 -28.87
C4 NAG Z . 26.19 -32.83 -29.08
C5 NAG Z . 25.62 -31.44 -29.29
C6 NAG Z . 24.11 -31.42 -29.39
C7 NAG Z . 30.07 -31.44 -26.43
C8 NAG Z . 31.56 -31.32 -26.47
N2 NAG Z . 29.47 -31.65 -27.61
O3 NAG Z . 28.21 -34.04 -28.54
O4 NAG Z . 25.90 -33.63 -30.23
O5 NAG Z . 25.96 -30.61 -28.17
O6 NAG Z . 23.67 -30.51 -30.38
O7 NAG Z . 29.44 -31.36 -25.38
C1 NAG AA . -11.70 -38.01 8.02
C2 NAG AA . -10.98 -39.07 8.84
C3 NAG AA . -9.85 -39.68 8.03
C4 NAG AA . -10.35 -40.18 6.69
C5 NAG AA . -11.12 -39.07 5.97
C6 NAG AA . -11.77 -39.53 4.69
C7 NAG AA . -10.68 -39.08 11.28
C8 NAG AA . -11.45 -40.36 11.27
N2 NAG AA . -10.48 -38.51 10.09
O3 NAG AA . -9.27 -40.75 8.76
O4 NAG AA . -9.25 -40.60 5.89
O5 NAG AA . -12.17 -38.57 6.80
O6 NAG AA . -12.46 -40.76 4.89
O7 NAG AA . -10.24 -38.60 12.31
C1 NAG AA . -9.40 -42.00 5.55
C2 NAG AA . -8.19 -42.42 4.72
C3 NAG AA . -8.27 -43.90 4.38
C4 NAG AA . -8.49 -44.73 5.64
C5 NAG AA . -9.69 -44.20 6.41
C6 NAG AA . -9.90 -44.90 7.73
C7 NAG AA . -8.97 -41.54 2.54
C8 NAG AA . -8.63 -40.64 1.39
N2 NAG AA . -8.04 -41.61 3.51
O3 NAG AA . -7.08 -44.31 3.72
O4 NAG AA . -8.72 -46.09 5.29
O5 NAG AA . -9.51 -42.80 6.71
O6 NAG AA . -11.04 -44.40 8.42
O7 NAG AA . -10.03 -42.15 2.59
C1 NAG BA . -17.44 -32.35 -4.54
C2 NAG BA . -18.54 -32.44 -3.49
C3 NAG BA . -19.34 -33.72 -3.69
C4 NAG BA . -19.87 -33.81 -5.11
C5 NAG BA . -18.70 -33.65 -6.09
C6 NAG BA . -19.13 -33.64 -7.53
C7 NAG BA . -18.51 -31.66 -1.16
C8 NAG BA . -19.71 -30.86 -1.51
N2 NAG BA . -17.98 -32.39 -2.15
O3 NAG BA . -20.42 -33.72 -2.74
O4 NAG BA . -20.48 -35.06 -5.36
O5 NAG BA . -18.02 -32.42 -5.84
O6 NAG BA . -18.39 -34.59 -8.29
O7 NAG BA . -18.01 -31.64 -0.04
C1 NAG BA . -21.86 -35.04 -4.95
C2 NAG BA . -22.71 -35.78 -5.97
C3 NAG BA . -24.15 -35.85 -5.50
C4 NAG BA . -24.22 -36.48 -4.12
C5 NAG BA . -23.29 -35.73 -3.16
C6 NAG BA . -23.20 -36.40 -1.81
C7 NAG BA . -22.14 -35.75 -8.35
C8 NAG BA . -22.14 -34.95 -9.62
N2 NAG BA . -22.63 -35.14 -7.28
O3 NAG BA . -24.91 -36.63 -6.42
O4 NAG BA . -25.55 -36.42 -3.62
O5 NAG BA . -21.96 -35.70 -3.69
O6 NAG BA . -22.36 -37.54 -1.85
O7 NAG BA . -21.71 -36.90 -8.31
C1 BMA BA . -26.08 -37.76 -3.62
C2 BMA BA . -27.05 -37.86 -2.43
C3 BMA BA . -27.75 -39.20 -2.47
C4 BMA BA . -28.37 -39.46 -3.85
C5 BMA BA . -27.30 -39.33 -4.92
C6 BMA BA . -27.86 -39.51 -6.32
O2 BMA BA . -28.05 -36.87 -2.52
O3 BMA BA . -28.76 -39.30 -1.47
O4 BMA BA . -28.92 -40.76 -3.90
O5 BMA BA . -26.76 -38.02 -4.84
O6 BMA BA . -27.26 -38.54 -7.16
C1 MAN BA . -27.99 -38.53 -8.40
C2 MAN BA . -27.00 -38.89 -9.51
C3 MAN BA . -26.00 -37.76 -9.71
C4 MAN BA . -26.74 -36.45 -9.91
C5 MAN BA . -27.62 -36.20 -8.69
C6 MAN BA . -28.40 -34.92 -8.81
O2 MAN BA . -27.66 -39.00 -10.76
O3 MAN BA . -25.18 -38.00 -10.83
O4 MAN BA . -25.80 -35.39 -10.01
O5 MAN BA . -28.56 -37.27 -8.60
O6 MAN BA . -29.30 -34.88 -7.73
C1 MAN BA . -24.14 -38.92 -10.45
C2 MAN BA . -22.82 -38.33 -10.96
C3 MAN BA . -22.80 -38.33 -12.47
C4 MAN BA . -23.12 -39.72 -13.00
C5 MAN BA . -24.45 -40.18 -12.46
C6 MAN BA . -24.78 -41.58 -12.88
O2 MAN BA . -21.72 -39.14 -10.56
O3 MAN BA . -21.55 -37.90 -12.98
O4 MAN BA . -23.18 -39.69 -14.41
O5 MAN BA . -24.39 -40.18 -11.03
O6 MAN BA . -23.70 -42.41 -12.51
C1 MAN BA . -28.83 -33.90 -6.78
C2 MAN BA . -29.41 -34.31 -5.42
C3 MAN BA . -30.94 -34.18 -5.47
C4 MAN BA . -31.35 -32.80 -5.96
C5 MAN BA . -30.69 -32.51 -7.31
C6 MAN BA . -30.96 -31.10 -7.79
O2 MAN BA . -28.99 -33.40 -4.39
O3 MAN BA . -31.53 -34.46 -4.21
O4 MAN BA . -32.75 -32.74 -6.11
O5 MAN BA . -29.27 -32.63 -7.15
O6 MAN BA . -30.42 -30.19 -6.84
C1 MAN BA . -28.13 -39.35 -0.17
C2 MAN BA . -27.45 -40.73 -0.03
C3 MAN BA . -28.50 -41.83 0.00
C4 MAN BA . -29.57 -41.54 1.05
C5 MAN BA . -30.15 -40.14 0.83
C6 MAN BA . -31.10 -39.73 1.93
O2 MAN BA . -26.75 -40.83 1.21
O3 MAN BA . -27.92 -43.10 0.23
O4 MAN BA . -30.61 -42.50 0.97
O5 MAN BA . -29.09 -39.17 0.83
O6 MAN BA . -30.34 -39.48 3.10
C1 NAG CA . -6.37 7.15 45.67
C2 NAG CA . -7.87 7.39 45.78
C3 NAG CA . -8.15 8.88 45.95
C4 NAG CA . -7.35 9.45 47.10
C5 NAG CA . -5.87 9.12 46.94
C6 NAG CA . -5.04 9.55 48.11
C7 NAG CA . -9.52 5.93 44.70
C8 NAG CA . -10.13 5.49 43.41
N2 NAG CA . -8.57 6.86 44.62
O3 NAG CA . -9.55 9.07 46.17
O4 NAG CA . -7.50 10.87 47.14
O5 NAG CA . -5.71 7.70 46.81
O6 NAG CA . -5.79 9.57 49.31
O7 NAG CA . -9.88 5.46 45.78
C1 NAG CA . -8.39 11.22 48.22
C2 NAG CA . -8.16 12.67 48.61
C3 NAG CA . -9.14 13.08 49.70
C4 NAG CA . -10.57 12.78 49.29
C5 NAG CA . -10.70 11.32 48.86
C6 NAG CA . -12.06 10.99 48.30
C7 NAG CA . -5.93 13.65 48.32
C8 NAG CA . -4.55 13.77 48.89
N2 NAG CA . -6.79 12.90 49.02
O3 NAG CA . -8.99 14.48 49.96
O4 NAG CA . -11.45 13.05 50.37
O5 NAG CA . -9.76 11.02 47.82
O6 NAG CA . -11.97 10.42 47.01
O7 NAG CA . -6.25 14.19 47.27
C1 NAG DA . -16.65 9.44 40.84
C2 NAG DA . -15.34 9.98 41.36
C3 NAG DA . -15.19 11.43 40.94
C4 NAG DA . -15.45 11.61 39.44
C5 NAG DA . -16.65 10.80 38.93
C6 NAG DA . -16.67 10.68 37.43
C7 NAG DA . -14.26 9.23 43.43
C8 NAG DA . -13.18 8.66 42.54
N2 NAG DA . -15.26 9.85 42.80
O3 NAG DA . -13.88 11.88 41.25
O4 NAG DA . -15.77 12.97 39.22
O5 NAG DA . -16.63 9.45 39.45
O6 NAG DA . -15.46 10.13 36.93
O7 NAG DA . -14.22 9.13 44.64
C1 NAG DA . -14.71 13.68 38.54
C2 NAG DA . -15.35 14.93 37.97
C3 NAG DA . -14.30 15.78 37.26
C4 NAG DA . -13.13 16.07 38.19
C5 NAG DA . -12.60 14.76 38.76
C6 NAG DA . -11.52 14.98 39.80
C7 NAG DA . -16.40 13.80 36.03
C8 NAG DA . -17.68 13.63 35.27
N2 NAG DA . -16.47 14.63 37.09
O3 NAG DA . -14.89 17.02 36.85
O4 NAG DA . -12.10 16.74 37.48
O5 NAG DA . -13.64 14.03 39.41
O6 NAG DA . -11.83 14.30 41.01
O7 NAG DA . -15.37 13.24 35.71
C1 NAG EA . 3.84 -26.36 35.89
C2 NAG EA . 3.63 -26.85 37.32
C3 NAG EA . 4.92 -26.69 38.12
C4 NAG EA . 6.09 -27.35 37.40
C5 NAG EA . 6.18 -26.84 35.97
C6 NAG EA . 7.23 -27.56 35.16
C7 NAG EA . 1.33 -26.67 38.13
C8 NAG EA . 0.32 -25.79 38.81
N2 NAG EA . 2.54 -26.13 37.96
O3 NAG EA . 4.75 -27.26 39.41
O4 NAG EA . 7.30 -27.07 38.09
O5 NAG EA . 4.92 -27.06 35.30
O6 NAG EA . 7.34 -28.92 35.55
O7 NAG EA . 1.06 -27.80 37.74
C1 NAG EA . 7.78 -28.28 38.70
C2 NAG EA . 8.78 -27.90 39.79
C3 NAG EA . 9.28 -29.15 40.50
C4 NAG EA . 8.12 -29.97 41.02
C5 NAG EA . 7.13 -30.26 39.89
C6 NAG EA . 5.87 -30.95 40.37
C7 NAG EA . 10.53 -26.18 39.91
C8 NAG EA . 11.65 -25.50 39.18
N2 NAG EA . 9.90 -27.14 39.23
O3 NAG EA . 10.11 -28.75 41.59
O4 NAG EA . 8.59 -31.20 41.54
O5 NAG EA . 6.71 -29.04 39.27
O6 NAG EA . 4.98 -30.03 40.98
O7 NAG EA . 10.22 -25.87 41.05
C1 NAG FA . 3.58 -36.80 18.55
C2 NAG FA . 4.42 -37.85 19.26
C3 NAG FA . 5.87 -37.78 18.80
C4 NAG FA . 5.96 -37.81 17.28
C5 NAG FA . 5.02 -36.78 16.66
C6 NAG FA . 4.93 -36.88 15.16
C7 NAG FA . 4.71 -36.63 21.39
C8 NAG FA . 4.53 -36.70 22.88
N2 NAG FA . 4.33 -37.72 20.71
O3 NAG FA . 6.58 -38.87 19.35
O4 NAG FA . 7.30 -37.49 16.90
O5 NAG FA . 3.69 -36.98 17.16
O6 NAG FA . 4.76 -38.24 14.75
O7 NAG FA . 5.19 -35.64 20.84
C1 NAG FA . 7.90 -38.54 16.10
C2 NAG FA . 8.84 -39.36 16.99
C3 NAG FA . 9.44 -40.51 16.18
C4 NAG FA . 8.34 -41.32 15.52
C5 NAG FA . 7.43 -40.42 14.70
C6 NAG FA . 6.24 -41.15 14.12
C7 NAG FA . 10.57 -38.86 18.65
C8 NAG FA . 11.61 -37.88 19.10
N2 NAG FA . 9.89 -38.53 17.55
O3 NAG FA . 10.22 -41.35 17.02
O4 NAG FA . 8.91 -42.31 14.66
O5 NAG FA . 6.89 -39.39 15.54
O6 NAG FA . 5.29 -40.24 13.56
O7 NAG FA . 10.34 -39.90 19.28
C1 NAG GA . -2.95 -31.00 34.87
C2 NAG GA . -1.86 -31.80 34.17
C3 NAG GA . -2.40 -33.16 33.77
C4 NAG GA . -3.02 -33.87 34.95
C5 NAG GA . -4.05 -32.97 35.63
C6 NAG GA . -4.58 -33.56 36.92
C7 NAG GA . -0.44 -30.12 33.10
C8 NAG GA . -0.01 -29.49 31.81
N2 NAG GA . -1.36 -31.09 33.01
O3 NAG GA . -1.33 -33.95 33.24
O4 NAG GA . -3.68 -35.05 34.50
O5 NAG GA . -3.43 -31.72 35.98
O6 NAG GA . -3.69 -33.32 38.00
O7 NAG GA . 0.02 -29.75 34.18
C1 NAG GA . -2.98 -36.20 35.03
C2 NAG GA . -3.78 -37.45 34.61
C3 NAG GA . -3.07 -38.73 35.04
C4 NAG GA . -1.60 -38.70 34.60
C5 NAG GA . -0.93 -37.42 35.06
C6 NAG GA . 0.49 -37.29 34.59
C7 NAG GA . -5.70 -37.37 36.26
C8 NAG GA . -4.74 -37.35 37.43
N2 NAG GA . -5.17 -37.42 35.01
O3 NAG GA . -3.73 -39.86 34.48
O4 NAG GA . -0.92 -39.81 35.17
O5 NAG GA . -1.65 -36.29 34.53
O6 NAG GA . 1.17 -36.24 35.26
O7 NAG GA . -6.92 -37.35 36.44
C1 NAG HA . -22.37 -20.18 35.64
C2 NAG HA . -22.00 -20.68 34.27
C3 NAG HA . -23.12 -21.56 33.74
C4 NAG HA . -23.58 -22.59 34.76
C5 NAG HA . -23.62 -22.05 36.19
C6 NAG HA . -23.66 -23.15 37.24
C7 NAG HA . -20.70 -19.58 32.51
C8 NAG HA . -19.80 -20.79 32.54
N2 NAG HA . -21.72 -19.58 33.36
O3 NAG HA . -22.68 -22.22 32.55
O4 NAG HA . -24.91 -22.95 34.45
O5 NAG HA . -22.48 -21.24 36.51
O6 NAG HA . -22.35 -23.59 37.56
O7 NAG HA . -20.48 -18.65 31.75
C1 NAG HA . -25.02 -24.18 33.74
C2 NAG HA . -26.40 -24.75 34.03
C3 NAG HA . -26.64 -26.01 33.23
C4 NAG HA . -26.41 -25.75 31.75
C5 NAG HA . -25.00 -25.19 31.55
C6 NAG HA . -24.71 -24.79 30.13
C7 NAG HA . -26.87 -24.03 36.34
C8 NAG HA . -27.02 -24.48 37.76
N2 NAG HA . -26.59 -25.00 35.45
O3 NAG HA . -27.97 -26.47 33.43
O4 NAG HA . -26.57 -26.94 30.99
O5 NAG HA . -24.85 -24.00 32.34
O6 NAG HA . -25.51 -23.69 29.73
O7 NAG HA . -26.99 -22.87 36.00
C1 BMA HA . -27.74 -26.75 30.15
C2 BMA HA . -27.65 -27.72 28.97
C3 BMA HA . -28.85 -27.53 28.08
C4 BMA HA . -30.15 -27.63 28.89
C5 BMA HA . -30.12 -26.69 30.11
C6 BMA HA . -31.31 -26.85 31.02
O2 BMA HA . -27.70 -29.07 29.43
O3 BMA HA . -28.86 -28.46 27.01
O4 BMA HA . -31.26 -27.30 28.07
O5 BMA HA . -28.94 -26.97 30.87
O6 BMA HA . -31.65 -25.57 31.56
C1 NAG IA . -17.81 -24.60 33.31
C2 NAG IA . -18.96 -24.99 32.38
C3 NAG IA . -20.22 -25.27 33.19
C4 NAG IA . -19.94 -26.29 34.29
C5 NAG IA . -18.77 -25.82 35.14
C6 NAG IA . -18.37 -26.81 36.19
C7 NAG IA . -19.77 -24.17 30.22
C8 NAG IA . -19.95 -22.98 29.34
N2 NAG IA . -19.22 -23.94 31.41
O3 NAG IA . -21.24 -25.75 32.33
O4 NAG IA . -21.09 -26.46 35.11
O5 NAG IA . -17.63 -25.61 34.30
O6 NAG IA . -19.34 -26.93 37.22
O7 NAG IA . -20.10 -25.30 29.87
C1 NAG IA . -21.55 -27.83 34.99
C2 NAG IA . -22.89 -27.93 35.71
C3 NAG IA . -23.45 -29.34 35.57
C4 NAG IA . -23.51 -29.74 34.10
C5 NAG IA . -22.16 -29.54 33.44
C6 NAG IA . -22.19 -29.78 31.95
C7 NAG IA . -22.01 -28.17 38.00
C8 NAG IA . -22.04 -27.62 39.40
N2 NAG IA . -22.78 -27.54 37.11
O3 NAG IA . -24.75 -29.39 36.15
O4 NAG IA . -23.89 -31.11 33.99
O5 NAG IA . -21.71 -28.19 33.61
O6 NAG IA . -23.34 -29.20 31.36
O7 NAG IA . -21.31 -29.14 37.70
C1 NAG JA . 4.85 -16.14 29.54
C2 NAG JA . 4.22 -16.65 28.26
C3 NAG JA . 4.61 -18.09 28.00
C4 NAG JA . 6.14 -18.23 28.03
C5 NAG JA . 6.70 -17.63 29.30
C6 NAG JA . 8.21 -17.61 29.32
C7 NAG JA . 1.99 -16.41 27.25
C8 NAG JA . 0.52 -16.28 27.50
N2 NAG JA . 2.77 -16.52 28.33
O3 NAG JA . 4.11 -18.50 26.74
O4 NAG JA . 6.48 -19.61 27.96
O5 NAG JA . 6.26 -16.28 29.45
O6 NAG JA . 8.73 -17.35 28.03
O7 NAG JA . 2.46 -16.40 26.12
C1 NAG JA . 7.18 -19.87 26.74
C2 NAG JA . 8.14 -21.05 26.99
C3 NAG JA . 8.87 -21.42 25.71
C4 NAG JA . 7.88 -21.66 24.57
C5 NAG JA . 6.94 -20.47 24.44
C6 NAG JA . 5.85 -20.68 23.41
C7 NAG JA . 8.90 -21.09 29.32
C8 NAG JA . 9.98 -20.68 30.27
N2 NAG JA . 9.08 -20.73 28.05
O3 NAG JA . 9.63 -22.59 25.93
O4 NAG JA . 8.61 -21.81 23.35
O5 NAG JA . 6.29 -20.21 25.69
O6 NAG JA . 5.20 -19.46 23.08
O7 NAG JA . 7.90 -21.70 29.69
C1 BMA JA . 8.42 -23.11 22.78
C2 BMA JA . 8.38 -22.89 21.26
C3 BMA JA . 8.41 -24.24 20.52
C4 BMA JA . 9.54 -25.15 21.04
C5 BMA JA . 9.38 -25.31 22.55
C6 BMA JA . 10.44 -26.21 23.17
O2 BMA JA . 9.52 -22.13 20.89
O3 BMA JA . 8.41 -24.11 19.06
O4 BMA JA . 9.46 -26.43 20.43
O5 BMA JA . 9.46 -24.01 23.16
O6 BMA JA . 11.36 -25.44 23.93
C1 MAN JA . 9.72 -23.94 18.47
C2 MAN JA . 9.73 -22.57 17.77
C3 MAN JA . 8.78 -22.61 16.59
C4 MAN JA . 9.17 -23.74 15.64
C5 MAN JA . 9.17 -25.08 16.38
C6 MAN JA . 9.69 -26.22 15.53
O2 MAN JA . 11.01 -22.29 17.22
O3 MAN JA . 8.76 -21.37 15.91
O4 MAN JA . 8.24 -23.81 14.58
O5 MAN JA . 10.03 -24.98 17.55
O6 MAN JA . 9.65 -27.42 16.30
C1 MAN JA . 12.54 -25.18 23.12
C2 MAN JA . 13.79 -25.53 23.97
C3 MAN JA . 13.97 -24.51 25.08
C4 MAN JA . 13.92 -23.08 24.53
C5 MAN JA . 12.60 -22.88 23.78
C6 MAN JA . 12.47 -21.51 23.16
O2 MAN JA . 14.99 -25.45 23.18
O3 MAN JA . 15.19 -24.70 25.78
O4 MAN JA . 13.99 -22.15 25.60
O5 MAN JA . 12.55 -23.84 22.71
O6 MAN JA . 11.15 -21.40 22.62
C1 NAG KA . -24.23 -15.17 9.42
C2 NAG KA . -25.39 -14.20 9.60
C3 NAG KA . -25.72 -14.04 11.08
C4 NAG KA . -25.96 -15.40 11.72
C5 NAG KA . -24.77 -16.31 11.46
C6 NAG KA . -24.97 -17.72 11.96
C7 NAG KA . -25.64 -12.48 7.86
C8 NAG KA . -26.61 -13.42 7.20
N2 NAG KA . -25.09 -12.91 9.00
O3 NAG KA . -26.89 -13.23 11.21
O4 NAG KA . -26.16 -15.24 13.12
O5 NAG KA . -24.55 -16.41 10.05
O6 NAG KA . -26.27 -18.20 11.66
O7 NAG KA . -25.36 -11.39 7.38
C1 NAG KA . -27.47 -15.79 13.41
C2 NAG KA . -27.65 -15.88 14.92
C3 NAG KA . -29.03 -16.43 15.23
C4 NAG KA . -30.12 -15.64 14.52
C5 NAG KA . -29.80 -15.46 13.04
C6 NAG KA . -30.73 -14.50 12.35
C7 NAG KA . -25.64 -16.20 16.28
C8 NAG KA . -24.66 -17.19 16.83
N2 NAG KA . -26.61 -16.70 15.52
O3 NAG KA . -29.23 -16.39 16.64
O4 NAG KA . -31.36 -16.34 14.61
O5 NAG KA . -28.47 -14.94 12.86
O6 NAG KA . -30.24 -13.17 12.43
O7 NAG KA . -25.55 -15.00 16.53
C1 BMA KA . -32.13 -15.89 15.74
C2 BMA KA . -33.63 -16.06 15.38
C3 BMA KA . -34.52 -15.95 16.62
C4 BMA KA . -33.97 -16.79 17.78
C5 BMA KA . -32.53 -16.35 18.06
C6 BMA KA . -31.90 -17.09 19.23
O2 BMA KA . -33.87 -17.33 14.83
O3 BMA KA . -35.85 -16.34 16.33
O4 BMA KA . -34.76 -16.59 18.95
O5 BMA KA . -31.77 -16.66 16.89
O6 BMA KA . -30.69 -16.42 19.60
C1 NAG LA . -38.21 -7.57 -11.96
C2 NAG LA . -39.18 -6.84 -11.06
C3 NAG LA . -39.18 -7.51 -9.69
C4 NAG LA . -39.44 -9.01 -9.80
C5 NAG LA . -38.54 -9.64 -10.88
C6 NAG LA . -38.93 -11.05 -11.21
C7 NAG LA . -39.71 -4.45 -11.05
C8 NAG LA . -41.13 -4.87 -11.32
N2 NAG LA . -38.83 -5.43 -10.93
O3 NAG LA . -40.20 -6.90 -8.89
O4 NAG LA . -39.07 -9.60 -8.56
O5 NAG LA . -38.61 -8.90 -12.11
O6 NAG LA . -40.29 -11.30 -10.92
O7 NAG LA . -39.39 -3.27 -10.95
C1 NAG LA . -40.05 -10.41 -7.84
C2 NAG LA . -41.48 -9.86 -7.92
C3 NAG LA . -42.44 -10.78 -7.18
C4 NAG LA . -42.27 -12.23 -7.61
C5 NAG LA . -40.81 -12.65 -7.58
C6 NAG LA . -40.57 -14.03 -8.15
C7 NAG LA . -42.62 -7.72 -7.45
C8 NAG LA . -42.49 -6.38 -6.80
N2 NAG LA . -41.54 -8.52 -7.36
O3 NAG LA . -43.78 -10.36 -7.43
O4 NAG LA . -42.98 -13.08 -6.70
O5 NAG LA . -40.02 -11.75 -8.37
O6 NAG LA . -40.28 -13.97 -9.53
O7 NAG LA . -43.64 -8.07 -8.04
C1 BMA LA . -44.29 -13.44 -7.17
C2 BMA LA . -44.84 -14.50 -6.19
C3 BMA LA . -46.30 -14.82 -6.52
C4 BMA LA . -47.14 -13.56 -6.69
C5 BMA LA . -46.47 -12.60 -7.69
C6 BMA LA . -47.20 -11.28 -7.81
O2 BMA LA . -44.83 -13.99 -4.85
O3 BMA LA . -46.89 -15.64 -5.52
O4 BMA LA . -48.42 -13.91 -7.19
O5 BMA LA . -45.15 -12.32 -7.22
O6 BMA LA . -46.83 -10.46 -6.72
C1 NAG MA . -27.98 -19.27 -13.74
C2 NAG MA . -28.29 -19.08 -15.21
C3 NAG MA . -29.38 -20.06 -15.64
C4 NAG MA . -29.01 -21.48 -15.27
C5 NAG MA . -28.60 -21.57 -13.80
C6 NAG MA . -28.02 -22.92 -13.42
C7 NAG MA . -28.08 -16.91 -16.33
C8 NAG MA . -26.90 -17.50 -17.04
N2 NAG MA . -28.71 -17.71 -15.47
O3 NAG MA . -29.56 -19.96 -17.05
O4 NAG MA . -30.15 -22.31 -15.48
O5 NAG MA . -27.59 -20.61 -13.51
O6 NAG MA . -29.04 -23.88 -13.22
O7 NAG MA . -28.45 -15.76 -16.54
C1 NAG MA . -29.83 -23.42 -16.36
C2 NAG MA . -31.15 -24.14 -16.66
C3 NAG MA . -30.90 -25.33 -17.58
C4 NAG MA . -30.17 -24.86 -18.83
C5 NAG MA . -28.91 -24.09 -18.47
C6 NAG MA . -28.22 -23.49 -19.66
C7 NAG MA . -31.28 -25.38 -14.51
C8 NAG MA . -32.15 -25.70 -13.35
N2 NAG MA . -31.82 -24.57 -15.44
O3 NAG MA . -32.15 -25.92 -17.92
O4 NAG MA . -29.79 -25.98 -19.62
O5 NAG MA . -29.23 -23.00 -17.58
O6 NAG MA . -29.12 -23.30 -20.74
O7 NAG MA . -30.14 -25.83 -14.63
C1 BMA MA . -30.73 -26.18 -20.70
C2 BMA MA . -30.01 -27.05 -21.75
C3 BMA MA . -30.99 -27.61 -22.77
C4 BMA MA . -32.23 -28.19 -22.08
C5 BMA MA . -32.84 -27.11 -21.24
C6 BMA MA . -34.13 -27.56 -20.57
O2 BMA MA . -29.40 -28.15 -21.11
O3 BMA MA . -30.38 -28.62 -23.53
O4 BMA MA . -33.15 -28.61 -23.06
O5 BMA MA . -31.91 -26.79 -20.22
O6 BMA MA . -34.72 -26.43 -19.95
C1 MAN MA . -29.91 -28.05 -24.75
C2 MAN MA . -30.02 -29.16 -25.83
C3 MAN MA . -29.00 -30.26 -25.53
C4 MAN MA . -27.61 -29.66 -25.37
C5 MAN MA . -27.65 -28.65 -24.24
C6 MAN MA . -26.32 -27.99 -24.00
O2 MAN MA . -29.69 -28.69 -27.12
O3 MAN MA . -28.99 -31.24 -26.56
O4 MAN MA . -26.69 -30.68 -25.06
O5 MAN MA . -28.57 -27.62 -24.60
O6 MAN MA . -26.52 -26.92 -23.10
C1 MAN MA . -30.49 -27.53 -27.43
C2 MAN MA . -31.83 -28.01 -28.06
C3 MAN MA . -31.62 -28.53 -29.49
C4 MAN MA . -30.76 -27.55 -30.30
C5 MAN MA . -29.45 -27.32 -29.55
C6 MAN MA . -28.50 -26.40 -30.27
O2 MAN MA . -32.77 -26.94 -28.19
O3 MAN MA . -32.86 -28.76 -30.15
O4 MAN MA . -30.50 -28.10 -31.58
O5 MAN MA . -29.76 -26.70 -28.30
O6 MAN MA . -27.42 -26.13 -29.37
C1 MAN MA . -36.12 -26.68 -19.73
C2 MAN MA . -36.80 -25.32 -19.49
C3 MAN MA . -36.37 -24.75 -18.15
C4 MAN MA . -36.60 -25.77 -17.04
C5 MAN MA . -35.81 -27.04 -17.36
C6 MAN MA . -36.01 -28.11 -16.33
O2 MAN MA . -38.22 -25.46 -19.42
O3 MAN MA . -37.06 -23.54 -17.84
O4 MAN MA . -36.15 -25.25 -15.81
O5 MAN MA . -36.28 -27.55 -18.62
O6 MAN MA . -35.09 -29.16 -16.62
C1 NAG NA . -16.92 -2.77 -25.77
C2 NAG NA . -16.14 -2.27 -26.96
C3 NAG NA . -16.84 -1.07 -27.59
C4 NAG NA . -18.28 -1.43 -27.93
C5 NAG NA . -18.99 -1.99 -26.71
C6 NAG NA . -20.38 -2.52 -27.01
C7 NAG NA . -13.72 -2.65 -26.93
C8 NAG NA . -14.00 -3.88 -27.75
N2 NAG NA . -14.78 -1.92 -26.59
O3 NAG NA . -16.14 -0.67 -28.76
O4 NAG NA . -18.97 -0.27 -28.41
O5 NAG NA . -18.25 -3.10 -26.17
O6 NAG NA . -20.32 -3.72 -27.76
O7 NAG NA . -12.58 -2.34 -26.60
C1 NAG NA . -19.50 -0.52 -29.72
C2 NAG NA . -20.43 0.64 -30.08
C3 NAG NA . -20.99 0.44 -31.49
C4 NAG NA . -19.86 0.22 -32.49
C5 NAG NA . -18.97 -0.92 -32.01
C6 NAG NA . -17.77 -1.14 -32.91
C7 NAG NA . -21.39 1.47 -27.98
C8 NAG NA . -22.60 1.48 -27.10
N2 NAG NA . -21.51 0.77 -29.11
O3 NAG NA . -21.75 1.60 -31.85
O4 NAG NA . -20.41 -0.12 -33.76
O5 NAG NA . -18.47 -0.63 -30.70
O6 NAG NA . -18.17 -1.49 -34.22
O7 NAG NA . -20.36 2.05 -27.68
C1 BMA NA . -20.35 1.03 -34.63
C2 BMA NA . -20.04 0.52 -36.06
C3 BMA NA . -20.23 1.64 -37.09
C4 BMA NA . -21.56 2.36 -36.87
C5 BMA NA . -21.62 2.89 -35.44
C6 BMA NA . -22.90 3.65 -35.15
O2 BMA NA . -20.93 -0.52 -36.43
O3 BMA NA . -20.16 1.14 -38.41
O4 BMA NA . -21.67 3.45 -37.77
O5 BMA NA . -21.57 1.75 -34.57
O6 BMA NA . -22.72 4.40 -33.95
C1 NAG OA . -6.66 42.48 -17.19
C2 NAG OA . -6.53 42.48 -18.70
C3 NAG OA . -5.12 42.89 -19.09
C4 NAG OA . -4.75 44.22 -18.46
C5 NAG OA . -5.00 44.18 -16.95
C6 NAG OA . -4.82 45.53 -16.30
C7 NAG OA . -7.80 41.01 -20.19
C8 NAG OA . -8.02 39.61 -20.66
N2 NAG OA . -6.86 41.18 -19.26
O3 NAG OA . -5.05 42.99 -20.51
O4 NAG OA . -3.38 44.50 -18.69
O5 NAG OA . -6.34 43.77 -16.67
O6 NAG OA . -5.16 46.59 -17.18
O7 NAG OA . -8.46 41.95 -20.62
C1 NAG OA . -3.25 45.56 -19.65
C2 NAG OA . -2.06 45.22 -20.57
C3 NAG OA . -1.90 46.29 -21.64
C4 NAG OA . -3.21 46.47 -22.39
C5 NAG OA . -4.35 46.76 -21.43
C6 NAG OA . -5.70 46.82 -22.10
C7 NAG OA . 0.18 44.30 -20.17
C8 NAG OA . 1.37 44.28 -19.25
N2 NAG OA . -0.83 45.08 -19.79
O3 NAG OA . -0.88 45.89 -22.54
O4 NAG OA . -3.09 47.57 -23.30
O5 NAG OA . -4.43 45.70 -20.44
O6 NAG OA . -6.16 45.52 -22.45
O7 NAG OA . 0.15 43.63 -21.20
C1 NAG PA . -24.25 23.43 -2.18
C2 NAG PA . -24.39 21.96 -2.57
C3 NAG PA . -25.67 21.38 -1.98
C4 NAG PA . -25.77 21.66 -0.48
C5 NAG PA . -25.54 23.14 -0.21
C6 NAG PA . -25.49 23.46 1.26
C7 NAG PA . -23.76 20.81 -4.65
C8 NAG PA . -23.02 19.84 -3.79
N2 NAG PA . -24.39 21.81 -4.01
O3 NAG PA . -25.72 19.98 -2.22
O4 NAG PA . -27.05 21.29 -0.01
O5 NAG PA . -24.30 23.56 -0.78
O6 NAG PA . -24.69 22.50 1.96
O7 NAG PA . -23.79 20.71 -5.87
C1 NAG PA . -26.93 20.09 0.79
C2 NAG PA . -28.08 20.04 1.78
C3 NAG PA . -28.01 18.76 2.61
C4 NAG PA . -27.90 17.53 1.72
C5 NAG PA . -26.79 17.71 0.68
C6 NAG PA . -26.74 16.61 -0.34
C7 NAG PA . -27.12 21.54 3.50
C8 NAG PA . -27.35 22.79 4.30
N2 NAG PA . -28.11 21.21 2.64
O3 NAG PA . -29.18 18.68 3.43
O4 NAG PA . -27.58 16.40 2.51
O5 NAG PA . -26.97 18.95 -0.04
O6 NAG PA . -27.70 15.60 -0.07
O7 NAG PA . -26.11 20.87 3.62
C1 BMA PA . -28.74 15.62 2.89
C2 BMA PA . -28.23 14.24 3.34
C3 BMA PA . -29.35 13.41 3.96
C4 BMA PA . -30.16 14.23 4.97
C5 BMA PA . -30.63 15.53 4.34
C6 BMA PA . -31.40 16.39 5.32
O2 BMA PA . -27.24 14.38 4.35
O3 BMA PA . -28.85 12.25 4.60
O4 BMA PA . -31.29 13.48 5.39
O5 BMA PA . -29.47 16.26 3.92
O6 BMA PA . -30.60 16.56 6.48
C1 MAN PA . -28.47 11.29 3.60
C2 MAN PA . -29.06 9.91 4.02
C3 MAN PA . -28.31 9.32 5.20
C4 MAN PA . -26.80 9.35 4.96
C5 MAN PA . -26.36 10.78 4.65
C6 MAN PA . -24.88 10.90 4.37
O2 MAN PA . -28.95 8.94 2.97
O3 MAN PA . -28.74 7.99 5.50
O4 MAN PA . -26.12 8.89 6.11
O5 MAN PA . -27.05 11.22 3.48
O6 MAN PA . -24.19 10.19 5.39
C1 NAG QA . -2.19 35.28 -26.38
C2 NAG QA . -1.85 36.43 -25.46
C3 NAG QA . -0.34 36.61 -25.38
C4 NAG QA . 0.34 35.29 -25.01
C5 NAG QA . -0.18 34.14 -25.87
C6 NAG QA . 0.30 32.78 -25.39
C7 NAG QA . -2.37 38.22 -27.08
C8 NAG QA . -3.13 39.49 -27.30
N2 NAG QA . -2.50 37.66 -25.87
O3 NAG QA . -0.03 37.60 -24.40
O4 NAG QA . 1.74 35.42 -25.25
O5 NAG QA . -1.61 34.10 -25.88
O6 NAG QA . 1.71 32.71 -25.34
O7 NAG QA . -1.65 37.74 -27.95
C1 NAG QA . 2.53 35.52 -24.06
C2 NAG QA . 3.99 35.56 -24.51
C3 NAG QA . 4.92 35.73 -23.32
C4 NAG QA . 4.50 36.95 -22.50
C5 NAG QA . 3.03 36.82 -22.11
C6 NAG QA . 2.51 38.03 -21.37
C7 NAG QA . 3.97 34.15 -26.52
C8 NAG QA . 4.41 32.84 -27.13
N2 NAG QA . 4.33 34.36 -25.26
O3 NAG QA . 6.26 35.90 -23.77
O4 NAG QA . 5.30 37.03 -21.32
O5 NAG QA . 2.23 36.70 -23.30
O6 NAG QA . 1.77 37.66 -20.23
O7 NAG QA . 3.31 34.96 -27.15
C1 NAG RA . -36.13 25.71 -4.99
C2 NAG RA . -37.40 26.40 -5.48
C3 NAG RA . -37.65 27.68 -4.70
C4 NAG RA . -37.64 27.41 -3.21
C5 NAG RA . -36.37 26.66 -2.81
C6 NAG RA . -36.36 26.23 -1.37
C7 NAG RA . -36.46 27.48 -7.50
C8 NAG RA . -36.57 27.62 -8.98
N2 NAG RA . -37.35 26.66 -6.91
O3 NAG RA . -38.91 28.22 -5.09
O4 NAG RA . -37.69 28.64 -2.49
O5 NAG RA . -36.23 25.48 -3.60
O6 NAG RA . -37.32 25.21 -1.14
O7 NAG RA . -35.60 28.08 -6.85
C1 NAG RA . -39.03 28.85 -1.99
C2 NAG RA . -38.95 29.73 -0.76
C3 NAG RA . -40.35 30.03 -0.23
C4 NAG RA . -41.22 30.61 -1.35
C5 NAG RA . -41.20 29.68 -2.55
C6 NAG RA . -41.95 30.25 -3.74
C7 NAG RA . -36.83 29.26 0.37
C8 NAG RA . -36.15 28.54 1.51
N2 NAG RA . -38.15 29.11 0.29
O3 NAG RA . -40.28 30.97 0.84
O4 NAG RA . -42.56 30.76 -0.90
O5 NAG RA . -39.85 29.47 -2.99
O6 NAG RA . -41.11 31.12 -4.51
O7 NAG RA . -36.19 29.94 -0.44
C1 NAG SA . -40.46 6.12 0.18
C2 NAG SA . -41.70 6.83 0.74
C3 NAG SA . -41.70 6.82 2.26
C4 NAG SA . -41.49 5.40 2.78
C5 NAG SA . -40.26 4.77 2.13
C6 NAG SA . -40.08 3.32 2.49
C7 NAG SA . -41.13 9.27 0.32
C8 NAG SA . -39.85 9.14 1.10
N2 NAG SA . -41.91 8.17 0.20
O3 NAG SA . -42.94 7.32 2.75
O4 NAG SA . -41.29 5.44 4.20
O5 NAG SA . -40.39 4.81 0.70
O6 NAG SA . -41.30 2.60 2.39
O7 NAG SA . -41.46 10.33 -0.19
C1 NAG SA . -42.37 4.72 4.83
C2 NAG SA . -42.00 4.52 6.30
C3 NAG SA . -43.13 3.81 7.05
C4 NAG SA . -44.45 4.54 6.83
C5 NAG SA . -44.70 4.74 5.34
C6 NAG SA . -45.94 5.57 5.06
C7 NAG SA . -40.56 2.53 5.98
C8 NAG SA . -39.19 1.95 6.22
N2 NAG SA . -40.75 3.77 6.43
O3 NAG SA . -42.82 3.78 8.44
O4 NAG SA . -45.51 3.78 7.39
O5 NAG SA . -43.60 5.44 4.75
O6 NAG SA . -45.80 6.31 3.85
O7 NAG SA . -41.43 1.90 5.39
C1 NAG TA . -39.98 21.76 -10.91
C2 NAG TA . -40.50 21.08 -9.66
C3 NAG TA . -41.61 20.11 -10.01
C4 NAG TA . -42.70 20.82 -10.80
C5 NAG TA . -42.10 21.56 -11.99
C6 NAG TA . -43.11 22.41 -12.73
C7 NAG TA . -38.61 21.00 -8.09
C8 NAG TA . -37.56 20.14 -7.46
N2 NAG TA . -39.42 20.39 -8.96
O3 NAG TA . -42.16 19.56 -8.82
O4 NAG TA . -43.65 19.88 -11.28
O5 NAG TA . -41.06 22.44 -11.56
O6 NAG TA . -43.15 23.73 -12.18
O7 NAG TA . -38.72 22.19 -7.83
C1 NAG TA . -44.87 19.98 -10.52
C2 NAG TA . -45.88 19.03 -11.17
C3 NAG TA . -47.18 19.03 -10.38
C4 NAG TA . -46.91 18.72 -8.90
C5 NAG TA . -45.87 19.69 -8.35
C6 NAG TA . -45.46 19.37 -6.94
C7 NAG TA . -46.60 20.55 -12.98
C8 NAG TA . -46.76 20.70 -14.46
N2 NAG TA . -46.12 19.37 -12.56
O3 NAG TA . -48.07 18.06 -10.92
O4 NAG TA . -48.11 18.84 -8.15
O5 NAG TA . -44.68 19.62 -9.15
O6 NAG TA . -44.56 18.28 -6.90
O7 NAG TA . -46.89 21.45 -12.20
C1 NAG UA . -28.86 20.39 -29.19
C2 NAG UA . -28.84 18.89 -29.04
C3 NAG UA . -29.10 18.21 -30.39
C4 NAG UA . -30.38 18.76 -31.02
C5 NAG UA . -30.38 20.29 -31.03
C6 NAG UA . -31.69 20.88 -31.47
C7 NAG UA . -27.46 17.85 -27.30
C8 NAG UA . -28.72 17.67 -26.53
N2 NAG UA . -27.57 18.43 -28.50
O3 NAG UA . -29.21 16.82 -30.21
O4 NAG UA . -30.45 18.32 -32.37
O5 NAG UA . -30.12 20.80 -29.71
O6 NAG UA . -31.99 20.51 -32.82
O7 NAG UA . -26.37 17.48 -26.86
C1 NAG UA . -31.41 17.26 -32.55
C2 NAG UA . -31.19 16.72 -33.96
C3 NAG UA . -32.16 15.59 -34.25
C4 NAG UA . -32.05 14.51 -33.18
C5 NAG UA . -32.21 15.12 -31.79
C6 NAG UA . -31.97 14.13 -30.68
C7 NAG UA . -30.36 18.02 -35.86
C8 NAG UA . -30.64 19.14 -36.82
N2 NAG UA . -31.30 17.77 -34.96
O3 NAG UA . -31.88 15.04 -35.53
O4 NAG UA . -33.04 13.51 -33.37
O5 NAG UA . -31.28 16.20 -31.61
O6 NAG UA . -32.24 12.80 -31.11
O7 NAG UA . -29.31 17.38 -35.89
C1 NAG VA . -32.06 17.40 -25.09
C2 NAG VA . -32.29 16.13 -25.91
C3 NAG VA . -32.76 16.47 -27.31
C4 NAG VA . -33.96 17.40 -27.27
C5 NAG VA . -33.65 18.62 -26.42
C6 NAG VA . -34.86 19.51 -26.21
C7 NAG VA . -30.85 14.34 -25.07
C8 NAG VA . -29.56 13.60 -25.26
N2 NAG VA . -31.09 15.31 -25.95
O3 NAG VA . -33.10 15.28 -27.99
O4 NAG VA . -34.29 17.82 -28.58
O5 NAG VA . -33.24 18.19 -25.11
O6 NAG VA . -35.61 19.10 -25.08
O7 NAG VA . -31.62 14.08 -24.16
C1 NAG VA . -35.57 17.28 -28.94
C2 NAG VA . -36.28 18.28 -29.85
C3 NAG VA . -37.63 17.73 -30.30
C4 NAG VA . -37.46 16.35 -30.91
C5 NAG VA . -36.71 15.43 -29.96
C6 NAG VA . -36.39 14.08 -30.56
C7 NAG VA . -35.79 20.67 -29.59
C8 NAG VA . -36.07 21.91 -28.81
N2 NAG VA . -36.43 19.56 -29.20
O3 NAG VA . -38.21 18.62 -31.25
O4 NAG VA . -38.73 15.78 -31.20
O5 NAG VA . -35.45 16.03 -29.60
O6 NAG VA . -35.36 14.18 -31.54
O7 NAG VA . -35.01 20.65 -30.54
C1 NAG WA . -26.12 30.64 -2.24
C2 NAG WA . -25.35 30.11 -1.03
C3 NAG WA . -25.85 30.80 0.26
C4 NAG WA . -25.79 32.30 0.09
C5 NAG WA . -26.58 32.72 -1.13
C6 NAG WA . -26.51 34.20 -1.42
C7 NAG WA . -26.39 27.81 -0.75
C8 NAG WA . -27.77 28.40 -0.68
N2 NAG WA . -25.35 28.66 -0.91
O3 NAG WA . -25.03 30.40 1.35
O4 NAG WA . -26.33 32.94 1.26
O5 NAG WA . -26.05 32.06 -2.30
O6 NAG WA . -27.21 34.96 -0.44
O7 NAG WA . -26.21 26.60 -0.67
C1 NAG WA . -25.28 33.73 1.85
C2 NAG WA . -25.85 34.51 3.03
C3 NAG WA . -24.76 35.34 3.69
C4 NAG WA . -23.57 34.47 4.06
C5 NAG WA . -23.09 33.66 2.85
C6 NAG WA . -22.02 32.67 3.19
C7 NAG WA . -28.21 34.94 2.55
C8 NAG WA . -29.23 35.95 2.09
N2 NAG WA . -26.95 35.37 2.61
O3 NAG WA . -25.28 35.98 4.85
O4 NAG WA . -22.50 35.28 4.54
O5 NAG WA . -24.19 32.92 2.30
O6 NAG WA . -22.55 31.42 3.57
O7 NAG WA . -28.53 33.79 2.84
C1 NAG XA . 44.51 -16.99 -29.99
C2 NAG XA . 44.47 -18.01 -31.11
C3 NAG XA . 45.54 -19.08 -30.90
C4 NAG XA . 46.90 -18.43 -30.70
C5 NAG XA . 46.83 -17.35 -29.61
C6 NAG XA . 48.12 -16.57 -29.47
C7 NAG XA . 42.53 -19.30 -30.29
C8 NAG XA . 41.18 -19.82 -30.63
N2 NAG XA . 43.15 -18.61 -31.25
O3 NAG XA . 45.57 -19.95 -32.02
O4 NAG XA . 47.86 -19.42 -30.32
O5 NAG XA . 45.81 -16.40 -29.92
O6 NAG XA . 47.87 -15.25 -29.01
O7 NAG XA . 43.05 -19.50 -29.20
C1 NAG YA . 31.46 0.76 -25.67
C2 NAG YA . 30.54 1.95 -25.38
C3 NAG YA . 30.91 3.14 -26.26
C4 NAG YA . 32.39 3.47 -26.12
C5 NAG YA . 33.22 2.23 -26.40
C6 NAG YA . 34.70 2.45 -26.20
C7 NAG YA . 28.61 1.17 -26.70
C8 NAG YA . 27.15 0.85 -26.66
N2 NAG YA . 29.14 1.58 -25.55
O3 NAG YA . 30.13 4.26 -25.88
O4 NAG YA . 32.75 4.51 -27.01
O5 NAG YA . 32.83 1.16 -25.52
O6 NAG YA . 35.11 3.72 -26.70
O7 NAG YA . 29.26 1.05 -27.73
C1 NAG ZA . 15.21 18.68 48.39
C2 NAG ZA . 16.35 19.47 47.77
C3 NAG ZA . 17.59 19.41 48.68
C4 NAG ZA . 17.23 19.90 50.07
C5 NAG ZA . 16.06 19.10 50.61
C6 NAG ZA . 15.57 19.62 51.95
C7 NAG ZA . 17.15 17.78 46.15
C8 NAG ZA . 17.41 17.50 44.70
N2 NAG ZA . 16.68 19.00 46.43
O3 NAG ZA . 18.63 20.22 48.12
O4 NAG ZA . 18.35 19.76 50.93
O5 NAG ZA . 14.94 19.18 49.72
O6 NAG ZA . 16.51 20.54 52.51
O7 NAG ZA . 17.35 16.94 47.03
C1 NAG AB . -9.70 -20.88 51.43
C2 NAG AB . -10.21 -22.27 51.80
C3 NAG AB . -11.48 -22.15 52.65
C4 NAG AB . -11.24 -21.25 53.85
C5 NAG AB . -10.69 -19.90 53.39
C6 NAG AB . -10.32 -18.99 54.54
C7 NAG AB . -9.55 -23.89 50.08
C8 NAG AB . -9.98 -24.64 48.87
N2 NAG AB . -10.47 -23.07 50.62
O3 NAG AB . -11.88 -23.45 53.09
O4 NAG AB . -12.46 -21.04 54.55
O5 NAG AB . -9.50 -20.10 52.61
O6 NAG AB . -11.45 -18.68 55.34
O7 NAG AB . -8.42 -23.99 50.56
C1 NAG BB . 7.32 -15.40 37.36
C2 NAG BB . 8.44 -15.44 36.34
C3 NAG BB . 9.77 -15.80 37.00
C4 NAG BB . 10.04 -14.84 38.15
C5 NAG BB . 8.86 -14.82 39.11
C6 NAG BB . 9.02 -13.81 40.22
C7 NAG BB . 7.61 -16.03 34.11
C8 NAG BB . 7.36 -17.14 33.13
N2 NAG BB . 8.13 -16.40 35.28
O3 NAG BB . 10.81 -15.72 36.04
O4 NAG BB . 11.21 -15.24 38.84
O5 NAG BB . 7.66 -14.48 38.41
O6 NAG BB . 10.35 -13.80 40.72
O7 NAG BB . 7.36 -14.87 33.84
C1 NAG CB . 2.17 54.49 0.74
C2 NAG CB . 2.64 54.40 2.19
C3 NAG CB . 2.41 55.72 2.91
C4 NAG CB . 3.04 56.87 2.13
C5 NAG CB . 2.52 56.87 0.69
C6 NAG CB . 3.17 57.91 -0.18
C7 NAG CB . 2.52 52.69 3.94
C8 NAG CB . 1.69 51.60 4.56
N2 NAG CB . 1.97 53.32 2.90
O3 NAG CB . 2.99 55.66 4.20
O4 NAG CB . 2.73 58.11 2.74
O5 NAG CB . 2.79 55.60 0.10
O6 NAG CB . 2.72 59.22 0.15
O7 NAG CB . 3.62 52.98 4.37
C1 NAG DB . -35.77 38.22 -21.10
C2 NAG DB . -35.91 37.36 -22.36
C3 NAG DB . -36.05 38.26 -23.59
C4 NAG DB . -37.18 39.25 -23.40
C5 NAG DB . -37.00 40.02 -22.10
C6 NAG DB . -38.16 40.94 -21.78
C7 NAG DB . -34.90 35.13 -22.35
C8 NAG DB . -36.26 34.62 -22.00
N2 NAG DB . -34.79 36.46 -22.50
O3 NAG DB . -36.28 37.44 -24.73
O4 NAG DB . -37.22 40.16 -24.49
O5 NAG DB . -36.88 39.12 -20.99
O6 NAG DB . -38.95 41.19 -22.94
O7 NAG DB . -33.93 34.39 -22.48
#